data_7Z5N
#
_entry.id   7Z5N
#
_cell.length_a   247.682
_cell.length_b   134.317
_cell.length_c   121.717
_cell.angle_alpha   90.000
_cell.angle_beta   96.480
_cell.angle_gamma   90.000
#
_symmetry.space_group_name_H-M   'C 1 2 1'
#
loop_
_entity.id
_entity.type
_entity.pdbx_description
1 polymer 'Dual specificity tyrosine-phosphorylation-regulated kinase 1A'
2 non-polymer '5-[(3-chlorophenyl)amino]benzo[c][2,6]naphthyridine-8-carboxylic acid'
3 non-polymer 'SULFATE ION'
4 non-polymer 'TETRAETHYLENE GLYCOL'
5 non-polymer DI(HYDROXYETHYL)ETHER
6 non-polymer 1,2-ETHANEDIOL
7 non-polymer 'TRIETHYLENE GLYCOL'
8 water water
#
_entity_poly.entity_id   1
_entity_poly.type   'polypeptide(L)'
_entity_poly.pdbx_seq_one_letter_code
;DSSHKKERKVYNDGYDDDNYDYIVKNGEKWMDRYEIDSLIGKGSFGQVVKAYDRVEQEWVAIKIIKNKKAFLNQAQIEVR
LLELMNKHDTEMKYYIVHLKRHFMFRNHLCLVFEMLSYNLYDLLRNTNFRGVSLNLTRKFAQQMCTALLFLATPELSIIH
CDLKPENILLCNPKRSAIKIVDFGSSCQLGQRIYQ(PTR)IQSRFYRSPEVLLGMPYDLAIDMWSLGCILVEMHTGEPLF
SGANEVDQMNKIVEVLGIPPAHILDQAPKARKFFEKLPDGTWNLKKTKDGKREYKPPGTRKLHNILGVETGGPGGRRAGE
SGHTVADYLKFKDLILRMLDYDPKTRIQPYYALQHSFFKKTADEGTNTHHHHHH
;
_entity_poly.pdbx_strand_id   A,B,C,D,E,F,G,H
#
loop_
_chem_comp.id
_chem_comp.type
_chem_comp.name
_chem_comp.formula
3NG non-polymer '5-[(3-chlorophenyl)amino]benzo[c][2,6]naphthyridine-8-carboxylic acid' 'C19 H12 Cl N3 O2'
EDO non-polymer 1,2-ETHANEDIOL 'C2 H6 O2'
PEG non-polymer DI(HYDROXYETHYL)ETHER 'C4 H10 O3'
PG4 non-polymer 'TETRAETHYLENE GLYCOL' 'C8 H18 O5'
PGE non-polymer 'TRIETHYLENE GLYCOL' 'C6 H14 O4'
SO4 non-polymer 'SULFATE ION' 'O4 S -2'
#
# COMPACT_ATOMS: atom_id res chain seq x y z
N VAL A 10 -6.85 1.92 -1.05
CA VAL A 10 -6.67 1.60 -2.46
C VAL A 10 -7.30 0.24 -2.80
N TYR A 11 -7.85 -0.42 -1.79
CA TYR A 11 -8.54 -1.69 -1.96
C TYR A 11 -10.06 -1.43 -1.98
N ASN A 12 -10.67 -1.52 -3.15
CA ASN A 12 -12.09 -1.25 -3.32
C ASN A 12 -12.44 0.14 -2.81
N ASP A 13 -11.62 1.12 -3.19
CA ASP A 13 -11.78 2.51 -2.78
C ASP A 13 -11.83 2.65 -1.26
N GLY A 14 -11.05 1.83 -0.57
CA GLY A 14 -10.96 1.88 0.87
C GLY A 14 -11.97 1.04 1.62
N TYR A 15 -12.68 0.15 0.95
CA TYR A 15 -13.68 -0.68 1.61
C TYR A 15 -13.17 -2.06 1.97
N ASP A 16 -12.07 -2.51 1.38
CA ASP A 16 -11.52 -3.83 1.61
C ASP A 16 -10.14 -3.74 2.23
N ASP A 17 -9.75 -4.78 2.95
CA ASP A 17 -8.39 -4.88 3.46
C ASP A 17 -7.50 -5.49 2.38
N ASP A 18 -6.25 -5.78 2.73
CA ASP A 18 -5.31 -6.36 1.77
C ASP A 18 -5.60 -7.81 1.46
N ASN A 19 -6.67 -8.38 2.01
CA ASN A 19 -7.02 -9.79 1.79
C ASN A 19 -8.40 -9.94 1.16
N TYR A 20 -8.83 -8.92 0.41
CA TYR A 20 -10.08 -8.94 -0.35
C TYR A 20 -11.32 -9.04 0.54
N ASP A 21 -11.23 -8.65 1.80
CA ASP A 21 -12.34 -8.76 2.74
C ASP A 21 -12.88 -7.37 3.08
N TYR A 22 -14.20 -7.22 3.00
CA TYR A 22 -14.83 -5.95 3.34
C TYR A 22 -14.62 -5.65 4.82
N ILE A 23 -14.06 -4.47 5.10
CA ILE A 23 -13.81 -4.08 6.48
C ILE A 23 -15.16 -3.85 7.17
N VAL A 24 -15.44 -4.65 8.19
CA VAL A 24 -16.73 -4.63 8.86
C VAL A 24 -16.76 -3.48 9.86
N LYS A 25 -17.69 -2.55 9.66
CA LYS A 25 -17.86 -1.39 10.54
C LYS A 25 -19.13 -1.59 11.35
N ASN A 26 -18.97 -1.82 12.66
CA ASN A 26 -20.11 -2.04 13.53
C ASN A 26 -21.03 -0.82 13.53
N GLY A 27 -22.31 -1.05 13.23
CA GLY A 27 -23.30 0.01 13.18
C GLY A 27 -23.61 0.53 11.80
N GLU A 28 -22.85 0.09 10.79
CA GLU A 28 -23.11 0.52 9.42
C GLU A 28 -24.50 0.09 8.97
N LYS A 29 -25.19 0.98 8.28
CA LYS A 29 -26.49 0.70 7.70
C LYS A 29 -26.34 0.57 6.19
N TRP A 30 -26.81 -0.55 5.63
CA TRP A 30 -26.66 -0.86 4.21
C TRP A 30 -28.01 -0.81 3.51
N MET A 31 -28.05 -0.10 2.38
CA MET A 31 -29.23 -0.06 1.50
C MET A 31 -30.50 0.31 2.25
N ASP A 32 -30.38 1.14 3.28
CA ASP A 32 -31.48 1.58 4.15
C ASP A 32 -32.26 0.41 4.76
N ARG A 33 -31.72 -0.81 4.72
CA ARG A 33 -32.44 -2.01 5.14
C ARG A 33 -31.72 -2.83 6.20
N TYR A 34 -30.39 -2.91 6.14
CA TYR A 34 -29.61 -3.78 7.01
C TYR A 34 -28.78 -2.94 7.96
N GLU A 35 -29.02 -3.12 9.27
CA GLU A 35 -28.24 -2.45 10.31
C GLU A 35 -27.22 -3.46 10.83
N ILE A 36 -25.99 -3.37 10.34
CA ILE A 36 -24.94 -4.32 10.69
C ILE A 36 -24.54 -4.13 12.15
N ASP A 37 -24.54 -5.22 12.91
CA ASP A 37 -24.21 -5.17 14.34
C ASP A 37 -22.73 -5.41 14.58
N SER A 38 -22.27 -6.64 14.31
CA SER A 38 -20.88 -7.00 14.58
C SER A 38 -20.48 -8.13 13.65
N LEU A 39 -19.19 -8.46 13.67
CA LEU A 39 -18.65 -9.54 12.87
C LEU A 39 -18.71 -10.84 13.67
N ILE A 40 -19.30 -11.88 13.06
CA ILE A 40 -19.42 -13.16 13.75
C ILE A 40 -18.11 -13.95 13.65
N GLY A 41 -17.57 -14.08 12.44
CA GLY A 41 -16.35 -14.84 12.25
C GLY A 41 -15.89 -14.74 10.82
N LYS A 42 -14.69 -15.27 10.58
CA LYS A 42 -14.07 -15.27 9.28
C LYS A 42 -13.88 -16.70 8.77
N GLY A 43 -13.91 -16.85 7.46
CA GLY A 43 -13.65 -18.12 6.82
C GLY A 43 -12.91 -17.97 5.51
N SER A 44 -12.77 -19.06 4.77
CA SER A 44 -12.07 -19.01 3.49
C SER A 44 -12.80 -18.13 2.48
N PHE A 45 -14.13 -18.22 2.45
CA PHE A 45 -14.94 -17.45 1.52
C PHE A 45 -14.85 -15.95 1.79
N GLY A 46 -14.60 -15.57 3.03
CA GLY A 46 -14.75 -14.19 3.45
C GLY A 46 -15.20 -14.11 4.89
N GLN A 47 -16.28 -13.38 5.16
CA GLN A 47 -16.73 -13.12 6.52
C GLN A 47 -18.24 -13.34 6.64
N VAL A 48 -18.67 -13.51 7.90
CA VAL A 48 -20.08 -13.57 8.25
C VAL A 48 -20.33 -12.57 9.36
N VAL A 49 -21.36 -11.75 9.18
CA VAL A 49 -21.68 -10.68 10.13
C VAL A 49 -23.10 -10.86 10.64
N LYS A 50 -23.34 -10.33 11.84
CA LYS A 50 -24.68 -10.25 12.41
C LYS A 50 -25.33 -8.93 12.01
N ALA A 51 -26.57 -8.99 11.53
CA ALA A 51 -27.25 -7.80 11.06
C ALA A 51 -28.73 -7.90 11.34
N TYR A 52 -29.36 -6.73 11.46
CA TYR A 52 -30.80 -6.62 11.63
C TYR A 52 -31.42 -6.13 10.33
N ASP A 53 -32.47 -6.81 9.87
CA ASP A 53 -33.22 -6.42 8.68
C ASP A 53 -34.36 -5.52 9.12
N ARG A 54 -34.19 -4.20 8.89
CA ARG A 54 -35.22 -3.25 9.29
C ARG A 54 -36.56 -3.53 8.61
N VAL A 55 -36.52 -4.13 7.43
CA VAL A 55 -37.73 -4.47 6.69
C VAL A 55 -38.46 -5.60 7.41
N GLU A 56 -37.86 -6.79 7.41
CA GLU A 56 -38.50 -7.93 8.04
C GLU A 56 -38.52 -7.85 9.55
N GLN A 57 -37.80 -6.89 10.14
CA GLN A 57 -37.73 -6.73 11.59
C GLN A 57 -37.24 -8.01 12.26
N GLU A 58 -36.10 -8.51 11.79
CA GLU A 58 -35.55 -9.75 12.27
C GLU A 58 -34.04 -9.73 12.13
N TRP A 59 -33.37 -10.56 12.93
CA TRP A 59 -31.93 -10.72 12.83
C TRP A 59 -31.58 -11.70 11.72
N VAL A 60 -30.49 -11.41 11.01
CA VAL A 60 -30.00 -12.28 9.95
C VAL A 60 -28.48 -12.39 10.08
N ALA A 61 -27.92 -13.36 9.35
CA ALA A 61 -26.49 -13.52 9.21
C ALA A 61 -26.13 -13.32 7.75
N ILE A 62 -25.30 -12.33 7.47
CA ILE A 62 -24.90 -11.99 6.11
C ILE A 62 -23.54 -12.60 5.82
N LYS A 63 -23.49 -13.43 4.79
CA LYS A 63 -22.25 -14.03 4.32
C LYS A 63 -21.66 -13.11 3.25
N ILE A 64 -20.54 -12.46 3.56
CA ILE A 64 -19.90 -11.51 2.66
C ILE A 64 -18.75 -12.23 1.97
N ILE A 65 -18.88 -12.47 0.68
CA ILE A 65 -17.84 -13.13 -0.09
C ILE A 65 -16.72 -12.14 -0.38
N LYS A 66 -15.50 -12.67 -0.49
CA LYS A 66 -14.36 -11.82 -0.79
C LYS A 66 -14.50 -11.20 -2.18
N ASN A 67 -14.05 -9.94 -2.29
CA ASN A 67 -14.04 -9.24 -3.57
C ASN A 67 -12.86 -9.76 -4.41
N LYS A 68 -13.04 -10.98 -4.91
CA LYS A 68 -12.06 -11.59 -5.79
C LYS A 68 -12.80 -12.54 -6.72
N LYS A 69 -12.44 -12.50 -8.00
CA LYS A 69 -13.16 -13.26 -9.03
C LYS A 69 -13.27 -14.73 -8.65
N ALA A 70 -12.17 -15.33 -8.18
CA ALA A 70 -12.18 -16.75 -7.86
C ALA A 70 -13.21 -17.06 -6.77
N PHE A 71 -13.30 -16.21 -5.75
CA PHE A 71 -14.28 -16.45 -4.71
C PHE A 71 -15.69 -16.10 -5.15
N LEU A 72 -15.83 -15.10 -6.02
CA LEU A 72 -17.14 -14.76 -6.55
C LEU A 72 -17.69 -15.89 -7.43
N ASN A 73 -16.85 -16.39 -8.35
CA ASN A 73 -17.32 -17.42 -9.28
C ASN A 73 -17.80 -18.66 -8.54
N GLN A 74 -17.19 -18.98 -7.40
CA GLN A 74 -17.61 -20.16 -6.66
C GLN A 74 -18.87 -19.88 -5.85
N ALA A 75 -18.97 -18.70 -5.25
CA ALA A 75 -20.18 -18.35 -4.50
C ALA A 75 -21.40 -18.26 -5.42
N GLN A 76 -21.20 -18.04 -6.72
CA GLN A 76 -22.33 -18.06 -7.65
C GLN A 76 -22.91 -19.46 -7.76
N ILE A 77 -22.05 -20.48 -7.84
CA ILE A 77 -22.52 -21.85 -7.79
C ILE A 77 -23.25 -22.10 -6.47
N GLU A 78 -22.68 -21.63 -5.37
CA GLU A 78 -23.30 -21.81 -4.06
C GLU A 78 -24.69 -21.20 -4.01
N VAL A 79 -24.88 -20.04 -4.65
CA VAL A 79 -26.18 -19.40 -4.63
C VAL A 79 -27.18 -20.20 -5.45
N ARG A 80 -26.80 -20.58 -6.68
CA ARG A 80 -27.71 -21.35 -7.53
C ARG A 80 -28.10 -22.65 -6.85
N LEU A 81 -27.17 -23.27 -6.14
CA LEU A 81 -27.50 -24.50 -5.40
C LEU A 81 -28.48 -24.21 -4.28
N LEU A 82 -28.31 -23.08 -3.57
CA LEU A 82 -29.22 -22.74 -2.49
C LEU A 82 -30.59 -22.33 -3.04
N GLU A 83 -30.61 -21.62 -4.18
CA GLU A 83 -31.88 -21.24 -4.78
C GLU A 83 -32.61 -22.45 -5.34
N LEU A 84 -31.87 -23.38 -5.95
CA LEU A 84 -32.49 -24.61 -6.42
C LEU A 84 -33.07 -25.42 -5.28
N MET A 85 -32.45 -25.34 -4.09
CA MET A 85 -32.98 -26.06 -2.93
C MET A 85 -34.28 -25.44 -2.45
N ASN A 86 -34.38 -24.11 -2.47
CA ASN A 86 -35.61 -23.45 -2.06
C ASN A 86 -36.75 -23.70 -3.04
N LYS A 87 -36.45 -24.07 -4.28
CA LYS A 87 -37.49 -24.35 -5.26
C LYS A 87 -38.24 -25.66 -4.97
N HIS A 88 -37.79 -26.44 -3.98
CA HIS A 88 -38.41 -27.72 -3.61
C HIS A 88 -38.91 -27.62 -2.17
N ASP A 89 -40.21 -27.38 -1.98
CA ASP A 89 -40.69 -26.95 -0.66
C ASP A 89 -40.84 -28.10 0.34
N THR A 90 -40.00 -29.13 0.20
CA THR A 90 -40.03 -30.29 1.07
C THR A 90 -39.77 -29.87 2.53
N GLU A 91 -40.31 -30.66 3.47
CA GLU A 91 -40.03 -30.46 4.89
C GLU A 91 -38.58 -30.73 5.24
N MET A 92 -37.84 -31.42 4.39
CA MET A 92 -36.52 -31.91 4.76
C MET A 92 -35.48 -30.80 4.74
N LYS A 93 -35.76 -29.70 4.07
CA LYS A 93 -34.80 -28.63 4.02
C LYS A 93 -34.80 -27.79 5.28
N TYR A 94 -35.60 -28.16 6.30
CA TYR A 94 -35.44 -27.51 7.59
C TYR A 94 -34.08 -27.80 8.21
N TYR A 95 -33.42 -28.87 7.77
CA TYR A 95 -32.08 -29.22 8.21
C TYR A 95 -31.01 -28.65 7.29
N ILE A 96 -31.41 -27.84 6.31
CA ILE A 96 -30.49 -27.00 5.56
C ILE A 96 -30.76 -25.56 5.93
N VAL A 97 -29.71 -24.76 6.08
CA VAL A 97 -29.89 -23.35 6.36
C VAL A 97 -30.62 -22.70 5.19
N HIS A 98 -31.41 -21.67 5.49
CA HIS A 98 -32.23 -21.01 4.50
C HIS A 98 -31.56 -19.72 4.05
N LEU A 99 -31.35 -19.60 2.75
CA LEU A 99 -30.85 -18.35 2.17
C LEU A 99 -32.04 -17.49 1.80
N LYS A 100 -32.16 -16.34 2.46
CA LYS A 100 -33.33 -15.49 2.27
C LYS A 100 -33.22 -14.67 0.98
N ARG A 101 -32.11 -13.97 0.81
CA ARG A 101 -31.86 -13.22 -0.42
C ARG A 101 -30.37 -12.94 -0.50
N HIS A 102 -29.94 -12.45 -1.66
CA HIS A 102 -28.56 -12.09 -1.89
C HIS A 102 -28.52 -10.79 -2.69
N PHE A 103 -27.37 -10.12 -2.63
CA PHE A 103 -27.22 -8.84 -3.31
C PHE A 103 -25.74 -8.53 -3.46
N MET A 104 -25.45 -7.56 -4.32
CA MET A 104 -24.10 -7.00 -4.44
C MET A 104 -24.06 -5.67 -3.69
N PHE A 105 -23.14 -5.55 -2.74
CA PHE A 105 -22.97 -4.33 -1.97
C PHE A 105 -21.50 -3.97 -1.93
N ARG A 106 -21.15 -2.86 -2.55
CA ARG A 106 -19.77 -2.37 -2.63
C ARG A 106 -18.84 -3.46 -3.16
N ASN A 107 -19.21 -4.01 -4.31
CA ASN A 107 -18.46 -5.03 -5.03
C ASN A 107 -18.33 -6.34 -4.25
N HIS A 108 -19.18 -6.56 -3.25
CA HIS A 108 -19.19 -7.80 -2.49
C HIS A 108 -20.53 -8.49 -2.68
N LEU A 109 -20.49 -9.77 -3.04
CA LEU A 109 -21.69 -10.60 -3.08
C LEU A 109 -22.05 -11.01 -1.65
N CYS A 110 -23.22 -10.58 -1.21
CA CYS A 110 -23.68 -10.85 0.16
C CYS A 110 -24.86 -11.81 0.14
N LEU A 111 -24.83 -12.79 1.04
CA LEU A 111 -25.86 -13.80 1.16
C LEU A 111 -26.55 -13.65 2.50
N VAL A 112 -27.86 -13.39 2.49
CA VAL A 112 -28.62 -13.16 3.71
C VAL A 112 -29.21 -14.48 4.16
N PHE A 113 -28.71 -15.00 5.28
CA PHE A 113 -29.12 -16.26 5.85
C PHE A 113 -29.94 -16.03 7.11
N GLU A 114 -30.66 -17.07 7.54
CA GLU A 114 -31.32 -17.03 8.84
C GLU A 114 -30.28 -17.03 9.94
N MET A 115 -30.60 -16.35 11.04
CA MET A 115 -29.69 -16.36 12.18
C MET A 115 -29.80 -17.68 12.92
N LEU A 116 -28.64 -18.23 13.28
CA LEU A 116 -28.53 -19.49 13.99
C LEU A 116 -27.59 -19.34 15.18
N SER A 117 -27.17 -20.47 15.78
CA SER A 117 -26.35 -20.42 16.98
C SER A 117 -24.97 -21.02 16.71
N TYR A 118 -24.44 -21.77 17.67
CA TYR A 118 -23.09 -22.29 17.59
C TYR A 118 -23.04 -23.56 16.74
N ASN A 119 -21.83 -23.92 16.30
CA ASN A 119 -21.60 -25.13 15.54
C ASN A 119 -21.32 -26.30 16.47
N LEU A 120 -21.33 -27.50 15.90
CA LEU A 120 -21.21 -28.71 16.71
C LEU A 120 -19.83 -28.83 17.36
N TYR A 121 -18.80 -28.25 16.75
CA TYR A 121 -17.49 -28.25 17.39
C TYR A 121 -17.48 -27.35 18.62
N ASP A 122 -18.19 -26.22 18.55
CA ASP A 122 -18.37 -25.39 19.74
C ASP A 122 -19.05 -26.18 20.85
N LEU A 123 -20.01 -27.03 20.47
CA LEU A 123 -20.69 -27.86 21.47
C LEU A 123 -19.72 -28.85 22.10
N LEU A 124 -18.91 -29.52 21.27
CA LEU A 124 -17.92 -30.46 21.80
C LEU A 124 -16.96 -29.77 22.75
N ARG A 125 -16.59 -28.54 22.46
CA ARG A 125 -15.68 -27.81 23.33
C ARG A 125 -16.32 -27.53 24.69
N ASN A 126 -17.64 -27.33 24.73
CA ASN A 126 -18.34 -27.10 26.00
C ASN A 126 -18.38 -28.35 26.87
N THR A 127 -18.13 -29.52 26.30
CA THR A 127 -18.06 -30.77 27.06
C THR A 127 -16.64 -31.17 27.39
N ASN A 128 -15.66 -30.27 27.17
CA ASN A 128 -14.25 -30.59 27.30
C ASN A 128 -13.87 -31.76 26.40
N PHE A 129 -14.56 -31.88 25.26
CA PHE A 129 -14.35 -32.93 24.29
C PHE A 129 -14.57 -34.32 24.90
N ARG A 130 -15.33 -34.39 25.99
CA ARG A 130 -15.77 -35.68 26.51
C ARG A 130 -16.91 -36.26 25.67
N GLY A 131 -17.57 -35.44 24.86
CA GLY A 131 -18.62 -35.89 23.97
C GLY A 131 -20.01 -35.57 24.49
N VAL A 132 -20.98 -35.65 23.59
CA VAL A 132 -22.38 -35.49 23.94
C VAL A 132 -23.04 -36.87 23.98
N SER A 133 -24.22 -36.93 24.58
CA SER A 133 -24.87 -38.20 24.86
C SER A 133 -25.24 -38.94 23.58
N LEU A 134 -25.40 -40.26 23.71
CA LEU A 134 -25.85 -41.07 22.59
C LEU A 134 -27.24 -40.65 22.12
N ASN A 135 -28.11 -40.21 23.04
CA ASN A 135 -29.43 -39.71 22.66
C ASN A 135 -29.31 -38.43 21.83
N LEU A 136 -28.42 -37.51 22.22
CA LEU A 136 -28.22 -36.30 21.43
C LEU A 136 -27.57 -36.64 20.10
N THR A 137 -26.57 -37.53 20.13
CA THR A 137 -25.94 -37.99 18.88
C THR A 137 -26.99 -38.58 17.94
N ARG A 138 -27.90 -39.38 18.49
CA ARG A 138 -28.97 -39.96 17.67
C ARG A 138 -29.78 -38.87 16.98
N LYS A 139 -30.23 -37.87 17.74
CA LYS A 139 -31.01 -36.78 17.15
C LYS A 139 -30.20 -36.02 16.11
N PHE A 140 -28.91 -35.80 16.36
CA PHE A 140 -28.07 -35.20 15.33
C PHE A 140 -28.01 -36.09 14.10
N ALA A 141 -27.90 -37.41 14.31
CA ALA A 141 -27.80 -38.34 13.19
C ALA A 141 -29.07 -38.33 12.35
N GLN A 142 -30.24 -38.34 13.01
CA GLN A 142 -31.49 -38.45 12.26
C GLN A 142 -31.75 -37.20 11.43
N GLN A 143 -31.53 -36.01 12.00
CA GLN A 143 -31.67 -34.78 11.22
C GLN A 143 -30.70 -34.75 10.05
N MET A 144 -29.46 -35.20 10.27
CA MET A 144 -28.45 -35.13 9.23
C MET A 144 -28.77 -36.08 8.08
N CYS A 145 -29.24 -37.29 8.38
CA CYS A 145 -29.63 -38.21 7.33
C CYS A 145 -30.82 -37.67 6.54
N THR A 146 -31.74 -36.97 7.19
CA THR A 146 -32.83 -36.33 6.46
C THR A 146 -32.28 -35.26 5.51
N ALA A 147 -31.35 -34.45 6.00
CA ALA A 147 -30.73 -33.43 5.15
C ALA A 147 -29.99 -34.07 3.97
N LEU A 148 -29.27 -35.16 4.24
CA LEU A 148 -28.60 -35.86 3.15
C LEU A 148 -29.60 -36.48 2.18
N LEU A 149 -30.82 -36.83 2.65
CA LEU A 149 -31.82 -37.38 1.76
C LEU A 149 -32.48 -36.28 0.93
N PHE A 150 -32.57 -35.06 1.48
CA PHE A 150 -33.04 -33.93 0.69
C PHE A 150 -32.11 -33.66 -0.49
N LEU A 151 -30.80 -33.57 -0.23
CA LEU A 151 -29.84 -33.32 -1.29
C LEU A 151 -29.82 -34.45 -2.30
N ALA A 152 -30.12 -35.68 -1.87
CA ALA A 152 -30.14 -36.82 -2.78
C ALA A 152 -31.29 -36.78 -3.76
N THR A 153 -32.21 -35.83 -3.62
CA THR A 153 -33.34 -35.70 -4.52
C THR A 153 -32.84 -35.62 -5.97
N PRO A 154 -33.40 -36.43 -6.88
CA PRO A 154 -32.90 -36.42 -8.27
C PRO A 154 -32.72 -35.04 -8.87
N GLU A 155 -33.76 -34.20 -8.84
CA GLU A 155 -33.66 -32.86 -9.41
C GLU A 155 -32.53 -32.05 -8.79
N LEU A 156 -32.12 -32.37 -7.56
CA LEU A 156 -31.02 -31.67 -6.92
C LEU A 156 -29.71 -32.42 -7.11
N SER A 157 -29.56 -33.56 -6.42
CA SER A 157 -28.34 -34.38 -6.48
C SER A 157 -27.12 -33.55 -6.10
N ILE A 158 -27.19 -32.92 -4.94
CA ILE A 158 -26.16 -32.00 -4.47
C ILE A 158 -25.24 -32.73 -3.52
N ILE A 159 -23.95 -32.78 -3.86
CA ILE A 159 -22.92 -33.22 -2.93
C ILE A 159 -22.45 -32.03 -2.13
N HIS A 160 -22.45 -32.14 -0.81
CA HIS A 160 -22.04 -31.02 0.02
C HIS A 160 -20.53 -30.76 -0.10
N CYS A 161 -19.73 -31.82 -0.02
CA CYS A 161 -18.28 -31.87 -0.23
C CYS A 161 -17.46 -31.33 0.94
N ASP A 162 -18.07 -30.80 1.99
CA ASP A 162 -17.28 -30.30 3.12
C ASP A 162 -18.07 -30.46 4.43
N LEU A 163 -18.64 -31.63 4.66
CA LEU A 163 -19.34 -31.87 5.92
C LEU A 163 -18.35 -32.01 7.05
N LYS A 164 -18.58 -31.27 8.13
CA LYS A 164 -17.70 -31.24 9.28
C LYS A 164 -18.44 -30.56 10.42
N PRO A 165 -18.07 -30.84 11.68
CA PRO A 165 -18.82 -30.27 12.82
C PRO A 165 -18.98 -28.77 12.75
N GLU A 166 -17.99 -28.05 12.22
CA GLU A 166 -18.10 -26.59 12.11
C GLU A 166 -19.13 -26.17 11.07
N ASN A 167 -19.52 -27.07 10.18
CA ASN A 167 -20.54 -26.79 9.17
C ASN A 167 -21.93 -27.22 9.59
N ILE A 168 -22.08 -27.76 10.80
CA ILE A 168 -23.38 -28.12 11.34
C ILE A 168 -23.65 -27.20 12.52
N LEU A 169 -24.68 -26.39 12.41
CA LEU A 169 -24.97 -25.33 13.38
C LEU A 169 -26.22 -25.66 14.17
N LEU A 170 -26.24 -25.23 15.43
CA LEU A 170 -27.45 -25.32 16.24
C LEU A 170 -28.39 -24.16 15.92
N CYS A 171 -29.68 -24.46 15.77
CA CYS A 171 -30.66 -23.39 15.59
C CYS A 171 -30.80 -22.56 16.86
N ASN A 172 -30.62 -23.19 18.01
CA ASN A 172 -30.77 -22.60 19.33
C ASN A 172 -29.82 -23.32 20.27
N PRO A 173 -29.10 -22.61 21.14
CA PRO A 173 -28.11 -23.27 22.01
C PRO A 173 -28.72 -24.12 23.12
N LYS A 174 -30.03 -24.12 23.30
CA LYS A 174 -30.67 -24.92 24.33
C LYS A 174 -31.42 -26.12 23.80
N ARG A 175 -31.43 -26.34 22.49
CA ARG A 175 -32.20 -27.40 21.86
C ARG A 175 -31.28 -28.24 20.97
N SER A 176 -31.86 -29.22 20.28
CA SER A 176 -31.09 -30.17 19.50
C SER A 176 -31.25 -29.98 17.99
N ALA A 177 -32.07 -29.04 17.54
CA ALA A 177 -32.25 -28.85 16.11
C ALA A 177 -30.96 -28.31 15.48
N ILE A 178 -30.66 -28.77 14.28
CA ILE A 178 -29.43 -28.39 13.58
C ILE A 178 -29.75 -28.10 12.12
N LYS A 179 -28.83 -27.40 11.47
CA LYS A 179 -28.90 -27.09 10.05
C LYS A 179 -27.50 -27.12 9.46
N ILE A 180 -27.38 -27.69 8.26
CA ILE A 180 -26.12 -27.66 7.54
C ILE A 180 -25.92 -26.29 6.92
N VAL A 181 -24.70 -25.77 7.02
CA VAL A 181 -24.35 -24.47 6.43
C VAL A 181 -23.12 -24.67 5.54
N ASP A 182 -22.75 -23.58 4.86
CA ASP A 182 -21.54 -23.50 4.04
C ASP A 182 -21.59 -24.53 2.91
N PHE A 183 -22.38 -24.19 1.89
CA PHE A 183 -22.38 -24.94 0.63
C PHE A 183 -21.39 -24.40 -0.38
N GLY A 184 -20.32 -23.73 0.09
CA GLY A 184 -19.41 -23.06 -0.83
C GLY A 184 -18.57 -24.01 -1.65
N SER A 185 -18.37 -25.23 -1.16
CA SER A 185 -17.62 -26.24 -1.88
C SER A 185 -18.52 -27.21 -2.64
N SER A 186 -19.83 -27.02 -2.58
CA SER A 186 -20.78 -28.01 -3.06
C SER A 186 -20.91 -28.01 -4.57
N CYS A 187 -21.30 -29.16 -5.11
CA CYS A 187 -21.52 -29.30 -6.54
C CYS A 187 -22.67 -30.26 -6.76
N GLN A 188 -23.12 -30.33 -8.01
CA GLN A 188 -24.13 -31.28 -8.35
C GLN A 188 -23.42 -32.42 -9.07
N LEU A 189 -24.00 -33.60 -9.04
CA LEU A 189 -23.35 -34.76 -9.63
C LEU A 189 -22.93 -34.50 -11.05
N GLY A 190 -21.80 -35.07 -11.43
CA GLY A 190 -21.29 -34.87 -12.76
C GLY A 190 -20.56 -33.57 -12.86
N GLN A 191 -21.22 -32.49 -12.47
CA GLN A 191 -20.60 -31.17 -12.49
C GLN A 191 -19.52 -31.04 -11.43
N ARG A 192 -18.87 -32.15 -11.08
CA ARG A 192 -17.75 -32.09 -10.16
C ARG A 192 -16.56 -31.42 -10.85
N ILE A 193 -15.96 -30.45 -10.16
CA ILE A 193 -14.88 -29.64 -10.72
C ILE A 193 -13.59 -29.72 -9.93
N TYR A 194 -13.61 -30.23 -8.71
CA TYR A 194 -12.42 -30.31 -7.87
C TYR A 194 -12.13 -31.77 -7.53
N GLN A 195 -10.87 -32.04 -7.18
CA GLN A 195 -10.46 -33.38 -6.78
C GLN A 195 -9.99 -33.40 -5.33
N PTR A 196 -9.67 -32.23 -4.80
CA PTR A 196 -9.22 -32.04 -3.42
C PTR A 196 -10.32 -31.28 -2.68
O PTR A 196 -10.26 -30.04 -2.62
CB PTR A 196 -7.88 -31.30 -3.44
CG PTR A 196 -7.07 -31.25 -2.15
CD1 PTR A 196 -6.81 -30.04 -1.53
CD2 PTR A 196 -6.52 -32.40 -1.60
CE1 PTR A 196 -6.05 -29.97 -0.36
CE2 PTR A 196 -5.75 -32.35 -0.44
CZ PTR A 196 -5.53 -31.12 0.18
OH PTR A 196 -4.79 -31.06 1.26
P PTR A 196 -5.31 -30.99 2.78
O1P PTR A 196 -5.05 -32.36 3.44
O2P PTR A 196 -6.79 -30.58 2.85
O3P PTR A 196 -4.50 -29.98 3.49
N ILE A 197 -11.32 -31.97 -2.13
CA ILE A 197 -12.56 -31.29 -1.72
C ILE A 197 -12.97 -31.37 -0.26
N GLN A 198 -12.71 -32.48 0.40
CA GLN A 198 -13.19 -32.60 1.76
C GLN A 198 -12.16 -32.18 2.76
N SER A 199 -12.56 -32.04 4.01
CA SER A 199 -11.61 -31.72 5.04
C SER A 199 -10.97 -33.00 5.42
N ARG A 200 -9.67 -33.00 5.57
CA ARG A 200 -8.96 -34.24 5.82
C ARG A 200 -9.62 -35.15 6.80
N PHE A 201 -9.91 -34.66 8.00
CA PHE A 201 -10.44 -35.60 8.99
C PHE A 201 -11.71 -36.29 8.52
N TYR A 202 -12.43 -35.71 7.56
CA TYR A 202 -13.69 -36.26 7.09
C TYR A 202 -13.64 -36.58 5.60
N ARG A 203 -12.44 -36.77 5.06
CA ARG A 203 -12.26 -37.05 3.64
C ARG A 203 -12.50 -38.54 3.36
N SER A 204 -13.32 -38.82 2.36
CA SER A 204 -13.64 -40.20 2.01
C SER A 204 -12.45 -40.89 1.34
N PRO A 205 -12.35 -42.22 1.48
CA PRO A 205 -11.24 -42.93 0.83
C PRO A 205 -11.25 -42.82 -0.68
N GLU A 206 -12.43 -42.69 -1.31
CA GLU A 206 -12.45 -42.54 -2.76
C GLU A 206 -11.84 -41.21 -3.19
N VAL A 207 -12.02 -40.16 -2.39
CA VAL A 207 -11.38 -38.88 -2.69
C VAL A 207 -9.88 -38.97 -2.43
N LEU A 208 -9.50 -39.55 -1.28
CA LEU A 208 -8.09 -39.79 -1.00
C LEU A 208 -7.42 -40.57 -2.11
N LEU A 209 -8.12 -41.57 -2.67
CA LEU A 209 -7.57 -42.39 -3.73
C LEU A 209 -7.71 -41.77 -5.11
N GLY A 210 -8.21 -40.54 -5.20
CA GLY A 210 -8.32 -39.88 -6.49
C GLY A 210 -9.30 -40.51 -7.45
N MET A 211 -10.31 -41.20 -6.93
CA MET A 211 -11.30 -41.85 -7.77
C MET A 211 -12.51 -40.95 -7.97
N PRO A 212 -13.40 -41.30 -8.90
CA PRO A 212 -14.65 -40.55 -9.03
C PRO A 212 -15.48 -40.67 -7.77
N TYR A 213 -16.31 -39.66 -7.52
CA TYR A 213 -17.07 -39.60 -6.28
C TYR A 213 -18.49 -39.12 -6.55
N ASP A 214 -19.41 -39.56 -5.71
CA ASP A 214 -20.81 -39.17 -5.80
C ASP A 214 -21.23 -38.59 -4.45
N LEU A 215 -22.54 -38.59 -4.18
CA LEU A 215 -23.08 -38.04 -2.94
C LEU A 215 -22.71 -38.86 -1.72
N ALA A 216 -22.16 -40.06 -1.90
CA ALA A 216 -21.77 -40.89 -0.77
C ALA A 216 -20.65 -40.29 0.06
N ILE A 217 -19.82 -39.40 -0.52
CA ILE A 217 -18.72 -38.83 0.26
C ILE A 217 -19.26 -38.05 1.45
N ASP A 218 -20.44 -37.46 1.30
CA ASP A 218 -21.09 -36.81 2.44
C ASP A 218 -21.42 -37.81 3.53
N MET A 219 -21.99 -38.96 3.15
CA MET A 219 -22.33 -39.99 4.12
C MET A 219 -21.12 -40.45 4.90
N TRP A 220 -19.98 -40.62 4.22
CA TRP A 220 -18.74 -40.96 4.91
C TRP A 220 -18.40 -39.92 5.96
N SER A 221 -18.41 -38.63 5.57
CA SER A 221 -18.14 -37.56 6.53
C SER A 221 -19.08 -37.63 7.71
N LEU A 222 -20.38 -37.87 7.47
CA LEU A 222 -21.35 -37.91 8.56
C LEU A 222 -21.01 -39.03 9.55
N GLY A 223 -20.63 -40.20 9.05
CA GLY A 223 -20.19 -41.26 9.94
C GLY A 223 -19.02 -40.85 10.82
N CYS A 224 -18.05 -40.14 10.24
CA CYS A 224 -16.95 -39.64 11.06
C CYS A 224 -17.41 -38.58 12.03
N ILE A 225 -18.42 -37.79 11.67
CA ILE A 225 -18.91 -36.73 12.55
C ILE A 225 -19.64 -37.33 13.76
N LEU A 226 -20.49 -38.32 13.53
CA LEU A 226 -21.29 -38.86 14.62
C LEU A 226 -20.42 -39.52 15.69
N VAL A 227 -19.38 -40.25 15.27
CA VAL A 227 -18.49 -40.87 16.24
C VAL A 227 -17.79 -39.81 17.07
N GLU A 228 -17.29 -38.76 16.41
CA GLU A 228 -16.65 -37.67 17.14
C GLU A 228 -17.63 -36.95 18.05
N MET A 229 -18.90 -36.85 17.65
CA MET A 229 -19.88 -36.16 18.47
C MET A 229 -20.13 -36.89 19.79
N HIS A 230 -19.95 -38.21 19.81
CA HIS A 230 -20.14 -38.97 21.04
C HIS A 230 -18.84 -39.17 21.81
N THR A 231 -17.73 -39.41 21.11
CA THR A 231 -16.46 -39.60 21.81
C THR A 231 -15.79 -38.29 22.17
N GLY A 232 -16.03 -37.23 21.39
CA GLY A 232 -15.43 -35.95 21.63
C GLY A 232 -14.14 -35.70 20.88
N GLU A 233 -13.55 -36.74 20.29
CA GLU A 233 -12.32 -36.62 19.54
C GLU A 233 -12.51 -37.21 18.15
N PRO A 234 -11.83 -36.68 17.14
CA PRO A 234 -12.05 -37.14 15.77
C PRO A 234 -11.61 -38.58 15.57
N LEU A 235 -12.33 -39.28 14.70
CA LEU A 235 -12.10 -40.70 14.49
C LEU A 235 -10.82 -40.97 13.70
N PHE A 236 -10.50 -40.09 12.74
CA PHE A 236 -9.33 -40.25 11.88
C PHE A 236 -8.57 -38.92 11.86
N SER A 237 -7.58 -38.78 12.75
CA SER A 237 -6.87 -37.51 12.93
C SER A 237 -5.63 -37.48 12.05
N GLY A 238 -5.87 -37.41 10.75
CA GLY A 238 -4.79 -37.44 9.77
C GLY A 238 -4.03 -36.14 9.63
N ALA A 239 -2.71 -36.19 9.84
CA ALA A 239 -1.90 -34.99 9.67
C ALA A 239 -1.62 -34.68 8.21
N ASN A 240 -1.82 -35.64 7.32
CA ASN A 240 -1.68 -35.45 5.89
C ASN A 240 -2.46 -36.58 5.22
N GLU A 241 -2.49 -36.54 3.87
CA GLU A 241 -3.24 -37.55 3.13
C GLU A 241 -2.77 -38.95 3.46
N VAL A 242 -1.45 -39.15 3.52
CA VAL A 242 -0.91 -40.49 3.79
C VAL A 242 -1.24 -40.92 5.22
N ASP A 243 -1.03 -40.02 6.19
CA ASP A 243 -1.39 -40.32 7.58
C ASP A 243 -2.88 -40.54 7.73
N GLN A 244 -3.70 -39.84 6.94
CA GLN A 244 -5.14 -40.03 7.01
C GLN A 244 -5.52 -41.43 6.53
N MET A 245 -5.09 -41.79 5.32
CA MET A 245 -5.42 -43.10 4.76
C MET A 245 -4.97 -44.22 5.69
N ASN A 246 -3.87 -44.03 6.41
CA ASN A 246 -3.37 -45.07 7.30
C ASN A 246 -4.23 -45.18 8.56
N LYS A 247 -4.63 -44.05 9.13
CA LYS A 247 -5.46 -44.09 10.33
C LYS A 247 -6.84 -44.68 10.05
N ILE A 248 -7.32 -44.60 8.80
CA ILE A 248 -8.55 -45.30 8.44
C ILE A 248 -8.30 -46.80 8.36
N VAL A 249 -7.18 -47.19 7.73
CA VAL A 249 -6.82 -48.59 7.64
C VAL A 249 -6.63 -49.19 9.04
N GLU A 250 -6.16 -48.38 9.98
CA GLU A 250 -6.03 -48.83 11.36
C GLU A 250 -7.36 -49.33 11.91
N VAL A 251 -8.46 -48.73 11.48
CA VAL A 251 -9.79 -49.04 11.99
C VAL A 251 -10.52 -50.02 11.09
N LEU A 252 -10.48 -49.80 9.78
CA LEU A 252 -11.31 -50.54 8.84
C LEU A 252 -10.52 -51.51 7.96
N GLY A 253 -9.20 -51.56 8.09
CA GLY A 253 -8.40 -52.50 7.32
C GLY A 253 -8.06 -51.99 5.93
N ILE A 254 -7.37 -52.85 5.19
CA ILE A 254 -6.96 -52.48 3.82
C ILE A 254 -8.22 -52.33 2.97
N PRO A 255 -8.29 -51.35 2.07
CA PRO A 255 -9.45 -51.26 1.19
C PRO A 255 -9.56 -52.51 0.34
N PRO A 256 -10.78 -52.92 -0.01
CA PRO A 256 -10.95 -54.13 -0.82
C PRO A 256 -10.25 -54.01 -2.16
N ALA A 257 -9.88 -55.16 -2.71
CA ALA A 257 -9.00 -55.18 -3.88
C ALA A 257 -9.67 -54.56 -5.09
N HIS A 258 -11.00 -54.60 -5.18
CA HIS A 258 -11.67 -54.09 -6.37
C HIS A 258 -11.63 -52.57 -6.42
N ILE A 259 -11.59 -51.90 -5.27
CA ILE A 259 -11.47 -50.45 -5.27
C ILE A 259 -10.03 -50.02 -5.57
N LEU A 260 -9.06 -50.67 -4.93
CA LEU A 260 -7.66 -50.30 -5.13
C LEU A 260 -7.19 -50.60 -6.55
N ASP A 261 -7.85 -51.52 -7.25
CA ASP A 261 -7.48 -51.84 -8.62
C ASP A 261 -7.88 -50.74 -9.60
N GLN A 262 -8.69 -49.79 -9.17
CA GLN A 262 -9.15 -48.71 -10.04
C GLN A 262 -8.80 -47.33 -9.48
N ALA A 263 -7.99 -47.27 -8.43
CA ALA A 263 -7.68 -46.00 -7.79
C ALA A 263 -6.44 -45.38 -8.42
N PRO A 264 -6.54 -44.23 -9.06
CA PRO A 264 -5.33 -43.59 -9.62
C PRO A 264 -4.26 -43.34 -8.57
N LYS A 265 -4.66 -42.85 -7.40
CA LYS A 265 -3.75 -42.58 -6.31
C LYS A 265 -3.52 -43.79 -5.41
N ALA A 266 -3.78 -45.00 -5.91
CA ALA A 266 -3.64 -46.19 -5.07
C ALA A 266 -2.20 -46.41 -4.62
N ARG A 267 -1.24 -46.20 -5.54
CA ARG A 267 0.16 -46.40 -5.20
C ARG A 267 0.71 -45.32 -4.26
N LYS A 268 -0.09 -44.30 -3.93
CA LYS A 268 0.33 -43.35 -2.90
C LYS A 268 0.30 -43.97 -1.51
N PHE A 269 -0.51 -45.00 -1.30
CA PHE A 269 -0.65 -45.62 0.01
C PHE A 269 -0.42 -47.12 0.02
N PHE A 270 -0.54 -47.82 -1.11
CA PHE A 270 -0.49 -49.27 -1.14
C PHE A 270 0.35 -49.75 -2.31
N GLU A 271 0.74 -51.02 -2.25
CA GLU A 271 1.45 -51.69 -3.33
C GLU A 271 0.79 -53.05 -3.58
N LYS A 272 0.71 -53.42 -4.85
CA LYS A 272 0.13 -54.70 -5.23
C LYS A 272 1.17 -55.80 -5.14
N LEU A 273 0.95 -56.75 -4.24
CA LEU A 273 1.83 -57.92 -4.15
C LEU A 273 1.51 -58.91 -5.26
N PRO A 274 2.48 -59.72 -5.69
CA PRO A 274 2.25 -60.67 -6.79
C PRO A 274 1.10 -61.62 -6.52
N ASP A 275 0.84 -61.93 -5.25
CA ASP A 275 -0.32 -62.70 -4.82
C ASP A 275 -1.61 -62.28 -5.55
N GLY A 276 -1.68 -61.05 -6.06
CA GLY A 276 -2.96 -60.48 -6.43
C GLY A 276 -3.65 -59.79 -5.30
N THR A 277 -2.93 -59.53 -4.21
CA THR A 277 -3.46 -58.91 -3.00
C THR A 277 -2.85 -57.52 -2.84
N TRP A 278 -3.48 -56.72 -1.99
CA TRP A 278 -3.07 -55.35 -1.74
C TRP A 278 -2.59 -55.20 -0.30
N ASN A 279 -1.59 -54.32 -0.11
CA ASN A 279 -1.02 -54.12 1.20
C ASN A 279 -0.42 -52.72 1.27
N LEU A 280 -0.32 -52.20 2.49
CA LEU A 280 0.27 -50.88 2.70
C LEU A 280 1.69 -50.81 2.14
N LYS A 281 2.11 -49.61 1.77
CA LYS A 281 3.48 -49.37 1.36
C LYS A 281 4.42 -49.55 2.56
N LYS A 282 5.71 -49.70 2.26
CA LYS A 282 6.73 -49.87 3.29
C LYS A 282 7.24 -48.49 3.67
N THR A 283 6.97 -48.08 4.91
CA THR A 283 7.54 -46.84 5.43
C THR A 283 9.05 -46.83 5.25
N LYS A 284 9.58 -45.68 4.84
CA LYS A 284 11.02 -45.59 4.55
C LYS A 284 11.85 -45.97 5.77
N ASP A 285 11.56 -45.34 6.92
CA ASP A 285 12.22 -45.73 8.17
C ASP A 285 12.00 -47.20 8.50
N GLY A 286 10.98 -47.83 7.92
CA GLY A 286 10.64 -49.19 8.30
C GLY A 286 10.15 -49.32 9.71
N LYS A 287 9.81 -48.20 10.35
CA LYS A 287 9.40 -48.18 11.74
C LYS A 287 7.89 -48.29 11.85
N ARG A 288 7.44 -48.68 13.05
CA ARG A 288 6.02 -48.84 13.33
C ARG A 288 5.44 -47.50 13.76
N GLU A 289 4.51 -46.97 12.96
CA GLU A 289 3.75 -45.78 13.34
C GLU A 289 2.27 -46.05 13.50
N TYR A 290 1.79 -47.23 13.13
CA TYR A 290 0.36 -47.50 13.15
C TYR A 290 0.11 -48.91 13.68
N LYS A 291 -1.13 -49.13 14.12
CA LYS A 291 -1.56 -50.47 14.47
C LYS A 291 -1.77 -51.28 13.18
N PRO A 292 -1.68 -52.60 13.27
CA PRO A 292 -1.92 -53.41 12.08
C PRO A 292 -3.32 -53.18 11.56
N PRO A 293 -3.54 -53.39 10.26
CA PRO A 293 -4.83 -53.02 9.66
C PRO A 293 -5.99 -53.71 10.36
N GLY A 294 -7.04 -52.93 10.63
CA GLY A 294 -8.23 -53.45 11.25
C GLY A 294 -8.10 -53.86 12.69
N THR A 295 -7.02 -53.48 13.37
CA THR A 295 -6.82 -53.90 14.75
C THR A 295 -7.26 -52.85 15.77
N ARG A 296 -7.46 -51.60 15.35
CA ARG A 296 -8.03 -50.57 16.22
C ARG A 296 -9.54 -50.62 16.01
N LYS A 297 -10.22 -51.37 16.88
CA LYS A 297 -11.62 -51.71 16.65
C LYS A 297 -12.56 -50.57 17.06
N LEU A 298 -13.51 -50.26 16.18
CA LEU A 298 -14.56 -49.31 16.53
C LEU A 298 -15.37 -49.78 17.72
N HIS A 299 -15.46 -51.10 17.92
CA HIS A 299 -16.07 -51.66 19.12
C HIS A 299 -15.46 -51.03 20.37
N ASN A 300 -14.13 -51.02 20.46
CA ASN A 300 -13.47 -50.49 21.64
C ASN A 300 -13.38 -48.97 21.62
N ILE A 301 -13.39 -48.35 20.44
CA ILE A 301 -13.40 -46.90 20.37
C ILE A 301 -14.64 -46.34 21.04
N LEU A 302 -15.79 -46.95 20.75
CA LEU A 302 -17.06 -46.50 21.31
C LEU A 302 -17.31 -47.03 22.72
N GLY A 303 -16.56 -48.02 23.17
CA GLY A 303 -16.79 -48.63 24.47
C GLY A 303 -18.12 -49.35 24.53
N VAL A 304 -18.37 -50.22 23.56
CA VAL A 304 -19.68 -50.84 23.40
C VAL A 304 -20.05 -51.64 24.63
N GLU A 305 -19.20 -52.58 25.03
CA GLU A 305 -19.46 -53.44 26.17
C GLU A 305 -18.74 -52.96 27.43
N THR A 306 -18.17 -51.76 27.42
CA THR A 306 -17.32 -51.31 28.51
C THR A 306 -17.70 -49.93 29.03
N GLY A 307 -18.94 -49.49 28.78
CA GLY A 307 -19.43 -48.26 29.38
C GLY A 307 -19.25 -47.00 28.55
N GLY A 308 -19.14 -47.12 27.23
CA GLY A 308 -19.05 -45.96 26.38
C GLY A 308 -17.64 -45.48 26.16
N PRO A 309 -17.49 -44.37 25.43
CA PRO A 309 -16.16 -43.81 25.16
C PRO A 309 -15.40 -43.53 26.45
N GLY A 310 -14.29 -44.25 26.63
CA GLY A 310 -13.48 -44.12 27.82
C GLY A 310 -14.17 -44.57 29.09
N GLY A 311 -15.25 -45.33 28.98
CA GLY A 311 -16.01 -45.71 30.15
C GLY A 311 -16.73 -44.59 30.84
N ARG A 312 -16.95 -43.46 30.14
CA ARG A 312 -17.56 -42.30 30.78
C ARG A 312 -19.06 -42.52 31.01
N ARG A 313 -19.73 -43.22 30.09
CA ARG A 313 -21.17 -43.44 30.19
C ARG A 313 -21.52 -44.66 31.03
N ALA A 314 -20.54 -45.34 31.62
CA ALA A 314 -20.82 -46.56 32.38
C ALA A 314 -21.80 -46.28 33.51
N GLY A 315 -22.84 -47.11 33.59
CA GLY A 315 -23.85 -46.93 34.61
C GLY A 315 -24.64 -45.66 34.46
N GLU A 316 -25.32 -45.51 33.31
CA GLU A 316 -26.05 -44.30 33.00
C GLU A 316 -27.13 -44.65 31.99
N SER A 317 -28.30 -44.02 32.12
CA SER A 317 -29.40 -44.30 31.22
C SER A 317 -29.06 -43.84 29.80
N GLY A 318 -29.66 -44.52 28.83
CA GLY A 318 -29.56 -44.14 27.44
C GLY A 318 -28.36 -44.67 26.70
N HIS A 319 -27.48 -45.42 27.36
CA HIS A 319 -26.24 -45.90 26.77
C HIS A 319 -26.07 -47.40 27.04
N THR A 320 -27.11 -48.17 26.70
CA THR A 320 -27.03 -49.61 26.91
C THR A 320 -26.11 -50.26 25.88
N VAL A 321 -25.75 -51.52 26.15
CA VAL A 321 -24.92 -52.26 25.21
C VAL A 321 -25.64 -52.40 23.88
N ALA A 322 -26.94 -52.70 23.92
CA ALA A 322 -27.72 -52.78 22.69
C ALA A 322 -27.71 -51.47 21.93
N ASP A 323 -27.82 -50.35 22.66
CA ASP A 323 -27.77 -49.05 22.01
C ASP A 323 -26.46 -48.86 21.26
N TYR A 324 -25.34 -49.26 21.86
CA TYR A 324 -24.06 -49.12 21.19
C TYR A 324 -23.95 -50.08 20.01
N LEU A 325 -24.47 -51.31 20.17
CA LEU A 325 -24.43 -52.26 19.07
C LEU A 325 -25.16 -51.72 17.85
N LYS A 326 -26.32 -51.09 18.05
CA LYS A 326 -27.02 -50.46 16.94
C LYS A 326 -26.21 -49.29 16.38
N PHE A 327 -25.67 -48.44 17.25
CA PHE A 327 -24.89 -47.29 16.80
C PHE A 327 -23.66 -47.74 16.03
N LYS A 328 -22.91 -48.69 16.57
CA LYS A 328 -21.71 -49.17 15.89
C LYS A 328 -22.05 -49.76 14.53
N ASP A 329 -23.19 -50.44 14.41
CA ASP A 329 -23.54 -51.05 13.13
C ASP A 329 -23.81 -49.99 12.08
N LEU A 330 -24.67 -49.01 12.39
CA LEU A 330 -24.96 -47.96 11.42
C LEU A 330 -23.71 -47.20 11.04
N ILE A 331 -22.86 -46.89 12.02
CA ILE A 331 -21.62 -46.17 11.71
C ILE A 331 -20.76 -46.97 10.77
N LEU A 332 -20.62 -48.28 11.02
CA LEU A 332 -19.82 -49.10 10.12
C LEU A 332 -20.41 -49.15 8.73
N ARG A 333 -21.72 -48.93 8.59
CA ARG A 333 -22.32 -48.88 7.27
C ARG A 333 -22.08 -47.55 6.59
N MET A 334 -21.94 -46.46 7.36
CA MET A 334 -21.55 -45.19 6.76
C MET A 334 -20.07 -45.15 6.41
N LEU A 335 -19.24 -45.98 7.06
CA LEU A 335 -17.81 -46.03 6.78
C LEU A 335 -17.45 -47.14 5.81
N ASP A 336 -18.41 -47.57 4.99
CA ASP A 336 -18.12 -48.55 3.94
C ASP A 336 -17.14 -47.98 2.92
N TYR A 337 -16.06 -48.72 2.67
CA TYR A 337 -15.09 -48.32 1.65
C TYR A 337 -15.76 -48.15 0.29
N ASP A 338 -16.69 -49.04 -0.04
CA ASP A 338 -17.37 -49.01 -1.33
C ASP A 338 -18.43 -47.92 -1.35
N PRO A 339 -18.23 -46.85 -2.15
CA PRO A 339 -19.27 -45.81 -2.23
C PRO A 339 -20.57 -46.31 -2.83
N LYS A 340 -20.54 -47.40 -3.58
CA LYS A 340 -21.75 -47.92 -4.18
C LYS A 340 -22.56 -48.78 -3.23
N THR A 341 -21.93 -49.35 -2.19
CA THR A 341 -22.63 -50.12 -1.17
C THR A 341 -22.79 -49.36 0.13
N ARG A 342 -22.12 -48.21 0.28
CA ARG A 342 -22.28 -47.39 1.48
C ARG A 342 -23.75 -47.07 1.69
N ILE A 343 -24.19 -47.14 2.95
CA ILE A 343 -25.60 -46.93 3.24
C ILE A 343 -26.02 -45.53 2.81
N GLN A 344 -27.19 -45.46 2.18
CA GLN A 344 -27.72 -44.21 1.65
C GLN A 344 -28.79 -43.65 2.58
N PRO A 345 -29.06 -42.34 2.51
CA PRO A 345 -29.89 -41.70 3.54
C PRO A 345 -31.25 -42.37 3.79
N TYR A 346 -31.95 -42.77 2.74
CA TYR A 346 -33.26 -43.39 2.92
C TYR A 346 -33.18 -44.59 3.84
N TYR A 347 -32.22 -45.48 3.59
CA TYR A 347 -32.12 -46.71 4.36
C TYR A 347 -31.43 -46.49 5.70
N ALA A 348 -30.56 -45.49 5.79
CA ALA A 348 -30.00 -45.11 7.08
C ALA A 348 -31.11 -44.71 8.04
N LEU A 349 -32.13 -44.00 7.55
CA LEU A 349 -33.24 -43.60 8.39
C LEU A 349 -34.07 -44.77 8.86
N GLN A 350 -34.02 -45.90 8.15
CA GLN A 350 -34.70 -47.11 8.55
C GLN A 350 -33.83 -48.04 9.38
N HIS A 351 -32.64 -47.59 9.79
CA HIS A 351 -31.80 -48.40 10.65
C HIS A 351 -32.40 -48.51 12.05
N SER A 352 -32.20 -49.67 12.68
CA SER A 352 -32.77 -49.90 14.00
C SER A 352 -32.21 -48.96 15.05
N PHE A 353 -31.09 -48.28 14.76
CA PHE A 353 -30.51 -47.35 15.71
C PHE A 353 -31.47 -46.19 16.01
N PHE A 354 -32.30 -45.82 15.03
CA PHE A 354 -33.38 -44.86 15.24
C PHE A 354 -34.67 -45.51 15.70
N LYS A 355 -34.61 -46.74 16.20
CA LYS A 355 -35.76 -47.53 16.60
C LYS A 355 -36.75 -47.69 15.45
N VAL B 10 30.03 44.61 -20.77
CA VAL B 10 28.75 44.20 -20.18
C VAL B 10 28.02 43.25 -21.11
N TYR B 11 27.27 42.32 -20.53
CA TYR B 11 26.61 41.25 -21.28
C TYR B 11 25.11 41.49 -21.32
N ASN B 12 24.52 41.41 -22.52
CA ASN B 12 23.09 41.63 -22.74
C ASN B 12 22.65 42.96 -22.13
N ASP B 13 23.45 44.00 -22.37
CA ASP B 13 23.19 45.33 -21.85
C ASP B 13 23.09 45.32 -20.33
N GLY B 14 23.95 44.54 -19.69
CA GLY B 14 23.96 44.43 -18.24
C GLY B 14 22.92 43.51 -17.65
N TYR B 15 22.07 42.90 -18.46
CA TYR B 15 21.07 41.97 -17.93
C TYR B 15 21.65 40.61 -17.60
N ASP B 16 22.80 40.25 -18.17
CA ASP B 16 23.39 38.93 -18.04
C ASP B 16 24.73 39.00 -17.32
N ASP B 17 25.26 37.83 -16.98
CA ASP B 17 26.55 37.71 -16.33
C ASP B 17 27.60 37.22 -17.33
N ASP B 18 28.79 36.86 -16.81
CA ASP B 18 29.84 36.32 -17.65
C ASP B 18 29.65 34.84 -17.97
N ASN B 19 28.45 34.29 -17.73
CA ASN B 19 28.14 32.92 -18.10
C ASN B 19 26.78 32.83 -18.78
N TYR B 20 26.39 33.87 -19.51
CA TYR B 20 25.18 33.87 -20.34
C TYR B 20 23.91 33.66 -19.51
N ASP B 21 23.94 34.02 -18.23
CA ASP B 21 22.83 33.79 -17.32
C ASP B 21 22.17 35.11 -16.94
N TYR B 22 20.84 35.12 -16.95
CA TYR B 22 20.09 36.32 -16.57
C TYR B 22 20.27 36.60 -15.08
N ILE B 23 20.61 37.85 -14.75
CA ILE B 23 20.79 38.22 -13.35
C ILE B 23 19.44 38.33 -12.68
N VAL B 24 19.09 37.31 -11.89
CA VAL B 24 17.77 37.24 -11.29
C VAL B 24 17.67 38.26 -10.17
N LYS B 25 16.64 39.11 -10.22
CA LYS B 25 16.41 40.15 -9.23
C LYS B 25 15.11 39.85 -8.49
N ASN B 26 15.21 39.62 -7.19
CA ASN B 26 14.04 39.31 -6.37
C ASN B 26 13.05 40.47 -6.37
N GLY B 27 11.90 40.29 -7.02
CA GLY B 27 10.87 41.31 -7.05
C GLY B 27 10.59 41.91 -8.42
N GLU B 28 11.23 41.45 -9.48
CA GLU B 28 10.99 41.99 -10.80
C GLU B 28 9.60 41.62 -11.31
N LYS B 29 9.06 42.45 -12.19
CA LYS B 29 7.76 42.23 -12.81
C LYS B 29 7.94 42.18 -14.32
N TRP B 30 7.72 41.01 -14.92
CA TRP B 30 7.89 40.81 -16.35
C TRP B 30 6.54 40.92 -17.06
N MET B 31 6.50 41.75 -18.11
CA MET B 31 5.41 41.76 -19.08
C MET B 31 4.03 41.89 -18.43
N ASP B 32 3.97 42.56 -17.27
CA ASP B 32 2.72 42.77 -16.54
C ASP B 32 2.01 41.45 -16.20
N ARG B 33 2.74 40.34 -16.14
CA ARG B 33 2.12 39.05 -15.86
C ARG B 33 2.80 38.28 -14.74
N TYR B 34 4.13 38.21 -14.73
CA TYR B 34 4.86 37.42 -13.75
C TYR B 34 5.67 38.32 -12.83
N GLU B 35 5.67 37.97 -11.54
CA GLU B 35 6.55 38.61 -10.56
C GLU B 35 7.56 37.56 -10.09
N ILE B 36 8.83 37.82 -10.38
CA ILE B 36 9.89 36.89 -9.98
C ILE B 36 10.11 37.01 -8.47
N ASP B 37 9.84 35.92 -7.75
CA ASP B 37 10.04 35.92 -6.30
C ASP B 37 11.52 35.75 -5.95
N SER B 38 12.08 34.60 -6.28
CA SER B 38 13.45 34.28 -5.91
C SER B 38 13.99 33.21 -6.86
N LEU B 39 15.30 33.03 -6.82
CA LEU B 39 15.96 31.99 -7.59
C LEU B 39 15.80 30.65 -6.89
N ILE B 40 15.34 29.64 -7.62
CA ILE B 40 15.20 28.31 -7.04
C ILE B 40 16.52 27.56 -7.10
N GLY B 41 17.16 27.56 -8.26
CA GLY B 41 18.43 26.87 -8.42
C GLY B 41 19.03 27.18 -9.78
N LYS B 42 20.34 26.93 -9.87
CA LYS B 42 21.08 27.11 -11.11
C LYS B 42 21.45 25.76 -11.69
N GLY B 43 21.61 25.71 -13.01
CA GLY B 43 21.96 24.50 -13.71
C GLY B 43 22.73 24.80 -14.98
N SER B 44 23.13 23.74 -15.68
CA SER B 44 23.91 23.88 -16.90
C SER B 44 23.13 24.61 -17.99
N PHE B 45 21.81 24.42 -18.03
CA PHE B 45 20.98 25.09 -19.03
C PHE B 45 20.85 26.58 -18.73
N GLY B 46 20.96 26.96 -17.46
CA GLY B 46 20.63 28.29 -17.03
C GLY B 46 20.12 28.30 -15.60
N GLN B 47 18.95 28.90 -15.37
CA GLN B 47 18.42 29.05 -14.04
C GLN B 47 16.95 28.64 -14.01
N VAL B 48 16.45 28.40 -12.79
CA VAL B 48 15.04 28.17 -12.52
C VAL B 48 14.63 29.07 -11.38
N VAL B 49 13.67 29.95 -11.62
CA VAL B 49 13.22 30.92 -10.63
C VAL B 49 11.80 30.59 -10.21
N LYS B 50 11.40 31.14 -9.06
CA LYS B 50 10.04 31.03 -8.54
C LYS B 50 9.30 32.32 -8.85
N ALA B 51 8.20 32.22 -9.59
CA ALA B 51 7.45 33.39 -10.01
C ALA B 51 5.96 33.17 -9.79
N TYR B 52 5.23 34.27 -9.67
CA TYR B 52 3.78 34.26 -9.55
C TYR B 52 3.15 34.76 -10.84
N ASP B 53 2.15 34.04 -11.32
CA ASP B 53 1.43 34.38 -12.55
C ASP B 53 0.09 34.99 -12.15
N ARG B 54 -0.04 36.31 -12.30
CA ARG B 54 -1.29 36.95 -11.90
C ARG B 54 -2.44 36.68 -12.86
N VAL B 55 -2.17 36.12 -14.04
CA VAL B 55 -3.24 35.77 -14.96
C VAL B 55 -3.94 34.48 -14.51
N GLU B 56 -3.16 33.46 -14.19
CA GLU B 56 -3.73 32.21 -13.70
C GLU B 56 -3.75 32.13 -12.18
N GLN B 57 -3.24 33.14 -11.49
CA GLN B 57 -3.25 33.22 -10.03
C GLN B 57 -2.67 31.97 -9.40
N GLU B 58 -1.43 31.65 -9.80
CA GLU B 58 -0.74 30.49 -9.26
C GLU B 58 0.76 30.71 -9.35
N TRP B 59 1.48 30.02 -8.48
CA TRP B 59 2.93 30.05 -8.49
C TRP B 59 3.45 29.04 -9.51
N VAL B 60 4.48 29.45 -10.26
CA VAL B 60 5.04 28.64 -11.31
C VAL B 60 6.56 28.63 -11.18
N ALA B 61 7.18 27.69 -11.88
CA ALA B 61 8.63 27.61 -11.99
C ALA B 61 9.02 27.95 -13.42
N ILE B 62 9.72 29.07 -13.58
CA ILE B 62 10.15 29.53 -14.90
C ILE B 62 11.61 29.12 -15.10
N LYS B 63 11.87 28.41 -16.19
CA LYS B 63 13.21 28.00 -16.55
C LYS B 63 13.80 29.03 -17.51
N ILE B 64 14.83 29.75 -17.07
CA ILE B 64 15.47 30.77 -17.89
C ILE B 64 16.66 30.13 -18.59
N ILE B 65 16.53 29.89 -19.90
CA ILE B 65 17.62 29.30 -20.65
C ILE B 65 18.75 30.32 -20.82
N LYS B 66 19.98 29.82 -20.85
CA LYS B 66 21.13 30.68 -21.07
C LYS B 66 20.99 31.44 -22.38
N ASN B 67 21.41 32.71 -22.38
CA ASN B 67 21.39 33.54 -23.57
C ASN B 67 22.60 33.17 -24.43
N LYS B 68 22.49 32.03 -25.12
CA LYS B 68 23.50 31.60 -26.08
C LYS B 68 22.84 30.66 -27.07
N LYS B 69 23.27 30.75 -28.34
CA LYS B 69 22.62 30.02 -29.41
C LYS B 69 22.63 28.52 -29.16
N ALA B 70 23.77 27.98 -28.70
CA ALA B 70 23.87 26.55 -28.43
C ALA B 70 22.79 26.08 -27.46
N PHE B 71 22.53 26.87 -26.41
CA PHE B 71 21.54 26.47 -25.42
C PHE B 71 20.13 26.73 -25.92
N LEU B 72 19.92 27.86 -26.62
CA LEU B 72 18.63 28.13 -27.23
C LEU B 72 18.22 26.99 -28.16
N ASN B 73 19.13 26.57 -29.04
CA ASN B 73 18.82 25.53 -30.00
C ASN B 73 18.37 24.24 -29.31
N GLN B 74 19.05 23.86 -28.23
CA GLN B 74 18.70 22.61 -27.57
C GLN B 74 17.36 22.72 -26.85
N ALA B 75 17.11 23.86 -26.20
CA ALA B 75 15.84 24.04 -25.49
C ALA B 75 14.64 24.03 -26.43
N GLN B 76 14.85 24.40 -27.69
CA GLN B 76 13.74 24.35 -28.64
C GLN B 76 13.33 22.91 -28.93
N ILE B 77 14.30 22.00 -29.03
CA ILE B 77 13.97 20.59 -29.09
C ILE B 77 13.26 20.16 -27.81
N GLU B 78 13.75 20.66 -26.67
CA GLU B 78 13.11 20.37 -25.39
C GLU B 78 11.68 20.88 -25.36
N VAL B 79 11.43 22.04 -25.97
CA VAL B 79 10.09 22.60 -25.97
C VAL B 79 9.16 21.76 -26.85
N ARG B 80 9.66 21.26 -27.98
CA ARG B 80 8.82 20.47 -28.87
C ARG B 80 8.43 19.14 -28.23
N LEU B 81 9.39 18.45 -27.61
CA LEU B 81 9.08 17.19 -26.95
C LEU B 81 8.11 17.39 -25.80
N LEU B 82 8.32 18.46 -25.01
CA LEU B 82 7.40 18.77 -23.92
C LEU B 82 5.99 18.97 -24.45
N GLU B 83 5.85 19.68 -25.56
CA GLU B 83 4.51 19.93 -26.11
C GLU B 83 3.91 18.67 -26.68
N LEU B 84 4.73 17.82 -27.31
CA LEU B 84 4.24 16.54 -27.82
C LEU B 84 3.65 15.68 -26.70
N MET B 85 4.42 15.48 -25.63
CA MET B 85 3.96 14.64 -24.54
C MET B 85 2.74 15.24 -23.85
N ASN B 86 2.71 16.57 -23.71
CA ASN B 86 1.66 17.21 -22.93
C ASN B 86 0.32 17.24 -23.65
N LYS B 87 0.32 17.06 -24.97
CA LYS B 87 -0.90 17.06 -25.76
C LYS B 87 -1.38 15.64 -26.10
N HIS B 88 -0.89 14.63 -25.38
CA HIS B 88 -1.30 13.26 -25.62
C HIS B 88 -2.63 12.97 -24.92
N ASP B 89 -3.24 11.85 -25.29
CA ASP B 89 -4.55 11.44 -24.76
C ASP B 89 -4.35 10.21 -23.89
N THR B 90 -3.82 10.41 -22.69
CA THR B 90 -3.56 9.30 -21.78
C THR B 90 -3.26 9.88 -20.40
N GLU B 91 -3.70 9.16 -19.36
CA GLU B 91 -3.33 9.55 -18.00
C GLU B 91 -1.84 9.33 -17.72
N MET B 92 -1.17 8.47 -18.50
CA MET B 92 0.28 8.28 -18.34
C MET B 92 1.07 9.55 -18.63
N LYS B 93 0.52 10.48 -19.42
CA LYS B 93 1.21 11.74 -19.68
C LYS B 93 1.36 12.60 -18.42
N TYR B 94 0.71 12.23 -17.32
CA TYR B 94 0.78 13.00 -16.09
C TYR B 94 1.93 12.58 -15.18
N TYR B 95 2.77 11.65 -15.63
CA TYR B 95 4.07 11.43 -15.00
C TYR B 95 5.14 12.35 -15.56
N ILE B 96 4.76 13.23 -16.47
CA ILE B 96 5.68 14.15 -17.12
C ILE B 96 5.33 15.57 -16.68
N VAL B 97 6.36 16.36 -16.39
CA VAL B 97 6.15 17.74 -15.98
C VAL B 97 5.37 18.48 -17.07
N HIS B 98 4.54 19.43 -16.64
CA HIS B 98 3.68 20.18 -17.55
C HIS B 98 4.36 21.48 -17.92
N LEU B 99 4.67 21.63 -19.21
CA LEU B 99 5.14 22.89 -19.76
C LEU B 99 3.91 23.71 -20.16
N LYS B 100 3.64 24.77 -19.39
CA LYS B 100 2.43 25.56 -19.62
C LYS B 100 2.57 26.42 -20.87
N ARG B 101 3.66 27.19 -20.96
CA ARG B 101 3.91 28.04 -22.10
C ARG B 101 5.38 28.41 -22.13
N HIS B 102 5.78 29.20 -23.13
CA HIS B 102 7.12 29.73 -23.20
C HIS B 102 7.06 31.11 -23.82
N PHE B 103 8.10 31.91 -23.55
CA PHE B 103 8.19 33.25 -24.10
C PHE B 103 9.64 33.67 -24.13
N MET B 104 9.93 34.71 -24.91
CA MET B 104 11.26 35.29 -24.99
C MET B 104 11.26 36.61 -24.24
N PHE B 105 12.11 36.71 -23.21
CA PHE B 105 12.17 37.90 -22.38
C PHE B 105 13.62 38.33 -22.23
N ARG B 106 13.92 39.55 -22.67
CA ARG B 106 15.27 40.12 -22.60
C ARG B 106 16.30 39.16 -23.18
N ASN B 107 15.95 38.56 -24.33
CA ASN B 107 16.80 37.66 -25.11
C ASN B 107 17.02 36.31 -24.44
N HIS B 108 16.18 35.95 -23.48
CA HIS B 108 16.21 34.62 -22.88
C HIS B 108 14.92 33.88 -23.22
N LEU B 109 15.05 32.63 -23.64
CA LEU B 109 13.90 31.75 -23.80
C LEU B 109 13.48 31.23 -22.42
N CYS B 110 12.24 31.49 -22.03
CA CYS B 110 11.73 31.16 -20.72
C CYS B 110 10.67 30.07 -20.83
N LEU B 111 10.86 28.99 -20.08
CA LEU B 111 9.93 27.88 -20.06
C LEU B 111 9.15 27.93 -18.75
N VAL B 112 7.83 28.12 -18.84
CA VAL B 112 6.97 28.21 -17.67
C VAL B 112 6.47 26.81 -17.32
N PHE B 113 6.83 26.34 -16.13
CA PHE B 113 6.47 25.01 -15.65
C PHE B 113 5.50 25.12 -14.47
N GLU B 114 4.78 24.03 -14.24
CA GLU B 114 4.01 23.91 -13.02
C GLU B 114 4.93 23.76 -11.82
N MET B 115 4.47 24.21 -10.67
CA MET B 115 5.26 24.15 -9.44
C MET B 115 5.18 22.75 -8.83
N LEU B 116 6.33 22.11 -8.66
CA LEU B 116 6.46 20.81 -8.02
C LEU B 116 7.17 20.99 -6.67
N SER B 117 7.52 19.86 -6.05
CA SER B 117 8.16 19.84 -4.74
C SER B 117 9.61 19.36 -4.90
N TYR B 118 10.17 18.77 -3.83
CA TYR B 118 11.56 18.36 -3.81
C TYR B 118 11.81 17.26 -4.85
N ASN B 119 13.08 17.10 -5.21
CA ASN B 119 13.49 16.01 -6.07
C ASN B 119 13.86 14.79 -5.23
N LEU B 120 14.12 13.68 -5.92
CA LEU B 120 14.37 12.43 -5.21
C LEU B 120 15.74 12.38 -4.56
N TYR B 121 16.64 13.31 -4.88
CA TYR B 121 17.88 13.39 -4.12
C TYR B 121 17.67 14.10 -2.79
N ASP B 122 16.95 15.22 -2.81
CA ASP B 122 16.56 15.88 -1.56
C ASP B 122 15.88 14.91 -0.61
N LEU B 123 15.15 13.92 -1.14
CA LEU B 123 14.52 12.92 -0.31
C LEU B 123 15.56 12.10 0.45
N LEU B 124 16.56 11.57 -0.26
CA LEU B 124 17.63 10.83 0.40
C LEU B 124 18.40 11.71 1.38
N ARG B 125 18.59 12.99 1.01
CA ARG B 125 19.29 13.92 1.87
C ARG B 125 18.64 14.01 3.24
N ASN B 126 17.32 13.93 3.29
CA ASN B 126 16.61 14.04 4.57
C ASN B 126 16.66 12.75 5.37
N THR B 127 16.66 11.60 4.69
CA THR B 127 16.86 10.32 5.39
C THR B 127 18.32 10.11 5.80
N ASN B 128 19.14 11.15 5.68
CA ASN B 128 20.59 11.04 5.90
C ASN B 128 21.17 9.92 5.06
N PHE B 129 20.64 9.76 3.84
CA PHE B 129 21.09 8.75 2.89
C PHE B 129 20.98 7.34 3.44
N ARG B 130 20.15 7.13 4.46
CA ARG B 130 19.84 5.77 4.91
C ARG B 130 18.91 5.06 3.96
N GLY B 131 18.23 5.79 3.09
CA GLY B 131 17.37 5.20 2.07
C GLY B 131 15.91 5.15 2.51
N VAL B 132 15.03 5.03 1.52
CA VAL B 132 13.60 4.91 1.77
C VAL B 132 13.22 3.44 1.79
N SER B 133 12.00 3.14 2.19
CA SER B 133 11.56 1.75 2.34
C SER B 133 11.44 1.07 0.98
N LEU B 134 11.45 -0.27 1.02
CA LEU B 134 11.16 -1.04 -0.19
C LEU B 134 9.76 -0.74 -0.70
N ASN B 135 8.81 -0.48 0.20
CA ASN B 135 7.45 -0.13 -0.22
C ASN B 135 7.45 1.18 -1.00
N LEU B 136 8.15 2.19 -0.49
CA LEU B 136 8.18 3.49 -1.17
C LEU B 136 8.99 3.42 -2.45
N THR B 137 10.10 2.68 -2.44
CA THR B 137 10.86 2.48 -3.68
C THR B 137 10.00 1.80 -4.73
N ARG B 138 9.18 0.83 -4.32
CA ARG B 138 8.25 0.19 -5.24
C ARG B 138 7.28 1.19 -5.86
N LYS B 139 6.84 2.17 -5.05
CA LYS B 139 5.93 3.20 -5.56
C LYS B 139 6.61 4.03 -6.64
N PHE B 140 7.86 4.45 -6.38
CA PHE B 140 8.61 5.17 -7.42
C PHE B 140 8.88 4.27 -8.61
N ALA B 141 9.28 3.02 -8.36
CA ALA B 141 9.59 2.09 -9.44
C ALA B 141 8.40 1.93 -10.38
N GLN B 142 7.21 1.72 -9.82
CA GLN B 142 6.04 1.51 -10.66
C GLN B 142 5.68 2.78 -11.42
N GLN B 143 5.80 3.95 -10.77
CA GLN B 143 5.52 5.20 -11.46
C GLN B 143 6.53 5.44 -12.58
N MET B 144 7.82 5.33 -12.26
CA MET B 144 8.89 5.54 -13.23
C MET B 144 8.75 4.59 -14.42
N CYS B 145 8.43 3.32 -14.15
CA CYS B 145 8.24 2.36 -15.23
C CYS B 145 7.06 2.75 -16.12
N THR B 146 5.96 3.22 -15.53
CA THR B 146 4.83 3.67 -16.33
C THR B 146 5.20 4.88 -17.17
N ALA B 147 5.97 5.80 -16.61
CA ALA B 147 6.47 6.93 -17.38
C ALA B 147 7.35 6.47 -18.53
N LEU B 148 8.20 5.46 -18.29
CA LEU B 148 9.00 4.90 -19.38
C LEU B 148 8.12 4.22 -20.43
N LEU B 149 7.04 3.56 -19.99
CA LEU B 149 6.11 2.97 -20.95
C LEU B 149 5.45 4.04 -21.79
N PHE B 150 5.11 5.18 -21.18
CA PHE B 150 4.53 6.28 -21.92
C PHE B 150 5.52 6.81 -22.96
N LEU B 151 6.77 7.07 -22.54
CA LEU B 151 7.78 7.56 -23.47
C LEU B 151 8.03 6.55 -24.59
N ALA B 152 7.77 5.27 -24.32
CA ALA B 152 7.99 4.22 -25.31
C ALA B 152 6.90 4.16 -26.37
N THR B 153 5.80 4.89 -26.18
CA THR B 153 4.70 4.89 -27.14
C THR B 153 5.26 5.16 -28.54
N PRO B 154 4.91 4.32 -29.53
CA PRO B 154 5.55 4.44 -30.85
C PRO B 154 5.59 5.85 -31.41
N GLU B 155 4.48 6.57 -31.43
CA GLU B 155 4.46 7.91 -32.03
C GLU B 155 5.27 8.93 -31.21
N LEU B 156 5.76 8.56 -30.03
CA LEU B 156 6.65 9.42 -29.26
C LEU B 156 8.08 8.89 -29.32
N SER B 157 8.33 7.73 -28.73
CA SER B 157 9.64 7.07 -28.76
C SER B 157 10.74 8.03 -28.31
N ILE B 158 10.56 8.54 -27.11
CA ILE B 158 11.42 9.57 -26.55
C ILE B 158 12.39 8.93 -25.57
N ILE B 159 13.68 9.22 -25.74
CA ILE B 159 14.71 8.82 -24.80
C ILE B 159 15.02 10.01 -23.91
N HIS B 160 14.88 9.83 -22.60
CA HIS B 160 15.13 10.94 -21.68
C HIS B 160 16.58 11.39 -21.72
N CYS B 161 17.52 10.44 -21.77
CA CYS B 161 18.95 10.66 -21.95
C CYS B 161 19.61 11.36 -20.76
N ASP B 162 18.87 11.61 -19.68
CA ASP B 162 19.47 12.21 -18.49
C ASP B 162 18.58 11.98 -17.27
N LEU B 163 18.08 10.75 -17.11
CA LEU B 163 17.34 10.39 -15.92
C LEU B 163 18.29 10.32 -14.73
N LYS B 164 17.83 10.81 -13.58
CA LYS B 164 18.63 10.85 -12.36
C LYS B 164 17.71 11.29 -11.21
N PRO B 165 18.10 11.00 -9.97
CA PRO B 165 17.28 11.45 -8.82
C PRO B 165 16.93 12.93 -8.86
N GLU B 166 17.88 13.79 -9.22
CA GLU B 166 17.61 15.21 -9.27
C GLU B 166 16.62 15.59 -10.37
N ASN B 167 16.33 14.68 -11.29
CA ASN B 167 15.40 14.93 -12.38
C ASN B 167 14.06 14.23 -12.17
N ILE B 168 13.80 13.72 -10.97
CA ILE B 168 12.51 13.13 -10.61
C ILE B 168 12.00 13.91 -9.40
N LEU B 169 10.92 14.67 -9.59
CA LEU B 169 10.42 15.57 -8.56
C LEU B 169 9.09 15.05 -8.00
N LEU B 170 8.93 15.17 -6.70
CA LEU B 170 7.63 14.91 -6.08
C LEU B 170 6.63 15.98 -6.49
N CYS B 171 5.40 15.56 -6.78
CA CYS B 171 4.33 16.52 -7.04
C CYS B 171 3.99 17.31 -5.78
N ASN B 172 4.05 16.67 -4.62
CA ASN B 172 3.60 17.24 -3.35
C ASN B 172 4.51 16.71 -2.27
N PRO B 173 4.95 17.56 -1.32
CA PRO B 173 5.90 17.10 -0.30
C PRO B 173 5.34 16.07 0.66
N LYS B 174 4.09 15.62 0.49
CA LYS B 174 3.50 14.64 1.39
C LYS B 174 2.78 13.52 0.63
N ARG B 175 3.05 13.39 -0.67
CA ARG B 175 2.49 12.33 -1.49
C ARG B 175 3.58 11.72 -2.34
N SER B 176 3.46 10.43 -2.61
CA SER B 176 4.47 9.68 -3.34
C SER B 176 4.45 9.96 -4.84
N ALA B 177 3.51 10.75 -5.34
CA ALA B 177 3.40 10.99 -6.77
C ALA B 177 4.60 11.80 -7.27
N ILE B 178 5.17 11.36 -8.39
CA ILE B 178 6.39 11.94 -8.93
C ILE B 178 6.15 12.40 -10.36
N LYS B 179 7.09 13.20 -10.87
CA LYS B 179 7.06 13.65 -12.26
C LYS B 179 8.49 13.81 -12.75
N ILE B 180 8.72 13.45 -14.01
CA ILE B 180 10.04 13.60 -14.63
C ILE B 180 10.18 15.02 -15.17
N VAL B 181 11.33 15.63 -14.90
CA VAL B 181 11.63 16.97 -15.40
C VAL B 181 12.89 16.92 -16.25
N ASP B 182 13.28 18.06 -16.81
CA ASP B 182 14.54 18.24 -17.51
C ASP B 182 14.68 17.28 -18.69
N PHE B 183 13.94 17.60 -19.76
CA PHE B 183 14.12 16.95 -21.05
C PHE B 183 15.11 17.68 -21.94
N GLY B 184 16.03 18.45 -21.33
CA GLY B 184 16.96 19.30 -22.02
C GLY B 184 18.05 18.58 -22.79
N SER B 185 18.13 17.25 -22.67
CA SER B 185 19.01 16.45 -23.51
C SER B 185 18.26 15.28 -24.13
N SER B 186 16.94 15.34 -24.17
CA SER B 186 16.11 14.26 -24.67
C SER B 186 16.05 14.31 -26.20
N CYS B 187 15.76 13.15 -26.79
CA CYS B 187 15.64 13.04 -28.23
C CYS B 187 14.66 11.92 -28.56
N GLN B 188 13.96 12.09 -29.68
CA GLN B 188 13.20 10.98 -30.24
C GLN B 188 14.16 9.97 -30.86
N LEU B 189 13.69 8.72 -30.98
CA LEU B 189 14.56 7.64 -31.43
C LEU B 189 15.15 7.93 -32.80
N GLY B 190 14.42 8.65 -33.64
CA GLY B 190 14.92 8.94 -34.98
C GLY B 190 16.05 9.95 -34.97
N GLN B 191 15.91 11.00 -34.17
CA GLN B 191 16.86 12.10 -34.16
C GLN B 191 17.76 12.03 -32.92
N ARG B 192 18.60 10.99 -32.89
CA ARG B 192 19.68 10.94 -31.91
C ARG B 192 20.81 11.85 -32.37
N ILE B 193 21.40 12.57 -31.42
CA ILE B 193 22.23 13.73 -31.77
C ILE B 193 23.59 13.70 -31.08
N TYR B 194 23.64 13.24 -29.84
CA TYR B 194 24.85 13.29 -29.04
C TYR B 194 25.38 11.90 -28.73
N GLN B 195 26.69 11.76 -28.60
CA GLN B 195 27.26 10.47 -28.22
C GLN B 195 27.64 10.51 -26.75
N PTR B 196 28.23 11.62 -26.30
CA PTR B 196 28.48 11.77 -24.87
C PTR B 196 27.18 12.20 -24.20
O PTR B 196 26.80 13.37 -24.26
CB PTR B 196 29.58 12.80 -24.64
CG PTR B 196 30.26 12.76 -23.27
CD1 PTR B 196 30.52 13.93 -22.58
CD2 PTR B 196 30.64 11.56 -22.70
CE1 PTR B 196 31.14 13.90 -21.34
CE2 PTR B 196 31.26 11.51 -21.46
CZ PTR B 196 31.51 12.70 -20.78
OH PTR B 196 32.11 12.67 -19.62
P PTR B 196 31.39 13.01 -18.22
O1P PTR B 196 31.27 11.69 -17.41
O2P PTR B 196 30.01 13.64 -18.44
O3P PTR B 196 32.23 13.96 -17.46
N ILE B 197 26.49 11.26 -23.58
CA ILE B 197 25.15 11.53 -23.05
C ILE B 197 24.98 10.84 -21.70
N GLN B 198 23.94 11.25 -20.95
CA GLN B 198 23.60 10.70 -19.65
C GLN B 198 24.61 11.11 -18.59
N SER B 199 24.15 11.43 -17.37
CA SER B 199 25.06 11.69 -16.27
C SER B 199 25.88 10.44 -15.95
N ARG B 200 27.13 10.66 -15.54
CA ARG B 200 28.10 9.58 -15.40
C ARG B 200 27.58 8.47 -14.50
N PHE B 201 27.07 8.83 -13.31
CA PHE B 201 26.58 7.83 -12.37
C PHE B 201 25.53 6.92 -12.98
N TYR B 202 24.83 7.38 -14.02
CA TYR B 202 23.72 6.65 -14.61
C TYR B 202 23.90 6.45 -16.11
N ARG B 203 25.13 6.62 -16.60
CA ARG B 203 25.42 6.33 -17.99
C ARG B 203 25.36 4.83 -18.23
N SER B 204 24.63 4.43 -19.27
CA SER B 204 24.52 3.04 -19.64
C SER B 204 25.83 2.55 -20.25
N PRO B 205 26.07 1.23 -20.23
CA PRO B 205 27.30 0.71 -20.84
C PRO B 205 27.41 1.02 -22.32
N GLU B 206 26.30 1.00 -23.06
CA GLU B 206 26.35 1.23 -24.50
C GLU B 206 26.82 2.65 -24.81
N VAL B 207 26.38 3.63 -24.03
CA VAL B 207 26.87 4.99 -24.21
C VAL B 207 28.34 5.08 -23.80
N LEU B 208 28.73 4.34 -22.75
CA LEU B 208 30.13 4.28 -22.37
C LEU B 208 30.98 3.61 -23.45
N LEU B 209 30.40 2.67 -24.19
CA LEU B 209 31.12 1.96 -25.24
C LEU B 209 31.04 2.66 -26.60
N GLY B 210 30.35 3.79 -26.69
CA GLY B 210 30.22 4.47 -27.96
C GLY B 210 29.32 3.77 -28.96
N MET B 211 28.51 2.82 -28.50
CA MET B 211 27.63 2.06 -29.37
C MET B 211 26.34 2.83 -29.62
N PRO B 212 25.55 2.43 -30.62
CA PRO B 212 24.22 3.05 -30.80
C PRO B 212 23.35 2.80 -29.58
N TYR B 213 22.42 3.73 -29.35
CA TYR B 213 21.59 3.66 -28.16
C TYR B 213 20.12 3.82 -28.52
N ASP B 214 19.27 3.15 -27.74
CA ASP B 214 17.82 3.23 -27.89
C ASP B 214 17.21 3.72 -26.59
N LEU B 215 15.94 3.37 -26.35
CA LEU B 215 15.26 3.80 -25.15
C LEU B 215 15.66 3.01 -23.92
N ALA B 216 16.41 1.91 -24.10
CA ALA B 216 16.84 1.10 -22.97
C ALA B 216 17.86 1.79 -22.09
N ILE B 217 18.48 2.88 -22.57
CA ILE B 217 19.42 3.59 -21.72
C ILE B 217 18.68 4.28 -20.58
N ASP B 218 17.41 4.62 -20.79
CA ASP B 218 16.59 5.10 -19.68
C ASP B 218 16.32 3.99 -18.68
N MET B 219 16.08 2.77 -19.18
CA MET B 219 15.87 1.64 -18.29
C MET B 219 17.07 1.43 -17.38
N TRP B 220 18.27 1.48 -17.95
CA TRP B 220 19.49 1.31 -17.16
C TRP B 220 19.58 2.36 -16.05
N SER B 221 19.33 3.62 -16.40
CA SER B 221 19.35 4.68 -15.38
C SER B 221 18.37 4.39 -14.27
N LEU B 222 17.14 3.96 -14.61
CA LEU B 222 16.14 3.67 -13.60
C LEU B 222 16.62 2.56 -12.66
N GLY B 223 17.29 1.54 -13.21
CA GLY B 223 17.83 0.49 -12.37
C GLY B 223 18.85 1.00 -11.39
N CYS B 224 19.64 1.99 -11.79
CA CYS B 224 20.62 2.60 -10.89
C CYS B 224 19.93 3.46 -9.84
N ILE B 225 18.85 4.15 -10.24
CA ILE B 225 18.15 5.02 -9.30
C ILE B 225 17.44 4.20 -8.23
N LEU B 226 16.77 3.12 -8.64
CA LEU B 226 15.94 2.37 -7.69
C LEU B 226 16.79 1.76 -6.58
N VAL B 227 17.93 1.17 -6.92
CA VAL B 227 18.85 0.69 -5.90
C VAL B 227 19.25 1.85 -4.99
N GLU B 228 19.60 2.99 -5.60
CA GLU B 228 20.10 4.12 -4.82
C GLU B 228 19.05 4.65 -3.85
N MET B 229 17.75 4.54 -4.19
CA MET B 229 16.73 5.07 -3.29
C MET B 229 16.59 4.21 -2.04
N HIS B 230 16.82 2.90 -2.15
CA HIS B 230 16.73 2.05 -0.97
C HIS B 230 18.04 2.02 -0.19
N THR B 231 19.18 1.92 -0.89
CA THR B 231 20.47 1.93 -0.20
C THR B 231 20.94 3.31 0.19
N GLY B 232 20.37 4.38 -0.40
CA GLY B 232 20.73 5.72 0.00
C GLY B 232 21.91 6.28 -0.77
N GLU B 233 22.80 5.40 -1.22
CA GLU B 233 24.02 5.79 -1.92
C GLU B 233 23.99 5.33 -3.37
N PRO B 234 24.71 6.00 -4.26
CA PRO B 234 24.70 5.59 -5.67
C PRO B 234 25.31 4.21 -5.87
N LEU B 235 24.76 3.50 -6.86
CA LEU B 235 25.23 2.15 -7.14
C LEU B 235 26.62 2.17 -7.76
N PHE B 236 26.82 2.97 -8.80
CA PHE B 236 28.09 3.06 -9.52
C PHE B 236 28.59 4.51 -9.45
N SER B 237 29.36 4.83 -8.42
CA SER B 237 29.85 6.19 -8.21
C SER B 237 31.20 6.36 -8.91
N GLY B 238 31.15 6.79 -10.16
CA GLY B 238 32.35 6.91 -10.98
C GLY B 238 32.78 8.36 -11.15
N ALA B 239 34.09 8.58 -11.05
CA ALA B 239 34.65 9.92 -11.21
C ALA B 239 34.97 10.25 -12.65
N ASN B 240 35.20 9.25 -13.49
CA ASN B 240 35.37 9.45 -14.92
C ASN B 240 34.83 8.21 -15.61
N GLU B 241 34.94 8.20 -16.95
CA GLU B 241 34.33 7.11 -17.72
C GLU B 241 35.00 5.78 -17.43
N VAL B 242 36.32 5.77 -17.21
CA VAL B 242 37.02 4.53 -16.91
C VAL B 242 36.63 4.01 -15.53
N ASP B 243 36.66 4.89 -14.52
CA ASP B 243 36.25 4.51 -13.18
C ASP B 243 34.78 4.09 -13.15
N GLN B 244 33.94 4.73 -13.95
CA GLN B 244 32.53 4.36 -14.02
C GLN B 244 32.38 2.93 -14.55
N MET B 245 32.94 2.66 -15.73
CA MET B 245 32.83 1.33 -16.32
C MET B 245 33.41 0.25 -15.40
N ASN B 246 34.46 0.58 -14.65
CA ASN B 246 35.07 -0.39 -13.75
C ASN B 246 34.17 -0.71 -12.56
N LYS B 247 33.42 0.28 -12.07
CA LYS B 247 32.49 0.01 -10.98
C LYS B 247 31.31 -0.84 -11.44
N ILE B 248 30.91 -0.70 -12.70
CA ILE B 248 29.86 -1.55 -13.25
C ILE B 248 30.35 -3.00 -13.33
N VAL B 249 31.57 -3.20 -13.83
CA VAL B 249 32.15 -4.53 -13.86
C VAL B 249 32.34 -5.07 -12.45
N GLU B 250 32.60 -4.19 -11.48
CA GLU B 250 32.74 -4.62 -10.10
C GLU B 250 31.52 -5.43 -9.65
N VAL B 251 30.33 -4.97 -10.03
CA VAL B 251 29.09 -5.62 -9.62
C VAL B 251 28.69 -6.70 -10.61
N LEU B 252 28.48 -6.32 -11.87
CA LEU B 252 27.91 -7.22 -12.86
C LEU B 252 28.93 -8.14 -13.52
N GLY B 253 30.17 -7.68 -13.68
CA GLY B 253 31.22 -8.50 -14.25
C GLY B 253 31.64 -8.02 -15.63
N ILE B 254 32.45 -8.85 -16.27
CA ILE B 254 32.91 -8.53 -17.63
C ILE B 254 31.70 -8.48 -18.56
N PRO B 255 31.58 -7.47 -19.42
CA PRO B 255 30.46 -7.43 -20.35
C PRO B 255 30.49 -8.62 -21.29
N PRO B 256 29.33 -9.09 -21.75
CA PRO B 256 29.30 -10.17 -22.74
C PRO B 256 30.21 -9.90 -23.93
N ALA B 257 30.74 -10.99 -24.50
CA ALA B 257 31.72 -10.85 -25.56
C ALA B 257 31.10 -10.38 -26.86
N HIS B 258 29.85 -10.79 -27.14
CA HIS B 258 29.17 -10.31 -28.34
C HIS B 258 28.89 -8.82 -28.28
N ILE B 259 29.06 -8.18 -27.12
CA ILE B 259 28.89 -6.75 -26.98
C ILE B 259 30.19 -6.01 -27.25
N LEU B 260 31.26 -6.38 -26.54
CA LEU B 260 32.54 -5.71 -26.69
C LEU B 260 33.17 -5.96 -28.05
N ASP B 261 32.78 -7.03 -28.74
CA ASP B 261 33.22 -7.23 -30.11
C ASP B 261 32.72 -6.11 -31.01
N GLN B 262 31.53 -5.58 -30.74
CA GLN B 262 30.90 -4.57 -31.57
C GLN B 262 31.03 -3.16 -30.98
N ALA B 263 31.75 -3.01 -29.87
CA ALA B 263 31.84 -1.71 -29.22
C ALA B 263 32.90 -0.85 -29.90
N PRO B 264 32.52 0.30 -30.46
CA PRO B 264 33.54 1.19 -31.05
C PRO B 264 34.58 1.64 -30.05
N LYS B 265 34.19 1.89 -28.81
CA LYS B 265 35.09 2.37 -27.77
C LYS B 265 35.46 1.26 -26.78
N ALA B 266 35.56 0.01 -27.27
CA ALA B 266 35.81 -1.11 -26.38
C ALA B 266 37.18 -1.03 -25.72
N ARG B 267 38.20 -0.68 -26.49
CA ARG B 267 39.57 -0.68 -25.98
C ARG B 267 39.81 0.36 -24.90
N LYS B 268 38.89 1.32 -24.72
CA LYS B 268 39.06 2.31 -23.67
C LYS B 268 39.03 1.65 -22.28
N PHE B 269 38.33 0.52 -22.15
CA PHE B 269 38.17 -0.14 -20.86
C PHE B 269 38.70 -1.56 -20.80
N PHE B 270 38.70 -2.30 -21.90
CA PHE B 270 39.05 -3.72 -21.90
C PHE B 270 40.03 -4.04 -23.03
N GLU B 271 40.57 -5.25 -22.96
CA GLU B 271 41.49 -5.75 -23.98
C GLU B 271 41.11 -7.19 -24.33
N LYS B 272 41.31 -7.55 -25.60
CA LYS B 272 40.93 -8.86 -26.11
C LYS B 272 42.13 -9.80 -26.05
N LEU B 273 41.96 -10.92 -25.34
CA LEU B 273 43.03 -11.88 -25.13
C LEU B 273 43.28 -12.67 -26.42
N PRO B 274 44.39 -13.42 -26.50
CA PRO B 274 44.63 -14.24 -27.69
C PRO B 274 43.48 -15.18 -28.05
N ASP B 275 42.76 -15.72 -27.06
CA ASP B 275 41.68 -16.67 -27.32
C ASP B 275 40.33 -15.98 -27.55
N GLY B 276 40.33 -14.69 -27.87
CA GLY B 276 39.11 -13.97 -28.15
C GLY B 276 38.36 -13.47 -26.93
N THR B 277 38.59 -14.05 -25.76
CA THR B 277 37.90 -13.60 -24.55
C THR B 277 38.38 -12.20 -24.16
N TRP B 278 37.55 -11.52 -23.36
CA TRP B 278 37.79 -10.13 -22.99
C TRP B 278 38.15 -10.02 -21.51
N ASN B 279 38.86 -8.95 -21.19
CA ASN B 279 39.42 -8.74 -19.87
C ASN B 279 39.74 -7.26 -19.71
N LEU B 280 39.67 -6.76 -18.47
CA LEU B 280 39.94 -5.36 -18.19
C LEU B 280 41.43 -5.05 -18.33
N LYS B 281 41.74 -3.75 -18.34
CA LYS B 281 43.11 -3.26 -18.40
C LYS B 281 43.30 -2.22 -17.30
N LYS B 282 44.43 -2.30 -16.59
CA LYS B 282 44.73 -1.40 -15.48
C LYS B 282 46.01 -0.61 -15.80
N THR B 283 46.34 0.30 -14.89
CA THR B 283 47.56 1.10 -14.99
C THR B 283 48.70 0.53 -14.17
N LYS B 284 48.43 0.15 -12.91
CA LYS B 284 49.46 -0.43 -12.05
C LYS B 284 48.83 -1.38 -11.03
N ASP B 285 48.38 -0.83 -9.90
CA ASP B 285 47.70 -1.61 -8.89
C ASP B 285 46.20 -1.72 -9.21
N GLU B 289 42.90 -1.72 -7.95
CA GLU B 289 42.06 -0.54 -7.80
C GLU B 289 40.64 -0.89 -7.38
N TYR B 290 40.09 -1.94 -7.98
CA TYR B 290 38.68 -2.30 -7.80
C TYR B 290 38.56 -3.75 -7.36
N LYS B 291 37.37 -4.11 -6.90
CA LYS B 291 37.07 -5.49 -6.56
C LYS B 291 37.10 -6.36 -7.82
N PRO B 292 37.45 -7.64 -7.68
CA PRO B 292 37.45 -8.52 -8.85
C PRO B 292 36.08 -8.53 -9.52
N PRO B 293 36.04 -8.72 -10.83
CA PRO B 293 34.76 -8.60 -11.56
C PRO B 293 33.68 -9.52 -11.00
N GLY B 294 32.51 -8.93 -10.72
CA GLY B 294 31.35 -9.68 -10.30
C GLY B 294 31.27 -10.01 -8.82
N THR B 295 32.32 -9.71 -8.05
CA THR B 295 32.33 -10.07 -6.64
C THR B 295 31.72 -9.00 -5.75
N ARG B 296 31.43 -7.81 -6.28
CA ARG B 296 30.59 -6.85 -5.57
C ARG B 296 29.14 -7.24 -5.87
N LYS B 297 28.69 -8.30 -5.20
CA LYS B 297 27.41 -8.91 -5.51
C LYS B 297 26.26 -7.95 -5.18
N LEU B 298 25.38 -7.72 -6.17
CA LEU B 298 24.18 -6.93 -5.93
C LEU B 298 23.31 -7.55 -4.85
N HIS B 299 23.38 -8.89 -4.72
CA HIS B 299 22.71 -9.56 -3.61
C HIS B 299 23.22 -9.05 -2.25
N ASN B 300 24.47 -8.60 -2.19
CA ASN B 300 25.05 -8.10 -0.96
C ASN B 300 24.75 -6.62 -0.73
N ILE B 301 24.72 -5.82 -1.79
CA ILE B 301 24.46 -4.39 -1.63
C ILE B 301 23.04 -4.16 -1.11
N LEU B 302 22.09 -4.99 -1.55
CA LEU B 302 20.71 -4.85 -1.11
C LEU B 302 20.46 -5.47 0.26
N GLY B 303 21.35 -6.35 0.72
CA GLY B 303 21.15 -7.02 1.99
C GLY B 303 19.94 -7.94 1.98
N VAL B 304 19.89 -8.84 1.00
CA VAL B 304 18.74 -9.74 0.87
C VAL B 304 18.60 -10.62 2.10
N GLU B 305 19.63 -11.40 2.41
CA GLU B 305 19.60 -12.32 3.52
C GLU B 305 20.15 -11.73 4.82
N THR B 306 20.62 -10.48 4.79
CA THR B 306 21.21 -9.85 5.98
C THR B 306 20.38 -8.66 6.48
N GLY B 307 19.12 -8.57 6.08
CA GLY B 307 18.23 -7.58 6.65
C GLY B 307 18.27 -6.21 6.01
N GLY B 308 18.56 -6.12 4.72
CA GLY B 308 18.51 -4.86 4.01
C GLY B 308 19.82 -4.09 4.00
N PRO B 309 19.83 -2.94 3.32
CA PRO B 309 21.04 -2.09 3.28
C PRO B 309 21.46 -1.66 4.67
N GLY B 310 22.72 -1.94 5.01
CA GLY B 310 23.16 -1.72 6.37
C GLY B 310 22.45 -2.53 7.43
N GLY B 311 21.59 -3.47 7.06
CA GLY B 311 20.84 -4.26 8.02
C GLY B 311 19.79 -3.47 8.76
N ARG B 312 19.59 -2.23 8.31
CA ARG B 312 18.69 -1.33 9.03
C ARG B 312 17.22 -1.70 8.85
N ARG B 313 16.89 -2.51 7.85
CA ARG B 313 15.53 -2.97 7.64
C ARG B 313 15.25 -4.32 8.31
N ALA B 314 16.02 -4.66 9.34
CA ALA B 314 15.86 -5.95 10.00
C ALA B 314 14.54 -5.98 10.77
N GLY B 315 13.65 -6.89 10.39
CA GLY B 315 12.39 -7.06 11.06
C GLY B 315 11.27 -6.17 10.56
N GLU B 316 11.60 -5.07 9.89
CA GLU B 316 10.57 -4.18 9.37
C GLU B 316 9.70 -4.89 8.34
N SER B 317 8.42 -4.56 8.33
CA SER B 317 7.48 -5.23 7.43
C SER B 317 7.70 -4.78 5.99
N GLY B 318 7.36 -5.67 5.05
CA GLY B 318 7.60 -5.39 3.65
C GLY B 318 9.04 -5.47 3.22
N HIS B 319 9.92 -6.05 4.04
CA HIS B 319 11.34 -6.17 3.73
C HIS B 319 11.81 -7.61 3.92
N THR B 320 10.92 -8.57 3.68
CA THR B 320 11.28 -9.97 3.87
C THR B 320 12.31 -10.42 2.84
N VAL B 321 12.86 -11.61 3.06
CA VAL B 321 13.86 -12.15 2.15
C VAL B 321 13.28 -12.32 0.75
N ALA B 322 12.04 -12.81 0.67
CA ALA B 322 11.39 -12.95 -0.62
C ALA B 322 11.14 -11.60 -1.27
N ASP B 323 10.87 -10.57 -0.47
CA ASP B 323 10.67 -9.23 -1.02
C ASP B 323 11.94 -8.73 -1.70
N TYR B 324 13.10 -8.91 -1.06
CA TYR B 324 14.35 -8.47 -1.65
C TYR B 324 14.72 -9.32 -2.86
N LEU B 325 14.42 -10.61 -2.84
CA LEU B 325 14.67 -11.45 -4.00
C LEU B 325 13.86 -10.97 -5.21
N LYS B 326 12.62 -10.55 -4.98
CA LYS B 326 11.83 -9.97 -6.05
C LYS B 326 12.44 -8.67 -6.55
N PHE B 327 12.88 -7.82 -5.62
CA PHE B 327 13.51 -6.55 -6.01
C PHE B 327 14.85 -6.80 -6.71
N LYS B 328 15.58 -7.84 -6.30
CA LYS B 328 16.88 -8.10 -6.91
C LYS B 328 16.75 -8.54 -8.36
N ASP B 329 15.85 -9.50 -8.63
CA ASP B 329 15.70 -10.02 -9.98
C ASP B 329 15.24 -8.94 -10.95
N LEU B 330 14.45 -7.97 -10.49
CA LEU B 330 14.03 -6.90 -11.38
C LEU B 330 15.20 -5.97 -11.70
N ILE B 331 15.97 -5.57 -10.68
CA ILE B 331 17.10 -4.69 -10.91
C ILE B 331 18.09 -5.33 -11.87
N LEU B 332 18.32 -6.63 -11.72
CA LEU B 332 19.27 -7.31 -12.60
C LEU B 332 18.77 -7.33 -14.03
N ARG B 333 17.45 -7.48 -14.22
CA ARG B 333 16.88 -7.34 -15.56
C ARG B 333 16.96 -5.90 -16.04
N MET B 334 16.90 -4.94 -15.12
CA MET B 334 17.08 -3.53 -15.45
C MET B 334 18.54 -3.21 -15.77
N LEU B 335 19.48 -4.01 -15.27
CA LEU B 335 20.91 -3.77 -15.46
C LEU B 335 21.54 -4.76 -16.43
N ASP B 336 20.73 -5.34 -17.32
CA ASP B 336 21.27 -6.22 -18.35
C ASP B 336 22.21 -5.45 -19.26
N TYR B 337 23.40 -6.02 -19.51
CA TYR B 337 24.37 -5.38 -20.40
C TYR B 337 23.80 -5.22 -21.81
N ASP B 338 23.03 -6.21 -22.26
CA ASP B 338 22.49 -6.21 -23.63
C ASP B 338 21.27 -5.30 -23.71
N PRO B 339 21.30 -4.24 -24.51
CA PRO B 339 20.10 -3.41 -24.67
C PRO B 339 18.96 -4.12 -25.38
N LYS B 340 19.24 -5.19 -26.14
CA LYS B 340 18.19 -5.93 -26.82
C LYS B 340 17.47 -6.91 -25.90
N THR B 341 18.08 -7.27 -24.77
CA THR B 341 17.43 -8.16 -23.81
C THR B 341 17.03 -7.49 -22.51
N ARG B 342 17.54 -6.28 -22.25
CA ARG B 342 17.18 -5.55 -21.04
C ARG B 342 15.67 -5.39 -20.96
N ILE B 343 15.12 -5.60 -19.76
CA ILE B 343 13.66 -5.62 -19.61
C ILE B 343 13.09 -4.27 -20.03
N GLN B 344 12.00 -4.32 -20.77
CA GLN B 344 11.33 -3.14 -21.28
C GLN B 344 10.19 -2.75 -20.34
N PRO B 345 9.70 -1.51 -20.44
CA PRO B 345 8.72 -1.03 -19.45
C PRO B 345 7.47 -1.89 -19.33
N TYR B 346 7.01 -2.52 -20.42
CA TYR B 346 5.80 -3.34 -20.35
C TYR B 346 6.00 -4.52 -19.39
N TYR B 347 7.00 -5.36 -19.66
CA TYR B 347 7.25 -6.51 -18.80
C TYR B 347 7.83 -6.11 -17.45
N ALA B 348 8.42 -4.91 -17.35
CA ALA B 348 8.81 -4.39 -16.04
C ALA B 348 7.60 -4.24 -15.14
N LEU B 349 6.49 -3.74 -15.67
CA LEU B 349 5.26 -3.58 -14.92
C LEU B 349 4.55 -4.89 -14.63
N GLN B 350 5.09 -6.01 -15.09
CA GLN B 350 4.54 -7.33 -14.81
C GLN B 350 5.47 -8.17 -13.94
N HIS B 351 6.50 -7.55 -13.36
CA HIS B 351 7.37 -8.25 -12.45
C HIS B 351 6.64 -8.57 -11.14
N SER B 352 7.03 -9.68 -10.51
CA SER B 352 6.42 -10.08 -9.25
C SER B 352 6.69 -9.07 -8.14
N PHE B 353 7.65 -8.17 -8.34
CA PHE B 353 7.97 -7.16 -7.33
C PHE B 353 6.82 -6.21 -7.08
N PHE B 354 5.85 -6.16 -7.99
CA PHE B 354 4.73 -5.23 -7.85
C PHE B 354 3.44 -5.88 -7.37
N LYS B 355 3.24 -7.17 -7.66
CA LYS B 355 2.08 -7.94 -7.19
C LYS B 355 0.74 -7.24 -7.46
N LYS C 9 -10.11 18.18 -33.41
CA LYS C 9 -9.51 19.06 -34.42
C LYS C 9 -10.08 20.47 -34.34
N VAL C 10 -11.41 20.57 -34.34
CA VAL C 10 -12.10 21.85 -34.30
C VAL C 10 -13.12 21.80 -33.16
N TYR C 11 -13.15 22.86 -32.35
CA TYR C 11 -14.03 22.95 -31.19
C TYR C 11 -14.92 24.17 -31.30
N ASN C 12 -16.23 23.97 -31.14
CA ASN C 12 -17.21 25.05 -31.17
C ASN C 12 -17.14 25.82 -32.48
N ASP C 13 -17.11 25.08 -33.59
CA ASP C 13 -17.05 25.63 -34.94
C ASP C 13 -15.84 26.57 -35.13
N GLY C 14 -14.84 26.45 -34.27
CA GLY C 14 -13.61 27.22 -34.36
C GLY C 14 -13.40 28.23 -33.26
N TYR C 15 -14.39 28.45 -32.38
CA TYR C 15 -14.30 29.50 -31.39
C TYR C 15 -13.59 29.08 -30.11
N ASP C 16 -13.48 27.78 -29.83
CA ASP C 16 -13.00 27.29 -28.55
C ASP C 16 -11.64 26.63 -28.67
N ASP C 17 -10.96 26.50 -27.54
CA ASP C 17 -9.68 25.81 -27.50
C ASP C 17 -9.90 24.34 -27.11
N ASP C 18 -8.80 23.62 -26.92
CA ASP C 18 -8.87 22.22 -26.51
C ASP C 18 -9.39 22.03 -25.09
N ASN C 19 -9.66 23.09 -24.34
CA ASN C 19 -10.08 23.03 -22.95
C ASN C 19 -11.39 23.75 -22.73
N TYR C 20 -12.29 23.67 -23.70
CA TYR C 20 -13.63 24.27 -23.55
C TYR C 20 -13.67 25.76 -23.34
N ASP C 21 -12.56 26.44 -23.60
CA ASP C 21 -12.53 27.86 -23.36
C ASP C 21 -12.59 28.68 -24.64
N TYR C 22 -13.20 29.84 -24.56
CA TYR C 22 -13.31 30.70 -25.71
C TYR C 22 -12.00 31.33 -25.97
N ILE C 23 -11.51 31.18 -27.17
CA ILE C 23 -10.25 31.81 -27.54
C ILE C 23 -10.50 33.32 -27.61
N VAL C 24 -9.89 34.05 -26.67
CA VAL C 24 -10.10 35.49 -26.57
C VAL C 24 -9.30 36.19 -27.65
N LYS C 25 -9.97 37.04 -28.41
CA LYS C 25 -9.34 37.85 -29.46
C LYS C 25 -9.44 39.32 -29.05
N ASN C 26 -8.30 39.94 -28.81
CA ASN C 26 -8.27 41.32 -28.33
C ASN C 26 -8.80 42.26 -29.40
N GLY C 27 -9.85 43.01 -29.06
CA GLY C 27 -10.47 43.96 -29.96
C GLY C 27 -11.81 43.52 -30.52
N GLU C 28 -12.24 42.29 -30.24
CA GLU C 28 -13.49 41.79 -30.80
C GLU C 28 -14.67 42.55 -30.24
N LYS C 29 -15.65 42.81 -31.10
CA LYS C 29 -16.91 43.41 -30.71
C LYS C 29 -17.97 42.32 -30.56
N TRP C 30 -18.83 42.46 -29.55
CA TRP C 30 -19.85 41.47 -29.23
C TRP C 30 -21.22 42.14 -29.25
N MET C 31 -22.10 41.65 -30.13
CA MET C 31 -23.50 42.09 -30.18
C MET C 31 -23.60 43.61 -30.30
N ASP C 32 -22.68 44.21 -31.07
CA ASP C 32 -22.65 45.65 -31.31
C ASP C 32 -22.67 46.44 -29.99
N ARG C 33 -22.14 45.85 -28.93
CA ARG C 33 -22.24 46.43 -27.60
C ARG C 33 -20.90 46.45 -26.87
N TYR C 34 -20.33 45.28 -26.60
CA TYR C 34 -19.09 45.17 -25.84
C TYR C 34 -17.88 45.04 -26.77
N GLU C 35 -16.79 45.72 -26.39
CA GLU C 35 -15.52 45.63 -27.11
C GLU C 35 -14.49 44.99 -26.19
N ILE C 36 -14.10 43.76 -26.51
CA ILE C 36 -13.17 43.01 -25.66
C ILE C 36 -11.78 43.64 -25.78
N ASP C 37 -11.23 44.07 -24.65
CA ASP C 37 -9.89 44.67 -24.64
C ASP C 37 -8.83 43.59 -24.58
N SER C 38 -8.81 42.81 -23.50
CA SER C 38 -7.83 41.75 -23.33
C SER C 38 -8.34 40.78 -22.27
N LEU C 39 -7.55 39.73 -22.03
CA LEU C 39 -7.85 38.77 -20.98
C LEU C 39 -7.27 39.26 -19.66
N ILE C 40 -8.10 39.25 -18.62
CA ILE C 40 -7.63 39.61 -17.29
C ILE C 40 -7.06 38.41 -16.56
N GLY C 41 -7.72 37.25 -16.67
CA GLY C 41 -7.26 36.09 -15.91
C GLY C 41 -8.01 34.84 -16.30
N LYS C 42 -7.43 33.71 -15.88
CA LYS C 42 -7.93 32.38 -16.19
C LYS C 42 -8.22 31.63 -14.90
N GLY C 43 -9.31 30.86 -14.91
CA GLY C 43 -9.64 30.01 -13.77
C GLY C 43 -10.15 28.66 -14.25
N SER C 44 -10.52 27.83 -13.27
CA SER C 44 -11.13 26.55 -13.60
C SER C 44 -12.46 26.73 -14.32
N PHE C 45 -13.20 27.79 -14.00
CA PHE C 45 -14.49 28.06 -14.64
C PHE C 45 -14.32 28.45 -16.10
N GLY C 46 -13.19 29.07 -16.45
CA GLY C 46 -13.01 29.67 -17.74
C GLY C 46 -12.09 30.87 -17.70
N GLN C 47 -12.58 32.03 -18.13
CA GLN C 47 -11.74 33.21 -18.28
C GLN C 47 -12.52 34.45 -17.84
N VAL C 48 -11.77 35.54 -17.63
CA VAL C 48 -12.34 36.85 -17.29
C VAL C 48 -11.66 37.89 -18.17
N VAL C 49 -12.44 38.63 -18.94
CA VAL C 49 -11.91 39.60 -19.89
C VAL C 49 -12.31 41.00 -19.45
N LYS C 50 -11.49 41.97 -19.86
CA LYS C 50 -11.80 43.39 -19.69
C LYS C 50 -12.45 43.89 -20.97
N ALA C 51 -13.65 44.45 -20.87
CA ALA C 51 -14.38 44.91 -22.03
C ALA C 51 -15.12 46.21 -21.70
N TYR C 52 -15.39 46.97 -22.75
CA TYR C 52 -16.06 48.27 -22.64
C TYR C 52 -17.49 48.13 -23.14
N ASP C 53 -18.45 48.48 -22.29
CA ASP C 53 -19.86 48.48 -22.66
C ASP C 53 -20.18 49.84 -23.29
N ARG C 54 -20.16 49.89 -24.62
CA ARG C 54 -20.43 51.14 -25.32
C ARG C 54 -21.84 51.66 -25.05
N VAL C 55 -22.77 50.79 -24.64
CA VAL C 55 -24.12 51.23 -24.31
C VAL C 55 -24.09 52.10 -23.06
N GLU C 56 -23.64 51.54 -21.94
CA GLU C 56 -23.57 52.26 -20.68
C GLU C 56 -22.31 53.09 -20.53
N GLN C 57 -21.43 53.10 -21.55
CA GLN C 57 -20.22 53.92 -21.56
C GLN C 57 -19.34 53.65 -20.34
N GLU C 58 -19.19 52.38 -19.99
CA GLU C 58 -18.44 52.00 -18.79
C GLU C 58 -17.63 50.74 -19.05
N TRP C 59 -16.53 50.61 -18.33
CA TRP C 59 -15.69 49.42 -18.38
C TRP C 59 -16.26 48.33 -17.48
N VAL C 60 -16.34 47.11 -17.99
CA VAL C 60 -16.89 45.98 -17.25
C VAL C 60 -15.91 44.81 -17.32
N ALA C 61 -16.22 43.77 -16.55
CA ALA C 61 -15.43 42.55 -16.49
C ALA C 61 -16.34 41.38 -16.83
N ILE C 62 -16.09 40.73 -17.97
CA ILE C 62 -16.91 39.63 -18.42
C ILE C 62 -16.23 38.32 -18.05
N LYS C 63 -16.93 37.51 -17.26
CA LYS C 63 -16.49 36.18 -16.87
C LYS C 63 -17.07 35.18 -17.86
N ILE C 64 -16.23 34.64 -18.74
CA ILE C 64 -16.67 33.70 -19.77
C ILE C 64 -16.56 32.30 -19.22
N ILE C 65 -17.71 31.66 -18.99
CA ILE C 65 -17.72 30.29 -18.48
C ILE C 65 -17.34 29.33 -19.60
N LYS C 66 -16.71 28.21 -19.22
CA LYS C 66 -16.31 27.22 -20.20
C LYS C 66 -17.53 26.66 -20.92
N ASN C 67 -17.30 26.18 -22.15
CA ASN C 67 -18.35 25.56 -22.94
C ASN C 67 -18.42 24.07 -22.61
N LYS C 68 -18.89 23.79 -21.41
CA LYS C 68 -19.04 22.43 -20.91
C LYS C 68 -20.21 22.39 -19.95
N LYS C 69 -21.09 21.39 -20.11
CA LYS C 69 -22.34 21.37 -19.34
C LYS C 69 -22.09 21.36 -17.84
N ALA C 70 -21.02 20.71 -17.39
CA ALA C 70 -20.72 20.68 -15.96
C ALA C 70 -20.45 22.07 -15.41
N PHE C 71 -19.67 22.87 -16.15
CA PHE C 71 -19.39 24.23 -15.69
C PHE C 71 -20.59 25.15 -15.90
N LEU C 72 -21.36 24.90 -16.94
CA LEU C 72 -22.57 25.68 -17.17
C LEU C 72 -23.58 25.48 -16.05
N ASN C 73 -23.80 24.22 -15.65
CA ASN C 73 -24.77 23.92 -14.60
C ASN C 73 -24.42 24.67 -13.32
N GLN C 74 -23.15 24.64 -12.91
CA GLN C 74 -22.76 25.32 -11.69
C GLN C 74 -22.86 26.83 -11.84
N ALA C 75 -22.43 27.36 -12.99
CA ALA C 75 -22.52 28.79 -13.22
C ALA C 75 -23.95 29.28 -13.18
N GLN C 76 -24.89 28.42 -13.59
CA GLN C 76 -26.31 28.77 -13.48
C GLN C 76 -26.72 28.97 -12.03
N ILE C 77 -26.23 28.11 -11.12
CA ILE C 77 -26.50 28.31 -9.71
C ILE C 77 -25.86 29.61 -9.23
N GLU C 78 -24.68 29.93 -9.76
CA GLU C 78 -24.01 31.15 -9.35
C GLU C 78 -24.78 32.38 -9.81
N VAL C 79 -25.35 32.34 -11.01
CA VAL C 79 -26.16 33.46 -11.49
C VAL C 79 -27.42 33.62 -10.65
N ARG C 80 -28.05 32.50 -10.27
CA ARG C 80 -29.24 32.58 -9.43
C ARG C 80 -28.92 33.18 -8.07
N LEU C 81 -27.86 32.71 -7.43
CA LEU C 81 -27.46 33.27 -6.14
C LEU C 81 -27.02 34.73 -6.28
N LEU C 82 -26.41 35.09 -7.40
CA LEU C 82 -25.97 36.47 -7.57
C LEU C 82 -27.15 37.40 -7.79
N GLU C 83 -28.10 37.00 -8.65
CA GLU C 83 -29.27 37.83 -8.91
C GLU C 83 -30.13 37.99 -7.66
N LEU C 84 -30.28 36.92 -6.88
CA LEU C 84 -31.05 36.99 -5.65
C LEU C 84 -30.38 37.92 -4.65
N MET C 85 -29.08 37.77 -4.44
CA MET C 85 -28.35 38.61 -3.49
C MET C 85 -28.51 40.09 -3.79
N ASN C 86 -28.16 40.49 -5.01
CA ASN C 86 -28.17 41.90 -5.38
C ASN C 86 -29.58 42.48 -5.40
N LYS C 87 -30.62 41.64 -5.39
CA LYS C 87 -31.99 42.14 -5.44
C LYS C 87 -32.46 42.71 -4.11
N HIS C 88 -31.75 42.44 -3.01
CA HIS C 88 -32.27 42.80 -1.69
C HIS C 88 -32.20 44.30 -1.46
N ASP C 89 -33.05 44.78 -0.54
CA ASP C 89 -33.15 46.20 -0.26
C ASP C 89 -32.12 46.68 0.74
N THR C 90 -31.45 45.77 1.45
CA THR C 90 -30.50 46.15 2.47
C THR C 90 -29.28 46.84 1.86
N GLU C 91 -28.70 47.76 2.64
CA GLU C 91 -27.44 48.38 2.23
C GLU C 91 -26.28 47.40 2.35
N MET C 92 -26.45 46.31 3.10
CA MET C 92 -25.39 45.32 3.28
C MET C 92 -25.01 44.64 1.97
N LYS C 93 -25.88 44.71 0.96
CA LYS C 93 -25.64 44.05 -0.32
C LYS C 93 -24.50 44.67 -1.11
N TYR C 94 -23.98 45.82 -0.68
CA TYR C 94 -22.93 46.51 -1.40
C TYR C 94 -21.53 46.02 -1.05
N TYR C 95 -21.42 44.92 -0.30
CA TYR C 95 -20.17 44.21 -0.11
C TYR C 95 -20.07 42.98 -0.99
N ILE C 96 -20.96 42.86 -1.98
CA ILE C 96 -20.99 41.75 -2.91
C ILE C 96 -20.82 42.31 -4.31
N VAL C 97 -19.94 41.68 -5.10
CA VAL C 97 -19.72 42.13 -6.47
C VAL C 97 -21.06 42.21 -7.20
N HIS C 98 -21.23 43.28 -7.96
CA HIS C 98 -22.48 43.55 -8.66
C HIS C 98 -22.45 42.85 -10.01
N LEU C 99 -23.25 41.78 -10.14
CA LEU C 99 -23.50 41.19 -11.44
C LEU C 99 -24.45 42.09 -12.21
N LYS C 100 -23.94 42.74 -13.27
CA LYS C 100 -24.76 43.66 -14.03
C LYS C 100 -25.82 42.90 -14.83
N ARG C 101 -25.39 41.99 -15.70
CA ARG C 101 -26.30 41.13 -16.45
C ARG C 101 -25.52 39.91 -16.92
N HIS C 102 -26.17 39.07 -17.72
CA HIS C 102 -25.56 37.87 -18.27
C HIS C 102 -26.21 37.56 -19.60
N PHE C 103 -25.49 36.81 -20.44
CA PHE C 103 -25.97 36.48 -21.76
C PHE C 103 -25.23 35.26 -22.30
N MET C 104 -25.88 34.57 -23.23
CA MET C 104 -25.23 33.52 -24.00
C MET C 104 -24.59 34.13 -25.24
N PHE C 105 -23.30 33.87 -25.43
CA PHE C 105 -22.60 34.34 -26.62
C PHE C 105 -21.72 33.21 -27.14
N ARG C 106 -22.03 32.73 -28.35
CA ARG C 106 -21.27 31.67 -29.02
C ARG C 106 -21.11 30.45 -28.12
N ASN C 107 -22.25 29.99 -27.56
CA ASN C 107 -22.35 28.82 -26.70
C ASN C 107 -21.54 28.96 -25.41
N HIS C 108 -21.28 30.18 -24.97
CA HIS C 108 -20.61 30.43 -23.71
C HIS C 108 -21.52 31.29 -22.83
N LEU C 109 -21.72 30.87 -21.60
CA LEU C 109 -22.43 31.70 -20.63
C LEU C 109 -21.50 32.78 -20.12
N CYS C 110 -21.87 34.03 -20.36
CA CYS C 110 -21.04 35.18 -19.98
C CYS C 110 -21.73 35.97 -18.89
N LEU C 111 -20.96 36.36 -17.88
CA LEU C 111 -21.45 37.13 -16.74
C LEU C 111 -20.76 38.48 -16.71
N VAL C 112 -21.54 39.56 -16.66
CA VAL C 112 -21.01 40.91 -16.67
C VAL C 112 -20.94 41.42 -15.24
N PHE C 113 -19.73 41.78 -14.80
CA PHE C 113 -19.51 42.31 -13.47
C PHE C 113 -18.98 43.74 -13.56
N GLU C 114 -19.08 44.45 -12.44
CA GLU C 114 -18.42 45.73 -12.31
C GLU C 114 -16.90 45.55 -12.32
N MET C 115 -16.18 46.63 -12.64
CA MET C 115 -14.73 46.60 -12.69
C MET C 115 -14.18 46.94 -11.30
N LEU C 116 -13.56 45.97 -10.66
CA LEU C 116 -12.94 46.14 -9.37
C LEU C 116 -11.42 46.30 -9.54
N SER C 117 -10.73 46.45 -8.42
CA SER C 117 -9.29 46.64 -8.44
C SER C 117 -8.57 45.38 -8.00
N TYR C 118 -7.51 45.51 -7.21
CA TYR C 118 -6.68 44.38 -6.83
C TYR C 118 -7.39 43.52 -5.79
N ASN C 119 -6.90 42.30 -5.63
CA ASN C 119 -7.40 41.40 -4.61
C ASN C 119 -6.52 41.47 -3.35
N LEU C 120 -7.04 40.91 -2.27
CA LEU C 120 -6.32 40.97 -1.00
C LEU C 120 -4.99 40.22 -1.06
N TYR C 121 -4.86 39.24 -1.96
CA TYR C 121 -3.57 38.58 -2.15
C TYR C 121 -2.60 39.41 -2.97
N ASP C 122 -3.11 40.26 -3.86
CA ASP C 122 -2.25 41.25 -4.51
C ASP C 122 -1.61 42.16 -3.47
N LEU C 123 -2.42 42.63 -2.51
CA LEU C 123 -1.91 43.47 -1.44
C LEU C 123 -0.82 42.76 -0.66
N LEU C 124 -1.09 41.51 -0.26
CA LEU C 124 -0.14 40.78 0.58
C LEU C 124 1.15 40.48 -0.15
N ARG C 125 1.08 40.31 -1.48
CA ARG C 125 2.30 40.14 -2.24
C ARG C 125 3.05 41.45 -2.40
N ASN C 126 2.34 42.58 -2.35
CA ASN C 126 3.00 43.89 -2.49
C ASN C 126 3.79 44.20 -1.21
N THR C 127 3.32 43.72 -0.06
CA THR C 127 4.05 43.91 1.19
C THR C 127 5.23 42.94 1.35
N ASN C 128 5.58 42.22 0.28
CA ASN C 128 6.55 41.13 0.33
C ASN C 128 6.22 40.15 1.45
N PHE C 129 4.93 39.87 1.61
CA PHE C 129 4.41 38.92 2.60
C PHE C 129 4.76 39.34 4.02
N ARG C 130 4.83 40.65 4.27
CA ARG C 130 5.01 41.15 5.63
C ARG C 130 3.68 41.44 6.32
N GLY C 131 2.64 41.74 5.56
CA GLY C 131 1.30 41.95 6.08
C GLY C 131 0.91 43.41 6.09
N VAL C 132 -0.40 43.64 6.06
CA VAL C 132 -0.93 44.99 6.18
C VAL C 132 -1.16 45.28 7.66
N SER C 133 -1.39 46.55 8.00
CA SER C 133 -1.48 46.93 9.40
C SER C 133 -2.72 46.34 10.07
N LEU C 134 -2.64 46.23 11.39
CA LEU C 134 -3.79 45.77 12.18
C LEU C 134 -4.99 46.69 11.98
N ASN C 135 -4.75 47.98 11.74
CA ASN C 135 -5.85 48.91 11.50
C ASN C 135 -6.56 48.59 10.19
N LEU C 136 -5.78 48.38 9.11
CA LEU C 136 -6.40 48.01 7.84
C LEU C 136 -7.03 46.64 7.91
N THR C 137 -6.40 45.70 8.63
CA THR C 137 -7.00 44.40 8.87
C THR C 137 -8.38 44.55 9.52
N ARG C 138 -8.50 45.50 10.45
CA ARG C 138 -9.79 45.74 11.10
C ARG C 138 -10.86 46.14 10.08
N LYS C 139 -10.53 47.07 9.19
CA LYS C 139 -11.52 47.51 8.21
C LYS C 139 -11.93 46.37 7.29
N PHE C 140 -10.98 45.52 6.89
CA PHE C 140 -11.33 44.32 6.14
C PHE C 140 -12.22 43.41 6.97
N ALA C 141 -11.79 43.12 8.20
CA ALA C 141 -12.57 42.29 9.11
C ALA C 141 -13.99 42.82 9.25
N GLN C 142 -14.14 44.12 9.52
CA GLN C 142 -15.46 44.69 9.73
C GLN C 142 -16.34 44.52 8.49
N GLN C 143 -15.80 44.87 7.32
CA GLN C 143 -16.57 44.77 6.09
C GLN C 143 -16.98 43.33 5.81
N MET C 144 -16.06 42.38 6.01
CA MET C 144 -16.36 40.99 5.69
C MET C 144 -17.34 40.38 6.68
N CYS C 145 -17.35 40.86 7.92
CA CYS C 145 -18.38 40.42 8.85
C CYS C 145 -19.74 40.93 8.42
N THR C 146 -19.81 42.21 8.05
CA THR C 146 -21.06 42.77 7.52
C THR C 146 -21.53 42.02 6.29
N ALA C 147 -20.61 41.64 5.40
CA ALA C 147 -20.97 40.78 4.29
C ALA C 147 -21.56 39.47 4.80
N LEU C 148 -20.76 38.70 5.55
CA LEU C 148 -21.21 37.42 6.08
C LEU C 148 -22.54 37.53 6.83
N LEU C 149 -22.84 38.71 7.41
CA LEU C 149 -24.15 38.91 8.01
C LEU C 149 -25.22 39.04 6.95
N PHE C 150 -24.90 39.68 5.82
CA PHE C 150 -25.85 39.75 4.71
C PHE C 150 -26.19 38.36 4.19
N LEU C 151 -25.16 37.53 3.92
CA LEU C 151 -25.44 36.16 3.48
C LEU C 151 -26.26 35.39 4.50
N ALA C 152 -26.14 35.75 5.78
CA ALA C 152 -26.88 35.08 6.84
C ALA C 152 -28.36 35.44 6.86
N THR C 153 -28.80 36.37 6.02
CA THR C 153 -30.22 36.70 5.98
C THR C 153 -31.03 35.45 5.70
N PRO C 154 -32.06 35.16 6.49
CA PRO C 154 -32.79 33.87 6.33
C PRO C 154 -33.27 33.61 4.92
N GLU C 155 -33.74 34.64 4.22
CA GLU C 155 -34.21 34.46 2.85
C GLU C 155 -33.09 34.03 1.91
N LEU C 156 -31.85 34.43 2.20
CA LEU C 156 -30.70 34.06 1.36
C LEU C 156 -30.05 32.79 1.89
N SER C 157 -29.40 32.89 3.06
CA SER C 157 -28.73 31.76 3.71
C SER C 157 -27.68 31.15 2.77
N ILE C 158 -26.74 31.99 2.35
CA ILE C 158 -25.80 31.65 1.30
C ILE C 158 -24.43 31.39 1.92
N ILE C 159 -23.91 30.18 1.71
CA ILE C 159 -22.53 29.85 2.03
C ILE C 159 -21.68 30.15 0.81
N HIS C 160 -20.66 30.99 0.98
CA HIS C 160 -19.78 31.30 -0.15
C HIS C 160 -19.01 30.07 -0.57
N CYS C 161 -18.42 29.36 0.39
CA CYS C 161 -17.73 28.07 0.27
C CYS C 161 -16.32 28.19 -0.32
N ASP C 162 -15.84 29.38 -0.65
CA ASP C 162 -14.50 29.51 -1.22
C ASP C 162 -13.94 30.89 -0.92
N LEU C 163 -13.97 31.28 0.35
CA LEU C 163 -13.41 32.55 0.79
C LEU C 163 -11.88 32.42 0.89
N LYS C 164 -11.17 33.26 0.15
CA LYS C 164 -9.72 33.32 0.19
C LYS C 164 -9.31 34.73 -0.22
N PRO C 165 -8.08 35.15 0.11
CA PRO C 165 -7.69 36.54 -0.18
C PRO C 165 -7.82 36.92 -1.65
N GLU C 166 -7.75 35.95 -2.57
CA GLU C 166 -7.91 36.25 -3.99
C GLU C 166 -9.35 36.45 -4.41
N ASN C 167 -10.32 36.10 -3.56
CA ASN C 167 -11.73 36.31 -3.84
C ASN C 167 -12.30 37.53 -3.13
N ILE C 168 -11.46 38.33 -2.47
CA ILE C 168 -11.84 39.60 -1.89
C ILE C 168 -11.10 40.68 -2.68
N LEU C 169 -11.84 41.52 -3.39
CA LEU C 169 -11.27 42.52 -4.29
C LEU C 169 -11.54 43.93 -3.77
N LEU C 170 -10.54 44.79 -3.87
CA LEU C 170 -10.73 46.21 -3.59
C LEU C 170 -11.60 46.84 -4.68
N CYS C 171 -12.36 47.87 -4.28
CA CYS C 171 -13.06 48.68 -5.26
C CYS C 171 -12.10 49.66 -5.93
N ASN C 172 -11.29 50.35 -5.13
CA ASN C 172 -10.31 51.30 -5.62
C ASN C 172 -8.95 51.01 -5.01
N PRO C 173 -7.87 51.21 -5.75
CA PRO C 173 -6.54 50.93 -5.20
C PRO C 173 -6.13 51.89 -4.10
N LYS C 174 -6.77 53.05 -3.98
CA LYS C 174 -6.42 54.03 -2.96
C LYS C 174 -7.30 53.95 -1.72
N ARG C 175 -8.42 53.23 -1.78
CA ARG C 175 -9.35 53.10 -0.68
C ARG C 175 -9.42 51.65 -0.22
N SER C 176 -10.07 51.42 0.92
CA SER C 176 -10.11 50.11 1.54
C SER C 176 -11.44 49.40 1.36
N ALA C 177 -12.34 49.94 0.53
CA ALA C 177 -13.62 49.29 0.29
C ALA C 177 -13.41 48.00 -0.49
N ILE C 178 -14.07 46.92 -0.04
CA ILE C 178 -13.88 45.60 -0.63
C ILE C 178 -15.22 45.05 -1.09
N LYS C 179 -15.14 44.02 -1.94
CA LYS C 179 -16.30 43.27 -2.39
C LYS C 179 -15.88 41.81 -2.52
N ILE C 180 -16.79 40.91 -2.21
CA ILE C 180 -16.55 39.48 -2.37
C ILE C 180 -16.89 39.07 -3.80
N VAL C 181 -16.07 38.20 -4.39
CA VAL C 181 -16.30 37.71 -5.75
C VAL C 181 -16.28 36.18 -5.72
N ASP C 182 -16.47 35.60 -6.91
CA ASP C 182 -16.48 34.16 -7.15
C ASP C 182 -17.47 33.43 -6.25
N PHE C 183 -18.75 33.47 -6.63
CA PHE C 183 -19.77 32.65 -6.00
C PHE C 183 -20.03 31.38 -6.79
N GLY C 184 -19.04 30.93 -7.57
CA GLY C 184 -19.11 29.78 -8.44
C GLY C 184 -19.13 28.45 -7.75
N SER C 185 -19.00 28.41 -6.43
CA SER C 185 -19.19 27.18 -5.67
C SER C 185 -20.12 27.42 -4.49
N SER C 186 -20.89 28.50 -4.52
CA SER C 186 -21.77 28.84 -3.41
C SER C 186 -23.06 28.02 -3.48
N CYS C 187 -23.80 28.04 -2.37
CA CYS C 187 -25.07 27.35 -2.29
C CYS C 187 -25.88 27.96 -1.15
N GLN C 188 -27.09 27.46 -0.98
CA GLN C 188 -27.95 27.87 0.11
C GLN C 188 -28.08 26.75 1.13
N LEU C 189 -28.43 27.13 2.36
CA LEU C 189 -28.37 26.23 3.49
C LEU C 189 -29.13 24.92 3.23
N GLY C 190 -30.16 24.96 2.41
CA GLY C 190 -30.89 23.73 2.15
C GLY C 190 -30.38 22.90 1.00
N GLN C 191 -29.39 23.39 0.27
CA GLN C 191 -28.98 22.79 -1.00
C GLN C 191 -27.46 22.62 -1.05
N ARG C 192 -26.94 21.84 -0.12
CA ARG C 192 -25.53 21.48 -0.13
C ARG C 192 -25.29 20.35 -1.12
N ILE C 193 -24.38 20.56 -2.06
CA ILE C 193 -24.18 19.64 -3.17
C ILE C 193 -22.86 18.87 -3.07
N TYR C 194 -21.81 19.47 -2.53
CA TYR C 194 -20.49 18.87 -2.52
C TYR C 194 -20.01 18.60 -1.10
N GLN C 195 -19.14 17.61 -0.96
CA GLN C 195 -18.55 17.26 0.33
C GLN C 195 -17.04 17.45 0.31
N PTR C 196 -16.54 18.08 -0.74
CA PTR C 196 -15.12 18.44 -0.87
C PTR C 196 -15.07 19.86 -1.38
O PTR C 196 -14.86 20.13 -2.56
CB PTR C 196 -14.38 17.45 -1.77
CG PTR C 196 -12.94 17.82 -2.14
CD1 PTR C 196 -12.63 18.28 -3.41
CD2 PTR C 196 -11.90 17.66 -1.22
CE1 PTR C 196 -11.34 18.61 -3.76
CE2 PTR C 196 -10.59 17.98 -1.57
CZ PTR C 196 -10.32 18.46 -2.84
OH PTR C 196 -9.09 18.76 -3.23
P PTR C 196 -7.96 19.58 -2.42
O1P PTR C 196 -7.68 18.91 -1.13
O2P PTR C 196 -6.66 19.58 -3.24
O3P PTR C 196 -8.39 21.04 -2.19
N ILE C 197 -15.31 20.81 -0.47
CA ILE C 197 -15.37 22.21 -0.82
C ILE C 197 -14.32 22.98 -0.03
N GLN C 198 -14.21 24.28 -0.33
CA GLN C 198 -13.29 25.20 0.32
C GLN C 198 -11.83 24.90 -0.07
N SER C 199 -11.04 25.95 -0.26
CA SER C 199 -9.61 25.75 -0.53
C SER C 199 -8.89 25.27 0.72
N ARG C 200 -7.91 24.38 0.52
CA ARG C 200 -7.32 23.66 1.64
C ARG C 200 -6.92 24.59 2.78
N PHE C 201 -6.20 25.67 2.47
CA PHE C 201 -5.69 26.54 3.53
C PHE C 201 -6.81 27.14 4.34
N TYR C 202 -7.96 27.38 3.72
CA TYR C 202 -9.11 28.01 4.37
C TYR C 202 -10.28 27.04 4.55
N ARG C 203 -10.01 25.74 4.48
CA ARG C 203 -11.06 24.75 4.68
C ARG C 203 -11.33 24.54 6.16
N SER C 204 -12.61 24.43 6.50
CA SER C 204 -13.01 24.32 7.89
C SER C 204 -12.74 22.90 8.41
N PRO C 205 -12.78 22.70 9.73
CA PRO C 205 -12.62 21.34 10.25
C PRO C 205 -13.78 20.42 9.91
N GLU C 206 -15.01 20.93 9.84
CA GLU C 206 -16.14 20.06 9.53
C GLU C 206 -16.06 19.54 8.11
N VAL C 207 -15.73 20.41 7.15
CA VAL C 207 -15.52 19.94 5.79
C VAL C 207 -14.35 18.97 5.74
N LEU C 208 -13.29 19.27 6.48
CA LEU C 208 -12.15 18.36 6.56
C LEU C 208 -12.56 16.99 7.10
N LEU C 209 -13.40 16.99 8.14
CA LEU C 209 -13.84 15.74 8.77
C LEU C 209 -14.98 15.07 8.03
N GLY C 210 -15.41 15.60 6.89
CA GLY C 210 -16.49 14.99 6.14
C GLY C 210 -17.84 15.07 6.82
N MET C 211 -18.08 16.13 7.58
CA MET C 211 -19.28 16.32 8.37
C MET C 211 -20.24 17.31 7.72
N PRO C 212 -21.49 17.35 8.16
CA PRO C 212 -22.40 18.40 7.67
C PRO C 212 -21.85 19.77 7.96
N TYR C 213 -22.17 20.73 7.09
CA TYR C 213 -21.65 22.08 7.22
C TYR C 213 -22.75 23.11 7.02
N ASP C 214 -22.54 24.29 7.59
CA ASP C 214 -23.48 25.40 7.49
C ASP C 214 -22.74 26.68 7.11
N LEU C 215 -23.38 27.83 7.28
CA LEU C 215 -22.75 29.10 6.95
C LEU C 215 -21.55 29.41 7.83
N ALA C 216 -21.31 28.61 8.87
CA ALA C 216 -20.16 28.80 9.74
C ALA C 216 -18.82 28.46 9.09
N ILE C 217 -18.81 27.73 7.98
CA ILE C 217 -17.52 27.42 7.35
C ILE C 217 -16.92 28.69 6.73
N ASP C 218 -17.75 29.64 6.32
CA ASP C 218 -17.21 30.89 5.79
C ASP C 218 -16.53 31.70 6.87
N MET C 219 -17.08 31.70 8.09
CA MET C 219 -16.45 32.43 9.19
C MET C 219 -15.09 31.85 9.54
N TRP C 220 -14.94 30.52 9.44
CA TRP C 220 -13.63 29.91 9.65
C TRP C 220 -12.64 30.43 8.61
N SER C 221 -12.99 30.35 7.33
CA SER C 221 -12.12 30.88 6.29
C SER C 221 -11.78 32.33 6.56
N LEU C 222 -12.76 33.10 7.03
CA LEU C 222 -12.54 34.52 7.29
C LEU C 222 -11.50 34.73 8.40
N GLY C 223 -11.59 33.94 9.46
CA GLY C 223 -10.60 34.03 10.51
C GLY C 223 -9.21 33.68 10.02
N CYS C 224 -9.11 32.65 9.17
CA CYS C 224 -7.83 32.32 8.56
C CYS C 224 -7.32 33.48 7.72
N ILE C 225 -8.20 34.09 6.92
CA ILE C 225 -7.79 35.17 6.05
C ILE C 225 -7.28 36.35 6.87
N LEU C 226 -7.99 36.69 7.95
CA LEU C 226 -7.64 37.90 8.70
C LEU C 226 -6.27 37.77 9.35
N VAL C 227 -5.92 36.58 9.84
CA VAL C 227 -4.58 36.37 10.36
C VAL C 227 -3.55 36.50 9.25
N GLU C 228 -3.83 35.89 8.10
CA GLU C 228 -2.91 35.92 6.98
C GLU C 228 -2.70 37.35 6.48
N MET C 229 -3.75 38.18 6.49
CA MET C 229 -3.63 39.53 5.97
C MET C 229 -2.75 40.41 6.84
N HIS C 230 -2.54 40.04 8.10
CA HIS C 230 -1.69 40.83 8.99
C HIS C 230 -0.30 40.23 9.18
N THR C 231 -0.17 38.91 9.08
CA THR C 231 1.13 38.28 9.23
C THR C 231 1.88 38.17 7.91
N GLY C 232 1.17 38.16 6.78
CA GLY C 232 1.78 38.06 5.48
C GLY C 232 1.75 36.67 4.88
N GLU C 233 1.62 35.66 5.73
CA GLU C 233 1.61 34.28 5.28
C GLU C 233 0.41 33.52 5.83
N PRO C 234 -0.01 32.45 5.14
CA PRO C 234 -1.19 31.72 5.61
C PRO C 234 -1.01 31.19 7.02
N LEU C 235 -2.14 30.98 7.70
CA LEU C 235 -2.11 30.44 9.05
C LEU C 235 -1.94 28.92 9.04
N PHE C 236 -2.66 28.23 8.15
CA PHE C 236 -2.67 26.77 8.06
C PHE C 236 -2.41 26.38 6.60
N SER C 237 -1.13 26.21 6.25
CA SER C 237 -0.74 25.95 4.86
C SER C 237 -0.44 24.46 4.68
N GLY C 238 -1.51 23.67 4.71
CA GLY C 238 -1.36 22.23 4.56
C GLY C 238 -1.14 21.83 3.10
N ALA C 239 -0.26 20.85 2.91
CA ALA C 239 0.01 20.33 1.58
C ALA C 239 -1.08 19.37 1.13
N ASN C 240 -1.58 18.54 2.04
CA ASN C 240 -2.76 17.73 1.80
C ASN C 240 -3.72 17.87 2.98
N GLU C 241 -4.73 17.00 3.06
CA GLU C 241 -5.70 17.12 4.15
C GLU C 241 -5.09 16.68 5.48
N VAL C 242 -4.24 15.65 5.46
CA VAL C 242 -3.60 15.20 6.70
C VAL C 242 -2.66 16.28 7.22
N ASP C 243 -1.92 16.92 6.32
CA ASP C 243 -1.08 18.04 6.72
C ASP C 243 -1.94 19.22 7.18
N GLN C 244 -3.04 19.49 6.46
CA GLN C 244 -3.89 20.63 6.81
C GLN C 244 -4.46 20.48 8.21
N MET C 245 -5.01 19.32 8.53
CA MET C 245 -5.56 19.10 9.86
C MET C 245 -4.48 19.16 10.93
N ASN C 246 -3.30 18.62 10.63
CA ASN C 246 -2.22 18.63 11.59
C ASN C 246 -1.73 20.05 11.88
N LYS C 247 -1.56 20.86 10.83
CA LYS C 247 -1.22 22.26 11.02
C LYS C 247 -2.28 22.99 11.84
N ILE C 248 -3.54 22.56 11.74
CA ILE C 248 -4.58 23.14 12.58
C ILE C 248 -4.38 22.70 14.03
N VAL C 249 -4.15 21.41 14.24
CA VAL C 249 -4.01 20.88 15.60
C VAL C 249 -2.82 21.51 16.31
N GLU C 250 -1.81 21.95 15.55
CA GLU C 250 -0.66 22.61 16.16
C GLU C 250 -1.08 23.85 16.95
N VAL C 251 -2.06 24.59 16.45
CA VAL C 251 -2.43 25.88 17.03
C VAL C 251 -3.62 25.74 17.99
N LEU C 252 -4.63 24.95 17.63
CA LEU C 252 -5.85 24.86 18.41
C LEU C 252 -5.99 23.56 19.18
N GLY C 253 -5.12 22.58 18.95
CA GLY C 253 -5.20 21.32 19.66
C GLY C 253 -6.07 20.30 18.96
N ILE C 254 -6.18 19.15 19.61
CA ILE C 254 -7.04 18.07 19.11
C ILE C 254 -8.49 18.50 19.17
N PRO C 255 -9.30 18.24 18.14
CA PRO C 255 -10.71 18.63 18.20
C PRO C 255 -11.42 17.87 19.30
N PRO C 256 -12.48 18.45 19.87
CA PRO C 256 -13.16 17.80 21.00
C PRO C 256 -13.79 16.48 20.60
N ALA C 257 -13.87 15.58 21.58
CA ALA C 257 -14.34 14.21 21.30
C ALA C 257 -15.78 14.19 20.80
N HIS C 258 -16.62 15.12 21.26
CA HIS C 258 -18.01 15.14 20.81
C HIS C 258 -18.12 15.47 19.33
N ILE C 259 -17.12 16.12 18.75
CA ILE C 259 -17.09 16.34 17.31
C ILE C 259 -16.50 15.14 16.58
N LEU C 260 -15.37 14.62 17.07
CA LEU C 260 -14.72 13.49 16.40
C LEU C 260 -15.59 12.24 16.45
N ASP C 261 -16.31 12.04 17.56
CA ASP C 261 -17.21 10.88 17.66
C ASP C 261 -18.30 10.92 16.59
N GLN C 262 -18.51 12.07 15.95
CA GLN C 262 -19.47 12.20 14.87
C GLN C 262 -18.82 12.31 13.49
N ALA C 263 -17.51 12.49 13.42
CA ALA C 263 -16.85 12.79 12.15
C ALA C 263 -16.63 11.52 11.35
N PRO C 264 -17.17 11.42 10.13
CA PRO C 264 -16.91 10.22 9.32
C PRO C 264 -15.44 10.05 8.99
N LYS C 265 -14.78 11.10 8.50
CA LYS C 265 -13.36 11.07 8.16
C LYS C 265 -12.45 11.22 9.37
N ALA C 266 -12.97 10.98 10.59
CA ALA C 266 -12.18 11.22 11.79
C ALA C 266 -10.93 10.36 11.83
N ARG C 267 -11.03 9.12 11.38
CA ARG C 267 -9.89 8.22 11.44
C ARG C 267 -8.90 8.44 10.29
N LYS C 268 -9.14 9.44 9.44
CA LYS C 268 -8.11 9.84 8.49
C LYS C 268 -6.97 10.57 9.18
N PHE C 269 -7.26 11.22 10.32
CA PHE C 269 -6.27 11.98 11.07
C PHE C 269 -6.05 11.48 12.49
N PHE C 270 -7.05 10.91 13.14
CA PHE C 270 -6.98 10.58 14.55
C PHE C 270 -7.31 9.10 14.77
N GLU C 271 -7.08 8.66 16.00
CA GLU C 271 -7.46 7.33 16.45
C GLU C 271 -8.01 7.44 17.87
N LYS C 272 -8.94 6.55 18.20
CA LYS C 272 -9.61 6.56 19.48
C LYS C 272 -8.94 5.56 20.43
N LEU C 273 -8.34 6.06 21.49
CA LEU C 273 -7.78 5.20 22.50
C LEU C 273 -8.90 4.41 23.20
N PRO C 274 -8.58 3.25 23.78
CA PRO C 274 -9.62 2.48 24.48
C PRO C 274 -10.15 3.14 25.75
N ASP C 275 -9.69 4.35 26.07
CA ASP C 275 -10.22 5.12 27.20
C ASP C 275 -11.22 6.18 26.76
N GLY C 276 -11.52 6.27 25.46
CA GLY C 276 -12.53 7.18 24.95
C GLY C 276 -11.98 8.41 24.25
N THR C 277 -10.85 8.93 24.72
CA THR C 277 -10.27 10.14 24.14
C THR C 277 -9.67 9.84 22.77
N TRP C 278 -9.34 10.92 22.05
CA TRP C 278 -8.78 10.83 20.71
C TRP C 278 -7.37 11.41 20.67
N ASN C 279 -6.48 10.71 19.99
CA ASN C 279 -5.13 11.18 19.74
C ASN C 279 -4.86 11.19 18.24
N LEU C 280 -3.79 11.88 17.86
CA LEU C 280 -3.39 11.89 16.46
C LEU C 280 -2.95 10.50 16.02
N LYS C 281 -3.19 10.17 14.74
CA LYS C 281 -2.68 8.94 14.16
C LYS C 281 -1.17 8.90 14.32
N LYS C 282 -0.66 7.85 14.95
CA LYS C 282 0.72 7.81 15.38
C LYS C 282 1.66 7.50 14.23
N THR C 283 2.85 8.10 14.28
CA THR C 283 3.96 7.77 13.38
C THR C 283 5.23 8.31 14.02
N LYS C 284 6.12 7.40 14.43
CA LYS C 284 7.31 7.74 15.21
C LYS C 284 8.15 8.86 14.57
N ARG C 288 7.34 12.48 15.38
CA ARG C 288 7.43 13.89 15.73
C ARG C 288 7.66 14.77 14.50
N GLU C 289 6.60 15.05 13.75
CA GLU C 289 6.66 15.93 12.59
C GLU C 289 6.21 17.35 12.90
N TYR C 290 5.16 17.50 13.70
CA TYR C 290 4.56 18.80 14.00
C TYR C 290 4.83 19.17 15.45
N LYS C 291 4.54 20.43 15.77
CA LYS C 291 4.60 20.86 17.15
C LYS C 291 3.52 20.14 17.97
N PRO C 292 3.74 19.95 19.27
CA PRO C 292 2.73 19.28 20.08
C PRO C 292 1.43 20.04 20.04
N PRO C 293 0.30 19.34 20.15
CA PRO C 293 -1.01 19.98 19.90
C PRO C 293 -1.22 21.21 20.79
N GLY C 294 -1.61 22.32 20.16
CA GLY C 294 -1.90 23.54 20.86
C GLY C 294 -0.71 24.38 21.23
N THR C 295 0.51 23.90 21.03
CA THR C 295 1.71 24.61 21.46
C THR C 295 2.18 25.67 20.46
N ARG C 296 1.61 25.72 19.27
CA ARG C 296 1.91 26.79 18.31
C ARG C 296 0.89 27.90 18.55
N LYS C 297 1.20 28.76 19.51
CA LYS C 297 0.22 29.72 20.02
C LYS C 297 0.00 30.86 19.04
N LEU C 298 -1.27 31.21 18.85
CA LEU C 298 -1.61 32.41 18.08
C LEU C 298 -1.03 33.65 18.73
N HIS C 299 -0.92 33.65 20.07
CA HIS C 299 -0.27 34.74 20.78
C HIS C 299 1.11 35.04 20.23
N ASN C 300 1.80 34.02 19.72
CA ASN C 300 3.14 34.20 19.16
C ASN C 300 3.11 34.45 17.66
N ILE C 301 2.23 33.76 16.92
CA ILE C 301 2.10 34.01 15.49
C ILE C 301 1.82 35.48 15.23
N LEU C 302 1.01 36.11 16.08
CA LEU C 302 0.72 37.52 15.94
C LEU C 302 1.76 38.41 16.60
N GLY C 303 2.61 37.86 17.46
CA GLY C 303 3.56 38.66 18.20
C GLY C 303 2.86 39.66 19.10
N VAL C 304 1.87 39.18 19.86
CA VAL C 304 1.01 40.05 20.65
C VAL C 304 1.82 40.89 21.61
N GLU C 305 2.81 40.29 22.27
CA GLU C 305 3.63 40.99 23.23
C GLU C 305 5.06 41.19 22.74
N THR C 306 5.28 41.15 21.43
CA THR C 306 6.62 41.28 20.87
C THR C 306 6.61 42.12 19.60
N GLY C 307 5.85 43.21 19.63
CA GLY C 307 5.87 44.16 18.52
C GLY C 307 5.27 43.66 17.23
N GLY C 308 4.29 42.76 17.29
CA GLY C 308 3.63 42.27 16.11
C GLY C 308 4.41 41.21 15.37
N PRO C 309 3.95 40.84 14.18
CA PRO C 309 4.63 39.80 13.39
C PRO C 309 6.05 40.21 13.02
N GLY C 310 7.00 39.33 13.29
CA GLY C 310 8.40 39.63 13.13
C GLY C 310 8.92 40.84 13.90
N GLY C 311 8.13 41.44 14.78
CA GLY C 311 8.52 42.68 15.42
C GLY C 311 8.34 43.91 14.57
N ARG C 312 7.86 43.77 13.33
CA ARG C 312 7.79 44.88 12.40
C ARG C 312 6.84 45.98 12.82
N ARG C 313 6.02 45.76 13.86
CA ARG C 313 5.01 46.72 14.26
C ARG C 313 5.28 47.30 15.65
N ALA C 314 6.55 47.28 16.08
CA ALA C 314 6.89 47.76 17.41
C ALA C 314 6.61 49.26 17.52
N GLY C 315 5.68 49.61 18.41
CA GLY C 315 5.39 51.00 18.71
C GLY C 315 4.36 51.65 17.81
N GLU C 316 3.94 50.98 16.73
CA GLU C 316 3.01 51.58 15.79
C GLU C 316 1.67 51.85 16.45
N SER C 317 0.99 52.87 15.95
CA SER C 317 -0.34 53.20 16.46
C SER C 317 -1.34 52.13 16.07
N GLY C 318 -2.30 51.89 16.96
CA GLY C 318 -3.29 50.84 16.75
C GLY C 318 -2.76 49.43 16.91
N HIS C 319 -1.48 49.26 17.24
CA HIS C 319 -0.86 47.96 17.40
C HIS C 319 -0.43 47.73 18.84
N THR C 320 -1.23 48.20 19.80
CA THR C 320 -0.92 47.99 21.20
C THR C 320 -1.12 46.52 21.58
N VAL C 321 -0.65 46.17 22.77
CA VAL C 321 -0.85 44.81 23.25
C VAL C 321 -2.33 44.52 23.44
N ALA C 322 -3.08 45.51 23.95
CA ALA C 322 -4.52 45.36 24.07
C ALA C 322 -5.17 45.18 22.70
N ASP C 323 -4.71 45.96 21.71
CA ASP C 323 -5.24 45.79 20.36
C ASP C 323 -4.96 44.39 19.83
N TYR C 324 -3.75 43.89 20.05
CA TYR C 324 -3.43 42.54 19.60
C TYR C 324 -4.22 41.49 20.37
N LEU C 325 -4.54 41.76 21.63
CA LEU C 325 -5.30 40.78 22.41
C LEU C 325 -6.75 40.69 21.95
N LYS C 326 -7.39 41.85 21.72
CA LYS C 326 -8.74 41.83 21.19
C LYS C 326 -8.79 41.12 19.83
N PHE C 327 -7.80 41.36 18.98
CA PHE C 327 -7.75 40.67 17.70
C PHE C 327 -7.57 39.17 17.89
N LYS C 328 -6.73 38.77 18.85
CA LYS C 328 -6.55 37.35 19.12
C LYS C 328 -7.84 36.71 19.63
N ASP C 329 -8.60 37.42 20.47
CA ASP C 329 -9.86 36.87 20.95
C ASP C 329 -10.84 36.67 19.80
N LEU C 330 -11.05 37.71 18.99
CA LEU C 330 -11.99 37.59 17.87
C LEU C 330 -11.60 36.46 16.93
N ILE C 331 -10.30 36.30 16.67
CA ILE C 331 -9.84 35.27 15.74
C ILE C 331 -10.12 33.88 16.30
N LEU C 332 -9.74 33.64 17.57
CA LEU C 332 -10.00 32.34 18.18
C LEU C 332 -11.49 32.02 18.22
N ARG C 333 -12.36 33.03 18.28
CA ARG C 333 -13.79 32.78 18.21
C ARG C 333 -14.22 32.42 16.81
N MET C 334 -13.50 32.90 15.79
CA MET C 334 -13.76 32.48 14.43
C MET C 334 -13.20 31.10 14.15
N LEU C 335 -12.26 30.62 14.97
CA LEU C 335 -11.64 29.32 14.79
C LEU C 335 -12.18 28.27 15.76
N ASP C 336 -13.44 28.42 16.19
CA ASP C 336 -14.09 27.42 17.02
C ASP C 336 -14.22 26.11 16.25
N TYR C 337 -13.73 25.02 16.85
CA TYR C 337 -13.89 23.70 16.23
C TYR C 337 -15.35 23.39 15.99
N ASP C 338 -16.20 23.73 16.95
CA ASP C 338 -17.63 23.46 16.91
C ASP C 338 -18.32 24.52 16.07
N PRO C 339 -18.86 24.17 14.90
CA PRO C 339 -19.64 25.15 14.14
C PRO C 339 -20.90 25.60 14.86
N LYS C 340 -21.34 24.88 15.90
CA LYS C 340 -22.53 25.28 16.62
C LYS C 340 -22.27 26.44 17.57
N THR C 341 -21.03 26.66 17.99
CA THR C 341 -20.71 27.75 18.89
C THR C 341 -19.76 28.76 18.28
N ARG C 342 -19.30 28.55 17.05
CA ARG C 342 -18.47 29.52 16.37
C ARG C 342 -19.16 30.86 16.29
N ILE C 343 -18.40 31.94 16.49
CA ILE C 343 -19.00 33.27 16.53
C ILE C 343 -19.68 33.58 15.21
N GLN C 344 -20.85 34.16 15.29
CA GLN C 344 -21.64 34.45 14.10
C GLN C 344 -21.51 35.93 13.73
N PRO C 345 -21.78 36.27 12.47
CA PRO C 345 -21.51 37.65 12.02
C PRO C 345 -22.17 38.73 12.85
N TYR C 346 -23.38 38.48 13.38
CA TYR C 346 -24.05 39.51 14.16
C TYR C 346 -23.28 39.82 15.44
N TYR C 347 -22.81 38.78 16.14
CA TYR C 347 -22.06 38.99 17.36
C TYR C 347 -20.61 39.35 17.09
N ALA C 348 -20.04 38.82 16.00
CA ALA C 348 -18.67 39.20 15.63
C ALA C 348 -18.58 40.70 15.42
N LEU C 349 -19.61 41.30 14.83
CA LEU C 349 -19.62 42.74 14.62
C LEU C 349 -19.69 43.54 15.91
N GLN C 350 -19.99 42.89 17.03
CA GLN C 350 -20.05 43.55 18.32
C GLN C 350 -18.80 43.31 19.16
N HIS C 351 -17.76 42.72 18.57
CA HIS C 351 -16.53 42.46 19.30
C HIS C 351 -15.81 43.77 19.62
N SER C 352 -15.01 43.74 20.69
CA SER C 352 -14.27 44.93 21.09
C SER C 352 -13.24 45.34 20.04
N PHE C 353 -12.75 44.38 19.24
CA PHE C 353 -11.78 44.71 18.21
C PHE C 353 -12.29 45.79 17.28
N PHE C 354 -13.60 45.84 17.06
CA PHE C 354 -14.21 46.81 16.17
C PHE C 354 -14.61 48.10 16.88
N LYS C 355 -14.42 48.18 18.19
CA LYS C 355 -14.81 49.36 18.97
C LYS C 355 -13.92 50.58 18.68
N VAL D 10 32.97 57.26 58.54
CA VAL D 10 31.59 57.27 58.08
C VAL D 10 31.53 57.18 56.56
N TYR D 11 30.94 56.09 56.07
CA TYR D 11 30.93 55.77 54.66
C TYR D 11 29.48 55.80 54.15
N ASN D 12 29.25 56.51 53.06
CA ASN D 12 27.92 56.64 52.47
C ASN D 12 26.92 57.18 53.49
N ASP D 13 27.36 58.18 54.26
CA ASP D 13 26.57 58.76 55.35
C ASP D 13 26.12 57.71 56.35
N GLY D 14 26.95 56.68 56.56
CA GLY D 14 26.65 55.61 57.49
C GLY D 14 25.94 54.41 56.88
N TYR D 15 25.50 54.50 55.63
CA TYR D 15 24.79 53.39 55.00
C TYR D 15 25.72 52.26 54.55
N ASP D 16 27.02 52.52 54.45
CA ASP D 16 27.97 51.54 53.96
C ASP D 16 29.00 51.21 55.03
N ASP D 17 29.62 50.05 54.86
CA ASP D 17 30.75 49.65 55.70
C ASP D 17 32.02 50.24 55.09
N ASP D 18 33.18 49.80 55.58
CA ASP D 18 34.46 50.20 54.99
C ASP D 18 34.86 49.33 53.80
N ASN D 19 33.89 48.83 53.05
CA ASN D 19 34.18 47.99 51.88
C ASN D 19 33.20 48.27 50.75
N TYR D 20 32.63 49.48 50.71
CA TYR D 20 31.69 49.89 49.67
C TYR D 20 30.44 49.02 49.64
N ASP D 21 30.14 48.31 50.73
CA ASP D 21 29.00 47.43 50.80
C ASP D 21 27.89 48.06 51.63
N TYR D 22 26.66 47.92 51.16
CA TYR D 22 25.52 48.43 51.91
C TYR D 22 25.30 47.61 53.16
N ILE D 23 25.15 48.28 54.29
CA ILE D 23 24.90 47.60 55.56
C ILE D 23 23.43 47.18 55.57
N VAL D 24 23.18 45.89 55.55
CA VAL D 24 21.82 45.37 55.50
C VAL D 24 21.24 45.36 56.91
N LYS D 25 20.03 45.89 57.04
CA LYS D 25 19.28 45.86 58.29
C LYS D 25 18.00 45.08 58.05
N ASN D 26 17.84 43.94 58.72
CA ASN D 26 16.67 43.11 58.52
C ASN D 26 15.40 43.88 58.88
N GLY D 27 14.36 43.67 58.10
CA GLY D 27 13.10 44.37 58.30
C GLY D 27 13.02 45.74 57.68
N GLU D 28 14.03 46.15 56.91
CA GLU D 28 14.01 47.44 56.24
C GLU D 28 13.10 47.38 55.03
N LYS D 29 12.38 48.48 54.77
CA LYS D 29 11.50 48.58 53.62
C LYS D 29 12.01 49.67 52.70
N TRP D 30 12.38 49.30 51.47
CA TRP D 30 12.94 50.24 50.51
C TRP D 30 11.85 50.70 49.54
N MET D 31 11.86 52.01 49.25
CA MET D 31 11.03 52.60 48.21
C MET D 31 9.56 52.22 48.34
N ASP D 32 9.14 51.99 49.57
CA ASP D 32 7.76 51.64 49.82
C ASP D 32 7.37 50.47 48.97
N ARG D 33 8.26 49.51 48.85
CA ARG D 33 7.98 48.37 47.98
C ARG D 33 8.66 47.10 48.46
N TYR D 34 9.99 47.13 48.59
CA TYR D 34 10.74 45.93 48.93
C TYR D 34 10.96 45.85 50.44
N GLU D 35 10.58 44.71 51.01
CA GLU D 35 10.73 44.46 52.44
C GLU D 35 11.89 43.47 52.61
N ILE D 36 13.03 44.00 53.06
CA ILE D 36 14.25 43.18 53.19
C ILE D 36 14.09 42.25 54.38
N ASP D 37 14.34 40.95 54.16
CA ASP D 37 14.23 39.94 55.20
C ASP D 37 15.57 39.62 55.84
N SER D 38 16.59 39.33 55.03
CA SER D 38 17.87 38.88 55.54
C SER D 38 18.89 38.91 54.41
N LEU D 39 20.17 38.92 54.79
CA LEU D 39 21.24 38.86 53.81
C LEU D 39 21.45 37.42 53.37
N ILE D 40 21.45 37.19 52.06
CA ILE D 40 21.65 35.84 51.52
C ILE D 40 23.13 35.52 51.37
N GLY D 41 23.91 36.43 50.79
CA GLY D 41 25.32 36.17 50.61
C GLY D 41 26.13 37.36 50.14
N LYS D 42 27.38 37.43 50.59
CA LYS D 42 28.33 38.44 50.14
C LYS D 42 29.16 37.88 49.00
N GLY D 43 29.52 38.77 48.07
CA GLY D 43 30.38 38.42 46.96
C GLY D 43 31.32 39.55 46.64
N SER D 44 32.11 39.33 45.58
CA SER D 44 33.02 40.38 45.12
C SER D 44 32.24 41.61 44.67
N PHE D 45 31.18 41.40 43.90
CA PHE D 45 30.36 42.50 43.41
C PHE D 45 29.69 43.28 44.53
N GLY D 46 29.41 42.61 45.64
CA GLY D 46 28.57 43.16 46.67
C GLY D 46 27.81 42.02 47.35
N GLN D 47 26.55 42.28 47.67
CA GLN D 47 25.73 41.32 48.40
C GLN D 47 24.44 41.03 47.63
N VAL D 48 23.76 39.97 48.07
CA VAL D 48 22.44 39.59 47.58
C VAL D 48 21.54 39.39 48.78
N VAL D 49 20.37 40.04 48.76
CA VAL D 49 19.47 40.04 49.92
C VAL D 49 18.16 39.38 49.56
N LYS D 50 17.52 38.81 50.58
CA LYS D 50 16.16 38.28 50.48
C LYS D 50 15.17 39.40 50.79
N ALA D 51 14.31 39.73 49.83
CA ALA D 51 13.33 40.78 50.02
C ALA D 51 11.99 40.35 49.45
N TYR D 52 10.93 40.96 49.96
CA TYR D 52 9.58 40.70 49.50
C TYR D 52 9.06 41.91 48.73
N ASP D 53 8.63 41.69 47.50
CA ASP D 53 8.08 42.75 46.65
C ASP D 53 6.62 42.92 47.01
N ARG D 54 6.31 43.97 47.78
CA ARG D 54 4.93 44.22 48.19
C ARG D 54 4.04 44.52 46.99
N VAL D 55 4.61 45.03 45.90
CA VAL D 55 3.82 45.33 44.71
C VAL D 55 3.43 44.06 43.98
N GLU D 56 4.43 43.30 43.54
CA GLU D 56 4.18 42.06 42.81
C GLU D 56 3.80 40.90 43.72
N GLN D 57 3.87 41.08 45.03
CA GLN D 57 3.51 40.07 46.03
C GLN D 57 4.25 38.76 45.75
N GLU D 58 5.55 38.80 45.99
CA GLU D 58 6.43 37.68 45.69
C GLU D 58 7.78 37.94 46.35
N TRP D 59 8.55 36.85 46.50
CA TRP D 59 9.91 36.95 46.99
C TRP D 59 10.86 37.21 45.83
N VAL D 60 11.85 38.07 46.08
CA VAL D 60 12.87 38.39 45.08
C VAL D 60 14.23 38.32 45.73
N ALA D 61 15.25 38.18 44.89
CA ALA D 61 16.65 38.28 45.29
C ALA D 61 17.21 39.57 44.71
N ILE D 62 17.64 40.47 45.57
CA ILE D 62 18.17 41.76 45.15
C ILE D 62 19.69 41.72 45.29
N LYS D 63 20.38 41.82 44.16
CA LYS D 63 21.84 41.86 44.12
C LYS D 63 22.27 43.31 44.25
N ILE D 64 22.85 43.66 45.40
CA ILE D 64 23.30 45.03 45.66
C ILE D 64 24.75 45.13 45.23
N ILE D 65 25.01 45.96 44.21
CA ILE D 65 26.37 46.19 43.74
C ILE D 65 27.07 47.15 44.68
N LYS D 66 28.38 46.95 44.86
CA LYS D 66 29.17 47.84 45.70
C LYS D 66 29.02 49.29 45.25
N ASN D 67 29.04 50.20 46.23
CA ASN D 67 29.04 51.64 45.96
C ASN D 67 30.44 52.09 45.55
N LYS D 68 30.89 51.57 44.42
CA LYS D 68 32.20 51.89 43.88
C LYS D 68 32.10 51.94 42.36
N LYS D 69 32.71 52.97 41.76
CA LYS D 69 32.51 53.24 40.34
C LYS D 69 32.90 52.04 39.48
N ALA D 70 34.08 51.48 39.71
CA ALA D 70 34.52 50.34 38.93
C ALA D 70 33.51 49.19 38.99
N PHE D 71 32.86 49.01 40.14
CA PHE D 71 31.85 47.96 40.26
C PHE D 71 30.53 48.39 39.62
N LEU D 72 30.18 49.68 39.73
CA LEU D 72 28.94 50.15 39.14
C LEU D 72 29.00 50.11 37.63
N ASN D 73 30.12 50.55 37.05
CA ASN D 73 30.21 50.63 35.60
C ASN D 73 30.26 49.25 34.97
N GLN D 74 30.79 48.25 35.68
CA GLN D 74 30.78 46.89 35.15
C GLN D 74 29.40 46.27 35.25
N ALA D 75 28.74 46.44 36.40
CA ALA D 75 27.36 45.96 36.54
C ALA D 75 26.43 46.58 35.52
N GLN D 76 26.80 47.74 34.97
CA GLN D 76 26.01 48.33 33.89
C GLN D 76 26.03 47.43 32.65
N ILE D 77 27.20 46.86 32.33
CA ILE D 77 27.29 45.91 31.22
C ILE D 77 26.50 44.66 31.54
N GLU D 78 26.51 44.23 32.80
CA GLU D 78 25.71 43.08 33.22
C GLU D 78 24.23 43.33 33.04
N VAL D 79 23.78 44.58 33.25
CA VAL D 79 22.37 44.89 33.08
C VAL D 79 21.99 44.85 31.62
N ARG D 80 22.81 45.43 30.74
CA ARG D 80 22.52 45.39 29.32
C ARG D 80 22.53 43.96 28.80
N LEU D 81 23.49 43.15 29.27
CA LEU D 81 23.57 41.76 28.83
C LEU D 81 22.37 40.96 29.31
N LEU D 82 21.96 41.15 30.58
CA LEU D 82 20.79 40.46 31.09
C LEU D 82 19.53 40.87 30.33
N GLU D 83 19.38 42.17 30.05
CA GLU D 83 18.22 42.65 29.32
C GLU D 83 18.20 42.12 27.89
N LEU D 84 19.33 42.24 27.19
CA LEU D 84 19.42 41.70 25.83
C LEU D 84 19.13 40.20 25.81
N MET D 85 19.53 39.48 26.87
CA MET D 85 19.29 38.05 26.94
C MET D 85 17.82 37.76 27.22
N ASN D 86 17.26 38.42 28.23
CA ASN D 86 15.89 38.13 28.66
C ASN D 86 14.84 38.52 27.63
N LYS D 87 15.25 39.27 26.61
CA LYS D 87 14.31 39.77 25.60
C LYS D 87 14.27 38.97 24.33
N HIS D 88 15.04 37.91 24.27
CA HIS D 88 15.03 37.05 23.10
C HIS D 88 13.82 36.12 23.14
N ASP D 89 13.27 35.82 21.96
CA ASP D 89 12.07 34.99 21.84
C ASP D 89 12.52 33.55 21.61
N THR D 90 12.70 32.81 22.71
CA THR D 90 13.25 31.46 22.65
C THR D 90 13.14 30.82 24.04
N GLU D 91 12.85 29.51 24.07
CA GLU D 91 12.78 28.80 25.34
C GLU D 91 14.16 28.54 25.94
N MET D 92 15.19 28.37 25.10
CA MET D 92 16.54 28.15 25.60
C MET D 92 16.98 29.25 26.56
N LYS D 93 16.40 30.44 26.43
CA LYS D 93 16.73 31.55 27.30
C LYS D 93 16.33 31.32 28.75
N TYR D 94 15.49 30.32 29.03
CA TYR D 94 15.04 30.08 30.39
C TYR D 94 16.05 29.34 31.25
N TYR D 95 17.24 29.06 30.72
CA TYR D 95 18.34 28.56 31.54
C TYR D 95 19.19 29.69 32.10
N ILE D 96 18.81 30.94 31.84
CA ILE D 96 19.49 32.12 32.34
C ILE D 96 18.61 32.76 33.40
N VAL D 97 19.24 33.28 34.47
CA VAL D 97 18.47 33.94 35.51
C VAL D 97 17.76 35.17 34.91
N HIS D 98 16.59 35.48 35.45
CA HIS D 98 15.75 36.55 34.94
C HIS D 98 15.94 37.80 35.78
N LEU D 99 16.38 38.88 35.13
CA LEU D 99 16.48 40.18 35.77
C LEU D 99 15.14 40.89 35.61
N LYS D 100 14.41 41.03 36.71
CA LYS D 100 13.06 41.59 36.64
C LYS D 100 13.11 43.11 36.45
N ARG D 101 13.92 43.79 37.24
CA ARG D 101 14.07 45.24 37.16
C ARG D 101 15.35 45.61 37.91
N HIS D 102 15.69 46.90 37.84
CA HIS D 102 16.83 47.40 38.60
C HIS D 102 16.58 48.86 38.97
N PHE D 103 17.24 49.30 40.03
CA PHE D 103 17.07 50.65 40.53
C PHE D 103 18.33 51.08 41.28
N MET D 104 18.44 52.38 41.51
CA MET D 104 19.51 52.95 42.34
C MET D 104 18.92 53.34 43.69
N PHE D 105 19.47 52.74 44.75
CA PHE D 105 18.98 52.99 46.10
C PHE D 105 20.17 53.27 47.00
N ARG D 106 20.21 54.47 47.56
CA ARG D 106 21.27 54.89 48.47
C ARG D 106 22.64 54.68 47.84
N ASN D 107 22.73 54.97 46.53
CA ASN D 107 23.96 54.96 45.75
C ASN D 107 24.48 53.57 45.44
N HIS D 108 23.60 52.57 45.42
CA HIS D 108 23.95 51.24 44.95
C HIS D 108 23.05 50.84 43.80
N LEU D 109 23.64 50.28 42.75
CA LEU D 109 22.87 49.65 41.69
C LEU D 109 22.32 48.33 42.22
N CYS D 110 20.99 48.27 42.40
CA CYS D 110 20.32 47.08 42.91
C CYS D 110 19.64 46.35 41.77
N LEU D 111 19.96 45.06 41.61
CA LEU D 111 19.42 44.22 40.55
C LEU D 111 18.43 43.24 41.18
N VAL D 112 17.17 43.32 40.75
CA VAL D 112 16.11 42.47 41.27
C VAL D 112 16.03 41.23 40.40
N PHE D 113 16.36 40.07 40.97
CA PHE D 113 16.32 38.80 40.28
C PHE D 113 15.15 37.95 40.78
N GLU D 114 14.74 36.99 39.94
CA GLU D 114 13.80 35.97 40.39
C GLU D 114 14.42 35.19 41.54
N MET D 115 13.56 34.63 42.39
CA MET D 115 14.00 33.89 43.56
C MET D 115 14.25 32.44 43.19
N LEU D 116 15.46 31.95 43.48
CA LEU D 116 15.92 30.60 43.21
C LEU D 116 16.38 29.94 44.51
N SER D 117 16.96 28.75 44.38
CA SER D 117 17.43 27.98 45.52
C SER D 117 18.95 28.02 45.60
N TYR D 118 19.55 27.03 46.25
CA TYR D 118 20.99 27.05 46.45
C TYR D 118 21.72 26.54 45.21
N ASN D 119 23.02 26.83 45.15
CA ASN D 119 23.83 26.60 43.98
C ASN D 119 24.46 25.20 44.00
N LEU D 120 25.23 24.90 42.95
CA LEU D 120 25.77 23.56 42.77
C LEU D 120 26.92 23.25 43.71
N TYR D 121 27.52 24.26 44.35
CA TYR D 121 28.50 23.95 45.39
C TYR D 121 27.82 23.52 46.68
N ASP D 122 26.72 24.19 47.04
CA ASP D 122 25.89 23.71 48.14
C ASP D 122 25.44 22.28 47.88
N LEU D 123 25.17 21.94 46.62
CA LEU D 123 24.80 20.57 46.27
C LEU D 123 25.94 19.61 46.57
N LEU D 124 27.14 19.91 46.07
CA LEU D 124 28.29 19.05 46.32
C LEU D 124 28.63 18.98 47.80
N ARG D 125 28.39 20.06 48.54
CA ARG D 125 28.70 20.07 49.97
C ARG D 125 27.83 19.08 50.73
N ASN D 126 26.53 19.05 50.43
CA ASN D 126 25.62 18.16 51.13
C ASN D 126 25.91 16.69 50.89
N THR D 127 26.73 16.36 49.89
CA THR D 127 27.17 15.00 49.64
C THR D 127 28.54 14.70 50.23
N ASN D 128 29.04 15.57 51.11
CA ASN D 128 30.41 15.48 51.61
C ASN D 128 31.40 15.42 50.46
N PHE D 129 31.09 16.17 49.39
CA PHE D 129 31.96 16.28 48.22
C PHE D 129 32.26 14.93 47.58
N ARG D 130 31.30 14.00 47.66
CA ARG D 130 31.39 12.72 46.98
C ARG D 130 30.75 12.74 45.59
N GLY D 131 30.31 13.90 45.12
CA GLY D 131 29.73 14.03 43.81
C GLY D 131 28.27 13.60 43.76
N VAL D 132 27.57 14.10 42.75
CA VAL D 132 26.20 13.68 42.49
C VAL D 132 26.24 12.53 41.50
N SER D 133 25.09 11.91 41.25
CA SER D 133 25.02 10.76 40.36
C SER D 133 25.41 11.15 38.94
N LEU D 134 25.86 10.13 38.19
CA LEU D 134 26.17 10.36 36.78
C LEU D 134 24.91 10.70 35.99
N ASN D 135 23.76 10.16 36.39
CA ASN D 135 22.50 10.52 35.75
C ASN D 135 22.15 11.98 36.02
N LEU D 136 22.44 12.48 37.23
CA LEU D 136 22.21 13.89 37.52
C LEU D 136 23.20 14.77 36.79
N THR D 137 24.44 14.29 36.59
CA THR D 137 25.42 15.06 35.84
C THR D 137 24.98 15.27 34.40
N ARG D 138 24.45 14.23 33.76
CA ARG D 138 23.99 14.36 32.38
C ARG D 138 22.90 15.41 32.29
N LYS D 139 22.01 15.47 33.29
CA LYS D 139 20.95 16.47 33.29
C LYS D 139 21.54 17.88 33.34
N PHE D 140 22.50 18.10 34.24
CA PHE D 140 23.21 19.38 34.25
C PHE D 140 23.94 19.60 32.94
N ALA D 141 24.53 18.54 32.38
CA ALA D 141 25.26 18.66 31.12
C ALA D 141 24.35 19.13 29.99
N GLN D 142 23.20 18.48 29.83
CA GLN D 142 22.27 18.86 28.76
C GLN D 142 21.82 20.30 28.93
N GLN D 143 21.52 20.71 30.16
CA GLN D 143 21.01 22.06 30.40
C GLN D 143 22.09 23.11 30.16
N MET D 144 23.27 22.94 30.78
CA MET D 144 24.33 23.92 30.61
C MET D 144 24.77 24.02 29.17
N CYS D 145 24.76 22.90 28.43
CA CYS D 145 25.06 22.95 27.01
C CYS D 145 23.98 23.68 26.24
N THR D 146 22.72 23.53 26.64
CA THR D 146 21.64 24.26 25.97
C THR D 146 21.77 25.76 26.21
N ALA D 147 22.18 26.15 27.42
CA ALA D 147 22.37 27.57 27.70
C ALA D 147 23.57 28.13 26.95
N LEU D 148 24.66 27.35 26.86
CA LEU D 148 25.81 27.77 26.07
C LEU D 148 25.43 27.94 24.60
N LEU D 149 24.54 27.09 24.09
CA LEU D 149 24.04 27.26 22.74
C LEU D 149 23.25 28.56 22.62
N PHE D 150 22.46 28.88 23.64
CA PHE D 150 21.70 30.14 23.63
C PHE D 150 22.64 31.33 23.71
N LEU D 151 23.70 31.23 24.52
CA LEU D 151 24.66 32.33 24.60
C LEU D 151 25.41 32.49 23.29
N ALA D 152 25.51 31.43 22.51
CA ALA D 152 26.26 31.45 21.27
C ALA D 152 25.43 31.97 20.09
N THR D 153 24.24 32.49 20.34
CA THR D 153 23.43 33.06 19.28
C THR D 153 24.17 34.23 18.65
N PRO D 154 24.23 34.32 17.32
CA PRO D 154 24.95 35.45 16.69
C PRO D 154 24.50 36.81 17.18
N GLU D 155 23.19 37.02 17.32
CA GLU D 155 22.69 38.28 17.86
C GLU D 155 23.08 38.50 19.31
N LEU D 156 23.55 37.46 20.00
CA LEU D 156 23.98 37.57 21.40
C LEU D 156 25.49 37.44 21.50
N SER D 157 26.04 36.25 21.26
CA SER D 157 27.49 36.00 21.30
C SER D 157 28.07 36.45 22.63
N ILE D 158 27.48 36.00 23.72
CA ILE D 158 27.86 36.41 25.06
C ILE D 158 28.74 35.34 25.69
N ILE D 159 29.94 35.74 26.11
CA ILE D 159 30.82 34.89 26.89
C ILE D 159 30.55 35.16 28.36
N HIS D 160 30.07 34.15 29.09
CA HIS D 160 29.82 34.33 30.51
C HIS D 160 31.09 34.70 31.26
N CYS D 161 32.24 34.14 30.83
CA CYS D 161 33.57 34.42 31.32
C CYS D 161 33.81 33.97 32.76
N ASP D 162 32.85 33.31 33.41
CA ASP D 162 33.05 32.93 34.81
C ASP D 162 32.12 31.80 35.23
N LEU D 163 32.19 30.67 34.52
CA LEU D 163 31.34 29.53 34.83
C LEU D 163 32.01 28.71 35.94
N LYS D 164 31.39 28.69 37.11
CA LYS D 164 31.82 27.89 38.25
C LYS D 164 30.58 27.30 38.89
N PRO D 165 30.73 26.27 39.74
CA PRO D 165 29.56 25.73 40.43
C PRO D 165 28.78 26.77 41.23
N GLU D 166 29.45 27.78 41.78
CA GLU D 166 28.77 28.79 42.58
C GLU D 166 27.78 29.60 41.75
N ASN D 167 27.99 29.70 40.44
CA ASN D 167 27.18 30.53 39.58
C ASN D 167 26.09 29.75 38.85
N ILE D 168 25.94 28.47 39.14
CA ILE D 168 24.83 27.67 38.62
C ILE D 168 23.93 27.35 39.81
N LEU D 169 22.72 27.90 39.80
CA LEU D 169 21.79 27.75 40.90
C LEU D 169 20.66 26.79 40.51
N LEU D 170 20.12 26.11 41.51
CA LEU D 170 18.94 25.28 41.31
C LEU D 170 17.70 26.15 41.40
N CYS D 171 16.77 25.94 40.46
CA CYS D 171 15.48 26.63 40.54
C CYS D 171 14.73 26.21 41.80
N ASN D 172 14.81 24.92 42.15
CA ASN D 172 14.07 24.37 43.27
C ASN D 172 14.92 23.33 43.99
N PRO D 173 14.85 23.28 45.33
CA PRO D 173 15.74 22.37 46.07
C PRO D 173 15.51 20.90 45.79
N LYS D 174 14.41 20.52 45.13
CA LYS D 174 14.09 19.12 44.90
C LYS D 174 13.79 18.85 43.43
N ARG D 175 14.41 19.62 42.53
CA ARG D 175 14.28 19.40 41.10
C ARG D 175 15.65 19.61 40.46
N SER D 176 15.78 19.15 39.22
CA SER D 176 17.07 19.23 38.52
C SER D 176 17.21 20.48 37.66
N ALA D 177 16.24 21.39 37.70
CA ALA D 177 16.32 22.60 36.89
C ALA D 177 17.39 23.54 37.42
N ILE D 178 18.12 24.16 36.50
CA ILE D 178 19.20 25.06 36.86
C ILE D 178 19.14 26.32 36.01
N LYS D 179 19.70 27.39 36.55
CA LYS D 179 19.90 28.64 35.83
C LYS D 179 21.30 29.15 36.10
N ILE D 180 21.88 29.81 35.10
CA ILE D 180 23.17 30.47 35.23
C ILE D 180 22.94 31.86 35.81
N VAL D 181 23.81 32.28 36.74
CA VAL D 181 23.72 33.59 37.36
C VAL D 181 25.08 34.27 37.24
N ASP D 182 25.12 35.53 37.69
CA ASP D 182 26.33 36.34 37.83
C ASP D 182 27.04 36.53 36.49
N PHE D 183 26.40 37.34 35.65
CA PHE D 183 27.01 37.80 34.41
C PHE D 183 27.86 39.05 34.62
N GLY D 184 28.37 39.28 35.83
CA GLY D 184 29.09 40.50 36.15
C GLY D 184 30.49 40.55 35.57
N SER D 185 31.02 39.43 35.11
CA SER D 185 32.32 39.40 34.44
C SER D 185 32.19 39.07 32.97
N SER D 186 30.96 39.02 32.45
CA SER D 186 30.68 38.60 31.09
C SER D 186 30.84 39.74 30.11
N CYS D 187 30.96 39.38 28.84
CA CYS D 187 31.08 40.36 27.78
C CYS D 187 30.63 39.72 26.47
N GLN D 188 30.42 40.56 25.46
CA GLN D 188 30.09 40.09 24.14
C GLN D 188 31.37 39.85 23.33
N LEU D 189 31.22 39.12 22.23
CA LEU D 189 32.34 38.90 21.33
C LEU D 189 32.75 40.21 20.67
N GLY D 190 34.05 40.49 20.66
CA GLY D 190 34.53 41.76 20.14
C GLY D 190 34.37 42.93 21.08
N GLN D 191 33.85 42.71 22.29
CA GLN D 191 33.79 43.69 23.36
C GLN D 191 34.54 43.16 24.59
N ARG D 192 35.70 42.55 24.36
CA ARG D 192 36.48 41.97 25.44
C ARG D 192 37.36 43.04 26.07
N ILE D 193 37.26 43.18 27.39
CA ILE D 193 37.96 44.22 28.13
C ILE D 193 39.12 43.64 28.95
N TYR D 194 38.81 42.73 29.88
CA TYR D 194 39.83 42.16 30.75
C TYR D 194 40.48 40.94 30.10
N GLN D 195 41.65 40.58 30.60
CA GLN D 195 42.35 39.38 30.15
C GLN D 195 42.65 38.46 31.32
N PTR D 196 42.39 38.96 32.52
CA PTR D 196 42.44 38.13 33.73
C PTR D 196 41.03 37.65 34.04
O PTR D 196 40.50 37.88 35.12
CB PTR D 196 43.03 38.91 34.91
CG PTR D 196 43.48 38.05 36.07
CD1 PTR D 196 44.18 36.88 35.86
CD2 PTR D 196 43.22 38.44 37.38
CE1 PTR D 196 44.60 36.09 36.93
CE2 PTR D 196 43.64 37.67 38.45
CZ PTR D 196 44.32 36.49 38.22
OH PTR D 196 44.71 35.77 39.23
P PTR D 196 43.78 34.70 39.98
O1P PTR D 196 43.98 34.82 41.51
O2P PTR D 196 42.37 34.96 39.66
O3P PTR D 196 44.19 33.28 39.51
N ILE D 197 40.42 36.98 33.05
CA ILE D 197 39.05 36.53 33.17
C ILE D 197 39.01 35.10 33.71
N GLN D 198 37.79 34.63 34.02
CA GLN D 198 37.52 33.29 34.53
C GLN D 198 38.09 33.08 35.92
N SER D 199 37.52 32.14 36.67
CA SER D 199 38.06 31.73 37.95
C SER D 199 39.14 30.67 37.74
N ARG D 200 40.19 30.73 38.57
CA ARG D 200 41.39 29.93 38.35
C ARG D 200 41.06 28.46 38.09
N PHE D 201 40.28 27.84 38.99
CA PHE D 201 40.00 26.41 38.87
C PHE D 201 39.36 26.05 37.54
N TYR D 202 38.79 27.03 36.83
CA TYR D 202 38.08 26.80 35.59
C TYR D 202 38.59 27.69 34.47
N ARG D 203 39.81 28.22 34.63
CA ARG D 203 40.41 29.13 33.66
C ARG D 203 40.90 28.36 32.44
N SER D 204 40.49 28.81 31.25
CA SER D 204 40.79 28.12 30.00
C SER D 204 42.29 28.18 29.71
N PRO D 205 42.79 27.31 28.81
CA PRO D 205 44.23 27.38 28.49
C PRO D 205 44.64 28.69 27.87
N GLU D 206 43.84 29.18 26.91
CA GLU D 206 44.13 30.45 26.24
C GLU D 206 44.32 31.58 27.24
N VAL D 207 43.44 31.67 28.22
CA VAL D 207 43.51 32.78 29.18
C VAL D 207 44.79 32.70 29.99
N LEU D 208 45.15 31.50 30.43
CA LEU D 208 46.44 31.30 31.10
C LEU D 208 47.59 31.67 30.18
N LEU D 209 47.50 31.30 28.90
CA LEU D 209 48.54 31.59 27.92
C LEU D 209 48.49 33.02 27.41
N GLY D 210 47.49 33.80 27.80
CA GLY D 210 47.39 35.18 27.35
C GLY D 210 47.03 35.33 25.89
N MET D 211 46.21 34.44 25.35
CA MET D 211 45.83 34.42 23.95
C MET D 211 44.48 35.08 23.77
N PRO D 212 44.08 35.37 22.53
CA PRO D 212 42.72 35.85 22.29
C PRO D 212 41.69 34.78 22.64
N TYR D 213 40.69 35.19 23.41
CA TYR D 213 39.66 34.26 23.85
C TYR D 213 38.33 34.45 23.15
N ASP D 214 37.63 33.34 22.95
CA ASP D 214 36.31 33.36 22.33
C ASP D 214 35.28 32.76 23.26
N LEU D 215 34.10 32.40 22.74
CA LEU D 215 33.09 31.80 23.60
C LEU D 215 33.49 30.43 24.11
N ALA D 216 34.56 29.83 23.56
CA ALA D 216 34.98 28.50 23.96
C ALA D 216 35.45 28.44 25.41
N ILE D 217 35.83 29.57 26.00
CA ILE D 217 36.34 29.54 27.37
C ILE D 217 35.26 29.09 28.33
N ASP D 218 33.99 29.32 27.99
CA ASP D 218 32.89 28.77 28.77
C ASP D 218 32.83 27.25 28.64
N MET D 219 33.02 26.73 27.43
CA MET D 219 33.00 25.28 27.22
C MET D 219 34.09 24.59 28.03
N TRP D 220 35.27 25.21 28.12
CA TRP D 220 36.34 24.63 28.92
C TRP D 220 35.92 24.49 30.38
N SER D 221 35.35 25.56 30.94
CA SER D 221 34.84 25.51 32.30
C SER D 221 33.90 24.33 32.48
N LEU D 222 32.86 24.26 31.65
CA LEU D 222 31.87 23.19 31.66
C LEU D 222 32.51 21.82 31.86
N GLY D 223 33.66 21.58 31.24
CA GLY D 223 34.38 20.34 31.49
C GLY D 223 34.81 20.21 32.94
N CYS D 224 35.51 21.22 33.44
CA CYS D 224 35.96 21.20 34.83
C CYS D 224 34.82 21.28 35.82
N ILE D 225 33.64 21.74 35.39
CA ILE D 225 32.46 21.77 36.26
C ILE D 225 31.72 20.44 36.26
N LEU D 226 31.60 19.80 35.10
CA LEU D 226 30.88 18.54 35.02
C LEU D 226 31.64 17.42 35.72
N VAL D 227 32.97 17.38 35.55
CA VAL D 227 33.80 16.40 36.25
C VAL D 227 33.64 16.58 37.75
N GLU D 228 33.86 17.81 38.23
CA GLU D 228 33.78 18.08 39.66
C GLU D 228 32.39 17.79 40.22
N MET D 229 31.34 17.94 39.39
CA MET D 229 29.99 17.61 39.83
C MET D 229 29.86 16.12 40.14
N HIS D 230 30.58 15.26 39.41
CA HIS D 230 30.46 13.82 39.60
C HIS D 230 31.47 13.27 40.61
N THR D 231 32.67 13.84 40.66
CA THR D 231 33.67 13.37 41.61
C THR D 231 33.69 14.18 42.91
N GLY D 232 33.01 15.33 42.95
CA GLY D 232 32.97 16.16 44.13
C GLY D 232 34.18 17.02 44.36
N GLU D 233 35.24 16.87 43.56
CA GLU D 233 36.49 17.57 43.76
C GLU D 233 36.91 18.28 42.48
N PRO D 234 37.42 19.51 42.58
CA PRO D 234 37.88 20.23 41.38
C PRO D 234 38.92 19.41 40.62
N LEU D 235 38.74 19.35 39.30
CA LEU D 235 39.65 18.57 38.47
C LEU D 235 41.01 19.24 38.37
N PHE D 236 41.05 20.58 38.34
CA PHE D 236 42.29 21.34 38.26
C PHE D 236 42.31 22.38 39.39
N SER D 237 42.84 21.97 40.55
CA SER D 237 42.85 22.81 41.75
C SER D 237 44.21 23.50 41.88
N GLY D 238 44.39 24.55 41.09
CA GLY D 238 45.65 25.26 41.05
C GLY D 238 45.70 26.39 42.07
N ALA D 239 46.82 26.47 42.80
CA ALA D 239 47.03 27.56 43.74
C ALA D 239 47.50 28.83 43.07
N ASN D 240 48.06 28.73 41.87
CA ASN D 240 48.48 29.88 41.08
C ASN D 240 48.30 29.52 39.61
N GLU D 241 48.67 30.45 38.73
CA GLU D 241 48.49 30.22 37.30
C GLU D 241 49.41 29.11 36.79
N VAL D 242 50.68 29.11 37.20
CA VAL D 242 51.59 28.06 36.76
C VAL D 242 51.19 26.72 37.37
N ASP D 243 50.91 26.70 38.68
CA ASP D 243 50.42 25.49 39.32
C ASP D 243 49.15 25.00 38.65
N GLN D 244 48.23 25.91 38.31
CA GLN D 244 47.07 25.52 37.52
C GLN D 244 47.51 24.91 36.20
N MET D 245 48.01 25.71 35.29
CA MET D 245 48.36 25.20 33.96
C MET D 245 49.13 23.90 33.98
N ASN D 246 49.98 23.71 34.98
CA ASN D 246 50.69 22.43 35.03
C ASN D 246 49.77 21.29 35.43
N LYS D 247 48.72 21.57 36.20
CA LYS D 247 47.72 20.54 36.49
C LYS D 247 46.94 20.15 35.23
N ILE D 248 46.69 21.10 34.33
CA ILE D 248 46.07 20.76 33.04
C ILE D 248 47.00 19.86 32.21
N VAL D 249 48.28 20.26 32.08
CA VAL D 249 49.25 19.42 31.37
C VAL D 249 49.38 18.07 32.07
N GLU D 250 49.41 18.09 33.41
CA GLU D 250 49.49 16.87 34.19
C GLU D 250 48.39 15.88 33.84
N VAL D 251 47.27 16.36 33.31
CA VAL D 251 46.17 15.51 32.90
C VAL D 251 46.08 15.41 31.38
N LEU D 252 46.32 16.51 30.66
CA LEU D 252 46.11 16.55 29.22
C LEU D 252 47.40 16.50 28.41
N GLY D 253 48.54 16.82 29.00
CA GLY D 253 49.80 16.80 28.28
C GLY D 253 50.19 18.16 27.73
N ILE D 254 51.32 18.17 27.02
CA ILE D 254 51.86 19.42 26.46
C ILE D 254 50.88 19.96 25.42
N PRO D 255 50.50 21.24 25.49
CA PRO D 255 49.62 21.79 24.48
C PRO D 255 50.29 21.76 23.11
N PRO D 256 49.51 21.63 22.03
CA PRO D 256 50.10 21.41 20.71
C PRO D 256 51.04 22.54 20.30
N ALA D 257 51.89 22.23 19.32
CA ALA D 257 52.95 23.16 18.93
C ALA D 257 52.40 24.47 18.38
N HIS D 258 51.30 24.39 17.59
CA HIS D 258 50.79 25.60 16.96
C HIS D 258 50.25 26.60 17.98
N ILE D 259 49.67 26.11 19.08
CA ILE D 259 49.18 27.02 20.12
C ILE D 259 50.34 27.66 20.85
N LEU D 260 51.32 26.86 21.26
CA LEU D 260 52.41 27.36 22.07
C LEU D 260 53.28 28.38 21.33
N ASP D 261 53.30 28.31 20.00
CA ASP D 261 54.02 29.31 19.23
C ASP D 261 53.39 30.68 19.39
N GLN D 262 52.10 30.80 19.06
CA GLN D 262 51.37 32.05 19.07
C GLN D 262 50.91 32.47 20.45
N ALA D 263 51.46 31.90 21.52
CA ALA D 263 50.97 32.19 22.87
C ALA D 263 51.92 33.20 23.52
N PRO D 264 51.50 34.43 23.73
CA PRO D 264 52.31 35.41 24.45
C PRO D 264 52.93 34.85 25.72
N LYS D 265 52.13 34.34 26.65
CA LYS D 265 52.62 33.95 27.96
C LYS D 265 53.20 32.54 28.01
N ALA D 266 53.55 31.96 26.85
CA ALA D 266 54.03 30.58 26.81
C ALA D 266 55.26 30.37 27.68
N ARG D 267 56.20 31.31 27.62
CA ARG D 267 57.44 31.16 28.38
C ARG D 267 57.22 31.11 29.89
N LYS D 268 56.00 31.39 30.36
CA LYS D 268 55.69 31.21 31.78
C LYS D 268 55.48 29.75 32.15
N PHE D 269 55.24 28.88 31.18
CA PHE D 269 54.99 27.47 31.45
C PHE D 269 55.90 26.54 30.67
N PHE D 270 56.22 26.87 29.41
CA PHE D 270 56.95 25.97 28.54
C PHE D 270 58.15 26.67 27.93
N GLU D 271 59.28 25.96 27.90
CA GLU D 271 60.47 26.38 27.19
C GLU D 271 60.59 25.59 25.90
N LYS D 272 61.09 26.24 24.85
CA LYS D 272 61.16 25.66 23.53
C LYS D 272 62.56 25.12 23.25
N LEU D 273 62.61 23.90 22.71
CA LEU D 273 63.88 23.27 22.31
C LEU D 273 64.10 23.65 20.85
N PRO D 274 65.24 23.33 20.20
CA PRO D 274 65.50 23.83 18.84
C PRO D 274 64.87 22.96 17.76
N ASP D 275 64.42 21.76 18.08
CA ASP D 275 63.75 20.93 17.08
C ASP D 275 62.42 21.52 16.64
N GLY D 276 61.92 22.53 17.36
CA GLY D 276 60.62 23.10 17.07
C GLY D 276 59.50 22.62 17.98
N THR D 277 59.85 21.81 18.97
CA THR D 277 58.88 21.27 19.88
C THR D 277 58.77 22.08 21.16
N TRP D 278 57.99 21.59 22.11
CA TRP D 278 57.78 22.32 23.35
C TRP D 278 57.76 21.36 24.53
N ASN D 279 58.28 21.83 25.66
CA ASN D 279 58.32 21.03 26.88
C ASN D 279 58.16 21.97 28.08
N LEU D 280 57.93 21.38 29.25
CA LEU D 280 57.72 22.16 30.46
C LEU D 280 59.04 22.77 30.94
N LYS D 281 58.96 23.52 32.04
CA LYS D 281 60.10 24.27 32.59
C LYS D 281 60.26 23.92 34.07
N LYS D 282 60.95 22.81 34.33
CA LYS D 282 61.26 22.41 35.70
C LYS D 282 62.75 22.58 35.99
N GLU D 289 58.49 17.19 41.22
CA GLU D 289 57.93 17.41 39.89
C GLU D 289 56.50 16.91 39.81
N TYR D 290 55.69 17.57 38.98
CA TYR D 290 54.32 17.10 38.76
C TYR D 290 54.34 15.80 37.95
N LYS D 291 53.16 15.18 37.84
CA LYS D 291 53.07 13.92 37.12
C LYS D 291 53.42 14.13 35.65
N PRO D 292 54.13 13.20 35.01
CA PRO D 292 54.52 13.36 33.61
C PRO D 292 53.33 13.72 32.74
N PRO D 293 53.52 14.61 31.76
CA PRO D 293 52.41 15.08 30.94
C PRO D 293 51.64 13.94 30.30
N GLY D 294 50.31 14.06 30.33
CA GLY D 294 49.43 13.10 29.68
C GLY D 294 49.45 11.71 30.26
N THR D 295 49.67 11.59 31.58
CA THR D 295 49.63 10.29 32.25
C THR D 295 48.49 10.15 33.23
N ARG D 296 47.88 11.25 33.66
CA ARG D 296 46.70 11.23 34.51
C ARG D 296 45.48 11.24 33.60
N LYS D 297 45.20 10.07 33.02
CA LYS D 297 44.14 9.95 32.02
C LYS D 297 42.76 9.98 32.67
N LEU D 298 41.81 10.62 31.99
CA LEU D 298 40.45 10.72 32.52
C LEU D 298 39.76 9.37 32.57
N HIS D 299 40.29 8.35 31.88
CA HIS D 299 39.82 6.98 32.04
C HIS D 299 39.96 6.49 33.47
N ASN D 300 40.74 7.17 34.29
CA ASN D 300 40.92 6.83 35.70
C ASN D 300 40.46 7.90 36.66
N ILE D 301 40.31 9.15 36.22
CA ILE D 301 39.76 10.19 37.09
C ILE D 301 38.26 9.96 37.29
N LEU D 302 37.57 9.61 36.20
CA LEU D 302 36.15 9.27 36.26
C LEU D 302 35.92 7.82 36.70
N GLY D 303 36.93 6.97 36.57
CA GLY D 303 36.79 5.57 36.95
C GLY D 303 35.94 4.78 35.99
N VAL D 304 36.35 4.69 34.74
CA VAL D 304 35.60 3.98 33.71
C VAL D 304 35.48 2.51 34.07
N GLU D 305 36.59 1.77 33.98
CA GLU D 305 36.57 0.35 34.31
C GLU D 305 36.56 0.13 35.82
N THR D 306 37.23 0.99 36.58
CA THR D 306 37.37 0.83 38.03
C THR D 306 36.06 0.93 38.78
N GLY D 307 34.97 1.32 38.13
CA GLY D 307 33.66 1.26 38.77
C GLY D 307 33.21 2.58 39.37
N GLY D 308 33.55 3.69 38.73
CA GLY D 308 33.08 4.99 39.14
C GLY D 308 34.10 5.78 39.93
N PRO D 309 33.78 7.04 40.24
CA PRO D 309 34.70 7.86 41.06
C PRO D 309 34.78 7.37 42.50
N GLY D 310 35.93 6.83 42.88
CA GLY D 310 36.10 6.20 44.18
C GLY D 310 35.55 4.80 44.27
N GLY D 311 34.75 4.36 43.31
CA GLY D 311 34.20 3.02 43.30
C GLY D 311 32.74 2.91 43.69
N ARG D 312 32.03 4.03 43.81
CA ARG D 312 30.63 3.99 44.22
C ARG D 312 29.72 3.69 43.04
N GLY D 315 28.70 -0.29 41.18
CA GLY D 315 27.64 -1.21 40.80
C GLY D 315 26.26 -0.60 40.95
N GLU D 316 25.92 0.33 40.05
CA GLU D 316 24.65 1.03 40.09
C GLU D 316 24.20 1.33 38.68
N SER D 317 22.89 1.50 38.51
CA SER D 317 22.34 1.77 37.19
C SER D 317 22.81 3.13 36.69
N GLY D 318 22.81 3.29 35.36
CA GLY D 318 23.18 4.55 34.76
C GLY D 318 24.66 4.83 34.87
N HIS D 319 25.38 3.98 35.61
CA HIS D 319 26.81 4.12 35.84
C HIS D 319 27.60 3.00 35.15
N THR D 320 27.08 2.48 34.04
CA THR D 320 27.75 1.39 33.36
C THR D 320 29.05 1.87 32.71
N VAL D 321 29.90 0.91 32.35
CA VAL D 321 31.19 1.24 31.77
C VAL D 321 31.00 1.93 30.42
N ALA D 322 30.01 1.48 29.64
CA ALA D 322 29.71 2.12 28.36
C ALA D 322 29.31 3.57 28.54
N ASP D 323 28.63 3.90 29.64
CA ASP D 323 28.23 5.28 29.87
C ASP D 323 29.45 6.15 30.16
N TYR D 324 30.38 5.67 31.00
CA TYR D 324 31.55 6.45 31.34
C TYR D 324 32.43 6.71 30.12
N LEU D 325 32.40 5.82 29.14
CA LEU D 325 33.20 6.01 27.94
C LEU D 325 32.71 7.21 27.13
N LYS D 326 31.39 7.36 27.00
CA LYS D 326 30.83 8.54 26.34
C LYS D 326 30.98 9.78 27.20
N PHE D 327 30.99 9.61 28.52
CA PHE D 327 31.26 10.74 29.41
C PHE D 327 32.67 11.27 29.22
N LYS D 328 33.66 10.39 29.33
CA LYS D 328 35.05 10.81 29.13
C LYS D 328 35.26 11.36 27.72
N ASP D 329 34.59 10.78 26.73
CA ASP D 329 34.71 11.27 25.37
C ASP D 329 34.16 12.70 25.25
N LEU D 330 33.03 12.97 25.90
CA LEU D 330 32.40 14.28 25.76
C LEU D 330 33.23 15.37 26.41
N ILE D 331 33.69 15.15 27.65
CA ILE D 331 34.47 16.16 28.34
C ILE D 331 35.89 16.28 27.78
N LEU D 332 36.40 15.24 27.12
CA LEU D 332 37.66 15.38 26.41
C LEU D 332 37.48 16.27 25.19
N ARG D 333 36.34 16.15 24.52
CA ARG D 333 36.01 17.06 23.44
C ARG D 333 35.85 18.48 23.95
N MET D 334 35.40 18.63 25.19
CA MET D 334 35.20 19.95 25.78
C MET D 334 36.50 20.54 26.33
N LEU D 335 37.51 19.69 26.58
CA LEU D 335 38.78 20.15 27.12
C LEU D 335 39.88 20.24 26.06
N ASP D 336 39.52 20.16 24.78
CA ASP D 336 40.43 20.40 23.67
C ASP D 336 41.29 21.63 23.93
N TYR D 337 42.60 21.50 23.71
CA TYR D 337 43.49 22.64 23.88
C TYR D 337 43.18 23.74 22.88
N ASP D 338 42.79 23.37 21.66
CA ASP D 338 42.53 24.34 20.61
C ASP D 338 41.10 24.87 20.73
N PRO D 339 40.90 26.14 21.09
CA PRO D 339 39.54 26.68 21.15
C PRO D 339 38.85 26.75 19.80
N LYS D 340 39.60 26.61 18.70
CA LYS D 340 38.97 26.56 17.38
C LYS D 340 38.32 25.21 17.12
N THR D 341 38.89 24.13 17.66
CA THR D 341 38.37 22.79 17.44
C THR D 341 37.63 22.21 18.64
N ARG D 342 37.63 22.90 19.78
CA ARG D 342 36.81 22.49 20.91
C ARG D 342 35.38 22.26 20.47
N ILE D 343 34.70 21.29 21.10
CA ILE D 343 33.36 20.95 20.68
C ILE D 343 32.42 22.11 20.95
N GLN D 344 31.62 22.47 19.96
CA GLN D 344 30.69 23.58 20.05
C GLN D 344 29.39 23.14 20.70
N PRO D 345 28.61 24.08 21.25
CA PRO D 345 27.38 23.67 21.96
C PRO D 345 26.39 22.91 21.09
N TYR D 346 26.22 23.30 19.83
CA TYR D 346 25.26 22.62 18.97
C TYR D 346 25.63 21.16 18.73
N TYR D 347 26.90 20.81 18.86
CA TYR D 347 27.35 19.44 18.63
C TYR D 347 27.59 18.66 19.91
N ALA D 348 27.78 19.35 21.04
CA ALA D 348 27.76 18.67 22.34
C ALA D 348 26.38 18.08 22.62
N LEU D 349 25.33 18.79 22.20
CA LEU D 349 23.94 18.36 22.31
C LEU D 349 23.58 17.25 21.32
N GLN D 350 24.57 16.68 20.61
CA GLN D 350 24.33 15.59 19.69
C GLN D 350 25.23 14.39 19.98
N HIS D 351 25.97 14.43 21.08
CA HIS D 351 26.88 13.34 21.42
C HIS D 351 26.11 12.13 21.91
N SER D 352 26.79 10.98 21.91
CA SER D 352 26.17 9.74 22.36
C SER D 352 25.83 9.79 23.84
N PHE D 353 26.57 10.61 24.62
CA PHE D 353 26.32 10.72 26.05
C PHE D 353 24.90 11.22 26.36
N PHE D 354 24.20 11.77 25.37
CA PHE D 354 22.85 12.28 25.56
C PHE D 354 21.79 11.40 24.91
N LYS D 355 22.11 10.14 24.64
CA LYS D 355 21.17 9.22 24.00
C LYS D 355 19.95 8.98 24.87
N VAL E 10 -28.12 10.07 -2.79
CA VAL E 10 -26.85 9.40 -3.08
C VAL E 10 -27.09 7.95 -3.46
N TYR E 11 -26.57 7.60 -4.62
CA TYR E 11 -26.72 6.24 -5.14
C TYR E 11 -25.38 5.59 -5.31
N ASN E 12 -25.25 4.39 -4.80
CA ASN E 12 -24.00 3.63 -4.91
C ASN E 12 -22.81 4.50 -4.57
N ASP E 13 -22.93 5.21 -3.44
CA ASP E 13 -21.87 6.07 -2.93
C ASP E 13 -21.43 7.10 -3.96
N GLY E 14 -22.41 7.67 -4.68
CA GLY E 14 -22.16 8.69 -5.66
C GLY E 14 -21.65 8.20 -6.99
N TYR E 15 -21.30 6.92 -7.11
CA TYR E 15 -20.79 6.39 -8.37
C TYR E 15 -21.89 6.16 -9.41
N ASP E 16 -23.14 6.06 -8.98
CA ASP E 16 -24.27 5.82 -9.86
C ASP E 16 -25.14 7.06 -9.96
N ASP E 17 -25.98 7.08 -11.00
CA ASP E 17 -26.99 8.11 -11.15
C ASP E 17 -28.31 7.63 -10.54
N ASP E 18 -29.37 8.41 -10.70
CA ASP E 18 -30.69 8.00 -10.23
C ASP E 18 -31.30 6.90 -11.09
N ASN E 19 -30.55 6.33 -12.04
CA ASN E 19 -31.06 5.32 -12.95
C ASN E 19 -30.21 4.07 -12.94
N TYR E 20 -29.50 3.82 -11.82
CA TYR E 20 -28.70 2.61 -11.63
C TYR E 20 -27.57 2.48 -12.64
N ASP E 21 -27.17 3.57 -13.28
CA ASP E 21 -26.09 3.55 -14.26
C ASP E 21 -24.82 4.14 -13.67
N TYR E 22 -23.68 3.54 -14.01
CA TYR E 22 -22.40 4.08 -13.59
C TYR E 22 -22.13 5.38 -14.33
N ILE E 23 -21.78 6.43 -13.57
CA ILE E 23 -21.48 7.73 -14.15
C ILE E 23 -20.12 7.67 -14.84
N VAL E 24 -20.14 7.55 -16.17
CA VAL E 24 -18.91 7.43 -16.93
C VAL E 24 -18.12 8.73 -16.86
N LYS E 25 -16.87 8.64 -16.41
CA LYS E 25 -15.96 9.77 -16.36
C LYS E 25 -14.86 9.54 -17.39
N ASN E 26 -14.68 10.50 -18.29
CA ASN E 26 -13.68 10.36 -19.34
C ASN E 26 -12.28 10.34 -18.74
N GLY E 27 -11.43 9.48 -19.31
CA GLY E 27 -10.06 9.36 -18.85
C GLY E 27 -9.87 8.56 -17.58
N GLU E 28 -10.94 7.99 -17.02
CA GLU E 28 -10.83 7.23 -15.79
C GLU E 28 -10.03 5.96 -16.00
N LYS E 29 -9.24 5.60 -14.99
CA LYS E 29 -8.38 4.42 -15.01
C LYS E 29 -9.01 3.37 -14.10
N TRP E 30 -9.34 2.20 -14.66
CA TRP E 30 -9.98 1.12 -13.92
C TRP E 30 -8.98 0.02 -13.61
N MET E 31 -8.83 -0.27 -12.32
CA MET E 31 -8.05 -1.43 -11.86
C MET E 31 -6.66 -1.48 -12.47
N ASP E 32 -6.05 -0.30 -12.66
CA ASP E 32 -4.74 -0.15 -13.27
C ASP E 32 -4.65 -0.77 -14.66
N ARG E 33 -5.78 -1.15 -15.26
CA ARG E 33 -5.77 -1.87 -16.52
C ARG E 33 -6.43 -1.11 -17.64
N TYR E 34 -7.64 -0.61 -17.44
CA TYR E 34 -8.44 -0.01 -18.51
C TYR E 34 -8.48 1.50 -18.36
N GLU E 35 -8.33 2.19 -19.49
CA GLU E 35 -8.48 3.63 -19.59
C GLU E 35 -9.76 3.92 -20.37
N ILE E 36 -10.73 4.52 -19.70
CA ILE E 36 -12.02 4.80 -20.33
C ILE E 36 -11.87 5.99 -21.26
N ASP E 37 -12.33 5.86 -22.50
CA ASP E 37 -12.23 6.94 -23.46
C ASP E 37 -13.45 7.86 -23.40
N SER E 38 -14.64 7.28 -23.60
CA SER E 38 -15.86 8.06 -23.67
C SER E 38 -17.04 7.09 -23.65
N LEU E 39 -18.22 7.63 -23.36
CA LEU E 39 -19.44 6.85 -23.48
C LEU E 39 -19.80 6.75 -24.95
N ILE E 40 -20.04 5.53 -25.43
CA ILE E 40 -20.38 5.32 -26.83
C ILE E 40 -21.78 4.76 -27.02
N GLY E 41 -22.46 4.33 -25.96
CA GLY E 41 -23.80 3.80 -26.13
C GLY E 41 -24.57 3.59 -24.83
N LYS E 42 -25.86 3.91 -24.86
CA LYS E 42 -26.76 3.72 -23.74
C LYS E 42 -27.86 2.75 -24.15
N GLY E 43 -28.18 1.81 -23.26
CA GLY E 43 -29.29 0.90 -23.47
C GLY E 43 -30.06 0.69 -22.19
N SER E 44 -31.14 -0.09 -22.30
CA SER E 44 -31.93 -0.43 -21.12
C SER E 44 -31.09 -1.22 -20.12
N PHE E 45 -30.20 -2.08 -20.62
CA PHE E 45 -29.33 -2.86 -19.77
C PHE E 45 -28.38 -1.98 -18.98
N GLY E 46 -27.92 -0.89 -19.58
CA GLY E 46 -26.87 -0.08 -19.00
C GLY E 46 -26.14 0.75 -20.04
N GLN E 47 -24.82 0.60 -20.13
CA GLN E 47 -23.99 1.45 -20.98
C GLN E 47 -22.88 0.65 -21.63
N VAL E 48 -22.39 1.19 -22.74
CA VAL E 48 -21.18 0.70 -23.41
C VAL E 48 -20.21 1.87 -23.54
N VAL E 49 -18.97 1.64 -23.14
CA VAL E 49 -17.94 2.68 -23.22
C VAL E 49 -16.75 2.18 -24.03
N LYS E 50 -16.08 3.11 -24.69
CA LYS E 50 -14.82 2.82 -25.36
C LYS E 50 -13.69 2.88 -24.34
N ALA E 51 -12.81 1.89 -24.36
CA ALA E 51 -11.69 1.87 -23.43
C ALA E 51 -10.49 1.22 -24.08
N TYR E 52 -9.32 1.50 -23.51
CA TYR E 52 -8.07 0.90 -23.95
C TYR E 52 -7.57 -0.04 -22.86
N ASP E 53 -7.20 -1.26 -23.25
CA ASP E 53 -6.68 -2.25 -22.32
C ASP E 53 -5.16 -2.18 -22.32
N ARG E 54 -4.59 -1.66 -21.24
CA ARG E 54 -3.14 -1.54 -21.15
C ARG E 54 -2.46 -2.92 -21.17
N VAL E 55 -3.15 -3.96 -20.71
CA VAL E 55 -2.54 -5.29 -20.67
C VAL E 55 -2.41 -5.85 -22.08
N GLU E 56 -3.54 -6.03 -22.76
CA GLU E 56 -3.53 -6.57 -24.12
C GLU E 56 -3.16 -5.54 -25.16
N GLN E 57 -3.09 -4.26 -24.80
CA GLN E 57 -2.70 -3.17 -25.69
C GLN E 57 -3.59 -3.14 -26.94
N GLU E 58 -4.87 -2.90 -26.69
CA GLU E 58 -5.88 -2.89 -27.75
C GLU E 58 -7.11 -2.15 -27.24
N TRP E 59 -7.95 -1.72 -28.18
CA TRP E 59 -9.18 -1.01 -27.84
C TRP E 59 -10.31 -2.00 -27.64
N VAL E 60 -11.10 -1.77 -26.59
CA VAL E 60 -12.19 -2.66 -26.22
C VAL E 60 -13.45 -1.85 -25.95
N ALA E 61 -14.59 -2.51 -26.05
CA ALA E 61 -15.88 -1.94 -25.70
C ALA E 61 -16.36 -2.63 -24.43
N ILE E 62 -16.60 -1.85 -23.38
CA ILE E 62 -16.99 -2.38 -22.08
C ILE E 62 -18.48 -2.13 -21.89
N LYS E 63 -19.23 -3.22 -21.73
CA LYS E 63 -20.67 -3.18 -21.48
C LYS E 63 -20.90 -3.10 -19.97
N ILE E 64 -21.41 -1.97 -19.50
CA ILE E 64 -21.57 -1.71 -18.07
C ILE E 64 -23.03 -1.95 -17.71
N ILE E 65 -23.31 -3.12 -17.12
CA ILE E 65 -24.68 -3.45 -16.72
C ILE E 65 -25.12 -2.54 -15.58
N LYS E 66 -26.42 -2.26 -15.54
CA LYS E 66 -26.97 -1.42 -14.49
C LYS E 66 -26.79 -2.08 -13.13
N ASN E 67 -26.60 -1.25 -12.10
CA ASN E 67 -26.53 -1.72 -10.72
C ASN E 67 -27.95 -1.95 -10.19
N LYS E 68 -28.57 -3.00 -10.71
CA LYS E 68 -29.92 -3.37 -10.32
C LYS E 68 -30.05 -4.88 -10.48
N LYS E 69 -30.73 -5.51 -9.51
CA LYS E 69 -30.76 -6.96 -9.46
C LYS E 69 -31.34 -7.56 -10.74
N ALA E 70 -32.39 -6.96 -11.27
CA ALA E 70 -33.05 -7.52 -12.45
C ALA E 70 -32.10 -7.58 -13.64
N PHE E 71 -31.34 -6.50 -13.87
CA PHE E 71 -30.45 -6.47 -15.02
C PHE E 71 -29.22 -7.34 -14.82
N LEU E 72 -28.67 -7.35 -13.61
CA LEU E 72 -27.53 -8.21 -13.32
C LEU E 72 -27.89 -9.68 -13.54
N ASN E 73 -29.09 -10.08 -13.12
CA ASN E 73 -29.51 -11.47 -13.28
C ASN E 73 -29.61 -11.83 -14.76
N GLN E 74 -30.16 -10.93 -15.58
CA GLN E 74 -30.24 -11.20 -17.00
C GLN E 74 -28.85 -11.20 -17.64
N ALA E 75 -27.97 -10.28 -17.21
CA ALA E 75 -26.62 -10.25 -17.75
C ALA E 75 -25.83 -11.48 -17.36
N GLN E 76 -26.13 -12.06 -16.20
CA GLN E 76 -25.48 -13.31 -15.81
C GLN E 76 -25.80 -14.43 -16.78
N ILE E 77 -27.06 -14.53 -17.20
CA ILE E 77 -27.43 -15.48 -18.25
C ILE E 77 -26.64 -15.18 -19.52
N GLU E 78 -26.52 -13.91 -19.86
CA GLU E 78 -25.82 -13.51 -21.08
C GLU E 78 -24.34 -13.90 -21.03
N VAL E 79 -23.70 -13.71 -19.89
CA VAL E 79 -22.29 -14.08 -19.76
C VAL E 79 -22.12 -15.58 -19.91
N ARG E 80 -23.04 -16.35 -19.31
CA ARG E 80 -22.95 -17.80 -19.39
C ARG E 80 -23.05 -18.27 -20.83
N LEU E 81 -24.01 -17.73 -21.58
CA LEU E 81 -24.15 -18.07 -22.99
C LEU E 81 -22.94 -17.62 -23.78
N LEU E 82 -22.43 -16.41 -23.49
CA LEU E 82 -21.24 -15.93 -24.18
C LEU E 82 -20.03 -16.80 -23.87
N GLU E 83 -19.84 -17.15 -22.60
CA GLU E 83 -18.73 -18.03 -22.25
C GLU E 83 -18.87 -19.40 -22.88
N LEU E 84 -20.11 -19.89 -23.02
CA LEU E 84 -20.33 -21.20 -23.63
C LEU E 84 -19.91 -21.19 -25.10
N MET E 85 -20.36 -20.19 -25.85
CA MET E 85 -20.06 -20.12 -27.28
C MET E 85 -18.56 -20.01 -27.52
N ASN E 86 -17.90 -19.07 -26.85
CA ASN E 86 -16.49 -18.81 -27.07
C ASN E 86 -15.61 -19.99 -26.69
N LYS E 87 -16.16 -21.04 -26.08
CA LYS E 87 -15.42 -22.23 -25.72
C LYS E 87 -15.32 -23.25 -26.84
N HIS E 88 -16.04 -23.06 -27.94
CA HIS E 88 -16.06 -24.04 -29.03
C HIS E 88 -14.95 -23.73 -30.03
N ASP E 89 -14.21 -24.78 -30.42
CA ASP E 89 -13.10 -24.65 -31.35
C ASP E 89 -13.65 -24.78 -32.77
N THR E 90 -14.09 -23.66 -33.33
CA THR E 90 -14.65 -23.65 -34.68
C THR E 90 -14.60 -22.22 -35.21
N GLU E 91 -14.33 -22.10 -36.52
CA GLU E 91 -14.26 -20.78 -37.15
C GLU E 91 -15.62 -20.09 -37.22
N MET E 92 -16.71 -20.84 -37.07
CA MET E 92 -18.04 -20.24 -37.07
C MET E 92 -18.26 -19.32 -35.86
N LYS E 93 -17.53 -19.55 -34.77
CA LYS E 93 -17.66 -18.71 -33.57
C LYS E 93 -17.19 -17.27 -33.81
N TYR E 94 -16.53 -17.01 -34.93
CA TYR E 94 -16.01 -15.69 -35.23
C TYR E 94 -17.01 -14.82 -35.98
N TYR E 95 -18.28 -15.23 -36.03
CA TYR E 95 -19.39 -14.35 -36.38
C TYR E 95 -20.19 -13.92 -35.17
N ILE E 96 -19.87 -14.45 -33.99
CA ILE E 96 -20.41 -13.99 -32.72
C ILE E 96 -19.37 -13.09 -32.08
N VAL E 97 -19.82 -11.99 -31.48
CA VAL E 97 -18.89 -11.09 -30.82
C VAL E 97 -18.16 -11.84 -29.71
N HIS E 98 -16.90 -11.45 -29.48
CA HIS E 98 -16.04 -12.14 -28.53
C HIS E 98 -16.06 -11.44 -27.19
N LEU E 99 -16.45 -12.16 -26.15
CA LEU E 99 -16.37 -11.68 -24.78
C LEU E 99 -14.98 -12.01 -24.25
N LYS E 100 -14.11 -11.01 -24.17
CA LYS E 100 -12.74 -11.26 -23.76
C LYS E 100 -12.66 -11.63 -22.29
N ARG E 101 -13.41 -10.94 -21.44
CA ARG E 101 -13.51 -11.26 -20.03
C ARG E 101 -14.60 -10.39 -19.44
N HIS E 102 -14.94 -10.67 -18.18
CA HIS E 102 -15.90 -9.87 -17.43
C HIS E 102 -15.40 -9.73 -16.00
N PHE E 103 -15.87 -8.67 -15.34
CA PHE E 103 -15.43 -8.42 -13.97
C PHE E 103 -16.50 -7.59 -13.25
N MET E 104 -16.43 -7.61 -11.93
CA MET E 104 -17.26 -6.74 -11.10
C MET E 104 -16.44 -5.54 -10.66
N PHE E 105 -16.95 -4.34 -10.95
CA PHE E 105 -16.25 -3.10 -10.64
C PHE E 105 -17.26 -2.10 -10.10
N ARG E 106 -17.06 -1.68 -8.85
CA ARG E 106 -17.91 -0.68 -8.21
C ARG E 106 -19.38 -1.06 -8.30
N ASN E 107 -19.66 -2.32 -7.97
CA ASN E 107 -21.00 -2.91 -7.93
C ASN E 107 -21.68 -2.94 -9.30
N HIS E 108 -20.90 -2.87 -10.37
CA HIS E 108 -21.40 -3.01 -11.73
C HIS E 108 -20.71 -4.18 -12.40
N LEU E 109 -21.51 -5.10 -12.94
CA LEU E 109 -20.95 -6.14 -13.79
C LEU E 109 -20.56 -5.54 -15.14
N CYS E 110 -19.29 -5.67 -15.50
CA CYS E 110 -18.75 -5.10 -16.73
C CYS E 110 -18.29 -6.23 -17.64
N LEU E 111 -18.81 -6.24 -18.86
CA LEU E 111 -18.39 -7.18 -19.88
C LEU E 111 -17.44 -6.47 -20.85
N VAL E 112 -16.39 -7.17 -21.25
CA VAL E 112 -15.37 -6.60 -22.13
C VAL E 112 -15.45 -7.30 -23.48
N PHE E 113 -15.90 -6.56 -24.49
CA PHE E 113 -16.05 -7.07 -25.84
C PHE E 113 -14.98 -6.50 -26.75
N GLU E 114 -14.70 -7.24 -27.82
CA GLU E 114 -13.86 -6.73 -28.90
C GLU E 114 -14.50 -5.49 -29.51
N MET E 115 -13.66 -4.52 -29.88
CA MET E 115 -14.15 -3.29 -30.48
C MET E 115 -14.54 -3.54 -31.93
N LEU E 116 -15.75 -3.12 -32.31
CA LEU E 116 -16.28 -3.26 -33.65
C LEU E 116 -16.61 -1.88 -34.22
N SER E 117 -17.31 -1.86 -35.34
CA SER E 117 -17.62 -0.61 -36.02
C SER E 117 -19.13 -0.34 -36.07
N TYR E 118 -19.59 0.25 -37.17
CA TYR E 118 -21.00 0.57 -37.32
C TYR E 118 -21.85 -0.69 -37.36
N ASN E 119 -23.13 -0.53 -37.02
CA ASN E 119 -24.08 -1.62 -37.12
C ASN E 119 -24.91 -1.47 -38.40
N LEU E 120 -25.69 -2.51 -38.70
CA LEU E 120 -26.40 -2.55 -39.97
C LEU E 120 -27.45 -1.47 -40.09
N TYR E 121 -27.97 -0.94 -38.98
CA TYR E 121 -28.88 0.19 -39.07
C TYR E 121 -28.13 1.50 -39.34
N ASP E 122 -26.86 1.59 -38.93
CA ASP E 122 -26.04 2.72 -39.35
C ASP E 122 -25.76 2.65 -40.85
N LEU E 123 -25.29 1.49 -41.32
CA LEU E 123 -25.04 1.31 -42.74
C LEU E 123 -26.29 1.57 -43.56
N LEU E 124 -27.45 1.15 -43.05
CA LEU E 124 -28.71 1.39 -43.74
C LEU E 124 -29.04 2.87 -43.78
N ARG E 125 -28.86 3.57 -42.66
CA ARG E 125 -29.10 5.01 -42.62
C ARG E 125 -28.19 5.77 -43.59
N ASN E 126 -26.99 5.24 -43.83
CA ASN E 126 -26.04 5.93 -44.71
C ASN E 126 -26.56 6.03 -46.13
N THR E 127 -27.35 5.06 -46.56
CA THR E 127 -27.95 5.08 -47.88
C THR E 127 -29.18 5.96 -47.97
N ASN E 128 -29.51 6.69 -46.90
CA ASN E 128 -30.79 7.39 -46.78
C ASN E 128 -31.95 6.43 -47.04
N PHE E 129 -31.79 5.19 -46.57
CA PHE E 129 -32.81 4.15 -46.61
C PHE E 129 -33.13 3.67 -48.03
N ARG E 130 -32.21 3.86 -48.97
CA ARG E 130 -32.36 3.28 -50.30
C ARG E 130 -31.90 1.82 -50.36
N GLY E 131 -31.17 1.35 -49.36
CA GLY E 131 -30.70 -0.01 -49.29
C GLY E 131 -29.27 -0.16 -49.78
N VAL E 132 -28.72 -1.34 -49.51
CA VAL E 132 -27.41 -1.71 -50.00
C VAL E 132 -27.58 -2.72 -51.13
N SER E 133 -26.49 -2.95 -51.86
CA SER E 133 -26.56 -3.78 -53.07
C SER E 133 -26.85 -5.24 -52.71
N LEU E 134 -27.25 -6.00 -53.72
CA LEU E 134 -27.56 -7.42 -53.51
C LEU E 134 -26.32 -8.22 -53.13
N ASN E 135 -25.22 -7.95 -53.80
CA ASN E 135 -24.03 -8.71 -53.54
C ASN E 135 -23.60 -8.54 -52.09
N LEU E 136 -23.71 -7.34 -51.56
CA LEU E 136 -23.40 -7.14 -50.14
C LEU E 136 -24.42 -7.82 -49.25
N THR E 137 -25.71 -7.67 -49.56
CA THR E 137 -26.74 -8.38 -48.82
C THR E 137 -26.48 -9.88 -48.83
N ARG E 138 -26.03 -10.42 -49.97
CA ARG E 138 -25.67 -11.83 -50.04
C ARG E 138 -24.57 -12.18 -49.06
N LYS E 139 -23.55 -11.32 -48.95
CA LYS E 139 -22.46 -11.58 -48.01
C LYS E 139 -22.96 -11.60 -46.57
N PHE E 140 -23.81 -10.63 -46.20
CA PHE E 140 -24.40 -10.63 -44.87
C PHE E 140 -25.18 -11.92 -44.63
N ALA E 141 -25.99 -12.32 -45.62
CA ALA E 141 -26.80 -13.53 -45.47
C ALA E 141 -25.93 -14.76 -45.23
N GLN E 142 -24.84 -14.89 -45.99
CA GLN E 142 -23.96 -16.04 -45.80
C GLN E 142 -23.34 -16.03 -44.41
N GLN E 143 -22.85 -14.88 -43.97
CA GLN E 143 -22.29 -14.79 -42.62
C GLN E 143 -23.37 -15.01 -41.57
N MET E 144 -24.58 -14.54 -41.84
CA MET E 144 -25.62 -14.64 -40.82
C MET E 144 -26.13 -16.07 -40.68
N CYS E 145 -26.29 -16.79 -41.80
CA CYS E 145 -26.70 -18.18 -41.72
C CYS E 145 -25.63 -19.04 -41.07
N THR E 146 -24.35 -18.67 -41.23
CA THR E 146 -23.27 -19.41 -40.59
C THR E 146 -23.33 -19.26 -39.07
N ALA E 147 -23.54 -18.04 -38.58
CA ALA E 147 -23.66 -17.83 -37.15
C ALA E 147 -24.87 -18.56 -36.57
N LEU E 148 -25.98 -18.54 -37.31
CA LEU E 148 -27.18 -19.27 -36.86
C LEU E 148 -26.96 -20.78 -36.89
N LEU E 149 -26.08 -21.24 -37.78
CA LEU E 149 -25.71 -22.65 -37.78
C LEU E 149 -24.84 -22.97 -36.57
N PHE E 150 -23.94 -22.04 -36.21
CA PHE E 150 -23.13 -22.24 -35.01
C PHE E 150 -23.99 -22.22 -33.76
N LEU E 151 -24.97 -21.31 -33.69
CA LEU E 151 -25.89 -21.28 -32.56
C LEU E 151 -26.73 -22.56 -32.51
N ALA E 152 -26.95 -23.19 -33.66
CA ALA E 152 -27.72 -24.42 -33.75
C ALA E 152 -26.94 -25.65 -33.29
N THR E 153 -25.68 -25.44 -32.90
CA THR E 153 -24.87 -26.57 -32.38
C THR E 153 -25.63 -27.21 -31.23
N PRO E 154 -25.87 -28.54 -31.21
CA PRO E 154 -26.71 -29.16 -30.17
C PRO E 154 -26.25 -28.85 -28.76
N GLU E 155 -24.94 -28.88 -28.51
CA GLU E 155 -24.42 -28.56 -27.20
C GLU E 155 -24.66 -27.10 -26.83
N LEU E 156 -24.94 -26.25 -27.81
CA LEU E 156 -25.27 -24.85 -27.55
C LEU E 156 -26.77 -24.63 -27.65
N SER E 157 -27.31 -24.78 -28.85
CA SER E 157 -28.74 -24.64 -29.12
C SER E 157 -29.29 -23.34 -28.52
N ILE E 158 -28.71 -22.23 -28.99
CA ILE E 158 -28.95 -20.91 -28.42
C ILE E 158 -29.90 -20.15 -29.34
N ILE E 159 -30.92 -19.54 -28.75
CA ILE E 159 -31.83 -18.67 -29.47
C ILE E 159 -31.48 -17.23 -29.11
N HIS E 160 -31.16 -16.42 -30.13
CA HIS E 160 -30.75 -15.04 -29.86
C HIS E 160 -31.91 -14.23 -29.31
N CYS E 161 -33.09 -14.35 -29.91
CA CYS E 161 -34.36 -13.75 -29.51
C CYS E 161 -34.42 -12.24 -29.71
N ASP E 162 -33.42 -11.62 -30.33
CA ASP E 162 -33.46 -10.17 -30.57
C ASP E 162 -32.59 -9.82 -31.76
N LEU E 163 -32.75 -10.53 -32.87
CA LEU E 163 -32.01 -10.22 -34.09
C LEU E 163 -32.63 -9.00 -34.76
N LYS E 164 -31.82 -7.98 -34.97
CA LYS E 164 -32.25 -6.76 -35.66
C LYS E 164 -31.00 -6.07 -36.21
N PRO E 165 -31.17 -5.12 -37.14
CA PRO E 165 -29.98 -4.45 -37.71
C PRO E 165 -29.05 -3.84 -36.68
N GLU E 166 -29.57 -3.31 -35.57
CA GLU E 166 -28.72 -2.68 -34.56
C GLU E 166 -27.82 -3.68 -33.84
N ASN E 167 -28.14 -4.97 -33.90
CA ASN E 167 -27.36 -6.00 -33.22
C ASN E 167 -26.47 -6.79 -34.16
N ILE E 168 -26.26 -6.29 -35.39
CA ILE E 168 -25.33 -6.88 -36.34
C ILE E 168 -24.33 -5.78 -36.70
N LEU E 169 -23.09 -5.95 -36.27
CA LEU E 169 -22.08 -4.90 -36.36
C LEU E 169 -20.99 -5.25 -37.36
N LEU E 170 -20.54 -4.25 -38.11
CA LEU E 170 -19.40 -4.41 -38.98
C LEU E 170 -18.13 -4.57 -38.17
N CYS E 171 -17.28 -5.53 -38.56
CA CYS E 171 -15.97 -5.65 -37.95
C CYS E 171 -15.11 -4.43 -38.29
N ASN E 172 -15.05 -4.10 -39.57
CA ASN E 172 -14.29 -2.97 -40.09
C ASN E 172 -15.23 -2.00 -40.80
N PRO E 173 -14.97 -0.70 -40.71
CA PRO E 173 -15.81 0.25 -41.47
C PRO E 173 -15.68 0.12 -42.97
N LYS E 174 -14.67 -0.60 -43.48
CA LYS E 174 -14.40 -0.66 -44.90
C LYS E 174 -14.73 -2.00 -45.55
N ARG E 175 -14.88 -3.07 -44.78
CA ARG E 175 -15.13 -4.40 -45.32
C ARG E 175 -16.48 -4.93 -44.83
N SER E 176 -16.87 -6.08 -45.38
CA SER E 176 -18.21 -6.62 -45.22
C SER E 176 -18.34 -7.61 -44.07
N ALA E 177 -17.30 -7.78 -43.26
CA ALA E 177 -17.39 -8.70 -42.14
C ALA E 177 -18.35 -8.19 -41.09
N ILE E 178 -19.19 -9.08 -40.56
CA ILE E 178 -20.18 -8.71 -39.55
C ILE E 178 -20.07 -9.66 -38.36
N LYS E 179 -20.67 -9.23 -37.24
CA LYS E 179 -20.72 -10.04 -36.03
C LYS E 179 -22.02 -9.75 -35.29
N ILE E 180 -22.62 -10.80 -34.73
CA ILE E 180 -23.82 -10.65 -33.89
C ILE E 180 -23.41 -10.23 -32.50
N VAL E 181 -24.11 -9.21 -31.97
CA VAL E 181 -23.89 -8.76 -30.60
C VAL E 181 -25.21 -8.81 -29.84
N ASP E 182 -25.16 -8.42 -28.56
CA ASP E 182 -26.32 -8.29 -27.68
C ASP E 182 -27.08 -9.60 -27.52
N PHE E 183 -26.51 -10.53 -26.74
CA PHE E 183 -27.20 -11.75 -26.34
C PHE E 183 -27.93 -11.57 -25.01
N GLY E 184 -28.37 -10.36 -24.70
CA GLY E 184 -29.00 -10.06 -23.42
C GLY E 184 -30.42 -10.59 -23.27
N SER E 185 -31.07 -10.96 -24.38
CA SER E 185 -32.39 -11.57 -24.33
C SER E 185 -32.37 -13.02 -24.81
N SER E 186 -31.20 -13.64 -24.83
CA SER E 186 -31.04 -14.95 -25.40
C SER E 186 -31.34 -16.05 -24.38
N CYS E 187 -31.45 -17.27 -24.89
CA CYS E 187 -31.71 -18.42 -24.04
C CYS E 187 -31.36 -19.68 -24.82
N GLN E 188 -31.09 -20.75 -24.09
CA GLN E 188 -30.94 -22.04 -24.72
C GLN E 188 -32.31 -22.69 -24.89
N LEU E 189 -32.36 -23.70 -25.76
CA LEU E 189 -33.61 -24.39 -26.01
C LEU E 189 -34.07 -25.12 -24.75
N GLY E 190 -35.36 -25.05 -24.48
CA GLY E 190 -35.92 -25.68 -23.29
C GLY E 190 -35.80 -24.80 -22.05
N GLN E 191 -34.73 -24.02 -21.95
CA GLN E 191 -34.56 -23.05 -20.88
C GLN E 191 -35.12 -21.68 -21.25
N ARG E 192 -36.29 -21.64 -21.87
CA ARG E 192 -36.91 -20.38 -22.27
C ARG E 192 -37.67 -19.79 -21.09
N ILE E 193 -37.50 -18.49 -20.88
CA ILE E 193 -38.00 -17.82 -19.68
C ILE E 193 -38.97 -16.68 -19.98
N TYR E 194 -39.26 -16.41 -21.24
CA TYR E 194 -40.12 -15.29 -21.61
C TYR E 194 -41.10 -15.72 -22.70
N GLN E 195 -41.99 -14.81 -23.06
CA GLN E 195 -42.95 -15.04 -24.14
C GLN E 195 -43.02 -13.83 -25.07
N PTR E 196 -43.13 -12.64 -24.48
CA PTR E 196 -43.09 -11.39 -25.24
C PTR E 196 -41.65 -11.09 -25.65
O PTR E 196 -40.98 -10.25 -25.05
CB PTR E 196 -43.69 -10.25 -24.40
CG PTR E 196 -44.02 -8.98 -25.16
CD1 PTR E 196 -43.54 -7.75 -24.72
CD2 PTR E 196 -44.82 -9.01 -26.29
CE1 PTR E 196 -43.86 -6.58 -25.39
CE2 PTR E 196 -45.12 -7.84 -26.98
CZ PTR E 196 -44.63 -6.63 -26.53
OH PTR E 196 -44.95 -5.53 -27.18
P PTR E 196 -43.87 -4.55 -27.87
O1P PTR E 196 -42.46 -4.76 -27.27
O2P PTR E 196 -44.31 -3.16 -27.62
O3P PTR E 196 -43.82 -4.80 -29.39
N ILE E 197 -41.18 -11.80 -26.66
CA ILE E 197 -39.79 -11.70 -27.10
C ILE E 197 -39.70 -11.19 -28.52
N GLN E 198 -38.47 -10.87 -28.94
CA GLN E 198 -38.16 -10.38 -30.29
C GLN E 198 -38.70 -8.99 -30.53
N SER E 199 -37.90 -8.12 -31.15
CA SER E 199 -38.41 -6.83 -31.60
C SER E 199 -39.57 -7.05 -32.57
N ARG E 200 -40.63 -6.26 -32.38
CA ARG E 200 -41.90 -6.51 -33.07
C ARG E 200 -41.70 -6.70 -34.57
N PHE E 201 -41.00 -5.75 -35.21
CA PHE E 201 -40.79 -5.81 -36.66
C PHE E 201 -40.19 -7.15 -37.08
N TYR E 202 -39.36 -7.74 -36.22
CA TYR E 202 -38.65 -8.98 -36.54
C TYR E 202 -39.18 -10.15 -35.72
N ARG E 203 -40.38 -10.03 -35.17
CA ARG E 203 -40.94 -11.05 -34.29
C ARG E 203 -41.62 -12.14 -35.12
N SER E 204 -41.35 -13.40 -34.76
CA SER E 204 -41.89 -14.52 -35.49
C SER E 204 -43.40 -14.65 -35.25
N PRO E 205 -44.13 -15.25 -36.19
CA PRO E 205 -45.57 -15.44 -35.95
C PRO E 205 -45.89 -16.32 -34.75
N GLU E 206 -45.07 -17.34 -34.49
CA GLU E 206 -45.34 -18.24 -33.37
C GLU E 206 -45.26 -17.49 -32.05
N VAL E 207 -44.34 -16.54 -31.94
CA VAL E 207 -44.23 -15.74 -30.72
C VAL E 207 -45.40 -14.78 -30.62
N LEU E 208 -45.87 -14.28 -31.76
CA LEU E 208 -47.06 -13.43 -31.76
C LEU E 208 -48.29 -14.21 -31.34
N LEU E 209 -48.40 -15.47 -31.76
CA LEU E 209 -49.56 -16.31 -31.45
C LEU E 209 -49.48 -16.97 -30.08
N GLY E 210 -48.43 -16.70 -29.31
CA GLY E 210 -48.29 -17.29 -27.99
C GLY E 210 -48.00 -18.78 -27.97
N MET E 211 -47.35 -19.28 -29.01
CA MET E 211 -47.04 -20.70 -29.16
C MET E 211 -45.61 -20.98 -28.70
N PRO E 212 -45.26 -22.26 -28.51
CA PRO E 212 -43.86 -22.60 -28.25
C PRO E 212 -42.97 -22.13 -29.39
N TYR E 213 -41.74 -21.79 -29.06
CA TYR E 213 -40.79 -21.29 -30.06
C TYR E 213 -39.45 -21.99 -29.91
N ASP E 214 -38.79 -22.19 -31.04
CA ASP E 214 -37.46 -22.81 -31.06
C ASP E 214 -36.46 -21.87 -31.71
N LEU E 215 -35.31 -22.42 -32.12
CA LEU E 215 -34.29 -21.59 -32.76
C LEU E 215 -34.74 -21.01 -34.09
N ALA E 216 -35.89 -21.43 -34.62
CA ALA E 216 -36.33 -20.94 -35.92
C ALA E 216 -36.76 -19.48 -35.89
N ILE E 217 -37.05 -18.92 -34.70
CA ILE E 217 -37.47 -17.54 -34.64
C ILE E 217 -36.36 -16.59 -35.06
N ASP E 218 -35.10 -17.01 -34.92
CA ASP E 218 -34.00 -16.22 -35.46
C ASP E 218 -34.01 -16.24 -36.97
N MET E 219 -34.27 -17.41 -37.57
CA MET E 219 -34.36 -17.50 -39.02
C MET E 219 -35.44 -16.61 -39.59
N TRP E 220 -36.55 -16.45 -38.86
CA TRP E 220 -37.59 -15.53 -39.30
C TRP E 220 -37.08 -14.09 -39.29
N SER E 221 -36.41 -13.70 -38.22
CA SER E 221 -35.87 -12.35 -38.13
C SER E 221 -34.83 -12.10 -39.21
N LEU E 222 -33.99 -13.11 -39.49
CA LEU E 222 -33.01 -12.97 -40.56
C LEU E 222 -33.69 -12.65 -41.89
N GLY E 223 -34.82 -13.29 -42.18
CA GLY E 223 -35.53 -13.00 -43.40
C GLY E 223 -36.07 -11.59 -43.45
N CYS E 224 -36.57 -11.09 -42.32
CA CYS E 224 -37.04 -9.70 -42.26
C CYS E 224 -35.89 -8.72 -42.31
N ILE E 225 -34.69 -9.13 -41.89
CA ILE E 225 -33.53 -8.24 -41.94
C ILE E 225 -32.96 -8.17 -43.35
N LEU E 226 -32.78 -9.34 -43.99
CA LEU E 226 -32.15 -9.36 -45.32
C LEU E 226 -32.99 -8.61 -46.34
N VAL E 227 -34.32 -8.62 -46.20
CA VAL E 227 -35.17 -7.83 -47.09
C VAL E 227 -34.97 -6.35 -46.81
N GLU E 228 -34.99 -5.97 -45.54
CA GLU E 228 -34.80 -4.57 -45.18
C GLU E 228 -33.43 -4.05 -45.60
N MET E 229 -32.42 -4.92 -45.60
CA MET E 229 -31.08 -4.44 -45.92
C MET E 229 -30.93 -4.08 -47.40
N HIS E 230 -31.81 -4.57 -48.26
CA HIS E 230 -31.72 -4.25 -49.68
C HIS E 230 -32.72 -3.18 -50.10
N THR E 231 -33.93 -3.19 -49.55
CA THR E 231 -34.91 -2.16 -49.85
C THR E 231 -34.79 -0.93 -48.97
N GLY E 232 -34.10 -1.04 -47.83
CA GLY E 232 -33.87 0.08 -46.96
C GLY E 232 -34.96 0.33 -45.93
N GLU E 233 -36.18 -0.19 -46.17
CA GLU E 233 -37.29 0.02 -45.28
C GLU E 233 -37.70 -1.30 -44.61
N PRO E 234 -38.29 -1.24 -43.41
CA PRO E 234 -38.71 -2.48 -42.75
C PRO E 234 -39.79 -3.20 -43.54
N LEU E 235 -39.68 -4.53 -43.58
CA LEU E 235 -40.62 -5.34 -44.34
C LEU E 235 -41.97 -5.43 -43.64
N PHE E 236 -41.98 -5.54 -42.31
CA PHE E 236 -43.20 -5.68 -41.51
C PHE E 236 -43.18 -4.62 -40.42
N SER E 237 -43.51 -3.39 -40.80
CA SER E 237 -43.44 -2.24 -39.87
C SER E 237 -44.72 -2.15 -39.05
N GLY E 238 -44.91 -3.13 -38.17
CA GLY E 238 -46.12 -3.21 -37.37
C GLY E 238 -46.07 -2.27 -36.18
N ALA E 239 -47.13 -1.48 -36.02
CA ALA E 239 -47.20 -0.54 -34.90
C ALA E 239 -47.52 -1.23 -33.59
N ASN E 240 -48.30 -2.31 -33.63
CA ASN E 240 -48.59 -3.11 -32.44
C ASN E 240 -48.68 -4.57 -32.86
N GLU E 241 -49.20 -5.40 -31.97
CA GLU E 241 -49.28 -6.83 -32.22
C GLU E 241 -50.25 -7.15 -33.36
N VAL E 242 -51.38 -6.45 -33.42
CA VAL E 242 -52.36 -6.70 -34.49
C VAL E 242 -51.82 -6.19 -35.82
N ASP E 243 -51.34 -4.94 -35.84
CA ASP E 243 -50.79 -4.38 -37.06
C ASP E 243 -49.63 -5.23 -37.59
N GLN E 244 -48.80 -5.77 -36.68
CA GLN E 244 -47.69 -6.62 -37.10
C GLN E 244 -48.19 -7.91 -37.73
N MET E 245 -49.10 -8.61 -37.05
CA MET E 245 -49.69 -9.82 -37.61
C MET E 245 -50.42 -9.51 -38.92
N ASN E 246 -51.04 -8.33 -39.02
CA ASN E 246 -51.75 -7.96 -40.24
C ASN E 246 -50.77 -7.64 -41.36
N LYS E 247 -49.74 -6.84 -41.08
CA LYS E 247 -48.73 -6.55 -42.10
C LYS E 247 -48.03 -7.83 -42.56
N ILE E 248 -47.83 -8.78 -41.65
CA ILE E 248 -47.36 -10.11 -42.04
C ILE E 248 -48.37 -10.77 -42.98
N VAL E 249 -49.66 -10.68 -42.65
CA VAL E 249 -50.68 -11.36 -43.44
C VAL E 249 -50.78 -10.77 -44.84
N GLU E 250 -50.45 -9.49 -45.00
CA GLU E 250 -50.52 -8.86 -46.32
C GLU E 250 -49.66 -9.60 -47.33
N VAL E 251 -48.48 -10.05 -46.91
CA VAL E 251 -47.51 -10.65 -47.81
C VAL E 251 -47.66 -12.17 -47.88
N LEU E 252 -47.97 -12.80 -46.75
CA LEU E 252 -47.98 -14.25 -46.66
C LEU E 252 -49.38 -14.83 -46.48
N GLY E 253 -50.41 -14.01 -46.63
CA GLY E 253 -51.76 -14.52 -46.52
C GLY E 253 -52.10 -14.99 -45.12
N ILE E 254 -53.04 -15.92 -45.03
CA ILE E 254 -53.51 -16.45 -43.75
C ILE E 254 -52.56 -17.56 -43.31
N PRO E 255 -52.18 -17.61 -42.03
CA PRO E 255 -51.39 -18.73 -41.56
C PRO E 255 -52.18 -20.02 -41.69
N PRO E 256 -51.49 -21.14 -41.95
CA PRO E 256 -52.20 -22.41 -42.13
C PRO E 256 -53.00 -22.80 -40.89
N ALA E 257 -54.05 -23.59 -41.12
CA ALA E 257 -54.98 -23.92 -40.05
C ALA E 257 -54.35 -24.79 -38.97
N HIS E 258 -53.44 -25.69 -39.34
CA HIS E 258 -52.81 -26.55 -38.34
C HIS E 258 -52.02 -25.74 -37.32
N ILE E 259 -51.51 -24.58 -37.71
CA ILE E 259 -50.86 -23.69 -36.75
C ILE E 259 -51.90 -22.98 -35.91
N LEU E 260 -52.94 -22.44 -36.56
CA LEU E 260 -53.95 -21.66 -35.85
C LEU E 260 -54.78 -22.53 -34.91
N ASP E 261 -54.96 -23.81 -35.24
CA ASP E 261 -55.67 -24.72 -34.35
C ASP E 261 -54.84 -25.10 -33.11
N GLN E 262 -53.68 -24.48 -32.94
CA GLN E 262 -52.87 -24.68 -31.74
C GLN E 262 -52.37 -23.37 -31.17
N ALA E 263 -52.83 -22.24 -31.68
CA ALA E 263 -52.32 -20.94 -31.26
C ALA E 263 -53.14 -20.40 -30.09
N PRO E 264 -52.53 -20.21 -28.92
CA PRO E 264 -53.31 -19.67 -27.79
C PRO E 264 -53.88 -18.28 -28.05
N LYS E 265 -53.11 -17.42 -28.71
CA LYS E 265 -53.57 -16.07 -29.05
C LYS E 265 -54.09 -16.00 -30.49
N ALA E 266 -54.75 -17.06 -30.96
CA ALA E 266 -55.25 -17.07 -32.33
C ALA E 266 -56.40 -16.09 -32.52
N ARG E 267 -57.35 -16.09 -31.60
CA ARG E 267 -58.50 -15.18 -31.67
C ARG E 267 -58.11 -13.73 -31.47
N LYS E 268 -56.86 -13.44 -31.14
CA LYS E 268 -56.41 -12.06 -31.06
C LYS E 268 -56.31 -11.43 -32.44
N PHE E 269 -56.11 -12.25 -33.46
CA PHE E 269 -55.90 -11.77 -34.82
C PHE E 269 -56.91 -12.32 -35.82
N PHE E 270 -57.47 -13.51 -35.59
CA PHE E 270 -58.31 -14.19 -36.56
C PHE E 270 -59.59 -14.67 -35.90
N GLU E 271 -60.41 -15.36 -36.68
CA GLU E 271 -61.66 -15.95 -36.22
C GLU E 271 -61.94 -17.22 -37.02
N LYS E 272 -62.65 -18.16 -36.40
CA LYS E 272 -62.95 -19.46 -37.01
C LYS E 272 -64.37 -19.45 -37.53
N LEU E 273 -64.50 -19.73 -38.79
CA LEU E 273 -65.83 -19.68 -39.48
C LEU E 273 -66.53 -21.04 -39.32
N PRO E 274 -67.80 -21.18 -39.75
CA PRO E 274 -68.49 -22.47 -39.60
C PRO E 274 -67.86 -23.68 -40.26
N ASP E 275 -67.45 -23.53 -41.50
CA ASP E 275 -66.41 -24.31 -42.21
C ASP E 275 -65.38 -24.89 -41.23
N GLY E 276 -64.57 -24.03 -40.66
CA GLY E 276 -63.43 -24.47 -39.86
C GLY E 276 -62.16 -23.76 -40.29
N THR E 277 -62.27 -22.98 -41.36
CA THR E 277 -61.17 -22.17 -41.86
C THR E 277 -61.04 -20.90 -41.00
N TRP E 278 -60.04 -20.08 -41.32
CA TRP E 278 -59.74 -18.89 -40.53
C TRP E 278 -59.68 -17.66 -41.42
N ASN E 279 -60.33 -16.59 -40.98
CA ASN E 279 -60.18 -15.26 -41.56
C ASN E 279 -59.78 -14.28 -40.47
N LEU E 280 -59.40 -13.07 -40.89
CA LEU E 280 -59.07 -12.03 -39.93
C LEU E 280 -60.34 -11.53 -39.25
N LYS E 281 -60.15 -10.77 -38.17
CA LYS E 281 -61.28 -10.15 -37.50
C LYS E 281 -61.78 -8.97 -38.32
N LYS E 282 -63.09 -8.90 -38.51
CA LYS E 282 -63.69 -7.85 -39.34
C LYS E 282 -63.47 -6.47 -38.71
N THR E 283 -63.71 -5.44 -39.52
CA THR E 283 -63.52 -4.06 -39.07
C THR E 283 -64.65 -3.12 -39.45
N LYS E 284 -65.73 -3.61 -40.06
CA LYS E 284 -66.86 -2.79 -40.49
C LYS E 284 -66.43 -1.63 -41.38
N GLU E 289 -57.92 -1.22 -44.41
CA GLU E 289 -56.60 -0.65 -44.14
C GLU E 289 -55.50 -1.47 -44.80
N TYR E 290 -55.58 -2.79 -44.65
CA TYR E 290 -54.56 -3.70 -45.14
C TYR E 290 -54.95 -4.25 -46.50
N LYS E 291 -53.95 -4.46 -47.35
CA LYS E 291 -54.20 -5.12 -48.63
C LYS E 291 -54.67 -6.55 -48.37
N PRO E 292 -55.47 -7.13 -49.27
CA PRO E 292 -56.01 -8.46 -49.01
C PRO E 292 -54.90 -9.47 -48.84
N PRO E 293 -55.15 -10.55 -48.10
CA PRO E 293 -54.10 -11.54 -47.84
C PRO E 293 -53.42 -12.02 -49.11
N GLY E 294 -52.09 -12.04 -49.09
CA GLY E 294 -51.29 -12.53 -50.20
C GLY E 294 -51.11 -11.56 -51.34
N THR E 295 -51.86 -10.46 -51.38
CA THR E 295 -51.79 -9.53 -52.51
C THR E 295 -50.55 -8.64 -52.47
N ARG E 296 -49.88 -8.54 -51.31
CA ARG E 296 -48.62 -7.79 -51.22
C ARG E 296 -47.46 -8.73 -51.51
N LYS E 297 -47.40 -9.17 -52.76
CA LYS E 297 -46.42 -10.16 -53.17
C LYS E 297 -45.00 -9.64 -52.96
N LEU E 298 -44.13 -10.50 -52.44
CA LEU E 298 -42.73 -10.14 -52.29
C LEU E 298 -42.10 -9.79 -53.63
N HIS E 299 -42.66 -10.32 -54.72
CA HIS E 299 -42.20 -10.01 -56.07
C HIS E 299 -42.10 -8.50 -56.30
N ASN E 300 -43.02 -7.73 -55.72
CA ASN E 300 -43.09 -6.31 -56.03
C ASN E 300 -42.14 -5.50 -55.16
N ILE E 301 -42.28 -5.59 -53.83
CA ILE E 301 -41.43 -4.80 -52.94
C ILE E 301 -39.95 -5.15 -53.12
N LEU E 302 -39.64 -6.34 -53.63
CA LEU E 302 -38.27 -6.66 -53.99
C LEU E 302 -37.88 -6.02 -55.31
N GLY E 303 -38.78 -6.06 -56.30
CA GLY E 303 -38.51 -5.50 -57.61
C GLY E 303 -37.83 -6.48 -58.54
N VAL E 304 -38.29 -7.74 -58.52
CA VAL E 304 -37.65 -8.80 -59.28
C VAL E 304 -37.56 -8.44 -60.75
N GLU E 305 -38.70 -8.07 -61.36
CA GLU E 305 -38.77 -7.82 -62.78
C GLU E 305 -38.90 -6.33 -63.11
N THR E 306 -38.62 -5.46 -62.16
CA THR E 306 -38.81 -4.03 -62.38
C THR E 306 -37.63 -3.23 -61.83
N GLY E 307 -36.42 -3.76 -61.98
CA GLY E 307 -35.22 -3.00 -61.68
C GLY E 307 -34.85 -2.89 -60.22
N GLY E 308 -35.42 -3.73 -59.36
CA GLY E 308 -35.09 -3.72 -57.95
C GLY E 308 -35.98 -2.79 -57.15
N PRO E 309 -35.63 -2.57 -55.87
CA PRO E 309 -36.44 -1.70 -55.02
C PRO E 309 -36.57 -0.29 -55.57
N GLY E 310 -37.77 0.07 -56.01
CA GLY E 310 -38.00 1.36 -56.62
C GLY E 310 -37.46 1.45 -58.03
N GLY E 311 -36.43 0.67 -58.33
CA GLY E 311 -35.82 0.65 -59.64
C GLY E 311 -34.41 1.20 -59.70
N ARG E 312 -33.81 1.55 -58.56
CA ARG E 312 -32.51 2.22 -58.55
C ARG E 312 -31.34 1.30 -58.88
N ARG E 313 -31.59 0.00 -59.08
CA ARG E 313 -30.51 -0.97 -59.24
C ARG E 313 -30.59 -1.72 -60.57
N ALA E 314 -31.05 -1.04 -61.62
CA ALA E 314 -31.18 -1.68 -62.94
C ALA E 314 -29.82 -1.99 -63.55
N SER E 317 -23.11 -4.77 -61.56
CA SER E 317 -24.54 -4.86 -61.84
C SER E 317 -25.04 -6.29 -61.66
N GLY E 318 -24.73 -6.89 -60.52
CA GLY E 318 -25.11 -8.26 -60.25
C GLY E 318 -26.52 -8.43 -59.74
N HIS E 319 -27.42 -7.56 -60.17
CA HIS E 319 -28.82 -7.57 -59.74
C HIS E 319 -29.72 -8.14 -60.82
N THR E 320 -29.37 -9.32 -61.34
CA THR E 320 -30.13 -9.91 -62.43
C THR E 320 -31.47 -10.45 -61.93
N VAL E 321 -32.41 -10.57 -62.86
CA VAL E 321 -33.74 -11.08 -62.53
C VAL E 321 -33.65 -12.52 -62.03
N ALA E 322 -32.69 -13.29 -62.54
CA ALA E 322 -32.46 -14.63 -62.00
C ALA E 322 -31.93 -14.55 -60.58
N ASP E 323 -30.98 -13.64 -60.32
CA ASP E 323 -30.45 -13.47 -58.97
C ASP E 323 -31.55 -13.12 -57.98
N TYR E 324 -32.48 -12.26 -58.39
CA TYR E 324 -33.54 -11.84 -57.48
C TYR E 324 -34.44 -13.01 -57.10
N LEU E 325 -34.76 -13.87 -58.07
CA LEU E 325 -35.63 -15.01 -57.78
C LEU E 325 -35.00 -15.95 -56.78
N LYS E 326 -33.68 -16.15 -56.87
CA LYS E 326 -32.99 -16.95 -55.87
C LYS E 326 -33.10 -16.31 -54.50
N PHE E 327 -32.88 -15.00 -54.43
CA PHE E 327 -33.03 -14.28 -53.17
C PHE E 327 -34.45 -14.37 -52.64
N LYS E 328 -35.44 -14.23 -53.54
CA LYS E 328 -36.84 -14.29 -53.10
C LYS E 328 -37.19 -15.68 -52.57
N ASP E 329 -36.68 -16.73 -53.22
CA ASP E 329 -36.96 -18.09 -52.76
C ASP E 329 -36.38 -18.33 -51.38
N LEU E 330 -35.14 -17.87 -51.15
CA LEU E 330 -34.55 -18.03 -49.82
C LEU E 330 -35.36 -17.31 -48.76
N ILE E 331 -35.83 -16.10 -49.07
CA ILE E 331 -36.54 -15.31 -48.07
C ILE E 331 -37.91 -15.91 -47.78
N LEU E 332 -38.53 -16.54 -48.77
CA LEU E 332 -39.81 -17.21 -48.52
C LEU E 332 -39.61 -18.49 -47.72
N ARG E 333 -38.57 -19.26 -48.03
CA ARG E 333 -38.20 -20.38 -47.17
C ARG E 333 -37.82 -19.90 -45.78
N MET E 334 -37.23 -18.69 -45.70
CA MET E 334 -36.88 -18.13 -44.40
C MET E 334 -38.11 -17.67 -43.63
N LEU E 335 -39.06 -17.06 -44.33
CA LEU E 335 -40.31 -16.59 -43.71
C LEU E 335 -41.39 -17.65 -43.73
N ASP E 336 -41.03 -18.92 -43.55
CA ASP E 336 -42.02 -19.98 -43.51
C ASP E 336 -42.89 -19.84 -42.26
N TYR E 337 -44.21 -19.96 -42.45
CA TYR E 337 -45.14 -19.84 -41.33
C TYR E 337 -44.90 -20.94 -40.30
N ASP E 338 -44.66 -22.16 -40.76
CA ASP E 338 -44.52 -23.31 -39.87
C ASP E 338 -43.09 -23.37 -39.33
N PRO E 339 -42.89 -23.28 -38.01
CA PRO E 339 -41.52 -23.39 -37.46
C PRO E 339 -40.86 -24.73 -37.76
N LYS E 340 -41.64 -25.79 -37.94
CA LYS E 340 -41.06 -27.10 -38.19
C LYS E 340 -40.55 -27.24 -39.62
N THR E 341 -41.18 -26.56 -40.59
CA THR E 341 -40.76 -26.63 -41.97
C THR E 341 -39.89 -25.45 -42.41
N ARG E 342 -39.77 -24.41 -41.57
CA ARG E 342 -38.93 -23.28 -41.91
C ARG E 342 -37.50 -23.72 -42.21
N ILE E 343 -36.87 -23.07 -43.19
CA ILE E 343 -35.54 -23.46 -43.60
C ILE E 343 -34.58 -23.35 -42.42
N GLN E 344 -33.71 -24.31 -42.30
CA GLN E 344 -32.73 -24.39 -41.24
C GLN E 344 -31.38 -23.88 -41.73
N PRO E 345 -30.55 -23.35 -40.82
CA PRO E 345 -29.28 -22.73 -41.25
C PRO E 345 -28.39 -23.64 -42.09
N TYR E 346 -28.37 -24.95 -41.81
CA TYR E 346 -27.51 -25.84 -42.59
C TYR E 346 -27.95 -25.91 -44.05
N TYR E 347 -29.26 -25.95 -44.28
CA TYR E 347 -29.76 -26.01 -45.65
C TYR E 347 -29.94 -24.64 -46.28
N ALA E 348 -30.08 -23.59 -45.47
CA ALA E 348 -30.06 -22.23 -46.02
C ALA E 348 -28.71 -21.91 -46.63
N LEU E 349 -27.63 -22.49 -46.10
CA LEU E 349 -26.30 -22.24 -46.63
C LEU E 349 -26.06 -22.93 -47.97
N GLN E 350 -26.91 -23.89 -48.35
CA GLN E 350 -26.79 -24.57 -49.63
C GLN E 350 -27.73 -24.01 -50.68
N HIS E 351 -28.37 -22.87 -50.41
CA HIS E 351 -29.29 -22.27 -51.35
C HIS E 351 -28.56 -21.82 -52.62
N SER E 352 -29.29 -21.80 -53.74
CA SER E 352 -28.70 -21.36 -55.00
C SER E 352 -28.32 -19.89 -54.97
N PHE E 353 -28.90 -19.11 -54.04
CA PHE E 353 -28.59 -17.69 -53.93
C PHE E 353 -27.13 -17.46 -53.55
N PHE E 354 -26.46 -18.43 -52.96
CA PHE E 354 -25.08 -18.26 -52.50
C PHE E 354 -24.07 -18.82 -53.50
N LYS E 355 -24.50 -19.10 -54.73
CA LYS E 355 -23.62 -19.54 -55.81
C LYS E 355 -22.66 -20.66 -55.40
N VAL F 10 61.63 -8.28 -30.21
CA VAL F 10 61.64 -9.04 -28.97
C VAL F 10 61.58 -8.11 -27.77
N TYR F 11 61.71 -8.69 -26.57
CA TYR F 11 61.66 -7.93 -25.32
C TYR F 11 62.59 -8.62 -24.33
N ASN F 12 63.80 -8.07 -24.17
CA ASN F 12 64.84 -8.65 -23.33
C ASN F 12 65.13 -10.10 -23.76
N ASP F 13 65.56 -10.23 -25.02
CA ASP F 13 65.87 -11.50 -25.65
C ASP F 13 64.68 -12.45 -25.65
N GLY F 14 63.47 -11.94 -25.47
CA GLY F 14 62.28 -12.76 -25.44
C GLY F 14 61.87 -13.28 -24.07
N TYR F 15 62.46 -12.76 -23.01
CA TYR F 15 62.15 -13.29 -21.69
C TYR F 15 61.14 -12.44 -20.94
N ASP F 16 60.52 -11.46 -21.58
CA ASP F 16 59.65 -10.54 -20.87
C ASP F 16 58.40 -10.24 -21.67
N ASP F 17 57.29 -10.05 -20.95
CA ASP F 17 56.01 -9.68 -21.54
C ASP F 17 56.01 -8.19 -21.89
N ASP F 18 54.87 -7.70 -22.37
CA ASP F 18 54.77 -6.32 -22.79
C ASP F 18 54.78 -5.34 -21.62
N ASN F 19 54.74 -5.83 -20.38
CA ASN F 19 54.68 -4.98 -19.21
C ASN F 19 55.95 -5.07 -18.35
N TYR F 20 57.09 -5.33 -18.99
CA TYR F 20 58.39 -5.45 -18.32
C TYR F 20 58.41 -6.56 -17.27
N ASP F 21 57.54 -7.55 -17.39
CA ASP F 21 57.46 -8.66 -16.44
C ASP F 21 58.12 -9.91 -17.03
N TYR F 22 58.73 -10.70 -16.14
CA TYR F 22 59.38 -11.93 -16.58
C TYR F 22 58.33 -13.00 -16.89
N ILE F 23 58.48 -13.66 -18.03
CA ILE F 23 57.57 -14.75 -18.38
C ILE F 23 57.86 -15.91 -17.43
N VAL F 24 56.88 -16.25 -16.59
CA VAL F 24 57.05 -17.30 -15.61
C VAL F 24 56.60 -18.62 -16.24
N LYS F 25 57.54 -19.54 -16.43
CA LYS F 25 57.26 -20.87 -16.95
C LYS F 25 57.42 -21.87 -15.81
N ASN F 26 56.34 -22.57 -15.49
CA ASN F 26 56.36 -23.53 -14.38
C ASN F 26 57.30 -24.68 -14.72
N GLY F 27 58.33 -24.85 -13.89
CA GLY F 27 59.30 -25.92 -14.04
C GLY F 27 60.72 -25.46 -14.31
N GLU F 28 60.91 -24.23 -14.78
CA GLU F 28 62.23 -23.75 -15.12
C GLU F 28 63.14 -23.75 -13.89
N LYS F 29 64.43 -23.99 -14.12
CA LYS F 29 65.44 -24.02 -13.07
C LYS F 29 66.37 -22.82 -13.23
N TRP F 30 66.46 -21.99 -12.20
CA TRP F 30 67.27 -20.79 -12.22
C TRP F 30 68.63 -21.10 -11.60
N MET F 31 69.71 -20.66 -12.27
CA MET F 31 71.10 -20.79 -11.83
C MET F 31 71.40 -22.08 -11.08
N ASP F 32 70.78 -23.19 -11.52
CA ASP F 32 70.96 -24.50 -10.89
C ASP F 32 70.74 -24.45 -9.38
N ARG F 33 69.89 -23.53 -8.93
CA ARG F 33 69.62 -23.37 -7.50
C ARG F 33 68.13 -23.45 -7.20
N TYR F 34 67.33 -22.64 -7.90
CA TYR F 34 65.89 -22.58 -7.65
C TYR F 34 65.12 -23.32 -8.74
N GLU F 35 64.03 -23.98 -8.34
CA GLU F 35 63.10 -24.61 -9.27
C GLU F 35 61.75 -23.94 -9.10
N ILE F 36 61.31 -23.23 -10.13
CA ILE F 36 60.07 -22.45 -10.05
C ILE F 36 58.88 -23.41 -10.06
N ASP F 37 58.12 -23.41 -8.97
CA ASP F 37 56.92 -24.23 -8.88
C ASP F 37 55.79 -23.65 -9.71
N SER F 38 55.32 -22.46 -9.33
CA SER F 38 54.24 -21.79 -10.04
C SER F 38 54.34 -20.29 -9.75
N LEU F 39 53.35 -19.52 -10.18
CA LEU F 39 53.29 -18.09 -9.95
C LEU F 39 52.14 -17.79 -9.00
N ILE F 40 52.43 -17.15 -7.87
CA ILE F 40 51.37 -16.80 -6.93
C ILE F 40 50.54 -15.63 -7.46
N GLY F 41 51.19 -14.64 -8.05
CA GLY F 41 50.46 -13.52 -8.60
C GLY F 41 51.31 -12.39 -9.13
N LYS F 42 50.77 -11.66 -10.11
CA LYS F 42 51.42 -10.46 -10.61
C LYS F 42 51.10 -9.28 -9.69
N GLY F 43 51.91 -8.24 -9.79
CA GLY F 43 51.74 -7.07 -8.95
C GLY F 43 52.24 -5.83 -9.66
N SER F 44 52.07 -4.68 -8.98
CA SER F 44 52.55 -3.42 -9.54
C SER F 44 54.08 -3.41 -9.64
N PHE F 45 54.76 -4.11 -8.72
CA PHE F 45 56.21 -4.20 -8.77
C PHE F 45 56.70 -5.28 -9.73
N GLY F 46 55.84 -6.22 -10.10
CA GLY F 46 56.24 -7.37 -10.89
C GLY F 46 55.39 -8.59 -10.59
N GLN F 47 56.03 -9.65 -10.10
CA GLN F 47 55.34 -10.88 -9.74
C GLN F 47 55.99 -11.49 -8.50
N VAL F 48 55.34 -12.53 -7.96
CA VAL F 48 55.88 -13.33 -6.87
C VAL F 48 55.60 -14.79 -7.20
N VAL F 49 56.66 -15.62 -7.18
CA VAL F 49 56.56 -17.01 -7.58
C VAL F 49 57.01 -17.91 -6.44
N LYS F 50 56.46 -19.12 -6.43
CA LYS F 50 56.85 -20.09 -5.43
C LYS F 50 57.96 -20.90 -6.03
N ALA F 51 59.01 -21.10 -5.28
CA ALA F 51 60.20 -21.78 -5.77
C ALA F 51 60.87 -22.54 -4.65
N TYR F 52 61.34 -23.74 -4.96
CA TYR F 52 62.13 -24.53 -4.03
C TYR F 52 63.61 -24.21 -4.25
N ASP F 53 64.31 -23.90 -3.16
CA ASP F 53 65.73 -23.60 -3.20
C ASP F 53 66.49 -24.89 -2.86
N ARG F 54 67.19 -25.44 -3.86
CA ARG F 54 67.89 -26.70 -3.70
C ARG F 54 69.09 -26.60 -2.76
N VAL F 55 69.55 -25.39 -2.43
CA VAL F 55 70.73 -25.23 -1.59
C VAL F 55 70.36 -25.23 -0.11
N GLU F 56 69.39 -24.40 0.29
CA GLU F 56 68.94 -24.37 1.68
C GLU F 56 67.79 -25.34 1.96
N GLN F 57 67.35 -26.10 0.94
CA GLN F 57 66.40 -27.20 1.11
C GLN F 57 65.06 -26.73 1.67
N GLU F 58 64.53 -25.64 1.09
CA GLU F 58 63.31 -25.05 1.62
C GLU F 58 62.53 -24.38 0.49
N TRP F 59 61.26 -24.11 0.78
CA TRP F 59 60.38 -23.39 -0.13
C TRP F 59 60.50 -21.89 0.13
N VAL F 60 60.67 -21.11 -0.95
CA VAL F 60 60.81 -19.66 -0.86
C VAL F 60 59.82 -19.00 -1.82
N ALA F 61 59.62 -17.71 -1.60
CA ALA F 61 58.86 -16.86 -2.51
C ALA F 61 59.80 -15.81 -3.07
N ILE F 62 59.74 -15.58 -4.38
CA ILE F 62 60.68 -14.71 -5.07
C ILE F 62 59.90 -13.57 -5.70
N LYS F 63 60.16 -12.35 -5.23
CA LYS F 63 59.60 -11.13 -5.80
C LYS F 63 60.43 -10.77 -7.03
N ILE F 64 59.83 -10.85 -8.21
CA ILE F 64 60.53 -10.58 -9.47
C ILE F 64 60.20 -9.14 -9.87
N ILE F 65 61.18 -8.25 -9.68
CA ILE F 65 60.97 -6.84 -9.99
C ILE F 65 60.90 -6.65 -11.51
N LYS F 66 60.04 -5.73 -11.94
CA LYS F 66 59.91 -5.43 -13.35
C LYS F 66 61.23 -4.94 -13.94
N ASN F 67 61.48 -5.31 -15.20
CA ASN F 67 62.68 -4.87 -15.92
C ASN F 67 62.46 -3.45 -16.48
N LYS F 68 62.26 -2.52 -15.56
CA LYS F 68 62.19 -1.10 -15.86
C LYS F 68 63.11 -0.36 -14.90
N LYS F 69 63.67 0.76 -15.37
CA LYS F 69 64.69 1.47 -14.60
C LYS F 69 64.15 1.94 -13.26
N ALA F 70 62.94 2.48 -13.23
CA ALA F 70 62.38 3.03 -12.00
C ALA F 70 62.10 1.94 -10.98
N PHE F 71 61.50 0.83 -11.39
CA PHE F 71 61.18 -0.23 -10.46
C PHE F 71 62.44 -0.83 -9.84
N LEU F 72 63.48 -1.03 -10.65
CA LEU F 72 64.75 -1.55 -10.13
C LEU F 72 65.40 -0.56 -9.18
N ASN F 73 65.47 0.72 -9.59
CA ASN F 73 66.09 1.73 -8.75
C ASN F 73 65.41 1.82 -7.39
N GLN F 74 64.08 1.67 -7.36
CA GLN F 74 63.35 1.74 -6.10
C GLN F 74 63.43 0.43 -5.32
N ALA F 75 63.47 -0.71 -6.01
CA ALA F 75 63.52 -2.00 -5.33
C ALA F 75 64.81 -2.21 -4.53
N GLN F 76 65.89 -1.51 -4.85
CA GLN F 76 67.12 -1.72 -4.09
C GLN F 76 67.24 -0.78 -2.90
N ILE F 77 66.71 0.44 -3.03
CA ILE F 77 66.39 1.20 -1.83
C ILE F 77 65.60 0.31 -0.88
N GLU F 78 64.58 -0.36 -1.43
CA GLU F 78 63.79 -1.33 -0.67
C GLU F 78 64.66 -2.42 -0.07
N VAL F 79 65.57 -2.99 -0.87
CA VAL F 79 66.41 -4.09 -0.38
C VAL F 79 67.27 -3.62 0.78
N ARG F 80 67.86 -2.42 0.65
CA ARG F 80 68.72 -1.89 1.71
C ARG F 80 67.94 -1.75 3.01
N LEU F 81 66.75 -1.16 2.95
CA LEU F 81 65.94 -1.01 4.16
C LEU F 81 65.60 -2.37 4.75
N LEU F 82 65.36 -3.37 3.90
CA LEU F 82 65.09 -4.72 4.39
C LEU F 82 66.31 -5.31 5.09
N GLU F 83 67.47 -5.24 4.44
CA GLU F 83 68.71 -5.71 5.05
C GLU F 83 68.93 -5.04 6.40
N LEU F 84 68.76 -3.73 6.45
CA LEU F 84 68.97 -3.00 7.70
C LEU F 84 67.92 -3.39 8.73
N MET F 85 66.72 -3.78 8.28
CA MET F 85 65.68 -4.16 9.23
C MET F 85 65.98 -5.50 9.88
N ASN F 86 66.28 -6.52 9.06
CA ASN F 86 66.58 -7.85 9.59
C ASN F 86 67.95 -7.93 10.26
N LYS F 87 68.78 -6.89 10.14
CA LYS F 87 70.03 -6.85 10.88
C LYS F 87 69.79 -6.44 12.33
N HIS F 88 69.05 -5.36 12.54
CA HIS F 88 68.67 -4.93 13.88
C HIS F 88 67.90 -6.05 14.58
N ASP F 89 68.45 -6.52 15.70
CA ASP F 89 67.90 -7.67 16.42
C ASP F 89 67.03 -7.20 17.58
N THR F 90 65.83 -7.76 17.67
CA THR F 90 64.83 -7.48 18.71
C THR F 90 63.62 -8.33 18.39
N GLU F 91 62.83 -8.71 19.42
CA GLU F 91 61.65 -9.54 19.17
C GLU F 91 60.67 -8.88 18.21
N MET F 92 60.79 -7.57 18.00
CA MET F 92 59.86 -6.83 17.15
C MET F 92 60.25 -6.80 15.68
N LYS F 93 61.41 -7.38 15.32
CA LYS F 93 61.75 -7.54 13.92
C LYS F 93 60.98 -8.67 13.25
N TYR F 94 60.28 -9.49 14.02
CA TYR F 94 59.58 -10.65 13.51
C TYR F 94 58.12 -10.38 13.20
N TYR F 95 57.75 -9.11 13.06
CA TYR F 95 56.50 -8.72 12.40
C TYR F 95 56.77 -8.15 11.01
N ILE F 96 58.04 -8.12 10.59
CA ILE F 96 58.44 -7.65 9.27
C ILE F 96 58.98 -8.85 8.51
N VAL F 97 58.59 -8.97 7.25
CA VAL F 97 58.96 -10.10 6.41
C VAL F 97 60.48 -10.23 6.36
N HIS F 98 60.97 -11.47 6.21
CA HIS F 98 62.40 -11.74 6.23
C HIS F 98 62.92 -11.87 4.80
N LEU F 99 63.78 -10.94 4.41
CA LEU F 99 64.48 -11.05 3.13
C LEU F 99 65.67 -12.00 3.32
N LYS F 100 65.56 -13.20 2.74
CA LYS F 100 66.64 -14.18 2.86
C LYS F 100 67.86 -13.74 2.09
N ARG F 101 67.70 -13.45 0.80
CA ARG F 101 68.79 -12.97 -0.04
C ARG F 101 68.17 -12.39 -1.31
N HIS F 102 69.00 -11.71 -2.09
CA HIS F 102 68.59 -11.19 -3.37
C HIS F 102 69.64 -11.54 -4.41
N PHE F 103 69.22 -11.56 -5.66
CA PHE F 103 70.10 -11.87 -6.76
C PHE F 103 69.52 -11.27 -8.02
N MET F 104 70.26 -11.42 -9.11
CA MET F 104 69.82 -10.86 -10.42
C MET F 104 69.79 -11.99 -11.44
N PHE F 105 68.66 -12.11 -12.16
CA PHE F 105 68.47 -13.20 -13.14
C PHE F 105 67.63 -12.69 -14.30
N ARG F 106 68.22 -12.60 -15.49
CA ARG F 106 67.53 -12.11 -16.68
C ARG F 106 67.09 -10.66 -16.51
N ASN F 107 67.98 -9.83 -15.96
CA ASN F 107 67.73 -8.40 -15.76
C ASN F 107 66.52 -8.14 -14.87
N HIS F 108 66.28 -9.03 -13.91
CA HIS F 108 65.15 -8.90 -12.99
C HIS F 108 65.67 -9.01 -11.56
N LEU F 109 65.51 -7.95 -10.78
CA LEU F 109 65.87 -8.01 -9.37
C LEU F 109 64.94 -8.98 -8.66
N CYS F 110 65.51 -10.00 -8.03
CA CYS F 110 64.74 -11.05 -7.39
C CYS F 110 65.01 -11.04 -5.89
N LEU F 111 63.97 -10.77 -5.11
CA LEU F 111 64.04 -10.77 -3.65
C LEU F 111 63.49 -12.08 -3.13
N VAL F 112 64.32 -12.84 -2.43
CA VAL F 112 63.94 -14.15 -1.91
C VAL F 112 63.42 -13.96 -0.48
N PHE F 113 62.12 -14.07 -0.31
CA PHE F 113 61.47 -13.95 0.99
C PHE F 113 61.11 -15.33 1.52
N GLU F 114 60.76 -15.37 2.80
CA GLU F 114 60.14 -16.54 3.37
C GLU F 114 58.75 -16.73 2.80
N MET F 115 58.22 -17.94 2.93
CA MET F 115 56.87 -18.24 2.47
C MET F 115 55.86 -17.86 3.55
N LEU F 116 54.87 -17.07 3.17
CA LEU F 116 53.78 -16.67 4.04
C LEU F 116 52.47 -17.21 3.48
N SER F 117 51.37 -16.89 4.16
CA SER F 117 50.05 -17.38 3.76
C SER F 117 49.33 -16.34 2.93
N TYR F 118 47.99 -16.35 3.01
CA TYR F 118 47.19 -15.39 2.27
C TYR F 118 47.29 -14.00 2.90
N ASN F 119 47.10 -12.97 2.07
CA ASN F 119 47.12 -11.60 2.57
C ASN F 119 45.74 -11.22 3.10
N LEU F 120 45.63 -9.99 3.60
CA LEU F 120 44.44 -9.58 4.34
C LEU F 120 43.27 -9.24 3.41
N TYR F 121 43.54 -8.72 2.21
CA TYR F 121 42.46 -8.54 1.25
C TYR F 121 41.95 -9.89 0.76
N ASP F 122 42.83 -10.89 0.65
CA ASP F 122 42.37 -12.26 0.42
C ASP F 122 41.44 -12.71 1.54
N LEU F 123 41.73 -12.29 2.78
CA LEU F 123 40.91 -12.70 3.91
C LEU F 123 39.56 -11.99 3.90
N LEU F 124 39.52 -10.75 3.39
CA LEU F 124 38.25 -10.01 3.37
C LEU F 124 37.28 -10.57 2.34
N ARG F 125 37.80 -11.17 1.26
CA ARG F 125 36.91 -11.77 0.28
C ARG F 125 36.29 -13.06 0.81
N ASN F 126 37.04 -13.82 1.59
CA ASN F 126 36.48 -15.04 2.19
C ASN F 126 35.35 -14.71 3.15
N THR F 127 35.35 -13.50 3.71
CA THR F 127 34.24 -13.02 4.53
C THR F 127 33.14 -12.37 3.69
N ASN F 128 33.23 -12.48 2.36
CA ASN F 128 32.27 -11.86 1.44
C ASN F 128 32.23 -10.35 1.63
N PHE F 129 33.40 -9.77 1.95
CA PHE F 129 33.54 -8.34 2.23
C PHE F 129 32.65 -7.89 3.38
N ARG F 130 32.42 -8.79 4.34
CA ARG F 130 31.66 -8.48 5.54
C ARG F 130 32.55 -8.25 6.76
N GLY F 131 33.85 -8.50 6.65
CA GLY F 131 34.79 -8.19 7.70
C GLY F 131 34.93 -9.31 8.72
N VAL F 132 36.04 -9.26 9.45
CA VAL F 132 36.35 -10.25 10.45
C VAL F 132 35.91 -9.73 11.82
N SER F 133 35.99 -10.60 12.83
CA SER F 133 35.52 -10.26 14.17
C SER F 133 36.34 -9.12 14.75
N LEU F 134 35.76 -8.47 15.77
CA LEU F 134 36.47 -7.40 16.47
C LEU F 134 37.68 -7.93 17.23
N ASN F 135 37.58 -9.15 17.77
CA ASN F 135 38.69 -9.75 18.49
C ASN F 135 39.84 -10.13 17.56
N LEU F 136 39.55 -10.37 16.28
CA LEU F 136 40.61 -10.62 15.30
C LEU F 136 41.21 -9.32 14.78
N THR F 137 40.37 -8.34 14.48
CA THR F 137 40.88 -7.01 14.15
C THR F 137 41.69 -6.43 15.30
N ARG F 138 41.35 -6.83 16.53
CA ARG F 138 42.14 -6.41 17.70
C ARG F 138 43.55 -6.97 17.62
N LYS F 139 43.67 -8.28 17.37
CA LYS F 139 44.98 -8.90 17.32
C LYS F 139 45.81 -8.37 16.15
N PHE F 140 45.17 -8.10 15.02
CA PHE F 140 45.86 -7.42 13.93
C PHE F 140 46.38 -6.07 14.38
N ALA F 141 45.59 -5.35 15.18
CA ALA F 141 45.97 -4.01 15.61
C ALA F 141 47.16 -4.04 16.55
N GLN F 142 47.23 -5.05 17.43
CA GLN F 142 48.33 -5.12 18.38
C GLN F 142 49.64 -5.43 17.67
N GLN F 143 49.64 -6.41 16.77
CA GLN F 143 50.84 -6.72 16.01
C GLN F 143 51.24 -5.57 15.11
N MET F 144 50.26 -4.92 14.48
CA MET F 144 50.54 -3.80 13.60
C MET F 144 51.16 -2.63 14.37
N CYS F 145 50.66 -2.38 15.58
CA CYS F 145 51.20 -1.29 16.38
C CYS F 145 52.58 -1.64 16.93
N THR F 146 52.80 -2.90 17.29
CA THR F 146 54.14 -3.35 17.65
C THR F 146 55.09 -3.25 16.47
N ALA F 147 54.58 -3.52 15.26
CA ALA F 147 55.41 -3.42 14.07
C ALA F 147 55.75 -1.96 13.76
N LEU F 148 54.77 -1.06 13.85
CA LEU F 148 55.03 0.35 13.65
C LEU F 148 55.91 0.93 14.76
N LEU F 149 56.03 0.23 15.90
CA LEU F 149 56.95 0.64 16.94
C LEU F 149 58.38 0.24 16.59
N PHE F 150 58.58 -0.98 16.10
CA PHE F 150 59.89 -1.39 15.63
C PHE F 150 60.34 -0.55 14.44
N LEU F 151 59.40 -0.12 13.61
CA LEU F 151 59.74 0.79 12.51
C LEU F 151 60.17 2.16 13.02
N ALA F 152 59.82 2.49 14.28
CA ALA F 152 60.11 3.79 14.85
C ALA F 152 61.41 3.81 15.66
N THR F 153 62.12 2.70 15.73
CA THR F 153 63.44 2.66 16.35
C THR F 153 64.32 3.74 15.71
N PRO F 154 64.81 4.70 16.48
CA PRO F 154 65.47 5.87 15.87
C PRO F 154 66.60 5.52 14.92
N GLU F 155 67.37 4.47 15.22
CA GLU F 155 68.41 4.04 14.30
C GLU F 155 67.85 3.56 12.97
N LEU F 156 66.56 3.21 12.91
CA LEU F 156 65.89 2.83 11.67
C LEU F 156 65.06 3.99 11.11
N SER F 157 64.01 4.39 11.83
CA SER F 157 63.11 5.48 11.43
C SER F 157 62.58 5.26 10.02
N ILE F 158 62.06 4.07 9.78
CA ILE F 158 61.62 3.67 8.45
C ILE F 158 60.12 3.89 8.33
N ILE F 159 59.69 4.41 7.19
CA ILE F 159 58.29 4.64 6.88
C ILE F 159 57.89 3.63 5.82
N HIS F 160 56.79 2.90 6.05
CA HIS F 160 56.41 1.88 5.08
C HIS F 160 55.93 2.49 3.77
N CYS F 161 55.12 3.55 3.84
CA CYS F 161 54.60 4.38 2.75
C CYS F 161 53.46 3.72 1.99
N ASP F 162 53.10 2.47 2.27
CA ASP F 162 52.11 1.77 1.45
C ASP F 162 51.45 0.65 2.24
N LEU F 163 50.90 0.98 3.41
CA LEU F 163 50.23 -0.01 4.24
C LEU F 163 48.79 -0.18 3.75
N LYS F 164 48.54 -1.31 3.11
CA LYS F 164 47.20 -1.72 2.68
C LYS F 164 47.06 -3.20 2.99
N PRO F 165 45.83 -3.71 3.04
CA PRO F 165 45.65 -5.15 3.35
C PRO F 165 46.44 -6.08 2.44
N GLU F 166 46.72 -5.68 1.19
CA GLU F 166 47.51 -6.51 0.29
C GLU F 166 48.96 -6.61 0.74
N ASN F 167 49.44 -5.65 1.52
CA ASN F 167 50.82 -5.65 2.00
C ASN F 167 50.95 -6.20 3.42
N ILE F 168 49.85 -6.69 3.99
CA ILE F 168 49.88 -7.41 5.26
C ILE F 168 49.51 -8.85 4.95
N LEU F 169 50.36 -9.79 5.35
CA LEU F 169 50.17 -11.19 5.05
C LEU F 169 50.11 -12.01 6.33
N LEU F 170 49.32 -13.08 6.28
CA LEU F 170 49.26 -14.02 7.39
C LEU F 170 50.47 -14.94 7.36
N CYS F 171 50.79 -15.51 8.51
CA CYS F 171 51.84 -16.50 8.58
C CYS F 171 51.32 -17.91 8.33
N ASN F 172 50.20 -18.25 8.94
CA ASN F 172 49.50 -19.50 8.74
C ASN F 172 48.04 -19.21 8.41
N PRO F 173 47.41 -20.05 7.58
CA PRO F 173 46.03 -19.76 7.14
C PRO F 173 45.03 -19.67 8.29
N LYS F 174 45.24 -20.40 9.38
CA LYS F 174 44.31 -20.41 10.51
C LYS F 174 44.99 -19.95 11.79
N ARG F 175 45.90 -18.99 11.67
CA ARG F 175 46.57 -18.39 12.82
C ARG F 175 46.69 -16.90 12.60
N SER F 176 46.59 -16.13 13.69
CA SER F 176 46.45 -14.69 13.61
C SER F 176 47.78 -13.95 13.48
N ALA F 177 48.92 -14.64 13.55
CA ALA F 177 50.20 -13.97 13.39
C ALA F 177 50.34 -13.42 11.97
N ILE F 178 50.90 -12.21 11.87
CA ILE F 178 50.99 -11.50 10.60
C ILE F 178 52.38 -10.88 10.46
N LYS F 179 52.72 -10.55 9.22
CA LYS F 179 53.96 -9.86 8.89
C LYS F 179 53.68 -8.81 7.82
N ILE F 180 54.39 -7.68 7.94
CA ILE F 180 54.30 -6.61 6.95
C ILE F 180 55.23 -6.93 5.78
N VAL F 181 54.78 -6.64 4.57
CA VAL F 181 55.55 -6.91 3.35
C VAL F 181 55.49 -5.67 2.46
N ASP F 182 56.17 -5.76 1.31
CA ASP F 182 56.19 -4.73 0.28
C ASP F 182 56.66 -3.39 0.84
N PHE F 183 57.96 -3.34 1.13
CA PHE F 183 58.63 -2.09 1.48
C PHE F 183 59.19 -1.37 0.26
N GLY F 184 58.62 -1.64 -0.92
CA GLY F 184 59.06 -0.98 -2.14
C GLY F 184 58.78 0.51 -2.17
N SER F 185 57.82 0.98 -1.38
CA SER F 185 57.56 2.40 -1.27
C SER F 185 58.30 3.05 -0.11
N SER F 186 59.01 2.25 0.69
CA SER F 186 59.54 2.71 1.97
C SER F 186 60.76 3.62 1.78
N CYS F 187 61.12 4.30 2.87
CA CYS F 187 62.28 5.16 2.93
C CYS F 187 62.57 5.47 4.39
N GLN F 188 63.81 5.85 4.67
CA GLN F 188 64.17 6.33 5.98
C GLN F 188 63.75 7.78 6.14
N LEU F 189 63.48 8.18 7.38
CA LEU F 189 63.17 9.58 7.65
C LEU F 189 64.39 10.44 7.29
N GLY F 190 64.14 11.56 6.61
CA GLY F 190 65.19 12.36 6.03
C GLY F 190 65.63 11.92 4.66
N GLN F 191 65.31 10.68 4.27
CA GLN F 191 65.51 10.19 2.91
C GLN F 191 64.23 10.26 2.10
N ARG F 192 63.38 11.25 2.35
CA ARG F 192 62.12 11.36 1.64
C ARG F 192 62.35 11.72 0.19
N ILE F 193 61.69 11.00 -0.71
CA ILE F 193 61.90 11.15 -2.16
C ILE F 193 60.65 11.69 -2.84
N TYR F 194 59.53 10.95 -2.76
CA TYR F 194 58.32 11.32 -3.48
C TYR F 194 57.41 12.20 -2.64
N GLN F 195 56.55 12.96 -3.34
CA GLN F 195 55.48 13.70 -2.69
C GLN F 195 54.14 13.00 -2.98
N PTR F 196 54.13 12.20 -4.04
CA PTR F 196 52.93 11.42 -4.40
C PTR F 196 53.16 9.99 -3.94
O PTR F 196 53.79 9.21 -4.67
CB PTR F 196 52.74 11.44 -5.93
CG PTR F 196 51.42 10.94 -6.44
CD1 PTR F 196 51.35 10.27 -7.65
CD2 PTR F 196 50.24 11.12 -5.73
CE1 PTR F 196 50.15 9.81 -8.15
CE2 PTR F 196 49.03 10.66 -6.20
CZ PTR F 196 49.00 10.00 -7.42
OH PTR F 196 47.80 9.52 -7.94
P PTR F 196 46.85 8.48 -7.21
O1P PTR F 196 47.70 7.39 -6.61
O2P PTR F 196 45.90 7.91 -8.23
O3P PTR F 196 46.09 9.20 -6.13
N ILE F 197 52.68 9.67 -2.73
CA ILE F 197 52.92 8.33 -2.14
C ILE F 197 51.69 7.94 -1.35
N GLN F 198 51.72 6.77 -0.69
CA GLN F 198 50.60 6.33 0.17
C GLN F 198 49.38 5.99 -0.69
N SER F 199 49.25 4.73 -1.10
CA SER F 199 48.11 4.24 -1.87
C SER F 199 46.88 5.09 -1.53
N ARG F 200 46.27 5.68 -2.56
CA ARG F 200 45.29 6.75 -2.37
C ARG F 200 44.22 6.37 -1.37
N PHE F 201 43.71 5.14 -1.46
CA PHE F 201 42.70 4.65 -0.53
C PHE F 201 43.11 4.87 0.92
N TYR F 202 44.42 4.82 1.20
CA TYR F 202 44.96 4.95 2.55
C TYR F 202 45.95 6.11 2.66
N ARG F 203 45.95 7.01 1.69
CA ARG F 203 46.79 8.20 1.77
C ARG F 203 46.35 9.09 2.92
N SER F 204 47.33 9.77 3.52
CA SER F 204 47.11 10.63 4.68
C SER F 204 46.84 12.06 4.24
N PRO F 205 46.29 12.89 5.14
CA PRO F 205 46.01 14.28 4.75
C PRO F 205 47.26 15.11 4.47
N GLU F 206 48.36 14.87 5.17
CA GLU F 206 49.56 15.66 4.94
C GLU F 206 50.11 15.41 3.53
N VAL F 207 50.20 14.14 3.12
CA VAL F 207 50.62 13.84 1.76
C VAL F 207 49.59 14.33 0.76
N LEU F 208 48.31 14.27 1.10
CA LEU F 208 47.28 14.77 0.21
C LEU F 208 47.37 16.28 0.03
N LEU F 209 47.75 17.00 1.09
CA LEU F 209 47.89 18.45 1.05
C LEU F 209 49.25 18.91 0.53
N GLY F 210 50.15 17.98 0.19
CA GLY F 210 51.46 18.37 -0.28
C GLY F 210 52.41 18.83 0.80
N MET F 211 52.15 18.48 2.06
CA MET F 211 52.98 18.85 3.20
C MET F 211 54.08 17.81 3.40
N PRO F 212 55.12 18.14 4.18
CA PRO F 212 56.07 17.12 4.61
C PRO F 212 55.37 16.06 5.46
N TYR F 213 56.04 14.91 5.61
CA TYR F 213 55.45 13.80 6.33
C TYR F 213 56.52 13.05 7.13
N ASP F 214 56.06 12.35 8.16
CA ASP F 214 56.92 11.54 9.01
C ASP F 214 56.23 10.20 9.23
N LEU F 215 56.68 9.45 10.23
CA LEU F 215 56.16 8.10 10.48
C LEU F 215 54.69 8.09 10.85
N ALA F 216 54.07 9.25 11.04
CA ALA F 216 52.66 9.30 11.39
C ALA F 216 51.76 8.81 10.27
N ILE F 217 52.21 8.87 9.01
CA ILE F 217 51.33 8.52 7.90
C ILE F 217 51.02 7.03 7.90
N ASP F 218 51.88 6.21 8.49
CA ASP F 218 51.58 4.78 8.61
C ASP F 218 50.51 4.56 9.67
N MET F 219 50.36 5.46 10.62
CA MET F 219 49.27 5.29 11.58
C MET F 219 47.97 5.68 10.92
N TRP F 220 48.01 6.71 10.09
CA TRP F 220 46.81 7.04 9.34
C TRP F 220 46.31 5.84 8.55
N SER F 221 47.19 5.24 7.75
CA SER F 221 46.81 4.06 6.98
C SER F 221 46.36 2.93 7.89
N LEU F 222 46.94 2.83 9.09
CA LEU F 222 46.54 1.78 10.03
C LEU F 222 45.09 1.97 10.46
N GLY F 223 44.67 3.22 10.67
CA GLY F 223 43.29 3.46 11.01
C GLY F 223 42.34 3.11 9.88
N CYS F 224 42.76 3.38 8.63
CA CYS F 224 41.94 3.04 7.48
C CYS F 224 41.86 1.54 7.26
N ILE F 225 42.90 0.80 7.68
CA ILE F 225 42.89 -0.65 7.51
C ILE F 225 42.07 -1.32 8.59
N LEU F 226 42.23 -0.87 9.85
CA LEU F 226 41.60 -1.55 10.97
C LEU F 226 40.08 -1.38 10.95
N VAL F 227 39.58 -0.24 10.48
CA VAL F 227 38.15 -0.08 10.28
C VAL F 227 37.70 -0.92 9.08
N GLU F 228 38.50 -0.94 8.01
CA GLU F 228 38.17 -1.75 6.84
C GLU F 228 38.22 -3.23 7.18
N MET F 229 39.14 -3.63 8.04
CA MET F 229 39.25 -5.05 8.43
C MET F 229 37.96 -5.54 9.08
N HIS F 230 37.27 -4.67 9.82
CA HIS F 230 36.09 -5.05 10.58
C HIS F 230 34.80 -4.86 9.78
N THR F 231 34.61 -3.69 9.17
CA THR F 231 33.40 -3.45 8.38
C THR F 231 33.45 -4.15 7.03
N GLY F 232 34.63 -4.61 6.59
CA GLY F 232 34.79 -5.26 5.31
C GLY F 232 34.97 -4.33 4.14
N GLU F 233 34.53 -3.09 4.26
CA GLU F 233 34.66 -2.12 3.19
C GLU F 233 35.69 -1.07 3.55
N PRO F 234 36.37 -0.50 2.55
CA PRO F 234 37.34 0.55 2.84
C PRO F 234 36.68 1.80 3.38
N LEU F 235 37.42 2.54 4.22
CA LEU F 235 36.88 3.69 4.91
C LEU F 235 36.80 4.92 4.01
N PHE F 236 37.83 5.15 3.19
CA PHE F 236 37.89 6.32 2.31
C PHE F 236 38.21 5.81 0.91
N SER F 237 37.17 5.60 0.12
CA SER F 237 37.28 5.00 -1.20
C SER F 237 37.29 6.07 -2.30
N GLY F 238 38.25 6.99 -2.19
CA GLY F 238 38.31 8.08 -3.14
C GLY F 238 38.87 7.64 -4.48
N ALA F 239 38.24 8.14 -5.55
CA ALA F 239 38.65 7.76 -6.89
C ALA F 239 39.86 8.57 -7.38
N ASN F 240 40.03 9.78 -6.87
CA ASN F 240 41.22 10.59 -7.17
C ASN F 240 41.55 11.43 -5.95
N GLU F 241 42.56 12.29 -6.08
CA GLU F 241 43.02 13.08 -4.94
C GLU F 241 41.91 14.00 -4.43
N VAL F 242 41.14 14.59 -5.35
CA VAL F 242 40.03 15.44 -4.94
C VAL F 242 38.93 14.62 -4.28
N ASP F 243 38.54 13.52 -4.91
CA ASP F 243 37.49 12.66 -4.34
C ASP F 243 37.94 12.05 -3.02
N GLN F 244 39.23 11.70 -2.93
CA GLN F 244 39.74 11.13 -1.68
C GLN F 244 39.62 12.12 -0.53
N MET F 245 40.03 13.36 -0.75
CA MET F 245 39.95 14.38 0.29
C MET F 245 38.51 14.56 0.77
N ASN F 246 37.57 14.73 -0.16
CA ASN F 246 36.18 14.96 0.20
C ASN F 246 35.64 13.82 1.06
N LYS F 247 35.98 12.58 0.72
CA LYS F 247 35.54 11.44 1.52
C LYS F 247 36.16 11.45 2.91
N ILE F 248 37.37 12.00 3.05
CA ILE F 248 37.93 12.20 4.38
C ILE F 248 37.16 13.29 5.11
N VAL F 249 36.67 14.29 4.37
CA VAL F 249 35.96 15.40 5.00
C VAL F 249 34.57 14.97 5.46
N GLU F 250 33.98 13.97 4.81
CA GLU F 250 32.67 13.51 5.23
C GLU F 250 32.69 12.99 6.66
N VAL F 251 33.69 12.16 6.97
CA VAL F 251 33.73 11.52 8.28
C VAL F 251 34.35 12.43 9.32
N LEU F 252 35.51 13.02 9.00
CA LEU F 252 36.27 13.79 9.98
C LEU F 252 36.03 15.29 9.90
N GLY F 253 35.45 15.78 8.81
CA GLY F 253 35.21 17.21 8.68
C GLY F 253 36.32 17.93 7.94
N ILE F 254 36.28 19.26 8.06
CA ILE F 254 37.27 20.14 7.46
C ILE F 254 38.52 20.11 8.33
N PRO F 255 39.71 20.02 7.75
CA PRO F 255 40.92 19.97 8.56
C PRO F 255 41.10 21.26 9.34
N PRO F 256 41.67 21.17 10.54
CA PRO F 256 42.07 22.39 11.26
C PRO F 256 42.85 23.34 10.38
N ALA F 257 42.71 24.64 10.67
CA ALA F 257 43.29 25.68 9.83
C ALA F 257 44.78 25.84 10.06
N HIS F 258 45.24 25.69 11.31
CA HIS F 258 46.67 25.76 11.60
C HIS F 258 47.45 24.77 10.75
N ILE F 259 46.81 23.67 10.35
CA ILE F 259 47.39 22.77 9.36
C ILE F 259 47.14 23.31 7.95
N LEU F 260 45.93 23.81 7.70
CA LEU F 260 45.57 24.21 6.35
C LEU F 260 46.29 25.49 5.91
N ASP F 261 46.72 26.32 6.86
CA ASP F 261 47.50 27.50 6.50
C ASP F 261 48.79 27.11 5.81
N GLN F 262 49.42 26.02 6.26
CA GLN F 262 50.72 25.59 5.74
C GLN F 262 50.58 24.48 4.71
N ALA F 263 49.40 24.32 4.12
CA ALA F 263 49.16 23.25 3.15
C ALA F 263 49.39 23.79 1.75
N PRO F 264 50.44 23.34 1.03
CA PRO F 264 50.69 23.88 -0.31
C PRO F 264 49.65 23.49 -1.34
N LYS F 265 49.01 22.33 -1.20
CA LYS F 265 48.00 21.87 -2.15
C LYS F 265 46.59 22.08 -1.62
N ALA F 266 46.40 23.06 -0.74
CA ALA F 266 45.09 23.34 -0.17
C ALA F 266 44.11 23.80 -1.24
N ARG F 267 44.57 24.64 -2.17
CA ARG F 267 43.68 25.25 -3.14
C ARG F 267 42.99 24.22 -4.03
N LYS F 268 43.60 23.04 -4.20
CA LYS F 268 42.95 21.98 -4.95
C LYS F 268 41.73 21.44 -4.22
N PHE F 269 41.63 21.64 -2.90
CA PHE F 269 40.57 21.04 -2.10
C PHE F 269 39.69 22.07 -1.42
N PHE F 270 40.26 23.07 -0.76
CA PHE F 270 39.49 23.97 0.07
C PHE F 270 39.59 25.40 -0.45
N GLU F 271 39.11 26.34 0.37
CA GLU F 271 39.11 27.76 0.02
C GLU F 271 39.12 28.56 1.33
N LYS F 272 40.02 29.52 1.42
CA LYS F 272 40.12 30.36 2.61
C LYS F 272 39.17 31.55 2.47
N LEU F 273 38.27 31.70 3.45
CA LEU F 273 37.30 32.79 3.45
C LEU F 273 37.92 34.04 4.06
N PRO F 274 37.31 35.21 3.82
CA PRO F 274 37.92 36.46 4.31
C PRO F 274 38.06 36.55 5.81
N ASP F 275 37.29 35.77 6.58
CA ASP F 275 37.38 35.81 8.02
C ASP F 275 38.54 35.00 8.59
N GLY F 276 39.19 34.18 7.76
CA GLY F 276 40.26 33.31 8.21
C GLY F 276 39.88 31.85 8.26
N THR F 277 38.59 31.53 8.32
CA THR F 277 38.14 30.16 8.34
C THR F 277 38.31 29.53 6.95
N TRP F 278 38.40 28.21 6.93
CA TRP F 278 38.54 27.43 5.71
C TRP F 278 37.26 26.68 5.43
N ASN F 279 36.96 26.50 4.14
CA ASN F 279 35.74 25.83 3.71
C ASN F 279 36.03 25.02 2.45
N LEU F 280 35.14 24.08 2.14
CA LEU F 280 35.26 23.30 0.93
C LEU F 280 35.22 24.21 -0.29
N LYS F 281 35.93 23.80 -1.35
CA LYS F 281 35.91 24.56 -2.60
C LYS F 281 34.57 24.39 -3.29
N LYS F 282 33.89 25.51 -3.55
CA LYS F 282 32.57 25.48 -4.17
C LYS F 282 32.64 24.84 -5.55
N THR F 283 31.78 23.85 -5.78
CA THR F 283 31.82 23.06 -7.00
C THR F 283 30.92 23.68 -8.06
N LYS F 284 30.75 22.98 -9.19
CA LYS F 284 30.07 23.53 -10.36
C LYS F 284 28.57 23.70 -10.10
N ASP F 285 27.95 24.50 -10.95
CA ASP F 285 26.53 24.80 -10.82
C ASP F 285 25.70 23.56 -11.13
N GLY F 286 24.92 23.10 -10.14
CA GLY F 286 24.09 21.93 -10.30
C GLY F 286 24.74 20.62 -9.94
N LYS F 287 26.03 20.63 -9.58
CA LYS F 287 26.71 19.39 -9.23
C LYS F 287 26.22 18.88 -7.87
N ARG F 288 26.25 17.57 -7.71
CA ARG F 288 25.83 16.95 -6.45
C ARG F 288 26.93 17.10 -5.41
N GLU F 289 26.57 17.62 -4.25
CA GLU F 289 27.54 17.88 -3.18
C GLU F 289 27.66 16.66 -2.27
N TYR F 290 28.85 16.47 -1.73
CA TYR F 290 29.11 15.40 -0.79
C TYR F 290 28.31 15.62 0.51
N LYS F 291 28.47 14.71 1.45
CA LYS F 291 27.89 14.91 2.78
C LYS F 291 28.61 16.04 3.49
N PRO F 292 27.90 16.87 4.24
CA PRO F 292 28.55 17.99 4.92
C PRO F 292 29.62 17.49 5.87
N PRO F 293 30.66 18.30 6.11
CA PRO F 293 31.76 17.85 6.96
C PRO F 293 31.28 17.40 8.34
N GLY F 294 31.81 16.26 8.79
CA GLY F 294 31.55 15.75 10.12
C GLY F 294 30.25 14.98 10.30
N THR F 295 29.34 15.04 9.32
CA THR F 295 28.02 14.43 9.44
C THR F 295 27.97 12.97 9.04
N ARG F 296 29.11 12.37 8.68
CA ARG F 296 29.22 10.93 8.49
C ARG F 296 30.03 10.36 9.66
N LYS F 297 29.39 10.34 10.83
CA LYS F 297 30.09 10.00 12.06
C LYS F 297 30.51 8.54 12.08
N LEU F 298 31.81 8.30 12.36
CA LEU F 298 32.34 6.94 12.43
C LEU F 298 31.54 6.06 13.37
N HIS F 299 30.84 6.66 14.34
CA HIS F 299 29.94 5.93 15.23
C HIS F 299 28.97 5.04 14.47
N ASN F 300 28.58 5.43 13.25
CA ASN F 300 27.62 4.67 12.45
C ASN F 300 28.26 3.70 11.47
N ILE F 301 29.39 4.07 10.86
CA ILE F 301 30.10 3.11 10.00
C ILE F 301 30.48 1.88 10.80
N LEU F 302 30.92 2.06 12.04
CA LEU F 302 31.23 0.92 12.90
C LEU F 302 29.96 0.27 13.44
N GLY F 303 28.87 1.03 13.53
CA GLY F 303 27.66 0.54 14.16
C GLY F 303 27.89 0.26 15.63
N VAL F 304 28.38 1.27 16.35
CA VAL F 304 28.80 1.08 17.74
C VAL F 304 27.62 0.63 18.60
N GLU F 305 26.51 1.36 18.54
CA GLU F 305 25.31 1.04 19.30
C GLU F 305 24.29 0.27 18.49
N THR F 306 24.60 -0.09 17.25
CA THR F 306 23.66 -0.76 16.36
C THR F 306 24.13 -2.17 15.99
N GLY F 307 24.82 -2.84 16.92
CA GLY F 307 25.21 -4.22 16.70
C GLY F 307 26.32 -4.42 15.70
N GLY F 308 27.26 -3.48 15.61
CA GLY F 308 28.38 -3.61 14.70
C GLY F 308 28.02 -3.27 13.28
N PRO F 309 28.97 -3.47 12.36
CA PRO F 309 28.71 -3.18 10.94
C PRO F 309 27.59 -4.04 10.39
N GLY F 310 26.62 -3.40 9.75
CA GLY F 310 25.46 -4.11 9.26
C GLY F 310 24.60 -4.77 10.30
N GLY F 311 24.79 -4.45 11.59
CA GLY F 311 24.03 -5.12 12.64
C GLY F 311 24.25 -6.62 12.70
N ARG F 312 25.46 -7.08 12.40
CA ARG F 312 25.75 -8.50 12.28
C ARG F 312 26.45 -9.07 13.51
N ARG F 313 26.83 -8.22 14.48
CA ARG F 313 27.43 -8.70 15.71
C ARG F 313 26.50 -8.43 16.89
N ALA F 314 25.25 -8.88 16.78
CA ALA F 314 24.26 -8.55 17.79
C ALA F 314 24.62 -9.11 19.16
N GLY F 315 25.03 -10.38 19.20
CA GLY F 315 25.32 -11.02 20.48
C GLY F 315 26.69 -11.66 20.57
N GLU F 316 27.60 -11.30 19.68
CA GLU F 316 28.93 -11.90 19.67
C GLU F 316 29.75 -11.45 20.87
N SER F 317 30.63 -12.34 21.34
CA SER F 317 31.49 -12.03 22.47
C SER F 317 32.53 -10.99 22.09
N GLY F 318 32.86 -10.12 23.04
CA GLY F 318 33.84 -9.08 22.81
C GLY F 318 33.39 -7.98 21.88
N HIS F 319 32.08 -7.89 21.59
CA HIS F 319 31.53 -6.86 20.73
C HIS F 319 30.57 -5.95 21.49
N THR F 320 30.81 -5.77 22.78
CA THR F 320 29.95 -4.93 23.61
C THR F 320 30.07 -3.47 23.17
N VAL F 321 29.16 -2.64 23.70
CA VAL F 321 29.16 -1.23 23.34
C VAL F 321 30.42 -0.55 23.86
N ALA F 322 30.87 -0.92 25.06
CA ALA F 322 32.09 -0.34 25.62
C ALA F 322 33.31 -0.71 24.79
N ASP F 323 33.39 -1.97 24.36
CA ASP F 323 34.50 -2.38 23.51
C ASP F 323 34.47 -1.63 22.18
N TYR F 324 33.28 -1.35 21.66
CA TYR F 324 33.17 -0.59 20.42
C TYR F 324 33.58 0.86 20.61
N LEU F 325 33.30 1.43 21.79
CA LEU F 325 33.74 2.79 22.07
C LEU F 325 35.26 2.85 22.29
N LYS F 326 35.85 1.78 22.81
CA LYS F 326 37.30 1.70 22.88
C LYS F 326 37.91 1.66 21.47
N PHE F 327 37.32 0.85 20.59
CA PHE F 327 37.83 0.76 19.22
C PHE F 327 37.65 2.07 18.47
N LYS F 328 36.55 2.79 18.73
CA LYS F 328 36.34 4.08 18.08
C LYS F 328 37.34 5.12 18.58
N ASP F 329 37.55 5.16 19.89
CA ASP F 329 38.53 6.09 20.45
C ASP F 329 39.92 5.85 19.88
N LEU F 330 40.38 4.60 19.92
CA LEU F 330 41.67 4.27 19.35
C LEU F 330 41.74 4.64 17.86
N ILE F 331 40.66 4.37 17.13
CA ILE F 331 40.66 4.65 15.70
C ILE F 331 40.66 6.15 15.43
N LEU F 332 39.89 6.91 16.21
CA LEU F 332 39.88 8.36 16.03
C LEU F 332 41.23 8.98 16.35
N ARG F 333 41.92 8.45 17.37
CA ARG F 333 43.25 8.95 17.68
C ARG F 333 44.22 8.64 16.55
N MET F 334 44.13 7.44 15.97
CA MET F 334 44.93 7.14 14.79
C MET F 334 44.57 8.07 13.64
N LEU F 335 43.35 8.60 13.63
CA LEU F 335 42.93 9.51 12.58
C LEU F 335 42.97 10.97 13.01
N ASP F 336 43.88 11.32 13.92
CA ASP F 336 44.13 12.72 14.24
C ASP F 336 44.64 13.45 13.00
N TYR F 337 44.04 14.58 12.67
CA TYR F 337 44.43 15.31 11.47
C TYR F 337 45.83 15.82 11.60
N ASP F 338 46.22 16.20 12.81
CA ASP F 338 47.54 16.76 13.03
C ASP F 338 48.57 15.63 13.17
N PRO F 339 49.62 15.61 12.35
CA PRO F 339 50.64 14.58 12.52
C PRO F 339 51.39 14.70 13.83
N LYS F 340 51.48 15.90 14.41
CA LYS F 340 52.27 16.10 15.62
C LYS F 340 51.58 15.53 16.86
N THR F 341 50.25 15.45 16.85
CA THR F 341 49.50 14.93 17.98
C THR F 341 48.80 13.61 17.70
N ARG F 342 48.95 13.07 16.49
CA ARG F 342 48.40 11.75 16.19
C ARG F 342 49.04 10.70 17.11
N ILE F 343 48.24 9.70 17.46
CA ILE F 343 48.71 8.67 18.39
C ILE F 343 49.95 7.98 17.81
N GLN F 344 50.86 7.59 18.70
CA GLN F 344 52.09 6.93 18.31
C GLN F 344 52.10 5.50 18.84
N PRO F 345 52.76 4.57 18.12
CA PRO F 345 52.68 3.14 18.49
C PRO F 345 52.87 2.88 19.97
N TYR F 346 53.99 3.31 20.54
CA TYR F 346 54.28 3.05 21.95
C TYR F 346 53.08 3.36 22.84
N TYR F 347 52.33 4.40 22.51
CA TYR F 347 51.16 4.79 23.30
C TYR F 347 49.89 4.08 22.84
N ALA F 348 49.75 3.82 21.54
CA ALA F 348 48.64 3.02 21.05
C ALA F 348 48.62 1.64 21.71
N LEU F 349 49.79 1.07 21.98
CA LEU F 349 49.85 -0.23 22.64
C LEU F 349 49.19 -0.18 24.01
N GLN F 350 49.38 0.93 24.73
CA GLN F 350 48.85 1.06 26.09
C GLN F 350 47.37 1.40 26.12
N HIS F 351 46.71 1.52 24.97
CA HIS F 351 45.29 1.85 24.93
C HIS F 351 44.48 0.77 25.64
N SER F 352 43.38 1.19 26.27
CA SER F 352 42.51 0.26 26.98
C SER F 352 41.78 -0.69 26.05
N PHE F 353 41.81 -0.43 24.73
CA PHE F 353 41.29 -1.38 23.77
C PHE F 353 41.96 -2.75 23.88
N PHE F 354 43.17 -2.81 24.42
CA PHE F 354 43.96 -4.03 24.51
C PHE F 354 43.99 -4.62 25.91
N LYS F 355 43.11 -4.16 26.80
CA LYS F 355 43.10 -4.66 28.17
C LYS F 355 41.87 -5.54 28.44
N ASN G 12 24.71 -55.92 -5.09
CA ASN G 12 25.32 -55.53 -6.34
C ASN G 12 26.83 -55.83 -6.33
N ASP G 13 27.43 -55.78 -5.14
CA ASP G 13 28.82 -56.13 -4.95
C ASP G 13 28.93 -57.43 -4.17
N GLY G 14 30.01 -58.18 -4.44
CA GLY G 14 30.27 -59.45 -3.79
C GLY G 14 29.07 -60.35 -3.64
N TYR G 15 28.83 -60.83 -2.41
CA TYR G 15 27.63 -61.58 -2.06
C TYR G 15 26.59 -60.69 -1.39
N ASP G 16 26.41 -59.47 -1.89
CA ASP G 16 25.51 -58.48 -1.32
C ASP G 16 24.53 -57.99 -2.38
N ASP G 17 23.39 -57.49 -1.92
CA ASP G 17 22.30 -57.09 -2.80
C ASP G 17 22.40 -55.59 -3.09
N ASP G 18 21.33 -54.98 -3.63
CA ASP G 18 21.30 -53.55 -3.86
C ASP G 18 21.18 -52.74 -2.58
N ASN G 19 20.87 -53.38 -1.45
CA ASN G 19 20.70 -52.70 -0.17
C ASN G 19 21.89 -52.93 0.75
N TYR G 20 23.07 -53.18 0.17
CA TYR G 20 24.32 -53.36 0.93
C TYR G 20 24.18 -54.50 1.94
N ASP G 21 23.31 -55.45 1.66
CA ASP G 21 22.94 -56.49 2.60
C ASP G 21 23.41 -57.84 2.07
N TYR G 22 24.11 -58.59 2.92
CA TYR G 22 24.59 -59.91 2.56
C TYR G 22 23.43 -60.85 2.31
N ILE G 23 23.39 -61.48 1.13
CA ILE G 23 22.32 -62.42 0.82
C ILE G 23 22.40 -63.59 1.79
N VAL G 24 21.32 -63.85 2.50
CA VAL G 24 21.28 -64.94 3.47
C VAL G 24 21.04 -66.25 2.72
N LYS G 25 22.02 -67.15 2.77
CA LYS G 25 21.89 -68.49 2.22
C LYS G 25 21.67 -69.47 3.36
N ASN G 26 20.59 -70.25 3.28
CA ASN G 26 20.21 -71.13 4.37
C ASN G 26 21.14 -72.33 4.44
N GLY G 27 21.73 -72.56 5.61
CA GLY G 27 22.64 -73.68 5.79
C GLY G 27 24.01 -73.47 5.18
N GLU G 28 24.57 -72.27 5.33
CA GLU G 28 25.88 -71.95 4.76
C GLU G 28 26.95 -72.07 5.83
N LYS G 29 27.97 -72.88 5.54
CA LYS G 29 29.08 -73.06 6.48
C LYS G 29 29.89 -71.78 6.57
N TRP G 30 29.93 -71.18 7.77
CA TRP G 30 30.63 -69.94 8.02
C TRP G 30 31.87 -70.23 8.87
N MET G 31 33.04 -70.14 8.25
CA MET G 31 34.32 -70.30 8.95
C MET G 31 34.41 -71.63 9.70
N ASP G 32 33.72 -72.65 9.18
CA ASP G 32 33.67 -73.98 9.78
C ASP G 32 33.18 -73.95 11.23
N ARG G 33 32.55 -72.85 11.64
CA ARG G 33 32.07 -72.69 13.01
C ARG G 33 30.58 -72.38 13.10
N TYR G 34 30.07 -71.48 12.26
CA TYR G 34 28.69 -71.04 12.33
C TYR G 34 27.91 -71.68 11.18
N GLU G 35 26.91 -72.49 11.53
CA GLU G 35 25.99 -73.06 10.55
C GLU G 35 24.74 -72.19 10.53
N ILE G 36 24.59 -71.39 9.47
CA ILE G 36 23.46 -70.50 9.35
C ILE G 36 22.17 -71.31 9.23
N ASP G 37 21.11 -70.83 9.85
CA ASP G 37 19.82 -71.50 9.73
C ASP G 37 18.92 -70.75 8.77
N SER G 38 18.50 -69.54 9.15
CA SER G 38 17.58 -68.76 8.36
C SER G 38 17.65 -67.31 8.80
N LEU G 39 17.12 -66.45 7.95
CA LEU G 39 17.04 -65.03 8.27
C LEU G 39 15.98 -64.80 9.33
N ILE G 40 16.37 -64.15 10.43
CA ILE G 40 15.40 -63.84 11.48
C ILE G 40 14.58 -62.62 11.10
N GLY G 41 15.25 -61.48 10.90
CA GLY G 41 14.55 -60.26 10.52
C GLY G 41 15.50 -59.29 9.85
N LYS G 42 14.90 -58.26 9.26
CA LYS G 42 15.64 -57.21 8.57
C LYS G 42 15.41 -55.89 9.27
N GLY G 43 16.45 -55.05 9.32
CA GLY G 43 16.39 -53.77 9.98
C GLY G 43 17.15 -52.71 9.21
N SER G 44 17.17 -51.50 9.76
CA SER G 44 17.84 -50.40 9.08
C SER G 44 19.34 -50.66 8.98
N PHE G 45 19.93 -51.25 10.02
CA PHE G 45 21.36 -51.54 10.01
C PHE G 45 21.70 -52.64 9.03
N GLY G 46 20.80 -53.59 8.82
CA GLY G 46 21.11 -54.77 8.04
C GLY G 46 20.18 -55.92 8.38
N GLN G 47 20.74 -57.03 8.84
CA GLN G 47 19.96 -58.23 9.06
C GLN G 47 20.39 -58.89 10.37
N VAL G 48 19.53 -59.76 10.88
CA VAL G 48 19.83 -60.62 12.02
C VAL G 48 19.45 -62.04 11.64
N VAL G 49 20.36 -62.99 11.86
CA VAL G 49 20.16 -64.36 11.40
C VAL G 49 20.36 -65.33 12.56
N LYS G 50 19.79 -66.51 12.36
CA LYS G 50 19.88 -67.58 13.38
C LYS G 50 20.93 -68.58 12.93
N ALA G 51 21.76 -69.05 13.85
CA ALA G 51 22.79 -70.02 13.52
C ALA G 51 23.20 -70.78 14.78
N TYR G 52 23.89 -71.90 14.54
CA TYR G 52 24.37 -72.72 15.65
C TYR G 52 25.88 -72.77 15.71
N ASP G 53 26.45 -72.03 16.63
CA ASP G 53 27.88 -72.04 16.86
C ASP G 53 28.35 -73.46 17.17
N ARG G 54 28.93 -74.14 16.20
CA ARG G 54 29.38 -75.52 16.40
C ARG G 54 30.54 -75.63 17.37
N VAL G 55 31.17 -74.52 17.75
CA VAL G 55 32.30 -74.57 18.67
C VAL G 55 31.82 -74.65 20.11
N GLU G 56 30.96 -73.71 20.52
CA GLU G 56 30.44 -73.69 21.88
C GLU G 56 29.15 -74.49 22.04
N GLN G 57 28.66 -75.11 20.97
CA GLN G 57 27.50 -76.00 21.02
C GLN G 57 26.25 -75.27 21.53
N GLU G 58 25.98 -74.10 20.94
CA GLU G 58 24.84 -73.29 21.34
C GLU G 58 24.32 -72.49 20.15
N TRP G 59 23.06 -72.07 20.26
CA TRP G 59 22.41 -71.28 19.21
C TRP G 59 22.66 -69.80 19.47
N VAL G 60 23.03 -69.06 18.42
CA VAL G 60 23.33 -67.65 18.52
C VAL G 60 22.61 -66.89 17.39
N ALA G 61 22.39 -65.61 17.63
CA ALA G 61 21.83 -64.70 16.64
C ALA G 61 22.92 -63.76 16.15
N ILE G 62 23.10 -63.68 14.83
CA ILE G 62 24.16 -62.89 14.24
C ILE G 62 23.56 -61.66 13.57
N LYS G 63 23.98 -60.48 14.03
CA LYS G 63 23.64 -59.22 13.39
C LYS G 63 24.61 -58.96 12.24
N ILE G 64 24.07 -58.83 11.03
CA ILE G 64 24.87 -58.61 9.83
C ILE G 64 24.71 -57.14 9.44
N ILE G 65 25.79 -56.36 9.60
CA ILE G 65 25.76 -54.93 9.31
C ILE G 65 25.91 -54.72 7.81
N LYS G 66 25.30 -53.65 7.31
CA LYS G 66 25.33 -53.34 5.89
C LYS G 66 26.75 -53.08 5.41
N ASN G 67 26.93 -53.18 4.09
CA ASN G 67 28.23 -52.94 3.45
C ASN G 67 28.34 -51.49 3.01
N LYS G 68 28.16 -50.58 3.97
CA LYS G 68 28.29 -49.15 3.72
C LYS G 68 29.06 -48.52 4.86
N LYS G 69 29.87 -47.52 4.52
CA LYS G 69 30.70 -46.87 5.54
C LYS G 69 29.84 -46.23 6.62
N ALA G 70 28.71 -45.65 6.24
CA ALA G 70 27.84 -45.00 7.22
C ALA G 70 27.38 -45.98 8.29
N PHE G 71 26.94 -47.17 7.86
CA PHE G 71 26.48 -48.17 8.82
C PHE G 71 27.66 -48.81 9.55
N LEU G 72 28.76 -49.06 8.84
CA LEU G 72 29.95 -49.63 9.45
C LEU G 72 30.44 -48.77 10.61
N ASN G 73 30.59 -47.47 10.37
CA ASN G 73 31.16 -46.58 11.39
C ASN G 73 30.27 -46.48 12.61
N GLN G 74 28.94 -46.55 12.44
CA GLN G 74 28.05 -46.44 13.60
C GLN G 74 28.06 -47.71 14.43
N ALA G 75 28.08 -48.88 13.77
CA ALA G 75 28.14 -50.14 14.50
C ALA G 75 29.43 -50.25 15.31
N GLN G 76 30.50 -49.61 14.84
CA GLN G 76 31.74 -49.57 15.60
C GLN G 76 31.51 -48.91 16.97
N ILE G 77 30.72 -47.85 16.99
CA ILE G 77 30.31 -47.25 18.26
C ILE G 77 29.47 -48.24 19.05
N GLU G 78 28.56 -48.94 18.39
CA GLU G 78 27.70 -49.90 19.08
C GLU G 78 28.53 -51.03 19.70
N VAL G 79 29.50 -51.56 18.94
CA VAL G 79 30.35 -52.63 19.46
C VAL G 79 31.18 -52.12 20.63
N ARG G 80 31.84 -50.98 20.45
CA ARG G 80 32.64 -50.38 21.52
C ARG G 80 31.81 -50.19 22.79
N LEU G 81 30.57 -49.72 22.65
CA LEU G 81 29.69 -49.58 23.79
C LEU G 81 29.30 -50.94 24.36
N LEU G 82 28.99 -51.90 23.48
CA LEU G 82 28.63 -53.24 23.95
C LEU G 82 29.75 -53.89 24.74
N GLU G 83 30.99 -53.77 24.26
CA GLU G 83 32.13 -54.34 24.97
C GLU G 83 32.28 -53.73 26.35
N LEU G 84 32.13 -52.41 26.45
CA LEU G 84 32.31 -51.72 27.72
C LEU G 84 31.35 -52.23 28.78
N MET G 85 30.20 -52.75 28.37
CA MET G 85 29.19 -53.20 29.33
C MET G 85 29.41 -54.64 29.78
N ASN G 86 29.76 -55.54 28.86
CA ASN G 86 30.15 -56.89 29.26
C ASN G 86 31.43 -56.90 30.08
N LYS G 87 32.14 -55.77 30.15
CA LYS G 87 33.27 -55.62 31.05
C LYS G 87 32.83 -55.62 32.52
N HIS G 88 31.58 -55.26 32.79
CA HIS G 88 31.11 -55.00 34.14
C HIS G 88 30.16 -56.10 34.60
N ASP G 89 29.61 -55.92 35.80
CA ASP G 89 28.70 -56.88 36.41
C ASP G 89 27.31 -56.29 36.62
N TYR G 94 22.98 -60.31 32.81
CA TYR G 94 22.27 -59.16 33.35
C TYR G 94 20.96 -58.92 32.62
N TYR G 95 20.67 -57.65 32.31
CA TYR G 95 19.42 -57.27 31.65
C TYR G 95 19.66 -56.62 30.29
N ILE G 96 20.88 -56.67 29.78
CA ILE G 96 21.20 -56.19 28.44
C ILE G 96 21.66 -57.39 27.62
N VAL G 97 21.29 -57.40 26.34
CA VAL G 97 21.72 -58.48 25.45
C VAL G 97 23.24 -58.63 25.52
N HIS G 98 23.69 -59.87 25.58
CA HIS G 98 25.11 -60.16 25.73
C HIS G 98 25.75 -60.32 24.37
N LEU G 99 26.75 -59.48 24.09
CA LEU G 99 27.55 -59.63 22.89
C LEU G 99 28.60 -60.70 23.15
N LYS G 100 28.50 -61.83 22.45
CA LYS G 100 29.43 -62.93 22.65
C LYS G 100 30.79 -62.62 22.01
N ARG G 101 30.81 -62.37 20.71
CA ARG G 101 32.03 -62.01 19.99
C ARG G 101 31.63 -61.30 18.70
N HIS G 102 32.63 -60.84 17.95
CA HIS G 102 32.38 -60.19 16.67
C HIS G 102 33.62 -60.31 15.78
N PHE G 103 33.41 -60.02 14.50
CA PHE G 103 34.39 -60.22 13.44
C PHE G 103 33.81 -59.59 12.18
N MET G 104 34.67 -59.55 11.16
CA MET G 104 34.24 -59.02 9.84
C MET G 104 34.30 -60.16 8.82
N PHE G 105 33.17 -60.55 8.26
CA PHE G 105 33.05 -61.63 7.29
C PHE G 105 32.46 -61.06 6.00
N ARG G 106 33.04 -61.46 4.87
CA ARG G 106 32.63 -60.99 3.54
C ARG G 106 32.23 -59.51 3.56
N ASN G 107 33.09 -58.70 4.16
CA ASN G 107 32.97 -57.24 4.23
C ASN G 107 31.81 -56.77 5.07
N HIS G 108 31.22 -57.65 5.89
CA HIS G 108 30.08 -57.29 6.72
C HIS G 108 30.49 -57.47 8.18
N LEU G 109 30.34 -56.40 8.96
CA LEU G 109 30.53 -56.51 10.39
C LEU G 109 29.50 -57.48 10.96
N CYS G 110 29.94 -58.45 11.74
CA CYS G 110 29.08 -59.49 12.27
C CYS G 110 29.13 -59.48 13.80
N LEU G 111 27.98 -59.25 14.43
CA LEU G 111 27.84 -59.36 15.88
C LEU G 111 27.14 -60.66 16.23
N VAL G 112 27.67 -61.37 17.21
CA VAL G 112 27.07 -62.60 17.70
C VAL G 112 26.44 -62.31 19.05
N PHE G 113 25.12 -62.43 19.13
CA PHE G 113 24.37 -62.26 20.35
C PHE G 113 23.82 -63.61 20.82
N GLU G 114 23.33 -63.63 22.05
CA GLU G 114 22.63 -64.81 22.54
C GLU G 114 21.27 -64.93 21.86
N MET G 115 20.71 -66.14 21.91
CA MET G 115 19.42 -66.39 21.27
C MET G 115 18.29 -65.93 22.19
N LEU G 116 17.35 -65.18 21.63
CA LEU G 116 16.24 -64.61 22.38
C LEU G 116 14.93 -64.90 21.65
N SER G 117 13.82 -64.53 22.29
CA SER G 117 12.50 -64.77 21.73
C SER G 117 11.98 -63.53 21.01
N TYR G 118 10.66 -63.35 20.97
CA TYR G 118 10.10 -62.20 20.28
C TYR G 118 10.13 -60.97 21.19
N ASN G 119 9.90 -59.80 20.59
CA ASN G 119 10.00 -58.55 21.32
C ASN G 119 8.67 -58.21 22.01
N LEU G 120 8.66 -57.08 22.71
CA LEU G 120 7.48 -56.71 23.50
C LEU G 120 6.34 -56.18 22.64
N TYR G 121 6.64 -55.60 21.48
CA TYR G 121 5.56 -55.28 20.55
C TYR G 121 4.94 -56.55 20.01
N ASP G 122 5.76 -57.55 19.70
CA ASP G 122 5.23 -58.85 19.30
C ASP G 122 4.37 -59.44 20.41
N LEU G 123 4.82 -59.32 21.66
CA LEU G 123 4.00 -59.76 22.79
C LEU G 123 2.72 -58.92 22.88
N LEU G 124 2.82 -57.62 22.62
CA LEU G 124 1.63 -56.78 22.59
C LEU G 124 0.65 -57.26 21.53
N ARG G 125 1.16 -57.57 20.33
CA ARG G 125 0.30 -57.99 19.24
C ARG G 125 -0.41 -59.30 19.57
N ASN G 126 0.24 -60.20 20.32
CA ASN G 126 -0.38 -61.47 20.66
C ASN G 126 -1.59 -61.29 21.57
N THR G 127 -1.63 -60.20 22.33
CA THR G 127 -2.77 -59.87 23.18
C THR G 127 -3.83 -59.07 22.45
N ASN G 128 -3.75 -58.99 21.12
CA ASN G 128 -4.67 -58.19 20.31
C ASN G 128 -4.70 -56.73 20.75
N PHE G 129 -3.61 -56.28 21.37
CA PHE G 129 -3.47 -54.90 21.85
C PHE G 129 -4.47 -54.58 22.96
N ARG G 130 -4.92 -55.61 23.69
CA ARG G 130 -5.60 -55.39 24.95
C ARG G 130 -4.65 -55.02 26.08
N GLY G 131 -3.33 -55.14 25.85
CA GLY G 131 -2.35 -54.86 26.89
C GLY G 131 -2.07 -56.07 27.75
N VAL G 132 -0.83 -56.19 28.23
CA VAL G 132 -0.47 -57.24 29.19
C VAL G 132 -1.01 -56.86 30.56
N SER G 133 -0.90 -57.77 31.52
CA SER G 133 -1.37 -57.48 32.86
C SER G 133 -0.47 -56.46 33.55
N LEU G 134 -1.02 -55.80 34.58
CA LEU G 134 -0.23 -54.88 35.38
C LEU G 134 0.89 -55.61 36.12
N ASN G 135 0.66 -56.86 36.53
CA ASN G 135 1.72 -57.66 37.12
C ASN G 135 2.88 -57.82 36.15
N LEU G 136 2.56 -58.15 34.89
CA LEU G 136 3.61 -58.28 33.88
C LEU G 136 4.29 -56.95 33.61
N THR G 137 3.52 -55.88 33.50
CA THR G 137 4.09 -54.55 33.30
C THR G 137 5.03 -54.19 34.45
N ARG G 138 4.67 -54.57 35.68
CA ARG G 138 5.52 -54.29 36.82
C ARG G 138 6.84 -55.03 36.71
N LYS G 139 6.81 -56.31 36.35
CA LYS G 139 8.04 -57.06 36.16
C LYS G 139 8.85 -56.47 35.00
N PHE G 140 8.17 -56.03 33.94
CA PHE G 140 8.86 -55.29 32.89
C PHE G 140 9.47 -54.02 33.45
N ALA G 141 8.70 -53.27 34.24
CA ALA G 141 9.20 -52.07 34.89
C ALA G 141 10.45 -52.35 35.71
N GLN G 142 10.39 -53.39 36.55
CA GLN G 142 11.48 -53.65 37.49
C GLN G 142 12.78 -53.96 36.77
N GLN G 143 12.73 -54.86 35.79
CA GLN G 143 13.94 -55.17 35.01
C GLN G 143 14.41 -53.96 34.23
N MET G 144 13.50 -53.10 33.81
CA MET G 144 13.92 -51.94 33.03
C MET G 144 14.67 -50.92 33.86
N CYS G 145 14.09 -50.52 34.99
CA CYS G 145 14.78 -49.59 35.86
C CYS G 145 16.12 -50.15 36.31
N THR G 146 16.20 -51.47 36.54
CA THR G 146 17.48 -52.09 36.86
C THR G 146 18.46 -51.98 35.71
N ALA G 147 17.97 -52.12 34.48
CA ALA G 147 18.86 -51.99 33.31
C ALA G 147 19.31 -50.56 33.14
N LEU G 148 18.38 -49.60 33.18
CA LEU G 148 18.75 -48.19 33.09
C LEU G 148 19.65 -47.77 34.26
N LEU G 149 19.67 -48.54 35.34
CA LEU G 149 20.59 -48.25 36.44
C LEU G 149 22.01 -48.63 36.07
N PHE G 150 22.23 -49.87 35.62
CA PHE G 150 23.53 -50.28 35.13
C PHE G 150 24.06 -49.26 34.13
N LEU G 151 23.23 -48.88 33.16
CA LEU G 151 23.68 -47.92 32.16
C LEU G 151 24.01 -46.56 32.80
N ALA G 152 23.42 -46.26 33.96
CA ALA G 152 23.74 -45.05 34.68
C ALA G 152 25.03 -45.15 35.49
N THR G 153 25.72 -46.28 35.43
CA THR G 153 27.00 -46.44 36.10
C THR G 153 27.97 -45.36 35.64
N PRO G 154 28.59 -44.60 36.55
CA PRO G 154 29.42 -43.47 36.13
C PRO G 154 30.45 -43.80 35.06
N GLU G 155 31.06 -45.00 35.14
CA GLU G 155 31.99 -45.42 34.11
C GLU G 155 31.28 -45.60 32.76
N LEU G 156 30.17 -46.34 32.77
CA LEU G 156 29.39 -46.55 31.56
C LEU G 156 28.74 -45.23 31.12
N SER G 157 27.70 -44.81 31.84
CA SER G 157 27.01 -43.54 31.60
C SER G 157 26.59 -43.40 30.13
N ILE G 158 25.83 -44.38 29.66
CA ILE G 158 25.45 -44.46 28.25
C ILE G 158 23.96 -44.20 28.13
N ILE G 159 23.58 -43.50 27.06
CA ILE G 159 22.18 -43.23 26.72
C ILE G 159 21.80 -44.12 25.55
N HIS G 160 20.74 -44.92 25.72
CA HIS G 160 20.32 -45.84 24.68
C HIS G 160 19.83 -45.09 23.43
N CYS G 161 18.95 -44.11 23.62
CA CYS G 161 18.44 -43.16 22.62
C CYS G 161 17.37 -43.76 21.71
N ASP G 162 16.95 -45.01 21.92
CA ASP G 162 15.85 -45.57 21.13
C ASP G 162 15.18 -46.70 21.91
N LEU G 163 14.86 -46.43 23.18
CA LEU G 163 14.11 -47.40 23.98
C LEU G 163 12.68 -47.47 23.49
N LYS G 164 12.27 -48.63 23.00
CA LYS G 164 10.96 -48.81 22.40
C LYS G 164 10.62 -50.30 22.44
N PRO G 165 9.34 -50.66 22.29
CA PRO G 165 8.96 -52.09 22.41
C PRO G 165 9.69 -53.01 21.46
N GLU G 166 10.18 -52.52 20.33
CA GLU G 166 10.88 -53.38 19.39
C GLU G 166 12.30 -53.70 19.83
N ASN G 167 12.93 -52.85 20.65
CA ASN G 167 14.28 -53.07 21.14
C ASN G 167 14.31 -53.78 22.49
N ILE G 168 13.27 -54.58 22.78
CA ILE G 168 13.10 -55.21 24.08
C ILE G 168 12.66 -56.62 23.79
N LEU G 169 13.53 -57.58 24.02
CA LEU G 169 13.26 -58.96 23.63
C LEU G 169 13.03 -59.81 24.88
N LEU G 170 12.14 -60.79 24.76
CA LEU G 170 11.95 -61.76 25.82
C LEU G 170 13.06 -62.78 25.76
N CYS G 171 13.64 -63.10 26.92
CA CYS G 171 14.65 -64.16 26.95
C CYS G 171 14.04 -65.50 26.61
N ASN G 172 12.74 -65.68 26.88
CA ASN G 172 12.03 -66.93 26.65
C ASN G 172 10.59 -66.58 26.31
N PRO G 173 9.98 -67.28 25.34
CA PRO G 173 8.60 -66.97 24.98
C PRO G 173 7.59 -67.28 26.07
N LYS G 174 7.95 -68.09 27.06
CA LYS G 174 7.06 -68.46 28.14
C LYS G 174 7.41 -67.82 29.47
N ARG G 175 8.40 -66.93 29.50
CA ARG G 175 8.83 -66.32 30.76
C ARG G 175 8.61 -64.82 30.75
N SER G 176 9.30 -64.10 31.63
CA SER G 176 9.15 -62.65 31.70
C SER G 176 10.48 -61.91 31.69
N ALA G 177 11.60 -62.61 31.65
CA ALA G 177 12.91 -61.94 31.59
C ALA G 177 13.05 -61.22 30.25
N ILE G 178 13.53 -59.98 30.31
CA ILE G 178 13.67 -59.15 29.13
C ILE G 178 15.10 -58.63 29.05
N LYS G 179 15.49 -58.21 27.85
CA LYS G 179 16.83 -57.69 27.60
C LYS G 179 16.75 -56.61 26.54
N ILE G 180 17.38 -55.47 26.80
CA ILE G 180 17.42 -54.36 25.85
C ILE G 180 18.43 -54.68 24.76
N VAL G 181 18.07 -54.36 23.52
CA VAL G 181 18.90 -54.64 22.35
C VAL G 181 19.02 -53.37 21.50
N ASP G 182 19.80 -53.49 20.43
CA ASP G 182 19.99 -52.43 19.43
C ASP G 182 20.53 -51.15 20.08
N PHE G 183 21.74 -51.26 20.60
CA PHE G 183 22.51 -50.10 21.02
C PHE G 183 23.20 -49.41 19.85
N GLY G 184 22.55 -49.37 18.69
CA GLY G 184 23.08 -48.75 17.50
C GLY G 184 22.91 -47.25 17.41
N SER G 185 22.03 -46.66 18.22
CA SER G 185 21.89 -45.22 18.31
C SER G 185 22.38 -44.70 19.66
N SER G 186 23.07 -45.53 20.42
CA SER G 186 23.51 -45.17 21.76
C SER G 186 24.75 -44.29 21.71
N CYS G 187 25.04 -43.65 22.84
CA CYS G 187 26.19 -42.78 22.99
C CYS G 187 26.39 -42.53 24.47
N GLN G 188 27.60 -42.12 24.83
CA GLN G 188 27.91 -41.80 26.22
C GLN G 188 27.61 -40.33 26.51
N LEU G 189 27.49 -40.02 27.79
CA LEU G 189 27.25 -38.65 28.21
C LEU G 189 28.37 -37.76 27.68
N GLY G 190 27.99 -36.57 27.21
CA GLY G 190 28.94 -35.63 26.68
C GLY G 190 29.35 -35.99 25.26
N GLN G 191 29.83 -37.22 25.08
CA GLN G 191 30.18 -37.74 23.75
C GLN G 191 28.92 -37.99 22.93
N ARG G 192 28.12 -36.96 22.71
CA ARG G 192 26.89 -37.06 21.92
C ARG G 192 27.10 -36.33 20.60
N ILE G 193 26.50 -36.87 19.54
CA ILE G 193 26.84 -36.46 18.17
C ILE G 193 25.56 -36.30 17.36
N TYR G 194 24.42 -36.20 18.04
CA TYR G 194 23.16 -36.23 17.32
C TYR G 194 22.09 -35.38 17.98
N GLN G 195 21.30 -34.70 17.15
CA GLN G 195 19.98 -34.21 17.52
C GLN G 195 19.00 -35.08 16.72
N PTR G 196 17.71 -35.02 17.07
CA PTR G 196 16.71 -35.87 16.43
C PTR G 196 17.05 -37.34 16.63
O PTR G 196 17.34 -38.05 15.66
CB PTR G 196 16.60 -35.54 14.93
CG PTR G 196 15.32 -35.98 14.23
CD1 PTR G 196 15.35 -36.91 13.20
CD2 PTR G 196 14.09 -35.44 14.59
CE1 PTR G 196 14.19 -37.31 12.56
CE2 PTR G 196 12.92 -35.83 13.96
CZ PTR G 196 12.98 -36.77 12.94
OH PTR G 196 11.87 -37.13 12.33
P PTR G 196 10.86 -38.24 12.93
O1P PTR G 196 11.66 -39.32 13.70
O2P PTR G 196 10.17 -38.87 11.79
O3P PTR G 196 9.84 -37.57 13.86
N ILE G 197 17.04 -37.81 17.89
CA ILE G 197 17.47 -39.17 18.19
C ILE G 197 16.58 -39.94 19.14
N GLN G 198 15.36 -40.19 18.70
CA GLN G 198 14.49 -41.09 19.43
C GLN G 198 13.40 -41.53 18.48
N SER G 199 12.73 -42.62 18.84
CA SER G 199 11.49 -42.95 18.16
C SER G 199 10.44 -41.92 18.57
N ARG G 200 9.75 -41.36 17.58
CA ARG G 200 8.90 -40.20 17.82
C ARG G 200 7.90 -40.46 18.95
N PHE G 201 7.23 -41.62 18.92
CA PHE G 201 6.27 -41.95 19.97
C PHE G 201 6.91 -41.93 21.36
N TYR G 202 8.22 -42.16 21.44
CA TYR G 202 8.94 -42.23 22.70
C TYR G 202 10.01 -41.15 22.83
N ARG G 203 9.98 -40.14 21.97
CA ARG G 203 10.94 -39.04 22.06
C ARG G 203 10.61 -38.16 23.25
N SER G 204 11.64 -37.74 23.97
CA SER G 204 11.46 -36.93 25.15
C SER G 204 11.29 -35.45 24.78
N PRO G 205 10.68 -34.64 25.65
CA PRO G 205 10.48 -33.23 25.30
C PRO G 205 11.76 -32.44 25.18
N GLU G 206 12.82 -32.83 25.90
CA GLU G 206 14.09 -32.11 25.79
C GLU G 206 14.69 -32.27 24.39
N VAL G 207 14.58 -33.47 23.81
CA VAL G 207 14.99 -33.65 22.42
C VAL G 207 14.04 -32.90 21.50
N LEU G 208 12.75 -32.91 21.84
CA LEU G 208 11.75 -32.19 21.03
C LEU G 208 12.08 -30.70 21.06
N LEU G 209 12.34 -30.17 22.26
CA LEU G 209 12.70 -28.76 22.41
C LEU G 209 14.11 -28.47 21.93
N GLY G 210 14.86 -29.48 21.50
CA GLY G 210 16.22 -29.29 21.03
C GLY G 210 17.24 -29.00 22.11
N MET G 211 16.88 -29.17 23.37
CA MET G 211 17.77 -28.90 24.47
C MET G 211 18.85 -29.99 24.57
N PRO G 212 19.93 -29.71 25.29
CA PRO G 212 20.88 -30.79 25.59
C PRO G 212 20.21 -31.88 26.41
N TYR G 213 20.61 -33.12 26.15
CA TYR G 213 19.94 -34.28 26.71
C TYR G 213 20.90 -35.14 27.52
N ASP G 214 20.36 -35.82 28.51
CA ASP G 214 21.09 -36.74 29.38
C ASP G 214 20.37 -38.08 29.38
N LEU G 215 20.84 -38.98 30.25
CA LEU G 215 20.29 -40.33 30.34
C LEU G 215 18.81 -40.35 30.71
N ALA G 216 18.28 -39.20 31.15
CA ALA G 216 16.88 -39.13 31.52
C ALA G 216 15.95 -39.36 30.33
N ILE G 217 16.42 -39.16 29.10
CA ILE G 217 15.56 -39.37 27.95
C ILE G 217 15.17 -40.84 27.80
N ASP G 218 15.97 -41.76 28.34
CA ASP G 218 15.56 -43.15 28.39
C ASP G 218 14.49 -43.38 29.45
N MET G 219 14.55 -42.62 30.56
CA MET G 219 13.49 -42.67 31.56
C MET G 219 12.15 -42.27 30.95
N TRP G 220 12.14 -41.24 30.12
CA TRP G 220 10.92 -40.81 29.46
C TRP G 220 10.35 -41.91 28.58
N SER G 221 11.21 -42.51 27.75
CA SER G 221 10.75 -43.59 26.88
C SER G 221 10.14 -44.73 27.67
N LEU G 222 10.81 -45.14 28.75
CA LEU G 222 10.31 -46.23 29.57
C LEU G 222 8.88 -45.95 30.00
N GLY G 223 8.65 -44.77 30.59
CA GLY G 223 7.31 -44.38 31.00
C GLY G 223 6.29 -44.48 29.88
N CYS G 224 6.66 -44.05 28.67
CA CYS G 224 5.79 -44.20 27.51
C CYS G 224 5.58 -45.66 27.15
N ILE G 225 6.60 -46.50 27.33
CA ILE G 225 6.48 -47.90 26.97
C ILE G 225 5.57 -48.63 27.94
N LEU G 226 5.73 -48.38 29.24
CA LEU G 226 4.93 -49.11 30.23
C LEU G 226 3.45 -48.88 30.02
N VAL G 227 3.07 -47.63 29.71
CA VAL G 227 1.66 -47.34 29.45
C VAL G 227 1.18 -48.14 28.25
N GLU G 228 1.94 -48.11 27.16
CA GLU G 228 1.54 -48.83 25.95
C GLU G 228 1.49 -50.33 26.19
N MET G 229 2.42 -50.85 27.00
CA MET G 229 2.43 -52.29 27.25
C MET G 229 1.19 -52.75 27.99
N HIS G 230 0.56 -51.87 28.76
CA HIS G 230 -0.59 -52.23 29.56
C HIS G 230 -1.91 -51.78 28.96
N THR G 231 -1.91 -50.79 28.07
CA THR G 231 -3.12 -50.29 27.46
C THR G 231 -3.32 -50.78 26.02
N GLY G 232 -2.23 -51.07 25.31
CA GLY G 232 -2.33 -51.57 23.95
C GLY G 232 -1.85 -50.60 22.90
N GLU G 233 -2.19 -49.33 23.04
CA GLU G 233 -1.86 -48.30 22.08
C GLU G 233 -0.79 -47.37 22.63
N PRO G 234 -0.04 -46.68 21.76
CA PRO G 234 0.96 -45.72 22.23
C PRO G 234 0.33 -44.60 23.04
N LEU G 235 1.04 -44.17 24.09
CA LEU G 235 0.53 -43.11 24.95
C LEU G 235 0.50 -41.78 24.23
N PHE G 236 1.59 -41.42 23.57
CA PHE G 236 1.71 -40.18 22.79
C PHE G 236 1.94 -40.58 21.33
N SER G 237 0.85 -40.68 20.57
CA SER G 237 0.92 -41.17 19.19
C SER G 237 0.88 -39.99 18.23
N GLY G 238 1.94 -39.19 18.27
CA GLY G 238 2.00 -37.99 17.46
C GLY G 238 2.42 -38.29 16.03
N ALA G 239 1.76 -37.60 15.09
CA ALA G 239 2.01 -37.85 13.68
C ALA G 239 3.37 -37.30 13.26
N ASN G 240 3.77 -36.17 13.84
CA ASN G 240 5.05 -35.56 13.55
C ASN G 240 5.52 -34.85 14.82
N GLU G 241 6.43 -33.90 14.66
CA GLU G 241 7.05 -33.25 15.81
C GLU G 241 6.04 -32.36 16.56
N VAL G 242 5.22 -31.60 15.83
CA VAL G 242 4.27 -30.70 16.48
C VAL G 242 3.15 -31.51 17.13
N ASP G 243 2.63 -32.51 16.42
CA ASP G 243 1.63 -33.40 17.01
C ASP G 243 2.16 -34.08 18.26
N GLN G 244 3.45 -34.41 18.28
CA GLN G 244 4.03 -35.08 19.44
C GLN G 244 3.97 -34.21 20.69
N MET G 245 4.43 -32.96 20.57
CA MET G 245 4.48 -32.09 21.75
C MET G 245 3.09 -31.80 22.27
N ASN G 246 2.15 -31.46 21.38
CA ASN G 246 0.80 -31.14 21.81
C ASN G 246 0.12 -32.34 22.47
N LYS G 247 0.43 -33.55 22.05
CA LYS G 247 -0.15 -34.72 22.70
C LYS G 247 0.42 -34.91 24.10
N ILE G 248 1.66 -34.49 24.34
CA ILE G 248 2.22 -34.58 25.68
C ILE G 248 1.59 -33.53 26.59
N VAL G 249 1.52 -32.28 26.10
CA VAL G 249 0.82 -31.22 26.83
C VAL G 249 -0.61 -31.62 27.09
N GLU G 250 -1.22 -32.38 26.18
CA GLU G 250 -2.58 -32.88 26.36
C GLU G 250 -2.74 -33.62 27.68
N VAL G 251 -1.68 -34.27 28.15
CA VAL G 251 -1.75 -35.11 29.33
C VAL G 251 -1.03 -34.52 30.54
N LEU G 252 0.06 -33.77 30.33
CA LEU G 252 0.90 -33.30 31.42
C LEU G 252 0.84 -31.79 31.62
N GLY G 253 -0.03 -31.09 30.89
CA GLY G 253 -0.13 -29.65 31.03
C GLY G 253 0.98 -28.91 30.32
N ILE G 254 1.02 -27.61 30.59
CA ILE G 254 2.05 -26.75 29.99
C ILE G 254 3.38 -27.00 30.72
N PRO G 255 4.46 -27.29 30.00
CA PRO G 255 5.75 -27.51 30.64
C PRO G 255 6.25 -26.25 31.31
N PRO G 256 6.86 -26.35 32.48
CA PRO G 256 7.13 -25.17 33.30
C PRO G 256 8.05 -24.16 32.60
N ALA G 257 8.03 -22.94 33.13
CA ALA G 257 8.66 -21.82 32.43
C ALA G 257 10.17 -21.93 32.38
N HIS G 258 10.81 -22.51 33.41
CA HIS G 258 12.26 -22.53 33.44
C HIS G 258 12.84 -23.43 32.35
N ILE G 259 12.15 -24.51 32.00
CA ILE G 259 12.56 -25.28 30.83
C ILE G 259 12.27 -24.50 29.55
N LEU G 260 11.11 -23.86 29.48
CA LEU G 260 10.66 -23.24 28.24
C LEU G 260 11.53 -22.04 27.86
N ASP G 261 11.94 -21.25 28.85
CA ASP G 261 12.82 -20.12 28.57
C ASP G 261 14.10 -20.58 27.87
N GLN G 262 14.79 -21.56 28.45
CA GLN G 262 16.04 -22.05 27.89
C GLN G 262 15.84 -22.95 26.68
N ALA G 263 14.60 -23.31 26.36
CA ALA G 263 14.35 -24.24 25.27
C ALA G 263 14.61 -23.56 23.94
N PRO G 264 15.56 -24.03 23.12
CA PRO G 264 15.86 -23.34 21.86
C PRO G 264 14.73 -23.43 20.84
N LYS G 265 14.03 -24.56 20.77
CA LYS G 265 12.97 -24.74 19.79
C LYS G 265 11.58 -24.62 20.42
N ALA G 266 11.47 -23.90 21.54
CA ALA G 266 10.19 -23.76 22.23
C ALA G 266 9.21 -22.85 21.50
N ARG G 267 9.68 -22.05 20.55
CA ARG G 267 8.75 -21.21 19.78
C ARG G 267 8.03 -22.01 18.73
N LYS G 268 8.62 -23.12 18.28
CA LYS G 268 7.93 -24.03 17.37
C LYS G 268 6.66 -24.59 17.98
N PHE G 269 6.55 -24.58 19.30
CA PHE G 269 5.40 -25.19 19.98
C PHE G 269 4.61 -24.23 20.86
N PHE G 270 5.25 -23.24 21.49
CA PHE G 270 4.59 -22.43 22.50
C PHE G 270 4.73 -20.93 22.19
N GLU G 271 4.11 -20.12 23.04
CA GLU G 271 4.13 -18.66 22.93
C GLU G 271 4.27 -18.08 24.33
N LYS G 272 5.23 -17.18 24.50
CA LYS G 272 5.43 -16.53 25.80
C LYS G 272 4.58 -15.26 25.86
N LEU G 273 3.63 -15.24 26.79
CA LEU G 273 2.75 -14.10 26.98
C LEU G 273 3.54 -12.92 27.53
N PRO G 274 3.00 -11.70 27.40
CA PRO G 274 3.73 -10.51 27.90
C PRO G 274 4.04 -10.55 29.40
N ASP G 275 3.40 -11.41 30.18
CA ASP G 275 3.59 -11.44 31.62
C ASP G 275 4.49 -12.58 32.09
N GLY G 276 5.14 -13.29 31.16
CA GLY G 276 6.12 -14.30 31.51
C GLY G 276 5.63 -15.72 31.41
N THR G 277 4.32 -15.96 31.53
CA THR G 277 3.80 -17.30 31.42
C THR G 277 3.78 -17.78 29.98
N TRP G 278 3.84 -19.10 29.80
CA TRP G 278 3.90 -19.71 28.48
C TRP G 278 2.56 -20.34 28.13
N ASN G 279 2.27 -20.36 26.83
CA ASN G 279 1.05 -20.97 26.33
C ASN G 279 1.34 -21.57 24.96
N LEU G 280 0.53 -22.57 24.59
CA LEU G 280 0.72 -23.25 23.31
C LEU G 280 0.61 -22.25 22.16
N LYS G 281 1.35 -22.54 21.08
CA LYS G 281 1.44 -21.67 19.92
C LYS G 281 0.07 -21.27 19.38
N GLU G 289 -8.16 -26.97 17.04
CA GLU G 289 -7.75 -26.94 18.45
C GLU G 289 -7.35 -28.33 18.95
N TYR G 290 -6.84 -28.37 20.18
CA TYR G 290 -6.51 -29.60 20.87
C TYR G 290 -7.29 -29.67 22.18
N LYS G 291 -7.27 -30.83 22.81
CA LYS G 291 -7.81 -30.94 24.15
C LYS G 291 -7.00 -30.04 25.08
N PRO G 292 -7.66 -29.18 25.87
CA PRO G 292 -6.93 -28.28 26.77
C PRO G 292 -5.88 -29.02 27.57
N PRO G 293 -4.79 -28.33 27.94
CA PRO G 293 -3.65 -29.03 28.56
C PRO G 293 -4.02 -29.68 29.90
N GLY G 294 -3.52 -30.90 30.09
CA GLY G 294 -3.67 -31.62 31.33
C GLY G 294 -5.03 -32.21 31.57
N THR G 295 -5.97 -32.09 30.62
CA THR G 295 -7.32 -32.57 30.87
C THR G 295 -7.40 -34.10 30.76
N ARG G 296 -6.96 -34.67 29.65
CA ARG G 296 -6.96 -36.13 29.52
C ARG G 296 -5.93 -36.69 30.49
N LYS G 297 -6.39 -37.10 31.66
CA LYS G 297 -5.48 -37.46 32.74
C LYS G 297 -5.01 -38.90 32.59
N LEU G 298 -3.77 -39.14 33.03
CA LEU G 298 -3.29 -40.51 33.18
C LEU G 298 -4.18 -41.31 34.12
N HIS G 299 -4.97 -40.63 34.97
CA HIS G 299 -5.87 -41.31 35.88
C HIS G 299 -6.94 -42.10 35.14
N ASN G 300 -7.42 -41.55 34.02
CA ASN G 300 -8.57 -42.10 33.32
C ASN G 300 -8.21 -43.05 32.19
N ILE G 301 -7.16 -42.74 31.42
CA ILE G 301 -6.73 -43.66 30.37
C ILE G 301 -6.21 -44.95 31.00
N LEU G 302 -5.68 -44.86 32.21
CA LEU G 302 -5.18 -46.07 32.91
C LEU G 302 -6.33 -46.70 33.71
N GLY G 303 -7.45 -45.98 33.87
CA GLY G 303 -8.61 -46.52 34.56
C GLY G 303 -8.31 -46.92 36.00
N VAL G 304 -7.69 -46.01 36.76
CA VAL G 304 -7.29 -46.32 38.13
C VAL G 304 -8.50 -46.73 38.97
N GLU G 305 -9.69 -46.23 38.63
CA GLU G 305 -10.91 -46.62 39.33
C GLU G 305 -12.00 -47.12 38.40
N THR G 306 -11.75 -47.16 37.08
CA THR G 306 -12.67 -47.76 36.12
C THR G 306 -12.28 -49.21 35.82
N GLY G 307 -11.73 -49.90 36.82
CA GLY G 307 -11.36 -51.30 36.65
C GLY G 307 -10.30 -51.56 35.61
N GLY G 308 -9.53 -50.55 35.23
CA GLY G 308 -8.45 -50.72 34.29
C GLY G 308 -8.70 -50.03 32.96
N PRO G 309 -7.76 -50.17 32.04
CA PRO G 309 -7.93 -49.56 30.69
C PRO G 309 -9.07 -50.23 29.95
N GLY G 310 -10.07 -49.44 29.57
CA GLY G 310 -11.26 -49.99 28.97
C GLY G 310 -12.03 -50.93 29.85
N GLY G 311 -11.83 -50.86 31.17
CA GLY G 311 -12.47 -51.74 32.12
C GLY G 311 -12.14 -53.22 31.98
N ARG G 312 -11.16 -53.59 31.13
CA ARG G 312 -10.89 -54.98 30.79
C ARG G 312 -10.17 -55.75 31.88
N ARG G 313 -10.00 -55.16 33.08
CA ARG G 313 -9.20 -55.86 34.13
C ARG G 313 -9.91 -55.80 35.48
N ALA G 314 -11.21 -55.54 35.49
CA ALA G 314 -11.92 -55.42 36.76
C ALA G 314 -11.90 -56.73 37.54
N GLY G 315 -11.67 -56.61 38.85
CA GLY G 315 -11.70 -57.78 39.71
C GLY G 315 -10.55 -58.76 39.54
N GLU G 316 -9.41 -58.31 39.02
CA GLU G 316 -8.25 -59.16 38.84
C GLU G 316 -7.26 -58.94 39.97
N SER G 317 -6.58 -60.02 40.36
CA SER G 317 -5.63 -59.96 41.47
C SER G 317 -4.40 -59.14 41.08
N GLY G 318 -3.94 -58.32 42.02
CA GLY G 318 -2.81 -57.45 41.78
C GLY G 318 -3.14 -56.19 40.98
N HIS G 319 -4.38 -56.04 40.55
CA HIS G 319 -4.83 -54.87 39.80
C HIS G 319 -5.76 -54.00 40.62
N THR G 320 -5.53 -53.95 41.94
CA THR G 320 -6.40 -53.19 42.82
C THR G 320 -6.27 -51.70 42.55
N VAL G 321 -7.19 -50.94 43.15
CA VAL G 321 -7.20 -49.48 42.95
C VAL G 321 -5.91 -48.87 43.49
N ALA G 322 -5.40 -49.40 44.60
CA ALA G 322 -4.16 -48.89 45.18
C ALA G 322 -2.94 -49.28 44.35
N ASP G 323 -2.97 -50.45 43.71
CA ASP G 323 -1.88 -50.81 42.82
C ASP G 323 -1.85 -49.90 41.59
N TYR G 324 -3.03 -49.53 41.09
CA TYR G 324 -3.10 -48.62 39.94
C TYR G 324 -2.73 -47.20 40.33
N LEU G 325 -2.97 -46.82 41.58
CA LEU G 325 -2.52 -45.51 42.05
C LEU G 325 -1.00 -45.47 42.18
N LYS G 326 -0.41 -46.57 42.64
CA LYS G 326 1.05 -46.68 42.66
C LYS G 326 1.61 -46.55 41.26
N PHE G 327 1.03 -47.26 40.30
CA PHE G 327 1.53 -47.25 38.93
C PHE G 327 1.46 -45.85 38.33
N LYS G 328 0.28 -45.22 38.43
CA LYS G 328 0.10 -43.89 37.84
C LYS G 328 1.09 -42.90 38.44
N ASP G 329 1.38 -43.03 39.73
CA ASP G 329 2.33 -42.12 40.36
C ASP G 329 3.73 -42.29 39.78
N LEU G 330 4.21 -43.54 39.71
CA LEU G 330 5.53 -43.79 39.15
C LEU G 330 5.64 -43.29 37.72
N ILE G 331 4.61 -43.49 36.91
CA ILE G 331 4.65 -43.08 35.51
C ILE G 331 4.77 -41.56 35.39
N LEU G 332 3.98 -40.84 36.16
CA LEU G 332 4.08 -39.38 36.15
C LEU G 332 5.44 -38.92 36.61
N ARG G 333 6.10 -39.70 37.48
CA ARG G 333 7.46 -39.39 37.87
C ARG G 333 8.43 -39.69 36.73
N MET G 334 8.19 -40.75 35.96
CA MET G 334 9.03 -41.00 34.79
C MET G 334 8.75 -39.98 33.69
N LEU G 335 7.61 -39.28 33.72
CA LEU G 335 7.22 -38.33 32.69
C LEU G 335 7.37 -36.89 33.16
N ASP G 336 8.41 -36.61 33.93
CA ASP G 336 8.70 -35.23 34.37
C ASP G 336 9.31 -34.45 33.21
N TYR G 337 8.79 -33.24 32.99
CA TYR G 337 9.35 -32.38 31.95
C TYR G 337 10.81 -32.06 32.25
N ASP G 338 11.10 -31.69 33.48
CA ASP G 338 12.45 -31.34 33.90
C ASP G 338 13.33 -32.58 33.93
N PRO G 339 14.34 -32.70 33.05
CA PRO G 339 15.24 -33.85 33.13
C PRO G 339 16.05 -33.89 34.42
N LYS G 340 16.10 -32.79 35.17
CA LYS G 340 16.86 -32.74 36.41
C LYS G 340 16.10 -33.37 37.57
N THR G 341 14.77 -33.27 37.58
CA THR G 341 13.96 -33.84 38.64
C THR G 341 13.22 -35.10 38.22
N ARG G 342 13.32 -35.48 36.95
CA ARG G 342 12.73 -36.74 36.51
C ARG G 342 13.31 -37.90 37.32
N ILE G 343 12.45 -38.85 37.66
CA ILE G 343 12.86 -39.94 38.54
C ILE G 343 14.05 -40.67 37.93
N GLN G 344 14.97 -41.10 38.78
CA GLN G 344 16.20 -41.75 38.36
C GLN G 344 16.20 -43.21 38.78
N PRO G 345 16.90 -44.08 38.05
CA PRO G 345 16.71 -45.54 38.23
C PRO G 345 16.88 -46.04 39.65
N TYR G 346 17.87 -45.54 40.40
CA TYR G 346 18.06 -45.95 41.79
C TYR G 346 16.77 -45.76 42.59
N TYR G 347 16.18 -44.57 42.51
CA TYR G 347 15.00 -44.27 43.31
C TYR G 347 13.71 -44.80 42.70
N ALA G 348 13.70 -45.05 41.39
CA ALA G 348 12.52 -45.67 40.79
C ALA G 348 12.33 -47.09 41.29
N LEU G 349 13.42 -47.79 41.62
CA LEU G 349 13.30 -49.14 42.14
C LEU G 349 12.81 -49.14 43.58
N GLN G 350 13.11 -48.09 44.34
CA GLN G 350 12.59 -47.94 45.69
C GLN G 350 11.14 -47.47 45.71
N HIS G 351 10.53 -47.27 44.54
CA HIS G 351 9.16 -46.80 44.48
C HIS G 351 8.20 -47.90 44.94
N SER G 352 6.99 -47.48 45.31
CA SER G 352 6.04 -48.37 45.96
C SER G 352 5.42 -49.35 44.97
N PHE G 353 5.31 -48.96 43.68
CA PHE G 353 4.67 -49.82 42.69
C PHE G 353 5.25 -51.23 42.70
N PHE G 354 6.55 -51.34 42.97
CA PHE G 354 7.20 -52.64 43.10
C PHE G 354 6.97 -53.21 44.49
N LYS G 355 5.70 -53.30 44.89
CA LYS G 355 5.33 -53.87 46.20
C LYS G 355 3.84 -54.18 46.24
N VAL H 10 -25.95 39.11 -41.03
CA VAL H 10 -26.58 37.83 -40.72
C VAL H 10 -26.57 37.59 -39.22
N TYR H 11 -27.65 36.98 -38.71
CA TYR H 11 -27.79 36.75 -37.28
C TYR H 11 -27.09 35.47 -36.87
N ASN H 12 -26.40 35.53 -35.71
CA ASN H 12 -25.80 34.36 -35.07
C ASN H 12 -24.73 33.73 -35.96
N ASP H 13 -23.87 34.56 -36.53
CA ASP H 13 -22.74 34.11 -37.35
C ASP H 13 -23.21 33.21 -38.50
N GLY H 14 -24.36 33.54 -39.07
CA GLY H 14 -24.88 32.76 -40.18
C GLY H 14 -25.44 31.42 -39.77
N TYR H 15 -26.22 31.40 -38.70
CA TYR H 15 -26.87 30.18 -38.22
C TYR H 15 -28.35 30.35 -37.96
N ASP H 16 -28.86 31.57 -37.88
CA ASP H 16 -30.25 31.85 -37.53
C ASP H 16 -30.92 32.61 -38.66
N ASP H 17 -32.25 32.50 -38.71
CA ASP H 17 -33.04 33.26 -39.67
C ASP H 17 -33.42 34.61 -39.04
N ASP H 18 -34.47 35.25 -39.56
CA ASP H 18 -34.84 36.57 -39.09
C ASP H 18 -35.52 36.54 -37.73
N ASN H 19 -36.07 35.41 -37.32
CA ASN H 19 -36.86 35.31 -36.09
C ASN H 19 -36.11 34.56 -34.99
N TYR H 20 -34.78 34.69 -34.96
CA TYR H 20 -33.92 34.04 -33.96
C TYR H 20 -34.11 32.52 -33.95
N ASP H 21 -34.55 31.95 -35.06
CA ASP H 21 -34.74 30.52 -35.19
C ASP H 21 -33.53 29.90 -35.86
N TYR H 22 -33.06 28.77 -35.33
CA TYR H 22 -31.94 28.07 -35.93
C TYR H 22 -32.35 27.48 -37.27
N ILE H 23 -31.61 27.82 -38.33
CA ILE H 23 -31.90 27.29 -39.65
C ILE H 23 -31.60 25.81 -39.65
N VAL H 24 -32.63 24.99 -39.87
CA VAL H 24 -32.51 23.54 -39.80
C VAL H 24 -32.11 23.01 -41.16
N LYS H 25 -31.00 22.27 -41.20
CA LYS H 25 -30.52 21.62 -42.41
C LYS H 25 -30.63 20.11 -42.25
N ASN H 26 -31.29 19.46 -43.20
CA ASN H 26 -31.44 18.01 -43.17
C ASN H 26 -30.09 17.33 -43.35
N GLY H 27 -29.85 16.30 -42.54
CA GLY H 27 -28.64 15.51 -42.63
C GLY H 27 -27.50 15.99 -41.76
N GLU H 28 -27.62 17.14 -41.12
CA GLU H 28 -26.54 17.69 -40.31
C GLU H 28 -26.25 16.78 -39.12
N LYS H 29 -24.98 16.73 -38.73
CA LYS H 29 -24.53 15.97 -37.57
C LYS H 29 -24.15 16.94 -36.46
N TRP H 30 -24.64 16.67 -35.24
CA TRP H 30 -24.45 17.53 -34.09
C TRP H 30 -23.61 16.82 -33.04
N MET H 31 -22.49 17.43 -32.69
CA MET H 31 -21.64 16.96 -31.58
C MET H 31 -21.30 15.48 -31.71
N ASP H 32 -21.18 14.99 -32.94
CA ASP H 32 -20.81 13.61 -33.26
C ASP H 32 -21.84 12.59 -32.78
N ARG H 33 -22.98 13.04 -32.28
CA ARG H 33 -23.96 12.12 -31.70
C ARG H 33 -25.33 12.17 -32.36
N TYR H 34 -25.81 13.36 -32.69
CA TYR H 34 -27.15 13.52 -33.25
C TYR H 34 -27.09 13.73 -34.76
N GLU H 35 -28.09 13.20 -35.45
CA GLU H 35 -28.23 13.35 -36.91
C GLU H 35 -29.59 13.96 -37.17
N ILE H 36 -29.63 15.25 -37.48
CA ILE H 36 -30.88 15.95 -37.73
C ILE H 36 -31.49 15.43 -39.02
N ASP H 37 -32.63 14.76 -38.93
CA ASP H 37 -33.28 14.22 -40.12
C ASP H 37 -34.03 15.31 -40.88
N SER H 38 -34.95 16.00 -40.20
CA SER H 38 -35.75 17.03 -40.83
C SER H 38 -36.53 17.76 -39.74
N LEU H 39 -37.34 18.73 -40.16
CA LEU H 39 -38.11 19.56 -39.25
C LEU H 39 -39.51 18.98 -39.05
N ILE H 40 -39.90 18.81 -37.79
CA ILE H 40 -41.22 18.31 -37.48
C ILE H 40 -42.25 19.43 -37.45
N GLY H 41 -41.94 20.53 -36.78
CA GLY H 41 -42.85 21.67 -36.73
C GLY H 41 -42.17 22.88 -36.12
N LYS H 42 -42.84 24.02 -36.27
CA LYS H 42 -42.41 25.28 -35.70
C LYS H 42 -43.46 25.77 -34.70
N GLY H 43 -43.03 26.66 -33.83
CA GLY H 43 -43.92 27.22 -32.83
C GLY H 43 -43.43 28.57 -32.36
N SER H 44 -44.12 29.09 -31.33
CA SER H 44 -43.76 30.38 -30.78
C SER H 44 -42.42 30.34 -30.06
N PHE H 45 -41.96 29.17 -29.63
CA PHE H 45 -40.74 29.00 -28.87
C PHE H 45 -39.51 28.79 -29.74
N GLY H 46 -39.69 28.29 -30.94
CA GLY H 46 -38.61 27.80 -31.76
C GLY H 46 -39.14 26.72 -32.69
N GLN H 47 -38.40 25.61 -32.79
CA GLN H 47 -38.75 24.54 -33.70
C GLN H 47 -38.50 23.19 -33.02
N VAL H 48 -39.13 22.16 -33.59
CA VAL H 48 -38.94 20.77 -33.17
C VAL H 48 -38.52 19.96 -34.38
N VAL H 49 -37.45 19.20 -34.25
CA VAL H 49 -36.90 18.44 -35.37
C VAL H 49 -36.81 16.97 -34.99
N LYS H 50 -36.88 16.11 -36.00
CA LYS H 50 -36.63 14.68 -35.82
C LYS H 50 -35.14 14.42 -36.00
N ALA H 51 -34.55 13.67 -35.09
CA ALA H 51 -33.13 13.38 -35.13
C ALA H 51 -32.89 11.96 -34.63
N TYR H 52 -31.67 11.47 -34.86
CA TYR H 52 -31.26 10.15 -34.43
C TYR H 52 -30.17 10.28 -33.36
N ASP H 53 -30.41 9.68 -32.20
CA ASP H 53 -29.43 9.63 -31.12
C ASP H 53 -28.56 8.40 -31.35
N ARG H 54 -27.35 8.62 -31.87
CA ARG H 54 -26.43 7.51 -32.11
C ARG H 54 -26.06 6.79 -30.83
N VAL H 55 -26.06 7.50 -29.70
CA VAL H 55 -25.65 6.88 -28.43
C VAL H 55 -26.75 5.96 -27.93
N GLU H 56 -28.00 6.42 -27.95
CA GLU H 56 -29.13 5.66 -27.43
C GLU H 56 -29.85 4.85 -28.50
N GLN H 57 -29.44 4.97 -29.76
CA GLN H 57 -29.99 4.18 -30.87
C GLN H 57 -31.51 4.29 -30.93
N GLU H 58 -31.98 5.53 -31.03
CA GLU H 58 -33.41 5.77 -31.10
C GLU H 58 -33.65 7.18 -31.63
N TRP H 59 -34.85 7.38 -32.18
CA TRP H 59 -35.22 8.68 -32.74
C TRP H 59 -35.75 9.58 -31.64
N VAL H 60 -35.43 10.87 -31.74
CA VAL H 60 -35.80 11.84 -30.72
C VAL H 60 -36.37 13.09 -31.39
N ALA H 61 -37.14 13.83 -30.61
CA ALA H 61 -37.64 15.14 -31.00
C ALA H 61 -36.87 16.20 -30.24
N ILE H 62 -36.14 17.04 -30.96
CA ILE H 62 -35.34 18.09 -30.34
C ILE H 62 -36.06 19.41 -30.52
N LYS H 63 -36.46 20.02 -29.40
CA LYS H 63 -37.06 21.35 -29.42
C LYS H 63 -35.93 22.37 -29.31
N ILE H 64 -35.69 23.10 -30.41
CA ILE H 64 -34.66 24.13 -30.45
C ILE H 64 -35.31 25.46 -30.09
N ILE H 65 -35.00 25.96 -28.90
CA ILE H 65 -35.54 27.23 -28.44
C ILE H 65 -34.85 28.36 -29.19
N LYS H 66 -35.61 29.42 -29.48
CA LYS H 66 -35.08 30.57 -30.20
C LYS H 66 -33.87 31.16 -29.48
N ASN H 67 -32.94 31.70 -30.26
CA ASN H 67 -31.76 32.36 -29.72
C ASN H 67 -32.13 33.79 -29.33
N LYS H 68 -32.86 33.88 -28.20
CA LYS H 68 -33.23 35.16 -27.64
C LYS H 68 -33.41 34.99 -26.14
N LYS H 69 -33.04 36.04 -25.40
CA LYS H 69 -33.06 36.00 -23.94
C LYS H 69 -34.44 35.63 -23.42
N ALA H 70 -35.49 36.30 -23.91
CA ALA H 70 -36.83 36.09 -23.40
C ALA H 70 -37.28 34.65 -23.59
N PHE H 71 -36.91 34.04 -24.73
CA PHE H 71 -37.31 32.68 -24.99
C PHE H 71 -36.46 31.67 -24.23
N LEU H 72 -35.19 31.99 -24.00
CA LEU H 72 -34.33 31.13 -23.18
C LEU H 72 -34.87 31.05 -21.76
N ASN H 73 -35.19 32.19 -21.16
CA ASN H 73 -35.63 32.22 -19.76
C ASN H 73 -36.90 31.40 -19.55
N GLN H 74 -37.90 31.59 -20.42
CA GLN H 74 -39.11 30.79 -20.34
C GLN H 74 -38.80 29.31 -20.48
N ALA H 75 -37.86 28.97 -21.38
CA ALA H 75 -37.49 27.57 -21.57
C ALA H 75 -36.81 27.01 -20.32
N GLN H 76 -36.06 27.83 -19.61
CA GLN H 76 -35.42 27.36 -18.37
C GLN H 76 -36.46 27.00 -17.31
N ILE H 77 -37.50 27.82 -17.18
CA ILE H 77 -38.60 27.48 -16.29
C ILE H 77 -39.19 26.14 -16.69
N GLU H 78 -39.34 25.90 -17.99
CA GLU H 78 -39.85 24.62 -18.48
C GLU H 78 -38.90 23.48 -18.10
N VAL H 79 -37.63 23.60 -18.49
CA VAL H 79 -36.65 22.54 -18.27
C VAL H 79 -36.61 22.13 -16.80
N ARG H 80 -36.82 23.08 -15.89
CA ARG H 80 -36.91 22.74 -14.47
C ARG H 80 -38.13 21.89 -14.19
N LEU H 81 -39.29 22.29 -14.74
CA LEU H 81 -40.54 21.63 -14.42
C LEU H 81 -40.55 20.18 -14.89
N LEU H 82 -40.16 19.96 -16.15
CA LEU H 82 -40.09 18.59 -16.68
C LEU H 82 -39.16 17.75 -15.83
N GLU H 83 -38.03 18.31 -15.41
CA GLU H 83 -37.05 17.55 -14.62
C GLU H 83 -37.66 17.04 -13.32
N LEU H 84 -38.36 17.91 -12.62
CA LEU H 84 -38.98 17.48 -11.38
C LEU H 84 -39.75 16.22 -11.61
N MET H 85 -40.78 16.31 -12.43
CA MET H 85 -41.64 15.17 -12.64
C MET H 85 -40.90 13.99 -13.20
N ASN H 86 -40.16 14.20 -14.28
CA ASN H 86 -39.50 13.09 -14.95
C ASN H 86 -38.62 12.29 -14.01
N LYS H 87 -38.29 12.86 -12.85
CA LYS H 87 -37.42 12.19 -11.89
C LYS H 87 -38.12 12.04 -10.55
N HIS H 88 -39.39 11.66 -10.57
CA HIS H 88 -40.17 11.45 -9.35
C HIS H 88 -40.29 9.97 -9.05
N ASP H 89 -40.90 9.66 -7.91
CA ASP H 89 -41.02 8.24 -7.47
C ASP H 89 -42.34 7.65 -7.96
N THR H 90 -43.39 8.47 -8.04
CA THR H 90 -44.68 7.93 -8.44
C THR H 90 -44.61 7.34 -9.84
N GLU H 91 -45.21 6.16 -10.01
CA GLU H 91 -45.25 5.49 -11.30
C GLU H 91 -46.28 6.11 -12.25
N MET H 92 -46.95 7.19 -11.84
CA MET H 92 -47.83 7.93 -12.72
C MET H 92 -47.08 8.93 -13.59
N LYS H 93 -45.74 8.94 -13.53
CA LYS H 93 -44.95 9.83 -14.37
C LYS H 93 -44.95 9.42 -15.82
N TYR H 94 -45.28 8.18 -16.10
CA TYR H 94 -45.23 7.70 -17.48
C TYR H 94 -46.35 8.29 -18.35
N TYR H 95 -47.14 9.19 -17.77
CA TYR H 95 -48.14 9.96 -18.53
C TYR H 95 -47.64 11.35 -18.88
N ILE H 96 -46.33 11.59 -18.84
CA ILE H 96 -45.76 12.88 -19.16
C ILE H 96 -44.61 12.67 -20.11
N VAL H 97 -44.44 13.58 -21.08
CA VAL H 97 -43.34 13.43 -22.02
C VAL H 97 -42.02 13.43 -21.27
N HIS H 98 -41.14 12.50 -21.65
CA HIS H 98 -39.86 12.32 -20.99
C HIS H 98 -38.82 13.21 -21.65
N LEU H 99 -38.29 14.18 -20.90
CA LEU H 99 -37.16 14.96 -21.36
C LEU H 99 -35.89 14.18 -21.06
N LYS H 100 -35.27 13.62 -22.09
CA LYS H 100 -34.08 12.80 -21.89
C LYS H 100 -32.91 13.65 -21.41
N ARG H 101 -32.52 14.65 -22.19
CA ARG H 101 -31.42 15.53 -21.83
C ARG H 101 -31.65 16.89 -22.47
N HIS H 102 -30.75 17.83 -22.17
CA HIS H 102 -30.82 19.17 -22.72
C HIS H 102 -29.40 19.72 -22.83
N PHE H 103 -29.19 20.57 -23.83
CA PHE H 103 -27.86 21.11 -24.07
C PHE H 103 -27.95 22.42 -24.84
N MET H 104 -26.87 23.19 -24.76
CA MET H 104 -26.71 24.39 -25.57
C MET H 104 -25.87 24.03 -26.79
N PHE H 105 -26.42 24.34 -27.98
CA PHE H 105 -25.75 24.06 -29.24
C PHE H 105 -25.83 25.29 -30.12
N ARG H 106 -24.68 25.84 -30.49
CA ARG H 106 -24.60 27.04 -31.32
C ARG H 106 -25.52 28.14 -30.77
N ASN H 107 -25.40 28.36 -29.47
CA ASN H 107 -26.16 29.40 -28.76
C ASN H 107 -27.67 29.13 -28.81
N HIS H 108 -28.06 27.86 -28.80
CA HIS H 108 -29.47 27.48 -28.77
C HIS H 108 -29.69 26.43 -27.69
N LEU H 109 -30.70 26.66 -26.85
CA LEU H 109 -31.09 25.66 -25.86
C LEU H 109 -31.94 24.61 -26.57
N CYS H 110 -31.45 23.37 -26.58
CA CYS H 110 -32.12 22.26 -27.25
C CYS H 110 -32.62 21.28 -26.20
N LEU H 111 -33.92 21.01 -26.20
CA LEU H 111 -34.53 20.03 -25.31
C LEU H 111 -34.75 18.75 -26.10
N VAL H 112 -34.16 17.65 -25.64
CA VAL H 112 -34.27 16.38 -26.33
C VAL H 112 -35.42 15.60 -25.73
N PHE H 113 -36.45 15.35 -26.54
CA PHE H 113 -37.64 14.65 -26.10
C PHE H 113 -37.71 13.28 -26.75
N GLU H 114 -38.38 12.36 -26.08
CA GLU H 114 -38.71 11.09 -26.69
C GLU H 114 -39.60 11.31 -27.91
N MET H 115 -39.59 10.33 -28.82
CA MET H 115 -40.44 10.38 -30.00
C MET H 115 -41.78 9.71 -29.70
N LEU H 116 -42.87 10.38 -30.09
CA LEU H 116 -44.22 9.88 -29.90
C LEU H 116 -44.95 9.78 -31.24
N SER H 117 -46.28 9.82 -31.21
CA SER H 117 -47.06 9.71 -32.44
C SER H 117 -47.90 10.96 -32.69
N TYR H 118 -49.01 10.80 -33.42
CA TYR H 118 -49.88 11.94 -33.70
C TYR H 118 -50.44 12.52 -32.40
N ASN H 119 -50.87 13.77 -32.47
CA ASN H 119 -51.60 14.38 -31.38
C ASN H 119 -53.06 13.91 -31.41
N LEU H 120 -53.78 14.21 -30.32
CA LEU H 120 -55.18 13.80 -30.24
C LEU H 120 -56.05 14.53 -31.25
N TYR H 121 -55.64 15.71 -31.71
CA TYR H 121 -56.37 16.38 -32.78
C TYR H 121 -56.23 15.61 -34.10
N ASP H 122 -54.99 15.26 -34.46
CA ASP H 122 -54.76 14.54 -35.71
C ASP H 122 -55.53 13.22 -35.75
N LEU H 123 -55.73 12.59 -34.58
CA LEU H 123 -56.52 11.38 -34.53
C LEU H 123 -57.99 11.67 -34.81
N LEU H 124 -58.48 12.83 -34.35
CA LEU H 124 -59.83 13.24 -34.68
C LEU H 124 -59.97 13.52 -36.18
N ARG H 125 -58.92 14.08 -36.78
CA ARG H 125 -58.95 14.35 -38.21
C ARG H 125 -59.09 13.06 -39.01
N ASN H 126 -58.44 11.99 -38.55
CA ASN H 126 -58.49 10.71 -39.27
C ASN H 126 -59.84 10.03 -39.17
N THR H 127 -60.71 10.47 -38.26
CA THR H 127 -62.09 9.99 -38.22
C THR H 127 -63.02 10.84 -39.08
N ASN H 128 -62.46 11.74 -39.90
CA ASN H 128 -63.24 12.76 -40.60
C ASN H 128 -64.06 13.59 -39.61
N PHE H 129 -63.51 13.79 -38.41
CA PHE H 129 -64.15 14.55 -37.33
C PHE H 129 -65.46 13.91 -36.89
N ARG H 130 -65.57 12.59 -37.06
CA ARG H 130 -66.70 11.83 -36.54
C ARG H 130 -66.56 11.51 -35.06
N GLY H 131 -65.38 11.73 -34.47
CA GLY H 131 -65.13 11.40 -33.10
C GLY H 131 -64.70 9.96 -32.90
N VAL H 132 -64.20 9.68 -31.70
CA VAL H 132 -63.78 8.33 -31.35
C VAL H 132 -64.76 7.75 -30.35
N SER H 133 -64.72 6.43 -30.21
CA SER H 133 -65.69 5.69 -29.41
C SER H 133 -65.67 6.13 -27.95
N LEU H 134 -66.75 5.82 -27.23
CA LEU H 134 -66.80 6.11 -25.81
C LEU H 134 -65.79 5.27 -25.04
N ASN H 135 -65.53 4.05 -25.49
CA ASN H 135 -64.51 3.22 -24.85
C ASN H 135 -63.14 3.85 -24.99
N LEU H 136 -62.84 4.43 -26.16
CA LEU H 136 -61.55 5.08 -26.36
C LEU H 136 -61.48 6.41 -25.61
N THR H 137 -62.59 7.15 -25.53
CA THR H 137 -62.59 8.37 -24.74
C THR H 137 -62.54 8.08 -23.24
N ARG H 138 -63.10 6.94 -22.81
CA ARG H 138 -62.96 6.53 -21.42
C ARG H 138 -61.50 6.33 -21.07
N LYS H 139 -60.74 5.70 -21.96
CA LYS H 139 -59.32 5.48 -21.70
C LYS H 139 -58.57 6.79 -21.61
N PHE H 140 -58.85 7.73 -22.51
CA PHE H 140 -58.22 9.05 -22.44
C PHE H 140 -58.52 9.73 -21.12
N ALA H 141 -59.78 9.66 -20.67
CA ALA H 141 -60.14 10.23 -19.38
C ALA H 141 -59.31 9.63 -18.25
N GLN H 142 -59.28 8.30 -18.17
CA GLN H 142 -58.59 7.63 -17.06
C GLN H 142 -57.10 7.95 -17.07
N GLN H 143 -56.48 7.92 -18.26
CA GLN H 143 -55.06 8.27 -18.35
C GLN H 143 -54.84 9.76 -18.03
N MET H 144 -55.72 10.63 -18.53
CA MET H 144 -55.63 12.05 -18.23
C MET H 144 -55.80 12.32 -16.74
N CYS H 145 -56.93 11.87 -16.18
CA CYS H 145 -57.20 12.12 -14.77
C CYS H 145 -56.09 11.57 -13.88
N THR H 146 -55.49 10.45 -14.27
CA THR H 146 -54.32 9.95 -13.55
C THR H 146 -53.12 10.87 -13.75
N ALA H 147 -52.99 11.48 -14.93
CA ALA H 147 -51.90 12.43 -15.15
C ALA H 147 -52.14 13.74 -14.41
N LEU H 148 -53.40 14.17 -14.28
CA LEU H 148 -53.69 15.36 -13.48
C LEU H 148 -53.57 15.09 -11.98
N LEU H 149 -53.68 13.83 -11.57
CA LEU H 149 -53.45 13.49 -10.17
C LEU H 149 -51.97 13.58 -9.81
N PHE H 150 -51.10 13.20 -10.75
CA PHE H 150 -49.68 13.50 -10.60
C PHE H 150 -49.48 15.00 -10.47
N LEU H 151 -49.95 15.75 -11.46
CA LEU H 151 -49.82 17.22 -11.44
C LEU H 151 -50.32 17.82 -10.13
N ALA H 152 -51.17 17.11 -9.40
CA ALA H 152 -51.71 17.56 -8.12
C ALA H 152 -50.84 17.14 -6.93
N THR H 153 -49.76 16.40 -7.16
CA THR H 153 -48.84 16.05 -6.09
C THR H 153 -48.43 17.32 -5.33
N PRO H 154 -48.52 17.34 -3.99
CA PRO H 154 -48.36 18.62 -3.29
C PRO H 154 -46.97 19.20 -3.39
N GLU H 155 -45.93 18.38 -3.49
CA GLU H 155 -44.58 18.90 -3.66
C GLU H 155 -44.35 19.47 -5.05
N LEU H 156 -45.30 19.32 -5.96
CA LEU H 156 -45.20 19.89 -7.30
C LEU H 156 -46.20 21.03 -7.49
N SER H 157 -47.49 20.72 -7.62
CA SER H 157 -48.55 21.71 -7.78
C SER H 157 -48.32 22.57 -9.03
N ILE H 158 -48.25 21.90 -10.17
CA ILE H 158 -47.97 22.52 -11.45
C ILE H 158 -49.27 22.60 -12.25
N ILE H 159 -49.48 23.72 -12.93
CA ILE H 159 -50.63 23.93 -13.80
C ILE H 159 -50.12 24.04 -15.23
N HIS H 160 -50.69 23.21 -16.12
CA HIS H 160 -50.15 23.12 -17.48
C HIS H 160 -50.28 24.44 -18.23
N CYS H 161 -51.46 25.06 -18.18
CA CYS H 161 -51.78 26.39 -18.71
C CYS H 161 -51.93 26.41 -20.23
N ASP H 162 -51.90 25.27 -20.90
CA ASP H 162 -52.20 25.21 -22.33
C ASP H 162 -52.56 23.79 -22.73
N LEU H 163 -53.44 23.15 -21.96
CA LEU H 163 -53.90 21.82 -22.32
C LEU H 163 -54.85 21.88 -23.51
N LYS H 164 -54.72 20.89 -24.40
CA LYS H 164 -55.49 20.82 -25.64
C LYS H 164 -55.20 19.48 -26.31
N PRO H 165 -56.05 19.05 -27.25
CA PRO H 165 -55.75 17.83 -28.01
C PRO H 165 -54.43 17.87 -28.74
N GLU H 166 -54.01 19.06 -29.20
CA GLU H 166 -52.71 19.18 -29.86
C GLU H 166 -51.55 18.84 -28.92
N ASN H 167 -51.72 19.08 -27.63
CA ASN H 167 -50.68 18.81 -26.64
C ASN H 167 -50.87 17.47 -25.94
N ILE H 168 -51.74 16.61 -26.47
CA ILE H 168 -51.84 15.22 -26.03
C ILE H 168 -51.45 14.35 -27.21
N LEU H 169 -50.47 13.48 -27.02
CA LEU H 169 -49.93 12.66 -28.09
C LEU H 169 -50.02 11.19 -27.72
N LEU H 170 -50.32 10.36 -28.71
CA LEU H 170 -50.22 8.92 -28.53
C LEU H 170 -48.75 8.52 -28.43
N CYS H 171 -48.48 7.49 -27.63
CA CYS H 171 -47.15 6.90 -27.63
C CYS H 171 -46.94 6.03 -28.87
N ASN H 172 -47.98 5.28 -29.24
CA ASN H 172 -48.05 4.41 -30.40
C ASN H 172 -49.22 4.82 -31.28
N PRO H 173 -49.03 4.88 -32.60
CA PRO H 173 -50.14 5.28 -33.48
C PRO H 173 -51.30 4.30 -33.48
N LYS H 174 -51.19 3.15 -32.82
CA LYS H 174 -52.25 2.16 -32.80
C LYS H 174 -52.56 1.66 -31.40
N ARG H 175 -52.28 2.47 -30.38
CA ARG H 175 -52.51 2.07 -29.00
C ARG H 175 -53.12 3.24 -28.23
N SER H 176 -53.74 2.92 -27.09
CA SER H 176 -54.51 3.91 -26.35
C SER H 176 -53.64 4.83 -25.52
N ALA H 177 -52.43 4.40 -25.14
CA ALA H 177 -51.62 5.14 -24.19
C ALA H 177 -51.19 6.49 -24.75
N ILE H 178 -51.26 7.52 -23.91
CA ILE H 178 -50.99 8.89 -24.29
C ILE H 178 -50.05 9.54 -23.27
N LYS H 179 -49.57 10.74 -23.61
CA LYS H 179 -48.68 11.51 -22.75
C LYS H 179 -48.85 12.99 -23.09
N ILE H 180 -48.69 13.84 -22.07
CA ILE H 180 -48.85 15.28 -22.22
C ILE H 180 -47.53 15.91 -22.65
N VAL H 181 -47.60 16.91 -23.53
CA VAL H 181 -46.43 17.59 -24.05
C VAL H 181 -46.61 19.10 -23.88
N ASP H 182 -45.59 19.84 -24.34
CA ASP H 182 -45.54 21.30 -24.35
C ASP H 182 -45.82 21.91 -22.99
N PHE H 183 -44.82 21.88 -22.11
CA PHE H 183 -44.90 22.54 -20.83
C PHE H 183 -44.33 23.96 -20.86
N GLY H 184 -44.23 24.55 -22.05
CA GLY H 184 -43.67 25.88 -22.20
C GLY H 184 -44.45 26.98 -21.49
N SER H 185 -45.68 26.69 -21.08
CA SER H 185 -46.50 27.65 -20.37
C SER H 185 -46.80 27.23 -18.93
N SER H 186 -46.26 26.10 -18.48
CA SER H 186 -46.61 25.58 -17.17
C SER H 186 -45.94 26.39 -16.06
N CYS H 187 -46.58 26.37 -14.90
CA CYS H 187 -46.12 27.12 -13.75
C CYS H 187 -46.61 26.41 -12.49
N GLN H 188 -46.32 27.02 -11.34
CA GLN H 188 -46.74 26.50 -10.05
C GLN H 188 -47.61 27.53 -9.34
N LEU H 189 -47.99 27.22 -8.10
CA LEU H 189 -48.88 28.10 -7.34
C LEU H 189 -48.21 29.45 -7.07
N GLY H 190 -49.01 30.51 -7.12
CA GLY H 190 -48.50 31.86 -6.92
C GLY H 190 -47.92 32.47 -8.16
N GLN H 191 -47.23 31.66 -8.97
CA GLN H 191 -46.58 32.11 -10.19
C GLN H 191 -47.61 32.63 -11.21
N PTR H 196 -52.66 36.41 -20.24
CA PTR H 196 -53.24 35.44 -21.16
C PTR H 196 -52.74 34.04 -20.84
O PTR H 196 -51.55 33.82 -20.65
CB PTR H 196 -52.91 35.82 -22.61
CG PTR H 196 -54.07 35.66 -23.57
CD1 PTR H 196 -55.22 36.41 -23.42
CD2 PTR H 196 -53.99 34.78 -24.64
CE1 PTR H 196 -56.28 36.27 -24.30
CE2 PTR H 196 -55.04 34.63 -25.53
CZ PTR H 196 -56.18 35.39 -25.35
OH PTR H 196 -57.19 35.27 -26.17
P PTR H 196 -57.00 34.88 -27.72
O1P PTR H 196 -56.83 33.35 -27.85
O2P PTR H 196 -58.22 35.30 -28.45
O3P PTR H 196 -55.76 35.58 -28.32
N ILE H 197 -53.67 33.08 -20.77
CA ILE H 197 -53.32 31.70 -20.47
C ILE H 197 -54.41 30.78 -21.03
N GLN H 198 -54.12 29.48 -21.08
CA GLN H 198 -55.01 28.47 -21.64
C GLN H 198 -55.24 28.68 -23.13
N SER H 199 -55.71 27.64 -23.83
CA SER H 199 -56.13 27.77 -25.21
C SER H 199 -57.61 28.14 -25.26
N ARG H 200 -57.97 29.04 -26.19
CA ARG H 200 -59.27 29.70 -26.18
C ARG H 200 -60.44 28.75 -25.99
N PHE H 201 -60.57 27.74 -26.86
CA PHE H 201 -61.66 26.78 -26.73
C PHE H 201 -61.70 26.14 -25.34
N TYR H 202 -60.54 25.97 -24.71
CA TYR H 202 -60.41 25.28 -23.44
C TYR H 202 -60.04 26.22 -22.30
N ARG H 203 -60.09 27.53 -22.54
CA ARG H 203 -59.92 28.50 -21.47
C ARG H 203 -61.01 28.35 -20.43
N SER H 204 -60.62 28.22 -19.17
CA SER H 204 -61.55 28.07 -18.07
C SER H 204 -62.20 29.41 -17.72
N PRO H 205 -63.35 29.39 -17.04
CA PRO H 205 -63.99 30.66 -16.64
C PRO H 205 -63.10 31.51 -15.73
N GLU H 206 -62.33 30.87 -14.86
CA GLU H 206 -61.44 31.61 -13.96
C GLU H 206 -60.49 32.52 -14.73
N VAL H 207 -59.83 31.96 -15.76
CA VAL H 207 -58.92 32.75 -16.57
C VAL H 207 -59.68 33.91 -17.23
N LEU H 208 -60.77 33.60 -17.91
CA LEU H 208 -61.59 34.63 -18.55
C LEU H 208 -62.40 35.40 -17.50
N MET H 211 -59.04 37.02 -12.81
CA MET H 211 -59.45 36.22 -11.66
C MET H 211 -58.44 35.11 -11.40
N PRO H 212 -58.31 34.69 -10.13
CA PRO H 212 -57.28 33.70 -9.77
C PRO H 212 -57.51 32.33 -10.39
N TYR H 213 -56.57 31.40 -10.20
CA TYR H 213 -56.70 30.04 -10.72
C TYR H 213 -55.68 29.15 -10.04
N ASP H 214 -56.07 27.89 -9.80
CA ASP H 214 -55.19 26.86 -9.27
C ASP H 214 -54.95 25.81 -10.35
N LEU H 215 -54.75 24.55 -9.95
CA LEU H 215 -54.53 23.46 -10.90
C LEU H 215 -55.83 22.88 -11.45
N ALA H 216 -56.98 23.49 -11.17
CA ALA H 216 -58.26 23.02 -11.70
C ALA H 216 -58.63 23.65 -13.03
N ILE H 217 -57.91 24.71 -13.44
CA ILE H 217 -58.17 25.33 -14.76
C ILE H 217 -57.86 24.28 -15.83
N ASP H 218 -57.24 23.17 -15.41
CA ASP H 218 -56.85 22.11 -16.36
C ASP H 218 -58.02 21.13 -16.45
N MET H 219 -58.78 21.00 -15.37
CA MET H 219 -59.97 20.12 -15.40
C MET H 219 -61.00 20.75 -16.33
N TRP H 220 -61.08 22.07 -16.37
CA TRP H 220 -62.02 22.63 -17.33
C TRP H 220 -61.61 22.32 -18.76
N SER H 221 -60.32 22.44 -19.06
CA SER H 221 -59.82 22.03 -20.37
C SER H 221 -60.16 20.58 -20.65
N LEU H 222 -59.86 19.70 -19.70
CA LEU H 222 -60.13 18.28 -19.87
C LEU H 222 -61.58 18.01 -20.22
N GLY H 223 -62.50 18.75 -19.61
CA GLY H 223 -63.91 18.61 -19.97
C GLY H 223 -64.18 19.02 -21.40
N CYS H 224 -63.69 20.21 -21.78
CA CYS H 224 -63.80 20.65 -23.16
C CYS H 224 -63.08 19.72 -24.14
N ILE H 225 -62.12 18.94 -23.65
CA ILE H 225 -61.32 18.06 -24.50
C ILE H 225 -62.00 16.72 -24.69
N LEU H 226 -62.43 16.08 -23.60
CA LEU H 226 -62.98 14.73 -23.70
C LEU H 226 -64.27 14.70 -24.50
N VAL H 227 -65.09 15.74 -24.39
CA VAL H 227 -66.30 15.81 -25.20
C VAL H 227 -65.94 15.98 -26.67
N GLU H 228 -64.95 16.83 -26.97
CA GLU H 228 -64.51 16.98 -28.35
C GLU H 228 -63.99 15.67 -28.92
N MET H 229 -63.36 14.84 -28.08
CA MET H 229 -62.84 13.56 -28.57
C MET H 229 -63.98 12.62 -28.98
N HIS H 230 -65.12 12.71 -28.31
CA HIS H 230 -66.26 11.85 -28.66
C HIS H 230 -67.10 12.41 -29.80
N THR H 231 -67.45 13.71 -29.74
CA THR H 231 -68.26 14.29 -30.79
C THR H 231 -67.44 14.56 -32.05
N GLY H 232 -66.21 15.02 -31.88
CA GLY H 232 -65.38 15.44 -32.99
C GLY H 232 -65.33 16.93 -33.20
N GLU H 233 -66.34 17.65 -32.73
CA GLU H 233 -66.42 19.09 -32.76
C GLU H 233 -65.97 19.68 -31.42
N PRO H 234 -65.37 20.87 -31.44
CA PRO H 234 -65.06 21.54 -30.17
C PRO H 234 -66.34 21.86 -29.40
N LEU H 235 -66.28 21.66 -28.08
CA LEU H 235 -67.43 21.94 -27.23
C LEU H 235 -67.77 23.42 -27.25
N PHE H 236 -66.78 24.28 -26.98
CA PHE H 236 -66.95 25.73 -27.01
C PHE H 236 -66.00 26.28 -28.08
N SER H 237 -66.53 26.45 -29.29
CA SER H 237 -65.72 26.82 -30.45
C SER H 237 -65.65 28.34 -30.65
N GLY H 238 -65.57 29.10 -29.56
CA GLY H 238 -65.62 30.55 -29.67
C GLY H 238 -64.36 31.09 -30.32
N ALA H 239 -64.53 31.98 -31.30
CA ALA H 239 -63.42 32.59 -32.01
C ALA H 239 -62.96 33.91 -31.38
N ASN H 240 -63.71 34.44 -30.43
CA ASN H 240 -63.38 35.68 -29.75
C ASN H 240 -63.41 35.42 -28.25
N GLU H 241 -62.66 36.24 -27.50
CA GLU H 241 -62.53 36.02 -26.06
C GLU H 241 -63.88 36.09 -25.34
N VAL H 242 -64.81 36.91 -25.83
CA VAL H 242 -66.11 37.08 -25.19
C VAL H 242 -67.13 36.16 -25.85
N ASP H 243 -66.90 35.84 -27.13
CA ASP H 243 -67.66 34.78 -27.77
C ASP H 243 -67.50 33.46 -27.02
N GLN H 244 -66.25 33.14 -26.66
CA GLN H 244 -65.96 31.90 -25.97
C GLN H 244 -66.67 31.82 -24.62
N MET H 245 -66.67 32.91 -23.87
CA MET H 245 -67.35 32.93 -22.57
C MET H 245 -68.82 32.59 -22.71
N ASN H 246 -69.49 33.17 -23.70
CA ASN H 246 -70.92 33.04 -23.77
C ASN H 246 -71.37 31.80 -24.53
N LYS H 247 -70.49 31.21 -25.34
CA LYS H 247 -70.72 29.84 -25.78
C LYS H 247 -70.69 28.88 -24.60
N ILE H 248 -69.80 29.14 -23.64
CA ILE H 248 -69.80 28.39 -22.39
C ILE H 248 -71.12 28.60 -21.66
N VAL H 249 -71.62 29.82 -21.70
CA VAL H 249 -72.91 30.11 -21.01
C VAL H 249 -73.99 29.24 -21.64
N GLU H 250 -74.05 29.23 -22.97
CA GLU H 250 -75.14 28.53 -23.70
C GLU H 250 -75.40 27.10 -23.21
N VAL H 251 -74.46 26.47 -22.52
CA VAL H 251 -74.69 25.08 -22.17
C VAL H 251 -74.71 24.87 -20.67
N LEU H 252 -73.92 25.66 -19.97
CA LEU H 252 -73.83 25.54 -18.52
C LEU H 252 -74.69 26.56 -17.79
N GLY H 253 -75.12 27.62 -18.44
CA GLY H 253 -76.03 28.58 -17.87
C GLY H 253 -75.35 29.89 -17.52
N ILE H 254 -76.10 30.77 -16.87
CA ILE H 254 -75.56 32.05 -16.44
C ILE H 254 -74.46 31.81 -15.42
N PRO H 255 -73.39 32.61 -15.40
CA PRO H 255 -72.29 32.36 -14.46
C PRO H 255 -72.73 32.59 -13.03
N PRO H 256 -72.55 31.58 -12.15
CA PRO H 256 -72.93 31.61 -10.73
C PRO H 256 -72.53 32.90 -10.01
N ARG H 288 -80.62 37.85 -31.34
CA ARG H 288 -80.32 36.42 -31.49
C ARG H 288 -79.00 36.21 -32.23
N GLU H 289 -77.97 35.88 -31.46
CA GLU H 289 -76.75 35.30 -31.99
C GLU H 289 -76.39 33.99 -31.31
N TYR H 290 -77.02 33.68 -30.18
CA TYR H 290 -76.70 32.52 -29.37
C TYR H 290 -77.97 32.05 -28.67
N LYS H 291 -77.94 30.80 -28.20
CA LYS H 291 -79.05 30.24 -27.45
C LYS H 291 -79.09 30.84 -26.05
N PRO H 292 -80.20 30.69 -25.33
CA PRO H 292 -80.24 31.14 -23.94
C PRO H 292 -79.40 30.24 -23.05
N PRO H 293 -79.04 30.69 -21.85
CA PRO H 293 -78.24 29.87 -20.94
C PRO H 293 -78.93 28.56 -20.58
N GLY H 294 -78.12 27.52 -20.37
CA GLY H 294 -78.58 26.23 -19.92
C GLY H 294 -79.48 25.51 -20.90
N THR H 295 -79.64 26.07 -22.10
CA THR H 295 -80.52 25.50 -23.11
C THR H 295 -79.83 24.42 -23.95
N ARG H 296 -78.65 24.73 -24.48
CA ARG H 296 -77.89 23.75 -25.23
C ARG H 296 -77.40 22.64 -24.31
N LYS H 297 -78.34 21.85 -23.80
CA LYS H 297 -77.96 20.82 -22.81
C LYS H 297 -76.92 19.87 -23.39
N LEU H 298 -76.02 19.37 -22.53
CA LEU H 298 -75.03 18.37 -23.00
C LEU H 298 -75.80 17.12 -23.38
N HIS H 299 -76.83 16.78 -22.61
CA HIS H 299 -77.62 15.54 -22.90
C HIS H 299 -77.80 15.44 -24.41
N ASN H 300 -78.10 16.57 -25.04
CA ASN H 300 -78.35 16.49 -26.48
C ASN H 300 -77.05 16.47 -27.27
N ILE H 301 -76.04 17.23 -26.83
CA ILE H 301 -74.77 17.27 -27.53
C ILE H 301 -74.15 15.88 -27.58
N LEU H 302 -74.15 15.18 -26.44
CA LEU H 302 -73.64 13.82 -26.39
C LEU H 302 -74.63 12.81 -26.98
N GLY H 303 -75.92 13.16 -27.03
CA GLY H 303 -76.92 12.26 -27.56
C GLY H 303 -77.09 11.00 -26.73
N VAL H 304 -77.38 11.18 -25.44
CA VAL H 304 -77.51 10.06 -24.50
C VAL H 304 -78.61 9.12 -24.98
N GLU H 305 -79.86 9.59 -24.96
CA GLU H 305 -80.99 8.80 -25.42
C GLU H 305 -81.14 8.79 -26.94
N THR H 306 -80.31 9.55 -27.66
CA THR H 306 -80.40 9.62 -29.12
C THR H 306 -79.52 8.58 -29.80
N GLY H 307 -78.52 8.04 -29.11
CA GLY H 307 -77.64 7.06 -29.70
C GLY H 307 -76.28 7.65 -30.05
N GLY H 308 -75.79 8.54 -29.20
CA GLY H 308 -74.53 9.20 -29.44
C GLY H 308 -74.68 10.50 -30.21
N PRO H 309 -73.57 11.23 -30.36
CA PRO H 309 -73.62 12.48 -31.14
C PRO H 309 -73.89 12.17 -32.61
N GLY H 310 -74.75 12.97 -33.23
CA GLY H 310 -75.22 12.68 -34.56
C GLY H 310 -75.97 11.37 -34.74
N GLY H 311 -76.25 10.63 -33.67
CA GLY H 311 -76.90 9.34 -33.78
C GLY H 311 -76.07 8.23 -34.36
N ARG H 312 -74.76 8.45 -34.53
CA ARG H 312 -73.92 7.50 -35.23
C ARG H 312 -73.60 6.25 -34.43
N ARG H 313 -73.85 6.25 -33.12
CA ARG H 313 -73.57 5.12 -32.24
C ARG H 313 -74.84 4.41 -31.80
N ALA H 314 -75.83 4.33 -32.68
CA ALA H 314 -77.08 3.66 -32.34
C ALA H 314 -76.88 2.16 -32.25
N SER H 317 -71.96 -1.42 -28.62
CA SER H 317 -71.55 -1.68 -27.24
C SER H 317 -70.80 -0.50 -26.65
N GLY H 318 -70.78 -0.42 -25.33
CA GLY H 318 -70.11 0.67 -24.64
C GLY H 318 -70.77 2.01 -24.88
N HIS H 319 -71.96 1.99 -25.49
CA HIS H 319 -72.68 3.20 -25.85
C HIS H 319 -74.14 3.13 -25.41
N THR H 320 -74.40 2.46 -24.29
CA THR H 320 -75.74 2.40 -23.77
C THR H 320 -76.19 3.77 -23.28
N VAL H 321 -77.51 3.92 -23.12
CA VAL H 321 -78.05 5.14 -22.53
C VAL H 321 -77.47 5.35 -21.14
N ALA H 322 -77.24 4.27 -20.40
CA ALA H 322 -76.60 4.38 -19.10
C ALA H 322 -75.13 4.74 -19.24
N ASP H 323 -74.47 4.25 -20.29
CA ASP H 323 -73.06 4.58 -20.51
C ASP H 323 -72.89 6.07 -20.78
N TYR H 324 -73.83 6.67 -21.52
CA TYR H 324 -73.76 8.10 -21.79
C TYR H 324 -74.17 8.93 -20.58
N LEU H 325 -74.82 8.32 -19.58
CA LEU H 325 -75.23 9.07 -18.40
C LEU H 325 -74.06 9.29 -17.45
N LYS H 326 -73.32 8.22 -17.12
CA LYS H 326 -72.17 8.37 -16.23
C LYS H 326 -71.11 9.27 -16.84
N PHE H 327 -70.91 9.16 -18.16
CA PHE H 327 -70.02 10.08 -18.86
C PHE H 327 -70.44 11.53 -18.66
N LYS H 328 -71.71 11.83 -18.94
CA LYS H 328 -72.21 13.19 -18.82
C LYS H 328 -71.98 13.72 -17.40
N ASP H 329 -72.27 12.89 -16.39
CA ASP H 329 -72.09 13.32 -15.01
C ASP H 329 -70.64 13.69 -14.72
N LEU H 330 -69.69 12.91 -15.24
CA LEU H 330 -68.28 13.24 -15.05
C LEU H 330 -67.93 14.55 -15.75
N ILE H 331 -68.52 14.79 -16.92
CA ILE H 331 -68.23 16.02 -17.65
C ILE H 331 -68.77 17.23 -16.91
N LEU H 332 -70.04 17.18 -16.52
CA LEU H 332 -70.68 18.33 -15.86
C LEU H 332 -69.93 18.72 -14.59
N ARG H 333 -69.37 17.74 -13.87
CA ARG H 333 -68.56 18.06 -12.70
C ARG H 333 -67.26 18.73 -13.10
N MET H 334 -66.62 18.22 -14.17
CA MET H 334 -65.42 18.88 -14.69
C MET H 334 -65.72 20.29 -15.17
N LEU H 335 -66.96 20.52 -15.55
CA LEU H 335 -67.31 21.81 -16.04
C LEU H 335 -68.02 22.51 -14.92
N ASP H 336 -67.81 22.03 -13.71
CA ASP H 336 -68.35 22.73 -12.57
C ASP H 336 -67.52 23.97 -12.47
N TYR H 337 -68.14 25.10 -12.24
CA TYR H 337 -67.39 26.33 -12.23
C TYR H 337 -66.56 26.47 -10.99
N ASP H 338 -67.15 26.34 -9.82
CA ASP H 338 -66.40 26.56 -8.60
C ASP H 338 -65.07 25.89 -8.75
N PRO H 339 -64.02 26.69 -8.77
CA PRO H 339 -62.70 26.07 -8.82
C PRO H 339 -62.53 25.12 -7.66
N LYS H 340 -63.35 25.25 -6.63
CA LYS H 340 -63.21 24.43 -5.43
C LYS H 340 -64.00 23.15 -5.50
N THR H 341 -65.18 23.21 -6.08
CA THR H 341 -66.00 22.03 -6.10
C THR H 341 -65.91 21.35 -7.45
N ARG H 342 -65.17 21.94 -8.38
CA ARG H 342 -64.97 21.27 -9.64
C ARG H 342 -64.26 20.00 -9.30
N ILE H 343 -64.66 18.91 -9.92
CA ILE H 343 -64.07 17.63 -9.59
C ILE H 343 -62.56 17.68 -9.61
N GLN H 344 -61.94 17.04 -8.64
CA GLN H 344 -60.49 17.00 -8.55
C GLN H 344 -60.00 15.60 -8.91
N PRO H 345 -58.79 15.50 -9.47
CA PRO H 345 -58.30 14.20 -9.98
C PRO H 345 -58.44 13.03 -9.01
N TYR H 346 -58.38 13.29 -7.69
CA TYR H 346 -58.58 12.23 -6.71
C TYR H 346 -59.91 11.54 -6.91
N TYR H 347 -61.01 12.29 -6.79
CA TYR H 347 -62.35 11.73 -6.81
C TYR H 347 -62.92 11.61 -8.21
N ALA H 348 -62.20 12.08 -9.23
CA ALA H 348 -62.60 11.80 -10.60
C ALA H 348 -62.21 10.40 -11.02
N LEU H 349 -61.14 9.85 -10.43
CA LEU H 349 -60.65 8.53 -10.85
C LEU H 349 -61.61 7.42 -10.41
N GLN H 350 -62.23 7.56 -9.24
CA GLN H 350 -63.16 6.56 -8.73
C GLN H 350 -64.58 6.76 -9.22
N HIS H 351 -64.80 7.66 -10.18
CA HIS H 351 -66.15 7.95 -10.65
C HIS H 351 -66.76 6.73 -11.35
N SER H 352 -68.09 6.70 -11.37
CA SER H 352 -68.83 5.55 -11.89
C SER H 352 -68.56 5.30 -13.37
N PHE H 353 -67.99 6.27 -14.09
CA PHE H 353 -67.68 6.06 -15.50
C PHE H 353 -66.72 4.89 -15.67
N PHE H 354 -65.56 4.95 -15.03
CA PHE H 354 -64.49 3.98 -15.24
C PHE H 354 -64.84 2.68 -14.55
N LYS H 355 -65.60 1.83 -15.24
CA LYS H 355 -65.96 0.51 -14.73
C LYS H 355 -66.18 -0.49 -15.87
C1 3NG I . -22.99 -19.21 8.89
C2 3NG I . -24.35 -19.00 9.17
C3 3NG I . -25.29 -19.29 8.16
C4 3NG I . -24.90 -19.78 6.95
C5 3NG I . -23.55 -19.98 6.67
C6 3NG I . -22.60 -19.70 7.62
C7 3NG I . -23.65 -18.23 11.38
C8 3NG I . -24.69 -18.48 10.47
N9 3NG I . -22.00 -18.94 9.80
C10 3NG I . -22.30 -18.49 10.97
C11 3NG I . -25.29 -17.53 12.94
N12 3NG I . -26.31 -17.76 12.07
C13 3NG I . -26.02 -18.23 10.86
C14 3NG I . -23.98 -17.74 12.66
N15 3NG I . -21.26 -18.25 11.85
C16 3NG I . -19.87 -18.21 11.63
C17 3NG I . -19.34 -17.83 10.40
C18 3NG I . -17.97 -17.80 10.25
C19 3NG I . -17.11 -18.13 11.27
C20 3NG I . -17.64 -18.50 12.48
C21 3NG I . -19.01 -18.54 12.67
CL22 3NG I . -17.30 -17.33 8.70
C23 3NG I . -23.12 -20.51 5.34
O24 3NG I . -23.99 -21.03 4.63
O25 3NG I . -21.93 -20.42 5.03
S SO4 J . 0.04 -35.41 1.54
O1 SO4 J . -1.08 -34.83 2.27
O2 SO4 J . 0.36 -36.74 2.08
O3 SO4 J . -0.32 -35.53 0.12
O4 SO4 J . 1.23 -34.56 1.67
S SO4 K . -24.88 -34.90 27.49
O1 SO4 K . -26.19 -35.15 28.09
O2 SO4 K . -24.11 -36.15 27.48
O3 SO4 K . -25.06 -34.42 26.13
O4 SO4 K . -24.16 -33.90 28.28
S SO4 L . -13.52 -22.78 6.25
O1 SO4 L . -14.04 -23.40 7.48
O2 SO4 L . -14.09 -23.46 5.09
O3 SO4 L . -12.06 -22.91 6.22
O4 SO4 L . -13.88 -21.37 6.22
S SO4 M . -17.86 -21.89 8.23
O1 SO4 M . -18.50 -21.72 9.55
O2 SO4 M . -17.51 -23.30 8.02
O3 SO4 M . -18.79 -21.45 7.20
O4 SO4 M . -16.63 -21.10 8.17
S SO4 N . 0.72 -36.45 -4.52
O1 SO4 N . -0.21 -35.78 -3.66
O2 SO4 N . 0.13 -37.67 -5.01
O3 SO4 N . 1.92 -36.74 -3.79
O4 SO4 N . 1.03 -35.59 -5.63
O1 PG4 O . -22.05 -14.84 -13.91
C1 PG4 O . -21.49 -13.67 -14.49
C2 PG4 O . -20.71 -12.88 -13.49
O2 PG4 O . -21.60 -12.31 -12.54
C3 PG4 O . -20.94 -11.86 -11.36
C4 PG4 O . -21.93 -11.23 -10.43
O3 PG4 O . -22.78 -12.22 -9.87
C5 PG4 O . -23.67 -11.55 -8.99
C6 PG4 O . -24.19 -12.52 -7.98
O4 PG4 O . -24.43 -13.76 -8.63
C7 PG4 O . -25.47 -14.43 -7.94
C8 PG4 O . -25.36 -15.90 -8.20
O5 PG4 O . -25.49 -16.18 -9.58
O1 PG4 P . -26.48 -13.77 18.46
C1 PG4 P . -27.71 -13.75 19.16
C2 PG4 P . -28.88 -13.54 18.26
O2 PG4 P . -29.17 -12.15 18.16
C3 PG4 P . -29.78 -11.60 19.31
C4 PG4 P . -29.67 -10.11 19.30
O3 PG4 P . -28.53 -9.70 20.04
C5 PG4 P . -28.18 -8.39 19.56
C6 PG4 P . -27.05 -7.85 20.37
O4 PG4 P . -25.85 -7.83 19.62
C7 PG4 P . -24.92 -8.68 20.28
C8 PG4 P . -23.80 -9.03 19.37
O5 PG4 P . -23.39 -10.37 19.60
C1 PEG Q . -12.43 -20.92 -4.06
O1 PEG Q . -11.18 -20.29 -4.36
C2 PEG Q . -12.26 -22.41 -3.89
O2 PEG Q . -13.52 -23.00 -3.63
C3 PEG Q . -13.45 -24.08 -2.71
C4 PEG Q . -12.80 -25.26 -3.36
O4 PEG Q . -12.27 -26.16 -2.39
C1 EDO R . -16.11 -54.73 14.44
O1 EDO R . -15.77 -53.77 15.44
C2 EDO R . -16.35 -56.10 15.09
O2 EDO R . -15.13 -56.57 15.68
C1 EDO S . -28.30 -33.96 -11.69
O1 EDO S . -29.30 -33.00 -12.09
C2 EDO S . -27.88 -34.80 -12.90
O2 EDO S . -27.13 -35.94 -12.47
C1 EDO T . -9.45 -10.65 -9.28
O1 EDO T . -10.82 -10.32 -9.01
C2 EDO T . -9.34 -11.26 -10.67
O2 EDO T . -8.24 -12.18 -10.71
C1 3NG U . 12.50 22.19 -12.59
C2 3NG U . 11.09 22.22 -12.46
C3 3NG U . 10.32 21.89 -13.59
C4 3NG U . 10.90 21.56 -14.76
C5 3NG U . 12.29 21.52 -14.89
C6 3NG U . 13.08 21.83 -13.82
C7 3NG U . 11.43 22.89 -10.13
C8 3NG U . 10.54 22.59 -11.18
N9 3NG U . 13.33 22.49 -11.54
C10 3NG U . 12.85 22.83 -10.38
C11 3NG U . 9.55 23.28 -8.74
N12 3NG U . 8.67 23.00 -9.75
C13 3NG U . 9.16 22.65 -10.93
C14 3NG U . 10.90 23.25 -8.88
N15 3NG U . 13.73 23.12 -9.38
C16 3NG U . 15.14 23.24 -9.39
C17 3NG U . 15.82 23.78 -10.49
C18 3NG U . 17.19 23.89 -10.43
C19 3NG U . 17.91 23.48 -9.32
C20 3NG U . 17.23 22.96 -8.24
C21 3NG U . 15.86 22.84 -8.28
CL22 3NG U . 18.05 24.54 -11.79
C23 3NG U . 12.92 21.15 -16.19
O24 3NG U . 12.21 20.62 -17.04
O25 3NG U . 14.13 21.37 -16.33
S SO4 V . 0.76 8.49 -1.31
O1 SO4 V . -0.38 8.97 -0.59
O2 SO4 V . 0.52 7.14 -1.76
O3 SO4 V . 1.91 8.51 -0.46
O4 SO4 V . 0.99 9.33 -2.46
S SO4 W . 6.71 3.56 4.12
O1 SO4 W . 5.52 3.40 4.93
O2 SO4 W . 6.75 2.51 3.11
O3 SO4 W . 7.89 3.47 4.98
O4 SO4 W . 6.70 4.87 3.46
S SO4 X . 17.23 20.42 -12.88
O1 SO4 X . 16.17 20.45 -11.86
O2 SO4 X . 17.89 19.11 -12.88
O3 SO4 X . 16.66 20.67 -14.21
O4 SO4 X . 18.23 21.45 -12.59
S SO4 Y . 22.10 20.08 -14.83
O1 SO4 Y . 21.05 19.34 -15.53
O2 SO4 Y . 22.16 19.65 -13.44
O3 SO4 Y . 23.39 19.84 -15.47
O4 SO4 Y . 21.80 21.50 -14.87
S SO4 Z . -10.36 35.81 -8.76
O1 SO4 Z . -11.62 36.28 -8.28
O2 SO4 Z . -9.60 35.29 -7.66
O3 SO4 Z . -10.56 34.78 -9.74
O4 SO4 Z . -9.63 36.91 -9.35
O1 PG4 AA . 9.52 27.46 -2.73
C1 PG4 AA . 8.58 26.83 -3.59
C2 PG4 AA . 7.22 26.77 -2.98
O2 PG4 AA . 6.25 27.19 -3.94
C3 PG4 AA . 4.93 27.25 -3.41
C4 PG4 AA . 4.86 28.25 -2.31
O3 PG4 AA . 4.28 29.47 -2.76
C5 PG4 AA . 4.19 30.32 -1.63
C6 PG4 AA . 4.67 31.69 -1.95
O4 PG4 AA . 5.67 32.09 -1.02
C7 PG4 AA . 6.45 33.11 -1.63
C8 PG4 AA . 7.69 33.35 -0.82
O5 PG4 AA . 8.73 32.49 -1.27
O1 PG4 BA . 13.23 27.24 -35.23
C1 PG4 BA . 13.68 28.22 -34.30
C2 PG4 BA . 14.24 29.42 -34.99
O2 PG4 BA . 14.71 30.35 -34.02
C3 PG4 BA . 13.69 30.83 -33.17
C4 PG4 BA . 14.24 31.72 -32.10
O3 PG4 BA . 13.80 31.28 -30.81
C5 PG4 BA . 12.40 31.44 -30.75
C6 PG4 BA . 11.91 31.13 -29.38
O4 PG4 BA . 11.86 29.73 -29.17
C7 PG4 BA . 10.50 29.33 -29.12
C8 PG4 BA . 10.40 27.91 -28.68
O5 PG4 BA . 11.05 27.07 -29.61
C1 EDO CA . -1.93 30.98 -22.93
O1 EDO CA . -1.38 31.57 -21.75
C2 EDO CA . -1.37 29.58 -23.13
O2 EDO CA . -1.85 28.71 -22.09
C1 EDO DA . -2.47 18.82 -20.02
O1 EDO DA . -3.45 19.74 -20.51
C2 EDO DA . -1.76 19.41 -18.81
O2 EDO DA . -2.69 19.52 -17.71
C1 EDO EA . 36.12 10.79 -19.89
O1 EDO EA . 35.17 11.16 -18.87
C2 EDO EA . 37.41 10.32 -19.24
O2 EDO EA . 37.27 8.96 -18.79
C1 PGE FA . 22.97 17.63 -23.94
O1 PGE FA . 24.38 17.53 -23.77
C2 PGE FA . 22.62 18.94 -24.62
O2 PGE FA . 22.83 20.01 -23.71
C3 PGE FA . 22.93 21.27 -24.36
C4 PGE FA . 24.02 21.20 -25.41
O4 PGE FA . 26.78 22.72 -24.64
C6 PGE FA . 26.01 23.82 -25.10
C5 PGE FA . 24.54 23.46 -24.99
O3 PGE FA . 24.23 22.48 -25.96
C1 3NG GA . -13.48 38.80 -11.21
C2 3NG GA . -14.06 40.08 -11.11
C3 3NG GA . -15.39 40.18 -10.68
C4 3NG GA . -16.10 39.06 -10.36
C5 3NG GA . -15.53 37.79 -10.46
C6 3NG GA . -14.23 37.66 -10.87
C7 3NG GA . -11.92 40.98 -11.88
C8 3NG GA . -13.25 41.21 -11.46
N9 3NG GA . -12.18 38.61 -11.62
C10 3NG GA . -11.43 39.63 -11.94
C11 3NG GA . -11.66 43.33 -12.13
N12 3NG GA . -12.95 43.57 -11.73
C13 3NG GA . -13.71 42.53 -11.40
C14 3NG GA . -11.12 42.09 -12.22
N15 3NG GA . -10.15 39.38 -12.35
C16 3NG GA . -9.40 38.19 -12.41
C17 3NG GA . -10.00 36.95 -12.61
C18 3NG GA . -9.20 35.83 -12.67
C19 3NG GA . -7.85 35.89 -12.55
C20 3NG GA . -7.26 37.11 -12.37
C21 3NG GA . -8.01 38.27 -12.30
CL22 3NG GA . -9.97 34.28 -12.91
C23 3NG GA . -16.31 36.58 -10.09
O24 3NG GA . -17.37 36.75 -9.49
O25 3NG GA . -15.86 35.48 -10.41
S SO4 HA . -2.28 32.10 25.58
O1 SO4 HA . -3.54 31.45 25.22
O2 SO4 HA . -1.56 31.31 26.57
O3 SO4 HA . -1.44 32.23 24.39
O4 SO4 HA . -2.58 33.42 26.12
S SO4 IA . -10.42 54.45 3.55
O1 SO4 IA . -11.42 55.09 4.39
O2 SO4 IA . -9.49 53.67 4.38
O3 SO4 IA . -11.07 53.56 2.60
O4 SO4 IA . -9.68 55.48 2.83
S SO4 JA . -5.03 13.89 1.19
O1 SO4 JA . -5.98 12.79 1.13
O2 SO4 JA . -4.40 13.93 2.50
O3 SO4 JA . -4.00 13.69 0.17
O4 SO4 JA . -5.73 15.16 0.93
O1 PG4 KA . -6.11 46.20 -17.84
C1 PG4 KA . -6.82 45.17 -17.17
C2 PG4 KA . -7.15 45.56 -15.77
O2 PG4 KA . -7.94 46.75 -15.78
C3 PG4 KA . -7.29 47.85 -15.15
C4 PG4 KA . -8.26 48.97 -14.94
O3 PG4 KA . -9.06 49.16 -16.09
C5 PG4 KA . -9.89 50.27 -15.87
C6 PG4 KA . -10.22 50.91 -17.18
O4 PG4 KA . -9.03 51.37 -17.80
C7 PG4 KA . -9.23 51.32 -19.20
C8 PG4 KA . -7.91 51.25 -19.90
O5 PG4 KA . -7.90 50.19 -20.84
C1 EDO LA . -18.28 22.12 -11.55
O1 EDO LA . -17.68 23.43 -11.49
C2 EDO LA . -17.60 21.30 -12.66
O2 EDO LA . -16.40 20.71 -12.15
C1 EDO MA . -26.09 15.27 -20.78
O1 EDO MA . -25.20 14.19 -21.02
C2 EDO MA . -26.95 14.93 -19.58
O2 EDO MA . -27.48 13.61 -19.75
C1 EDO NA . 1.47 42.85 -6.28
O1 EDO NA . 0.91 43.77 -7.18
C2 EDO NA . 2.95 42.86 -6.27
O2 EDO NA . 3.49 44.15 -6.44
C1 3NG OA . 22.00 35.15 43.01
C2 3NG OA . 20.67 34.94 42.58
C3 3NG OA . 20.32 35.40 41.28
C4 3NG OA . 21.24 36.01 40.50
C5 3NG OA . 22.54 36.22 40.93
C6 3NG OA . 22.92 35.79 42.18
C7 3NG OA . 20.25 33.89 44.73
C8 3NG OA . 19.76 34.29 43.47
N9 3NG OA . 22.43 34.75 44.26
C10 3NG OA . 21.61 34.15 45.07
C11 3NG OA . 18.08 33.04 45.20
N12 3NG OA . 17.60 33.42 43.98
C13 3NG OA . 18.42 34.02 43.14
C14 3NG OA . 19.36 33.25 45.61
N15 3NG OA . 22.10 33.77 46.30
C16 3NG OA . 23.40 33.81 46.83
C17 3NG OA . 24.23 34.92 46.63
C18 3NG OA . 25.50 34.90 47.18
C19 3NG OA . 25.96 33.85 47.91
C20 3NG OA . 25.13 32.76 48.11
C21 3NG OA . 23.86 32.74 47.57
CL22 3NG OA . 26.53 36.28 46.92
C23 3NG OA . 23.54 36.89 40.05
O24 3NG OA . 24.65 37.15 40.52
O25 3NG OA . 23.20 37.13 38.88
S SO4 PA . 30.56 59.43 51.23
O1 SO4 PA . 29.42 58.80 50.57
O2 SO4 PA . 31.35 58.41 51.93
O3 SO4 PA . 31.39 60.12 50.25
O4 SO4 PA . 30.06 60.40 52.20
S SO4 QA . 32.67 35.76 43.49
O1 SO4 QA . 31.97 36.70 44.36
O2 SO4 QA . 31.82 34.59 43.26
O3 SO4 QA . 33.92 35.34 44.12
O4 SO4 QA . 32.95 36.39 42.21
S SO4 RA . 13.89 16.04 37.67
O1 SO4 RA . 12.47 16.02 37.37
O2 SO4 RA . 14.18 15.07 38.71
O3 SO4 RA . 14.64 15.73 36.45
O4 SO4 RA . 14.27 17.37 38.14
O1 PG4 SA . 14.71 33.46 55.24
C1 PG4 SA . 16.01 32.92 55.05
C2 PG4 SA . 16.01 31.83 54.01
O2 PG4 SA . 16.32 32.36 52.74
C3 PG4 SA . 16.54 31.37 51.74
C4 PG4 SA . 15.64 31.58 50.56
O3 PG4 SA . 14.30 31.25 50.90
C5 PG4 SA . 13.51 31.36 49.72
C6 PG4 SA . 12.12 30.87 49.99
O4 PG4 SA . 11.30 31.92 50.49
C7 PG4 SA . 10.87 31.53 51.78
C8 PG4 SA . 9.87 32.52 52.30
O5 PG4 SA . 10.06 32.79 53.67
C1 3NG TA . -21.81 -3.51 -28.19
C2 3NG TA . -20.59 -3.98 -28.72
C3 3NG TA . -20.30 -5.35 -28.57
C4 3NG TA . -21.17 -6.19 -27.93
C5 3NG TA . -22.37 -5.71 -27.41
C6 3NG TA . -22.69 -4.38 -27.54
C7 3NG TA . -20.14 -1.70 -29.46
C8 3NG TA . -19.72 -3.04 -29.38
N9 3NG TA . -22.17 -2.19 -28.30
C10 3NG TA . -21.41 -1.32 -28.89
C11 3NG TA . -18.12 -1.23 -30.61
N12 3NG TA . -17.71 -2.53 -30.54
C13 3NG TA . -18.49 -3.41 -29.94
C14 3NG TA . -19.30 -0.78 -30.10
N15 3NG TA . -21.83 -0.03 -28.95
C16 3NG TA . -23.09 0.57 -28.71
C17 3NG TA . -24.00 0.02 -27.82
C18 3NG TA . -25.21 0.65 -27.63
C19 3NG TA . -25.53 1.82 -28.27
C20 3NG TA . -24.62 2.35 -29.15
C21 3NG TA . -23.40 1.75 -29.37
CL22 3NG TA . -26.35 -0.06 -26.52
C23 3NG TA . -23.32 -6.63 -26.73
O24 3NG TA . -23.04 -7.83 -26.72
O25 3NG TA . -24.31 -6.14 -26.20
S SO4 UA . -15.15 -7.59 -48.59
O1 SO4 UA . -15.59 -7.73 -47.21
O2 SO4 UA . -15.83 -8.58 -49.42
O3 SO4 UA . -13.71 -7.80 -48.66
O4 SO4 UA . -15.46 -6.25 -49.07
S SO4 VA . -7.96 -13.02 -20.24
O1 SO4 VA . -9.28 -13.56 -19.92
O2 SO4 VA . -7.05 -14.12 -20.54
O3 SO4 VA . -8.08 -12.15 -21.41
O4 SO4 VA . -7.46 -12.25 -19.11
O1 PG4 WA . -9.97 7.39 -29.66
C1 PG4 WA . -8.93 7.23 -30.60
C2 PG4 WA . -8.53 5.78 -30.76
O2 PG4 WA . -9.63 5.04 -31.25
C3 PG4 WA . -9.31 3.70 -31.60
C4 PG4 WA . -10.56 2.93 -31.88
O3 PG4 WA . -11.69 3.79 -31.90
C5 PG4 WA . -12.76 3.08 -32.50
C6 PG4 WA . -13.89 4.02 -32.77
O4 PG4 WA . -14.34 4.63 -31.56
C7 PG4 WA . -14.72 5.96 -31.89
C8 PG4 WA . -15.43 6.58 -30.72
O5 PG4 WA . -14.50 7.27 -29.89
C1 PEG XA . -34.40 -5.47 -6.44
O1 PEG XA . -33.47 -4.39 -6.50
C2 PEG XA . -34.27 -6.25 -5.17
O2 PEG XA . -34.53 -7.62 -5.43
C3 PEG XA . -35.13 -8.30 -4.34
C4 PEG XA . -34.14 -9.24 -3.70
O4 PEG XA . -34.64 -10.56 -3.62
C1 EDO YA . -49.69 -15.40 -54.82
O1 EDO YA . -49.63 -16.79 -54.47
C2 EDO YA . -49.27 -15.22 -56.27
O2 EDO YA . -47.95 -15.72 -56.46
C1 3NG ZA . 54.76 -11.46 -0.92
C2 3NG ZA . 55.52 -12.37 -0.15
C3 3NG ZA . 56.68 -11.90 0.48
C4 3NG ZA . 57.08 -10.61 0.36
C5 3NG ZA . 56.34 -9.70 -0.42
C6 3NG ZA . 55.19 -10.12 -1.03
C7 3NG ZA . 53.85 -14.06 -0.73
C8 3NG ZA . 55.04 -13.72 -0.05
N9 3NG ZA . 53.61 -11.82 -1.56
C10 3NG ZA . 53.17 -13.04 -1.49
C11 3NG ZA . 54.09 -16.26 0.11
N12 3NG ZA . 55.25 -15.96 0.76
C13 3NG ZA . 55.71 -14.72 0.69
C14 3NG ZA . 53.39 -15.38 -0.64
N15 3NG ZA . 52.01 -13.35 -2.15
C16 3NG ZA . 51.33 -12.66 -3.17
C17 3NG ZA . 52.02 -11.94 -4.15
C18 3NG ZA . 51.29 -11.29 -5.13
C19 3NG ZA . 49.93 -11.34 -5.18
C20 3NG ZA . 49.26 -12.05 -4.21
C21 3NG ZA . 49.94 -12.71 -3.20
CL22 3NG ZA . 52.16 -10.39 -6.35
C23 3NG ZA . 56.78 -8.28 -0.53
O24 3NG ZA . 57.46 -7.83 0.38
O25 3NG ZA . 56.44 -7.65 -1.54
S SO4 AB . 45.50 -17.45 16.96
O1 SO4 AB . 46.65 -18.36 16.91
O2 SO4 AB . 44.46 -17.99 17.81
O3 SO4 AB . 44.99 -17.27 15.60
O4 SO4 AB . 45.94 -16.16 17.50
C1 EDO BB . 31.66 11.15 18.05
O1 EDO BB . 31.74 12.55 17.77
C2 EDO BB . 31.12 10.41 16.83
O2 EDO BB . 32.10 10.38 15.80
C1 3NG CB . 18.37 -58.90 17.91
C2 3NG CB . 18.83 -59.88 18.81
C3 3NG CB . 19.89 -59.53 19.67
C4 3NG CB . 20.45 -58.30 19.65
C5 3NG CB . 19.98 -57.33 18.75
C6 3NG CB . 18.96 -57.63 17.89
C7 3NG CB . 17.15 -61.38 17.86
C8 3NG CB . 18.20 -61.18 18.78
N9 3NG CB . 17.35 -59.14 17.03
C10 3NG CB . 16.77 -60.30 17.00
C11 3NG CB . 16.97 -63.59 18.69
N12 3NG CB . 17.99 -63.41 19.59
C13 3NG CB . 18.58 -62.23 19.63
C14 3NG CB . 16.53 -62.64 17.83
N15 3NG CB . 15.75 -60.46 16.08
C16 3NG CB . 15.26 -59.57 15.10
C17 3NG CB . 16.13 -58.81 14.32
C18 3NG CB . 15.59 -57.96 13.38
C19 3NG CB . 14.23 -57.84 13.18
C20 3NG CB . 13.39 -58.60 13.95
C21 3NG CB . 13.89 -59.46 14.91
CL22 3NG CB . 16.68 -57.00 12.41
C23 3NG CB . 20.59 -55.97 18.73
O24 3NG CB . 21.42 -55.70 19.60
O25 3NG CB . 20.21 -55.18 17.86
S SO4 DB . 15.25 -53.74 15.95
O1 SO4 DB . 14.22 -54.71 16.29
O2 SO4 DB . 16.40 -53.93 16.82
O3 SO4 DB . 15.65 -53.93 14.56
O4 SO4 DB . 14.75 -52.38 16.12
S SO4 EB . 14.78 -50.17 13.69
O1 SO4 EB . 13.50 -50.63 14.22
O2 SO4 EB . 15.66 -49.82 14.79
O3 SO4 EB . 14.57 -49.00 12.84
O4 SO4 EB . 15.39 -51.24 12.89
C1 PEG FB . 34.85 -51.39 17.09
O1 PEG FB . 35.75 -50.44 16.54
C2 PEG FB . 35.02 -52.74 16.43
O2 PEG FB . 35.01 -52.60 15.02
C3 PEG FB . 35.00 -53.86 14.35
C4 PEG FB . 34.77 -53.65 12.88
O4 PEG FB . 35.78 -52.86 12.29
C1 PEG GB . 15.45 -71.23 18.44
O1 PEG GB . 14.51 -70.74 17.52
C2 PEG GB . 15.61 -72.72 18.35
O2 PEG GB . 16.72 -73.04 17.55
C3 PEG GB . 16.75 -74.41 17.17
C4 PEG GB . 15.73 -74.67 16.10
O4 PEG GB . 16.17 -74.27 14.82
C1 EDO HB . -3.96 -34.49 15.23
O1 EDO HB . -3.54 -35.71 15.80
C2 EDO HB . -3.24 -34.14 14.00
O2 EDO HB . -3.31 -35.15 13.02
C1 EDO IB . 11.52 -32.91 14.54
O1 EDO IB . 11.89 -31.71 13.90
C2 EDO IB . 11.69 -32.86 16.01
O2 EDO IB . 10.84 -33.75 16.71
C1 3NG JB . -43.22 17.63 -29.16
C2 3NG JB . -42.94 16.31 -28.76
C3 3NG JB . -42.64 16.09 -27.40
C4 3NG JB . -42.62 17.11 -26.50
C5 3NG JB . -42.92 18.41 -26.91
C6 3NG JB . -43.21 18.68 -28.22
C7 3NG JB . -43.29 15.64 -31.08
C8 3NG JB . -42.97 15.28 -29.76
N9 3NG JB . -43.54 17.95 -30.46
C10 3NG JB . -43.56 17.02 -31.38
C11 3NG JB . -43.04 13.35 -31.68
N12 3NG JB . -42.73 12.99 -30.40
C13 3NG JB . -42.70 13.93 -29.47
C14 3NG JB . -43.32 14.63 -32.05
N15 3NG JB . -43.86 17.40 -32.65
C16 3NG JB . -44.38 18.62 -33.13
C17 3NG JB . -43.67 19.81 -32.99
C18 3NG JB . -44.23 20.98 -33.49
C19 3NG JB . -45.44 20.99 -34.14
C20 3NG JB . -46.12 19.80 -34.28
C21 3NG JB . -45.60 18.62 -33.80
CL22 3NG JB . -43.35 22.47 -33.30
C23 3NG JB . -42.91 19.52 -25.91
O24 3NG JB . -42.89 19.22 -24.71
O25 3NG JB . -42.93 20.68 -26.35
S SO4 KB . -46.57 21.21 -29.89
O1 SO4 KB . -47.96 21.50 -29.67
O2 SO4 KB . -46.42 19.83 -30.27
O3 SO4 KB . -46.07 22.06 -30.93
O4 SO4 KB . -45.83 21.45 -28.68
O1 PG4 LB . -31.81 25.41 -16.96
C1 PG4 LB . -30.97 24.73 -17.88
C2 PG4 LB . -30.87 25.45 -19.20
O2 PG4 LB . -30.15 26.66 -19.04
C3 PG4 LB . -29.18 26.86 -20.07
C4 PG4 LB . -28.92 28.31 -20.27
O3 PG4 LB . -28.51 28.93 -19.05
C5 PG4 LB . -28.32 30.32 -19.32
C6 PG4 LB . -28.16 31.10 -18.06
O4 PG4 LB . -28.88 30.46 -17.01
C7 PG4 LB . -29.25 31.46 -16.07
C8 PG4 LB . -29.53 30.85 -14.73
O5 PG4 LB . -30.51 29.83 -14.82
C1 PGE MB . -40.44 8.32 -36.04
O1 PGE MB . -40.98 9.17 -37.04
C2 PGE MB . -40.03 7.00 -36.67
O2 PGE MB . -38.88 7.18 -37.47
C3 PGE MB . -38.47 6.00 -38.15
C4 PGE MB . -37.30 6.32 -39.08
O4 PGE MB . -37.62 9.92 -41.28
C6 PGE MB . -37.29 8.69 -41.90
C5 PGE MB . -36.67 7.73 -40.89
O3 PGE MB . -37.64 7.41 -39.91
#